data_2K5I
#
_entry.id   2K5I
#
_entity_poly.entity_id   1
_entity_poly.type   'polypeptide(L)'
_entity_poly.pdbx_seq_one_letter_code
;MKLSRLVPGVPARIKRLEVSGELHEKLVGMGFVPGEEIEIVQVAPLGDPIVCKIGNRNITLRKREADLIEVEVVGGELPL
ILADDGTYEITKLNGGRRFLFRMKNLGIESGKKIQVSGRRYYIEGREIDLGYGEATKIWVRRVSDAGEESHPQKLEHHHH
HH
;
_entity_poly.pdbx_strand_id   A
#
# COMPACT_ATOMS: atom_id res chain seq x y z
N MET A 1 2.39 -2.28 -4.94
CA MET A 1 1.96 -2.87 -3.64
C MET A 1 2.44 -4.31 -3.49
N LYS A 2 3.29 -4.54 -2.48
CA LYS A 2 3.77 -5.89 -2.14
C LYS A 2 3.18 -6.35 -0.80
N LEU A 3 2.91 -7.65 -0.67
CA LEU A 3 2.27 -8.20 0.54
C LEU A 3 3.17 -8.06 1.79
N SER A 4 4.43 -7.68 1.59
CA SER A 4 5.38 -7.49 2.70
C SER A 4 5.01 -6.29 3.59
N ARG A 5 4.04 -5.49 3.13
CA ARG A 5 3.64 -4.27 3.83
C ARG A 5 2.11 -4.13 3.92
N LEU A 6 1.40 -5.21 3.63
CA LEU A 6 -0.06 -5.18 3.57
C LEU A 6 -0.70 -5.20 4.97
N VAL A 7 -1.63 -4.28 5.21
CA VAL A 7 -2.29 -4.16 6.51
C VAL A 7 -3.01 -5.47 6.93
N PRO A 8 -2.62 -6.08 8.06
CA PRO A 8 -3.23 -7.33 8.56
C PRO A 8 -4.78 -7.26 8.63
N GLY A 9 -5.44 -8.04 7.77
CA GLY A 9 -6.90 -8.03 7.70
C GLY A 9 -7.42 -7.57 6.34
N VAL A 10 -6.62 -6.79 5.62
CA VAL A 10 -7.00 -6.30 4.28
C VAL A 10 -6.65 -7.32 3.18
N PRO A 11 -7.65 -7.75 2.38
CA PRO A 11 -7.42 -8.71 1.30
C PRO A 11 -6.84 -8.06 0.02
N ALA A 12 -5.87 -8.73 -0.60
CA ALA A 12 -5.26 -8.24 -1.84
C ALA A 12 -5.11 -9.37 -2.88
N ARG A 13 -5.32 -9.04 -4.15
CA ARG A 13 -5.23 -10.05 -5.23
C ARG A 13 -3.84 -10.06 -5.87
N ILE A 14 -3.33 -11.26 -6.15
CA ILE A 14 -2.01 -11.43 -6.76
C ILE A 14 -1.99 -10.94 -8.22
N LYS A 15 -1.35 -9.80 -8.48
CA LYS A 15 -1.18 -9.32 -9.86
C LYS A 15 -0.19 -10.22 -10.63
N ARG A 16 1.04 -10.28 -10.12
CA ARG A 16 2.13 -10.96 -10.83
C ARG A 16 3.30 -11.30 -9.88
N LEU A 17 4.18 -12.20 -10.32
CA LEU A 17 5.37 -12.57 -9.56
C LEU A 17 6.65 -12.13 -10.29
N GLU A 18 7.35 -11.14 -9.74
CA GLU A 18 8.57 -10.62 -10.36
C GLU A 18 9.80 -11.51 -10.07
N VAL A 19 9.62 -12.83 -10.23
CA VAL A 19 10.69 -13.80 -9.98
C VAL A 19 10.44 -15.13 -10.73
N SER A 20 11.51 -15.78 -11.17
CA SER A 20 11.42 -17.07 -11.87
C SER A 20 12.62 -17.97 -11.53
N GLY A 21 12.36 -19.27 -11.33
CA GLY A 21 13.44 -20.21 -11.03
C GLY A 21 13.67 -20.41 -9.53
N GLU A 22 13.65 -21.68 -9.08
CA GLU A 22 13.90 -22.03 -7.67
C GLU A 22 12.83 -21.48 -6.71
N LEU A 23 12.83 -20.17 -6.50
CA LEU A 23 11.87 -19.55 -5.58
C LEU A 23 10.43 -19.56 -6.15
N HIS A 24 10.32 -19.39 -7.47
CA HIS A 24 9.01 -19.33 -8.13
C HIS A 24 8.19 -20.62 -7.90
N GLU A 25 8.83 -21.77 -8.02
CA GLU A 25 8.17 -23.06 -7.78
C GLU A 25 7.83 -23.26 -6.30
N LYS A 26 8.67 -22.74 -5.40
CA LYS A 26 8.36 -22.72 -3.97
C LYS A 26 7.07 -21.92 -3.72
N LEU A 27 6.97 -20.75 -4.35
CA LEU A 27 5.79 -19.88 -4.21
C LEU A 27 4.50 -20.56 -4.71
N VAL A 28 4.50 -21.02 -5.96
CA VAL A 28 3.33 -21.71 -6.52
C VAL A 28 3.04 -23.02 -5.75
N GLY A 29 4.09 -23.64 -5.22
CA GLY A 29 3.92 -24.82 -4.37
C GLY A 29 3.15 -24.52 -3.09
N MET A 30 3.34 -23.32 -2.56
CA MET A 30 2.61 -22.86 -1.36
C MET A 30 1.25 -22.25 -1.73
N GLY A 31 1.09 -21.82 -2.99
CA GLY A 31 -0.20 -21.33 -3.46
C GLY A 31 -0.14 -19.99 -4.22
N PHE A 32 1.02 -19.34 -4.20
CA PHE A 32 1.18 -18.03 -4.86
C PHE A 32 1.03 -18.14 -6.39
N VAL A 33 -0.19 -17.89 -6.88
CA VAL A 33 -0.45 -17.86 -8.32
C VAL A 33 -1.27 -16.60 -8.71
N PRO A 34 -0.98 -16.00 -9.89
CA PRO A 34 -1.69 -14.79 -10.35
C PRO A 34 -3.22 -14.98 -10.37
N GLY A 35 -3.91 -14.24 -9.50
CA GLY A 35 -5.36 -14.39 -9.37
C GLY A 35 -5.81 -14.66 -7.94
N GLU A 36 -4.94 -15.28 -7.14
CA GLU A 36 -5.25 -15.59 -5.74
C GLU A 36 -5.54 -14.33 -4.91
N GLU A 37 -6.44 -14.47 -3.94
CA GLU A 37 -6.72 -13.40 -2.98
C GLU A 37 -6.04 -13.69 -1.65
N ILE A 38 -5.00 -12.94 -1.35
CA ILE A 38 -4.19 -13.15 -0.15
C ILE A 38 -4.45 -12.06 0.91
N GLU A 39 -4.73 -12.50 2.14
CA GLU A 39 -4.95 -11.58 3.26
C GLU A 39 -3.95 -11.85 4.40
N ILE A 40 -3.29 -10.79 4.87
CA ILE A 40 -2.34 -10.92 5.98
C ILE A 40 -3.07 -11.11 7.31
N VAL A 41 -2.67 -12.13 8.07
CA VAL A 41 -3.30 -12.42 9.36
C VAL A 41 -2.57 -11.74 10.52
N GLN A 42 -1.27 -12.00 10.63
CA GLN A 42 -0.43 -11.39 11.68
C GLN A 42 1.05 -11.33 11.25
N VAL A 43 1.78 -10.37 11.81
CA VAL A 43 3.19 -10.15 11.44
C VAL A 43 4.11 -10.28 12.66
N ALA A 44 5.29 -10.84 12.46
CA ALA A 44 6.31 -10.91 13.52
C ALA A 44 6.70 -9.49 13.97
N PRO A 45 6.65 -9.21 15.28
CA PRO A 45 6.87 -7.84 15.82
C PRO A 45 8.24 -7.24 15.41
N LEU A 46 9.19 -8.10 15.06
CA LEU A 46 10.53 -7.65 14.66
C LEU A 46 10.59 -7.25 13.17
N GLY A 47 9.56 -7.62 12.42
CA GLY A 47 9.50 -7.28 10.99
C GLY A 47 8.93 -8.39 10.12
N ASP A 48 9.57 -9.56 10.14
CA ASP A 48 9.11 -10.73 9.39
C ASP A 48 9.68 -12.03 10.01
N PRO A 49 9.21 -13.23 9.60
CA PRO A 49 8.26 -13.44 8.49
C PRO A 49 6.81 -12.98 8.79
N ILE A 50 6.00 -12.90 7.72
CA ILE A 50 4.58 -12.55 7.85
C ILE A 50 3.68 -13.76 7.57
N VAL A 51 2.63 -13.91 8.35
CA VAL A 51 1.68 -15.03 8.17
C VAL A 51 0.43 -14.56 7.42
N CYS A 52 0.21 -15.15 6.24
CA CYS A 52 -0.92 -14.76 5.38
C CYS A 52 -1.83 -15.96 5.08
N LYS A 53 -2.96 -15.69 4.41
CA LYS A 53 -3.91 -16.75 4.03
C LYS A 53 -4.01 -16.89 2.50
N ILE A 54 -3.64 -18.07 2.01
CA ILE A 54 -3.79 -18.42 0.59
C ILE A 54 -4.53 -19.75 0.44
N GLY A 55 -5.63 -19.75 -0.30
CA GLY A 55 -6.45 -20.95 -0.41
C GLY A 55 -6.92 -21.48 0.94
N ASN A 56 -7.36 -20.56 1.79
CA ASN A 56 -7.86 -20.86 3.14
C ASN A 56 -6.73 -21.18 4.15
N ARG A 57 -5.60 -21.71 3.66
CA ARG A 57 -4.50 -22.14 4.54
C ARG A 57 -3.52 -20.99 4.83
N ASN A 58 -2.92 -21.00 6.02
CA ASN A 58 -1.96 -19.96 6.42
C ASN A 58 -0.54 -20.29 5.93
N ILE A 59 0.05 -19.38 5.16
CA ILE A 59 1.42 -19.53 4.65
C ILE A 59 2.39 -18.53 5.30
N THR A 60 3.52 -19.04 5.82
CA THR A 60 4.56 -18.19 6.39
C THR A 60 5.54 -17.72 5.31
N LEU A 61 5.54 -16.42 5.03
CA LEU A 61 6.31 -15.87 3.91
C LEU A 61 7.37 -14.85 4.41
N ARG A 62 8.52 -14.78 3.74
CA ARG A 62 9.60 -13.85 4.14
C ARG A 62 9.57 -12.57 3.29
N LYS A 63 9.97 -11.41 3.86
CA LYS A 63 9.91 -10.14 3.12
C LYS A 63 10.65 -10.22 1.77
N ARG A 64 11.84 -10.83 1.77
CA ARG A 64 12.64 -10.99 0.54
C ARG A 64 11.78 -11.57 -0.61
N GLU A 65 10.96 -12.56 -0.28
CA GLU A 65 10.08 -13.23 -1.26
C GLU A 65 8.84 -12.36 -1.52
N ALA A 66 8.35 -11.73 -0.46
CA ALA A 66 7.14 -10.92 -0.50
C ALA A 66 7.30 -9.68 -1.41
N ASP A 67 8.52 -9.13 -1.47
CA ASP A 67 8.79 -7.96 -2.33
C ASP A 67 8.75 -8.33 -3.83
N LEU A 68 8.65 -9.62 -4.12
CA LEU A 68 8.56 -10.10 -5.50
C LEU A 68 7.10 -10.27 -5.96
N ILE A 69 6.19 -10.39 -5.01
CA ILE A 69 4.77 -10.58 -5.34
C ILE A 69 4.00 -9.25 -5.29
N GLU A 70 3.62 -8.74 -6.46
CA GLU A 70 2.85 -7.51 -6.59
C GLU A 70 1.34 -7.81 -6.45
N VAL A 71 0.73 -7.32 -5.37
CA VAL A 71 -0.70 -7.55 -5.10
C VAL A 71 -1.51 -6.24 -5.21
N GLU A 72 -2.83 -6.34 -5.21
CA GLU A 72 -3.71 -5.16 -5.27
C GLU A 72 -4.81 -5.20 -4.20
N VAL A 73 -5.01 -4.08 -3.51
CA VAL A 73 -6.01 -4.00 -2.43
C VAL A 73 -7.44 -4.18 -2.95
N VAL A 74 -8.05 -5.32 -2.64
CA VAL A 74 -9.42 -5.64 -3.06
C VAL A 74 -10.44 -4.74 -2.32
N GLY A 75 -10.00 -4.10 -1.24
CA GLY A 75 -10.88 -3.25 -0.45
C GLY A 75 -11.34 -1.97 -1.16
N GLY A 76 -10.78 -1.69 -2.34
CA GLY A 76 -11.21 -0.53 -3.13
C GLY A 76 -10.41 0.74 -2.84
N GLU A 77 -9.83 0.82 -1.64
CA GLU A 77 -9.00 1.97 -1.25
C GLU A 77 -7.88 1.53 -0.29
N LEU A 78 -6.79 2.32 -0.24
CA LEU A 78 -5.57 1.92 0.46
C LEU A 78 -4.88 3.12 1.15
N PRO A 79 -4.09 2.87 2.22
CA PRO A 79 -3.38 3.93 2.96
C PRO A 79 -2.21 4.55 2.16
N LEU A 80 -1.94 5.82 2.44
CA LEU A 80 -0.88 6.58 1.74
C LEU A 80 0.47 5.85 1.70
N ILE A 81 0.93 5.37 2.85
CA ILE A 81 2.26 4.75 2.96
C ILE A 81 2.39 3.48 2.09
N LEU A 82 1.26 2.89 1.71
CA LEU A 82 1.26 1.66 0.91
C LEU A 82 0.80 1.92 -0.54
N ALA A 83 0.61 3.20 -0.87
CA ALA A 83 0.07 3.59 -2.18
C ALA A 83 1.05 3.27 -3.34
N ASP A 84 0.50 3.23 -4.55
CA ASP A 84 1.29 3.00 -5.76
C ASP A 84 2.11 4.26 -6.11
N ASP A 85 1.49 5.22 -6.80
CA ASP A 85 2.13 6.50 -7.14
C ASP A 85 1.13 7.44 -7.84
N GLY A 86 1.54 8.69 -8.06
CA GLY A 86 0.71 9.64 -8.78
C GLY A 86 -0.28 10.40 -7.90
N THR A 87 -1.39 10.84 -8.49
CA THR A 87 -2.41 11.62 -7.79
C THR A 87 -3.48 10.72 -7.14
N TYR A 88 -3.76 10.97 -5.87
CA TYR A 88 -4.79 10.21 -5.12
C TYR A 88 -5.88 11.13 -4.56
N GLU A 89 -6.99 10.52 -4.14
CA GLU A 89 -8.08 11.26 -3.48
C GLU A 89 -8.36 10.69 -2.09
N ILE A 90 -8.34 11.55 -1.07
CA ILE A 90 -8.58 11.11 0.31
C ILE A 90 -10.02 10.64 0.54
N THR A 91 -10.18 9.43 1.09
CA THR A 91 -11.51 8.84 1.33
C THR A 91 -11.88 8.81 2.82
N LYS A 92 -10.90 8.55 3.70
CA LYS A 92 -11.17 8.50 5.16
C LYS A 92 -9.90 8.51 6.01
N LEU A 93 -10.03 8.99 7.25
CA LEU A 93 -8.95 8.97 8.24
C LEU A 93 -9.22 7.91 9.33
N ASN A 94 -8.20 7.58 10.12
CA ASN A 94 -8.34 6.64 11.23
C ASN A 94 -7.59 7.13 12.49
N GLY A 95 -8.32 7.49 13.53
CA GLY A 95 -7.70 7.95 14.78
C GLY A 95 -8.67 8.68 15.70
N GLY A 96 -8.14 9.61 16.50
CA GLY A 96 -8.99 10.42 17.40
C GLY A 96 -9.24 11.82 16.88
N ARG A 97 -9.97 12.63 17.65
CA ARG A 97 -10.35 13.99 17.21
C ARG A 97 -9.12 14.90 17.05
N ARG A 98 -8.14 14.79 17.95
CA ARG A 98 -6.89 15.56 17.82
C ARG A 98 -6.08 15.09 16.60
N PHE A 99 -6.10 13.78 16.34
CA PHE A 99 -5.52 13.23 15.12
C PHE A 99 -6.17 13.88 13.88
N LEU A 100 -7.49 13.93 13.88
CA LEU A 100 -8.25 14.60 12.80
C LEU A 100 -7.89 16.09 12.74
N PHE A 101 -7.77 16.73 13.90
CA PHE A 101 -7.44 18.15 14.00
C PHE A 101 -6.17 18.47 13.19
N ARG A 102 -5.13 17.66 13.39
CA ARG A 102 -3.90 17.80 12.60
C ARG A 102 -4.19 17.75 11.10
N MET A 103 -4.94 16.75 10.67
CA MET A 103 -5.26 16.54 9.26
C MET A 103 -6.06 17.73 8.67
N LYS A 104 -7.06 18.21 9.41
CA LYS A 104 -7.87 19.34 8.98
C LYS A 104 -7.00 20.60 8.80
N ASN A 105 -6.11 20.83 9.74
CA ASN A 105 -5.20 21.99 9.69
C ASN A 105 -4.06 21.76 8.69
N LEU A 106 -3.73 20.51 8.40
CA LEU A 106 -2.68 20.18 7.41
C LEU A 106 -3.18 20.32 5.96
N GLY A 107 -4.46 20.04 5.72
CA GLY A 107 -5.02 20.22 4.39
C GLY A 107 -5.81 19.01 3.87
N ILE A 108 -5.81 17.90 4.61
CA ILE A 108 -6.53 16.69 4.18
C ILE A 108 -7.90 16.59 4.87
N GLU A 109 -8.90 17.29 4.32
CA GLU A 109 -10.28 17.23 4.83
C GLU A 109 -11.07 16.10 4.17
N SER A 110 -11.44 16.30 2.90
CA SER A 110 -12.19 15.27 2.13
C SER A 110 -12.13 15.56 0.63
N GLY A 111 -11.99 14.52 -0.19
CA GLY A 111 -11.99 14.67 -1.64
C GLY A 111 -10.70 15.28 -2.20
N LYS A 112 -9.82 15.75 -1.31
CA LYS A 112 -8.55 16.38 -1.73
C LYS A 112 -7.67 15.43 -2.55
N LYS A 113 -7.10 15.96 -3.64
CA LYS A 113 -6.16 15.20 -4.47
C LYS A 113 -4.73 15.33 -3.94
N ILE A 114 -4.24 14.25 -3.31
CA ILE A 114 -2.93 14.24 -2.66
C ILE A 114 -1.89 13.44 -3.47
N GLN A 115 -0.71 14.02 -3.67
CA GLN A 115 0.36 13.39 -4.44
C GLN A 115 1.35 12.65 -3.53
N VAL A 116 1.87 11.52 -4.01
CA VAL A 116 2.85 10.72 -3.25
C VAL A 116 4.29 10.92 -3.76
N SER A 117 5.19 11.36 -2.89
CA SER A 117 6.61 11.55 -3.24
C SER A 117 7.53 11.26 -2.05
N GLY A 118 8.38 10.25 -2.18
CA GLY A 118 9.32 9.89 -1.12
C GLY A 118 8.66 9.65 0.24
N ARG A 119 8.99 10.48 1.22
CA ARG A 119 8.41 10.36 2.57
C ARG A 119 7.55 11.59 2.94
N ARG A 120 7.01 12.27 1.92
CA ARG A 120 6.09 13.38 2.16
C ARG A 120 5.02 13.46 1.07
N TYR A 121 3.80 13.83 1.44
CA TYR A 121 2.68 13.87 0.51
C TYR A 121 2.25 15.32 0.25
N TYR A 122 1.77 15.60 -0.97
CA TYR A 122 1.50 16.97 -1.40
C TYR A 122 -0.01 17.25 -1.61
N ILE A 123 -0.54 18.19 -0.85
CA ILE A 123 -1.90 18.71 -1.06
C ILE A 123 -1.87 20.04 -1.82
N GLU A 124 -2.09 19.99 -3.13
CA GLU A 124 -2.15 21.20 -3.98
C GLU A 124 -0.86 22.05 -3.87
N GLY A 125 0.28 21.38 -3.67
CA GLY A 125 1.55 22.09 -3.53
C GLY A 125 2.01 22.25 -2.08
N ARG A 126 1.17 21.80 -1.14
CA ARG A 126 1.47 21.90 0.29
C ARG A 126 1.89 20.55 0.88
N GLU A 127 3.15 20.45 1.35
CA GLU A 127 3.68 19.20 1.90
C GLU A 127 3.06 18.85 3.26
N ILE A 128 2.70 17.59 3.44
CA ILE A 128 2.07 17.09 4.67
C ILE A 128 3.08 16.31 5.53
N ASP A 129 3.02 16.50 6.85
CA ASP A 129 3.94 15.84 7.79
C ASP A 129 3.60 14.35 8.01
N LEU A 130 3.73 13.54 6.96
CA LEU A 130 3.46 12.10 7.04
C LEU A 130 4.61 11.28 6.42
N GLY A 131 5.32 10.53 7.26
CA GLY A 131 6.47 9.75 6.79
C GLY A 131 6.21 8.24 6.72
N TYR A 132 5.60 7.68 7.78
CA TYR A 132 5.37 6.24 7.84
C TYR A 132 4.24 5.86 8.82
N GLY A 133 4.53 5.98 10.12
CA GLY A 133 3.58 5.53 11.16
C GLY A 133 2.19 6.13 11.04
N GLU A 134 2.12 7.45 10.88
CA GLU A 134 0.84 8.14 10.72
C GLU A 134 0.28 7.95 9.30
N ALA A 135 1.18 7.83 8.31
CA ALA A 135 0.79 7.74 6.90
C ALA A 135 -0.12 6.53 6.61
N THR A 136 0.02 5.45 7.39
CA THR A 136 -0.82 4.25 7.22
C THR A 136 -2.25 4.47 7.76
N LYS A 137 -2.45 5.57 8.47
CA LYS A 137 -3.76 5.88 9.07
C LYS A 137 -4.64 6.72 8.12
N ILE A 138 -4.02 7.29 7.09
CA ILE A 138 -4.75 8.07 6.07
C ILE A 138 -5.01 7.20 4.82
N TRP A 139 -6.27 7.00 4.49
CA TRP A 139 -6.64 6.13 3.35
C TRP A 139 -7.09 6.96 2.14
N VAL A 140 -6.58 6.59 0.95
CA VAL A 140 -6.84 7.32 -0.29
C VAL A 140 -7.21 6.37 -1.45
N ARG A 141 -7.65 6.94 -2.57
CA ARG A 141 -7.98 6.15 -3.77
C ARG A 141 -7.20 6.66 -5.00
N ARG A 142 -6.82 5.75 -5.89
CA ARG A 142 -6.04 6.11 -7.09
C ARG A 142 -6.94 6.73 -8.16
N VAL A 143 -6.80 8.03 -8.38
CA VAL A 143 -7.62 8.76 -9.36
C VAL A 143 -6.88 9.01 -10.69
N SER A 144 -5.63 9.50 -10.59
CA SER A 144 -4.82 9.85 -11.76
C SER A 144 -5.47 10.98 -12.59
N ASP A 145 -5.29 12.22 -12.13
CA ASP A 145 -5.79 13.41 -12.84
C ASP A 145 -5.18 13.55 -14.24
N ALA A 146 -3.91 13.16 -14.39
CA ALA A 146 -3.17 13.26 -15.66
C ALA A 146 -2.88 14.72 -16.04
N GLY A 147 -3.17 15.66 -15.15
CA GLY A 147 -2.85 17.07 -15.38
C GLY A 147 -1.38 17.38 -15.09
N GLU A 148 -0.82 16.69 -14.12
CA GLU A 148 0.61 16.84 -13.78
C GLU A 148 1.48 15.81 -14.53
N GLU A 149 2.76 15.73 -14.17
CA GLU A 149 3.73 14.91 -14.88
C GLU A 149 3.72 13.43 -14.44
N SER A 150 4.24 12.56 -15.31
CA SER A 150 4.33 11.12 -15.02
C SER A 150 5.56 10.81 -14.14
N HIS A 151 5.67 9.57 -13.68
CA HIS A 151 6.78 9.14 -12.81
C HIS A 151 7.29 7.74 -13.18
N PRO A 152 8.56 7.42 -12.85
CA PRO A 152 9.10 6.06 -13.06
C PRO A 152 8.49 5.04 -12.09
N GLN A 153 7.76 4.06 -12.64
CA GLN A 153 7.05 3.07 -11.83
C GLN A 153 8.00 2.28 -10.92
N LYS A 154 7.56 2.04 -9.68
CA LYS A 154 8.39 1.40 -8.65
C LYS A 154 8.20 -0.12 -8.61
N LEU A 155 9.02 -0.84 -9.37
CA LEU A 155 9.02 -2.31 -9.35
C LEU A 155 10.15 -2.82 -8.45
N GLU A 156 9.84 -3.81 -7.60
CA GLU A 156 10.75 -4.24 -6.54
C GLU A 156 11.22 -5.69 -6.75
N HIS A 157 12.49 -5.96 -6.43
CA HIS A 157 13.07 -7.28 -6.71
C HIS A 157 14.08 -7.72 -5.63
N HIS A 158 13.78 -8.82 -4.94
CA HIS A 158 14.74 -9.48 -4.03
C HIS A 158 14.78 -10.99 -4.31
N HIS A 159 15.39 -11.38 -5.43
CA HIS A 159 15.32 -12.78 -5.91
C HIS A 159 16.53 -13.62 -5.51
N HIS A 160 16.26 -14.91 -5.22
CA HIS A 160 17.30 -15.93 -5.02
C HIS A 160 18.06 -15.80 -3.68
N HIS A 161 18.42 -14.58 -3.30
CA HIS A 161 19.13 -14.35 -2.04
C HIS A 161 18.16 -14.14 -0.87
N HIS A 162 18.71 -13.94 0.34
CA HIS A 162 17.89 -13.73 1.55
C HIS A 162 18.40 -12.54 2.40
N MET A 1 1.59 -2.62 -6.00
CA MET A 1 1.81 -2.74 -4.53
C MET A 1 2.08 -4.20 -4.12
N LYS A 2 3.22 -4.43 -3.46
CA LYS A 2 3.56 -5.78 -2.99
C LYS A 2 2.91 -6.07 -1.63
N LEU A 3 2.63 -7.34 -1.35
CA LEU A 3 2.02 -7.74 -0.07
C LEU A 3 2.92 -7.39 1.13
N SER A 4 4.20 -7.12 0.86
CA SER A 4 5.19 -6.76 1.88
C SER A 4 4.80 -5.51 2.67
N ARG A 5 3.95 -4.66 2.08
CA ARG A 5 3.47 -3.44 2.74
C ARG A 5 1.98 -3.55 3.12
N LEU A 6 1.38 -4.71 2.84
CA LEU A 6 -0.08 -4.87 3.00
C LEU A 6 -0.52 -4.85 4.47
N VAL A 7 -1.57 -4.08 4.75
CA VAL A 7 -2.06 -3.87 6.12
C VAL A 7 -2.94 -5.03 6.62
N PRO A 8 -2.69 -5.52 7.86
CA PRO A 8 -3.50 -6.59 8.47
C PRO A 8 -5.02 -6.31 8.41
N GLY A 9 -5.77 -7.20 7.77
CA GLY A 9 -7.21 -7.03 7.64
C GLY A 9 -7.63 -6.66 6.21
N VAL A 10 -6.69 -6.15 5.42
CA VAL A 10 -6.96 -5.74 4.05
C VAL A 10 -6.82 -6.92 3.06
N PRO A 11 -7.91 -7.29 2.36
CA PRO A 11 -7.88 -8.39 1.39
C PRO A 11 -7.27 -7.98 0.03
N ALA A 12 -6.36 -8.81 -0.49
CA ALA A 12 -5.70 -8.55 -1.77
C ALA A 12 -5.71 -9.81 -2.67
N ARG A 13 -5.16 -9.69 -3.87
CA ARG A 13 -5.01 -10.84 -4.77
C ARG A 13 -3.64 -10.80 -5.48
N ILE A 14 -3.06 -11.97 -5.71
CA ILE A 14 -1.75 -12.08 -6.37
C ILE A 14 -1.81 -11.68 -7.85
N LYS A 15 -1.01 -10.68 -8.24
CA LYS A 15 -0.89 -10.29 -9.66
C LYS A 15 0.15 -11.16 -10.38
N ARG A 16 1.40 -11.09 -9.93
CA ARG A 16 2.51 -11.76 -10.62
C ARG A 16 3.65 -12.14 -9.64
N LEU A 17 4.47 -13.12 -10.03
CA LEU A 17 5.70 -13.44 -9.29
C LEU A 17 6.92 -13.23 -10.20
N GLU A 18 7.65 -12.13 -9.97
CA GLU A 18 8.80 -11.80 -10.82
C GLU A 18 10.12 -12.36 -10.27
N VAL A 19 10.04 -13.49 -9.56
CA VAL A 19 11.21 -14.16 -9.01
C VAL A 19 11.31 -15.62 -9.47
N SER A 20 12.50 -16.06 -9.89
CA SER A 20 12.71 -17.43 -10.36
C SER A 20 13.64 -18.21 -9.41
N GLY A 21 13.52 -19.54 -9.44
CA GLY A 21 14.39 -20.39 -8.63
C GLY A 21 13.69 -21.05 -7.44
N GLU A 22 14.39 -21.17 -6.32
CA GLU A 22 13.88 -21.85 -5.13
C GLU A 22 12.62 -21.17 -4.58
N LEU A 23 12.66 -19.84 -4.51
CA LEU A 23 11.51 -19.07 -4.03
C LEU A 23 10.29 -19.29 -4.94
N HIS A 24 10.50 -19.26 -6.26
CA HIS A 24 9.41 -19.43 -7.22
C HIS A 24 8.72 -20.79 -7.06
N GLU A 25 9.51 -21.86 -6.96
CA GLU A 25 8.96 -23.23 -6.89
C GLU A 25 8.16 -23.47 -5.60
N LYS A 26 8.62 -22.90 -4.47
CA LYS A 26 7.88 -23.05 -3.21
C LYS A 26 6.59 -22.20 -3.22
N LEU A 27 6.69 -20.96 -3.68
CA LEU A 27 5.54 -20.03 -3.68
C LEU A 27 4.35 -20.59 -4.48
N VAL A 28 4.61 -21.07 -5.70
CA VAL A 28 3.54 -21.61 -6.55
C VAL A 28 2.84 -22.82 -5.89
N GLY A 29 3.58 -23.60 -5.10
CA GLY A 29 2.98 -24.69 -4.34
C GLY A 29 2.30 -24.21 -3.06
N MET A 30 2.78 -23.09 -2.52
CA MET A 30 2.22 -22.47 -1.33
C MET A 30 0.93 -21.69 -1.66
N GLY A 31 0.73 -21.39 -2.96
CA GLY A 31 -0.51 -20.74 -3.40
C GLY A 31 -0.29 -19.42 -4.12
N PHE A 32 0.94 -18.93 -4.15
CA PHE A 32 1.27 -17.67 -4.83
C PHE A 32 1.25 -17.83 -6.36
N VAL A 33 0.06 -17.71 -6.95
CA VAL A 33 -0.11 -17.74 -8.41
C VAL A 33 -1.12 -16.67 -8.86
N PRO A 34 -0.92 -16.08 -10.06
CA PRO A 34 -1.82 -15.03 -10.58
C PRO A 34 -3.30 -15.45 -10.61
N GLY A 35 -4.07 -14.98 -9.64
CA GLY A 35 -5.49 -15.32 -9.57
C GLY A 35 -5.97 -15.58 -8.14
N GLU A 36 -5.11 -16.15 -7.30
CA GLU A 36 -5.48 -16.47 -5.92
C GLU A 36 -5.57 -15.23 -5.02
N GLU A 37 -6.59 -15.17 -4.17
CA GLU A 37 -6.73 -14.09 -3.18
C GLU A 37 -5.82 -14.33 -1.96
N ILE A 38 -5.19 -13.25 -1.49
CA ILE A 38 -4.32 -13.31 -0.31
C ILE A 38 -4.59 -12.13 0.64
N GLU A 39 -4.72 -12.42 1.93
CA GLU A 39 -5.00 -11.38 2.93
C GLU A 39 -4.02 -11.46 4.12
N ILE A 40 -3.50 -10.31 4.55
CA ILE A 40 -2.59 -10.27 5.71
C ILE A 40 -3.37 -10.33 7.03
N VAL A 41 -3.12 -11.37 7.82
CA VAL A 41 -3.75 -11.51 9.13
C VAL A 41 -3.12 -10.55 10.15
N GLN A 42 -1.79 -10.60 10.26
CA GLN A 42 -1.04 -9.70 11.15
C GLN A 42 0.44 -9.66 10.79
N VAL A 43 1.13 -8.62 11.25
CA VAL A 43 2.56 -8.42 10.98
C VAL A 43 3.42 -8.73 12.21
N ALA A 44 4.55 -9.39 12.00
CA ALA A 44 5.48 -9.70 13.10
C ALA A 44 6.09 -8.43 13.72
N PRO A 45 6.52 -8.48 15.00
CA PRO A 45 7.13 -7.33 15.70
C PRO A 45 8.34 -6.72 14.95
N LEU A 46 8.88 -7.45 13.96
CA LEU A 46 10.02 -6.98 13.17
C LEU A 46 9.59 -6.47 11.78
N GLY A 47 8.30 -6.26 11.58
CA GLY A 47 7.80 -5.85 10.27
C GLY A 47 7.72 -7.01 9.27
N ASP A 48 8.69 -7.91 9.36
CA ASP A 48 8.69 -9.16 8.61
C ASP A 48 9.38 -10.26 9.44
N PRO A 49 8.99 -11.55 9.27
CA PRO A 49 8.01 -12.00 8.25
C PRO A 49 6.56 -11.59 8.55
N ILE A 50 5.73 -11.57 7.50
CA ILE A 50 4.32 -11.21 7.63
C ILE A 50 3.41 -12.45 7.52
N VAL A 51 2.34 -12.46 8.32
CA VAL A 51 1.40 -13.60 8.34
C VAL A 51 0.20 -13.33 7.42
N CYS A 52 0.10 -14.09 6.34
CA CYS A 52 -0.98 -13.91 5.36
C CYS A 52 -1.88 -15.16 5.27
N LYS A 53 -2.89 -15.07 4.41
CA LYS A 53 -3.79 -16.21 4.13
C LYS A 53 -3.99 -16.36 2.62
N ILE A 54 -3.68 -17.54 2.09
CA ILE A 54 -3.98 -17.85 0.69
C ILE A 54 -5.19 -18.79 0.62
N GLY A 55 -6.32 -18.24 0.15
CA GLY A 55 -7.57 -18.98 0.17
C GLY A 55 -8.03 -19.30 1.59
N ASN A 56 -7.57 -20.43 2.12
CA ASN A 56 -7.96 -20.88 3.47
C ASN A 56 -6.78 -20.81 4.47
N ARG A 57 -5.60 -21.22 4.03
CA ARG A 57 -4.47 -21.46 4.95
C ARG A 57 -3.56 -20.23 5.14
N ASN A 58 -2.92 -20.16 6.30
CA ASN A 58 -2.01 -19.06 6.65
C ASN A 58 -0.59 -19.32 6.14
N ILE A 59 0.00 -18.32 5.50
CA ILE A 59 1.38 -18.44 4.97
C ILE A 59 2.30 -17.36 5.58
N THR A 60 3.49 -17.78 6.02
CA THR A 60 4.49 -16.86 6.59
C THR A 60 5.54 -16.48 5.54
N LEU A 61 5.65 -15.18 5.21
CA LEU A 61 6.55 -14.73 4.12
C LEU A 61 7.58 -13.70 4.62
N ARG A 62 8.82 -13.80 4.10
CA ARG A 62 9.94 -12.92 4.50
C ARG A 62 9.97 -11.62 3.66
N LYS A 63 10.86 -10.69 4.03
CA LYS A 63 10.93 -9.37 3.38
C LYS A 63 11.42 -9.44 1.93
N ARG A 64 12.65 -9.91 1.75
CA ARG A 64 13.29 -9.94 0.43
C ARG A 64 12.53 -10.85 -0.54
N GLU A 65 11.73 -11.75 0.03
CA GLU A 65 10.92 -12.67 -0.75
C GLU A 65 9.58 -12.03 -1.16
N ALA A 66 8.84 -11.51 -0.16
CA ALA A 66 7.52 -10.92 -0.37
C ALA A 66 7.57 -9.67 -1.28
N ASP A 67 8.63 -8.88 -1.15
CA ASP A 67 8.78 -7.66 -1.94
C ASP A 67 8.89 -7.94 -3.45
N LEU A 68 9.01 -9.22 -3.83
CA LEU A 68 9.07 -9.60 -5.25
C LEU A 68 7.71 -10.09 -5.78
N ILE A 69 6.69 -10.15 -4.92
CA ILE A 69 5.34 -10.55 -5.34
C ILE A 69 4.39 -9.35 -5.37
N GLU A 70 3.89 -9.03 -6.56
CA GLU A 70 2.97 -7.90 -6.75
C GLU A 70 1.52 -8.31 -6.47
N VAL A 71 0.80 -7.51 -5.68
CA VAL A 71 -0.62 -7.80 -5.36
C VAL A 71 -1.51 -6.57 -5.60
N GLU A 72 -2.82 -6.74 -5.40
CA GLU A 72 -3.78 -5.63 -5.53
C GLU A 72 -4.91 -5.74 -4.49
N VAL A 73 -5.31 -4.61 -3.92
CA VAL A 73 -6.35 -4.57 -2.89
C VAL A 73 -7.75 -4.86 -3.47
N VAL A 74 -8.33 -6.00 -3.07
CA VAL A 74 -9.70 -6.38 -3.47
C VAL A 74 -10.74 -5.53 -2.72
N GLY A 75 -10.34 -4.97 -1.58
CA GLY A 75 -11.23 -4.13 -0.78
C GLY A 75 -11.50 -2.75 -1.39
N GLY A 76 -11.36 -2.62 -2.71
CA GLY A 76 -11.62 -1.36 -3.39
C GLY A 76 -10.59 -0.28 -3.10
N GLU A 77 -10.72 0.38 -1.95
CA GLU A 77 -9.82 1.48 -1.56
C GLU A 77 -8.67 0.97 -0.68
N LEU A 78 -7.59 1.76 -0.61
CA LEU A 78 -6.37 1.33 0.11
C LEU A 78 -5.71 2.50 0.87
N PRO A 79 -5.12 2.22 2.06
CA PRO A 79 -4.37 3.24 2.81
C PRO A 79 -3.16 3.79 2.04
N LEU A 80 -2.74 5.00 2.43
CA LEU A 80 -1.65 5.72 1.73
C LEU A 80 -0.37 4.89 1.68
N ILE A 81 -0.12 4.10 2.73
CA ILE A 81 1.07 3.24 2.79
C ILE A 81 1.12 2.24 1.63
N LEU A 82 -0.06 1.92 1.06
CA LEU A 82 -0.14 0.96 -0.05
C LEU A 82 -0.04 1.65 -1.42
N ALA A 83 -0.10 2.98 -1.43
CA ALA A 83 -0.10 3.76 -2.68
C ALA A 83 1.11 3.45 -3.59
N ASP A 84 0.83 3.22 -4.87
CA ASP A 84 1.87 2.95 -5.87
C ASP A 84 2.44 4.23 -6.50
N ASP A 85 1.68 4.84 -7.41
CA ASP A 85 2.16 6.04 -8.13
C ASP A 85 0.98 6.96 -8.54
N GLY A 86 1.30 8.21 -8.87
CA GLY A 86 0.30 9.14 -9.35
C GLY A 86 -0.48 9.86 -8.24
N THR A 87 -1.62 10.44 -8.61
CA THR A 87 -2.44 11.19 -7.65
C THR A 87 -3.53 10.32 -7.02
N TYR A 88 -3.71 10.45 -5.70
CA TYR A 88 -4.78 9.74 -4.98
C TYR A 88 -5.71 10.71 -4.25
N GLU A 89 -6.92 10.28 -3.96
CA GLU A 89 -7.91 11.10 -3.24
C GLU A 89 -8.26 10.47 -1.88
N ILE A 90 -8.12 11.24 -0.80
CA ILE A 90 -8.43 10.75 0.54
C ILE A 90 -9.95 10.58 0.75
N THR A 91 -10.35 9.42 1.29
CA THR A 91 -11.77 9.13 1.54
C THR A 91 -12.10 9.04 3.05
N LYS A 92 -11.23 8.39 3.83
CA LYS A 92 -11.49 8.22 5.28
C LYS A 92 -10.19 8.14 6.10
N LEU A 93 -10.32 8.39 7.41
CA LEU A 93 -9.17 8.37 8.34
C LEU A 93 -9.28 7.25 9.38
N ASN A 94 -8.18 6.99 10.08
CA ASN A 94 -8.16 6.05 11.22
C ASN A 94 -7.30 6.59 12.37
N GLY A 95 -7.82 6.50 13.60
CA GLY A 95 -7.10 7.00 14.76
C GLY A 95 -8.02 7.72 15.76
N GLY A 96 -7.42 8.47 16.70
CA GLY A 96 -8.20 9.21 17.68
C GLY A 96 -8.54 10.63 17.22
N ARG A 97 -9.33 11.35 18.03
CA ARG A 97 -9.74 12.71 17.68
C ARG A 97 -8.52 13.64 17.55
N ARG A 98 -7.44 13.34 18.28
CA ARG A 98 -6.18 14.07 18.17
C ARG A 98 -5.60 13.92 16.75
N PHE A 99 -5.75 12.73 16.18
CA PHE A 99 -5.30 12.44 14.82
C PHE A 99 -6.10 13.25 13.80
N LEU A 100 -7.43 13.21 13.93
CA LEU A 100 -8.32 13.96 13.05
C LEU A 100 -7.99 15.47 13.07
N PHE A 101 -7.87 16.03 14.28
CA PHE A 101 -7.55 17.45 14.45
C PHE A 101 -6.24 17.82 13.74
N ARG A 102 -5.17 17.07 14.03
CA ARG A 102 -3.86 17.35 13.43
C ARG A 102 -3.89 17.25 11.90
N MET A 103 -4.38 16.12 11.39
CA MET A 103 -4.36 15.83 9.95
C MET A 103 -5.11 16.87 9.11
N LYS A 104 -6.22 17.40 9.64
CA LYS A 104 -6.97 18.46 8.94
C LYS A 104 -6.10 19.72 8.76
N ASN A 105 -5.21 19.97 9.71
CA ASN A 105 -4.28 21.12 9.64
C ASN A 105 -3.12 20.83 8.67
N LEU A 106 -2.82 19.55 8.45
CA LEU A 106 -1.79 19.17 7.48
C LEU A 106 -2.32 19.18 6.04
N GLY A 107 -3.60 18.81 5.87
CA GLY A 107 -4.21 18.83 4.53
C GLY A 107 -5.11 17.63 4.24
N ILE A 108 -5.10 16.62 5.11
CA ILE A 108 -5.90 15.40 4.89
C ILE A 108 -7.16 15.39 5.76
N GLU A 109 -8.32 15.28 5.10
CA GLU A 109 -9.61 15.18 5.79
C GLU A 109 -10.66 14.46 4.92
N SER A 110 -10.86 14.94 3.70
CA SER A 110 -11.79 14.29 2.74
C SER A 110 -11.76 15.01 1.38
N GLY A 111 -11.76 14.23 0.30
CA GLY A 111 -11.79 14.80 -1.05
C GLY A 111 -10.43 15.32 -1.54
N LYS A 112 -9.52 15.60 -0.61
CA LYS A 112 -8.20 16.16 -0.95
C LYS A 112 -7.36 15.17 -1.77
N LYS A 113 -6.54 15.72 -2.68
CA LYS A 113 -5.64 14.89 -3.51
C LYS A 113 -4.20 14.93 -2.99
N ILE A 114 -3.56 13.76 -2.90
CA ILE A 114 -2.18 13.65 -2.44
C ILE A 114 -1.20 13.46 -3.63
N GLN A 115 -0.11 14.21 -3.61
CA GLN A 115 0.95 14.11 -4.62
C GLN A 115 2.15 13.31 -4.07
N VAL A 116 2.42 12.16 -4.67
CA VAL A 116 3.58 11.34 -4.28
C VAL A 116 4.74 11.52 -5.26
N SER A 117 5.77 12.25 -4.83
CA SER A 117 6.94 12.54 -5.68
C SER A 117 8.25 12.39 -4.90
N GLY A 118 9.16 11.56 -5.39
CA GLY A 118 10.40 11.27 -4.68
C GLY A 118 10.14 10.66 -3.30
N ARG A 119 9.11 9.81 -3.22
CA ARG A 119 8.62 9.25 -1.95
C ARG A 119 8.24 10.33 -0.93
N ARG A 120 8.06 11.57 -1.39
CA ARG A 120 7.59 12.67 -0.55
C ARG A 120 6.08 12.90 -0.79
N TYR A 121 5.40 13.45 0.21
CA TYR A 121 3.94 13.61 0.15
C TYR A 121 3.52 15.08 0.25
N TYR A 122 2.83 15.57 -0.78
CA TYR A 122 2.40 16.99 -0.82
C TYR A 122 0.88 17.11 -1.07
N ILE A 123 0.24 18.03 -0.35
CA ILE A 123 -1.18 18.35 -0.57
C ILE A 123 -1.41 19.87 -0.59
N GLU A 124 -1.92 20.37 -1.73
CA GLU A 124 -2.27 21.79 -1.88
C GLU A 124 -1.09 22.73 -1.58
N GLY A 125 0.13 22.25 -1.83
CA GLY A 125 1.33 23.07 -1.63
C GLY A 125 2.00 22.88 -0.28
N ARG A 126 1.45 21.99 0.56
CA ARG A 126 2.02 21.69 1.87
C ARG A 126 2.46 20.23 1.97
N GLU A 127 3.72 19.99 2.34
CA GLU A 127 4.21 18.63 2.55
C GLU A 127 3.62 18.02 3.85
N ILE A 128 3.20 16.77 3.77
CA ILE A 128 2.55 16.10 4.90
C ILE A 128 3.54 15.26 5.71
N ASP A 129 3.38 15.24 7.03
CA ASP A 129 4.22 14.41 7.89
C ASP A 129 3.67 12.97 7.97
N LEU A 130 3.96 12.17 6.94
CA LEU A 130 3.48 10.78 6.87
C LEU A 130 4.62 9.76 6.85
N GLY A 131 4.84 9.10 7.98
CA GLY A 131 5.74 7.96 8.03
C GLY A 131 4.99 6.65 7.74
N TYR A 132 5.60 5.52 8.08
CA TYR A 132 4.98 4.21 7.83
C TYR A 132 3.67 4.07 8.63
N GLY A 133 3.77 4.26 9.94
CA GLY A 133 2.60 4.12 10.82
C GLY A 133 1.49 5.12 10.52
N GLU A 134 1.85 6.32 10.09
CA GLU A 134 0.87 7.34 9.73
C GLU A 134 0.22 7.05 8.37
N ALA A 135 1.03 6.61 7.40
CA ALA A 135 0.55 6.35 6.05
C ALA A 135 -0.54 5.27 6.00
N THR A 136 -0.52 4.34 6.96
CA THR A 136 -1.55 3.29 7.05
C THR A 136 -2.85 3.79 7.71
N LYS A 137 -2.80 4.99 8.30
CA LYS A 137 -3.97 5.58 8.97
C LYS A 137 -4.88 6.34 7.97
N ILE A 138 -4.28 6.95 6.96
CA ILE A 138 -5.03 7.66 5.91
C ILE A 138 -5.42 6.69 4.78
N TRP A 139 -6.70 6.62 4.45
CA TRP A 139 -7.18 5.73 3.38
C TRP A 139 -7.60 6.51 2.13
N VAL A 140 -7.08 6.11 0.97
CA VAL A 140 -7.27 6.87 -0.28
C VAL A 140 -7.75 5.98 -1.44
N ARG A 141 -8.20 6.63 -2.51
CA ARG A 141 -8.55 5.95 -3.77
C ARG A 141 -7.78 6.58 -4.93
N ARG A 142 -7.30 5.77 -5.88
CA ARG A 142 -6.47 6.28 -6.96
C ARG A 142 -7.30 7.01 -8.03
N VAL A 143 -6.98 8.28 -8.26
CA VAL A 143 -7.61 9.06 -9.32
C VAL A 143 -6.67 9.26 -10.51
N SER A 144 -5.36 9.11 -10.25
CA SER A 144 -4.31 9.31 -11.25
C SER A 144 -4.13 10.79 -11.61
N ASP A 145 -5.19 11.42 -12.14
CA ASP A 145 -5.21 12.86 -12.42
C ASP A 145 -4.28 13.25 -13.60
N ALA A 146 -2.98 13.15 -13.39
CA ALA A 146 -1.98 13.51 -14.41
C ALA A 146 -2.12 12.66 -15.69
N GLY A 147 -1.92 13.29 -16.85
CA GLY A 147 -2.05 12.59 -18.14
C GLY A 147 -0.75 11.90 -18.59
N GLU A 148 0.13 11.59 -17.65
CA GLU A 148 1.38 10.91 -17.95
C GLU A 148 1.25 9.39 -17.76
N GLU A 149 2.08 8.62 -18.45
CA GLU A 149 2.04 7.15 -18.35
C GLU A 149 2.37 6.68 -16.92
N SER A 150 1.44 5.98 -16.30
CA SER A 150 1.59 5.52 -14.91
C SER A 150 2.51 4.29 -14.81
N HIS A 151 3.42 4.31 -13.82
CA HIS A 151 4.37 3.21 -13.59
C HIS A 151 4.74 3.11 -12.09
N PRO A 152 4.49 1.94 -11.46
CA PRO A 152 4.81 1.73 -10.03
C PRO A 152 6.33 1.63 -9.77
N GLN A 153 6.81 2.35 -8.76
CA GLN A 153 8.23 2.29 -8.37
C GLN A 153 8.47 1.21 -7.31
N LYS A 154 9.10 0.11 -7.71
CA LYS A 154 9.30 -1.05 -6.84
C LYS A 154 10.60 -0.96 -6.02
N LEU A 155 10.47 -1.17 -4.72
CA LEU A 155 11.62 -1.24 -3.80
C LEU A 155 11.29 -2.16 -2.62
N GLU A 156 12.22 -2.30 -1.68
CA GLU A 156 12.01 -3.12 -0.48
C GLU A 156 11.57 -2.28 0.72
N HIS A 157 10.95 -2.91 1.72
CA HIS A 157 10.55 -2.22 2.94
C HIS A 157 11.55 -2.50 4.09
N HIS A 158 11.48 -1.73 5.16
CA HIS A 158 12.31 -1.98 6.35
C HIS A 158 11.46 -2.53 7.52
N HIS A 159 12.14 -3.04 8.53
CA HIS A 159 11.48 -3.61 9.71
C HIS A 159 10.66 -2.55 10.47
N HIS A 160 9.62 -2.99 11.17
CA HIS A 160 8.77 -2.06 11.95
C HIS A 160 7.94 -2.79 13.02
N HIS A 161 7.58 -2.07 14.07
CA HIS A 161 6.74 -2.60 15.15
C HIS A 161 5.37 -3.05 14.63
N HIS A 162 4.75 -3.99 15.35
CA HIS A 162 3.37 -4.45 15.06
C HIS A 162 2.35 -3.31 15.30
N MET A 1 2.76 -2.10 -6.16
CA MET A 1 2.91 -2.33 -4.70
C MET A 1 3.02 -3.83 -4.37
N LYS A 2 4.01 -4.18 -3.55
CA LYS A 2 4.20 -5.58 -3.13
C LYS A 2 3.74 -5.79 -1.68
N LEU A 3 3.24 -7.00 -1.39
CA LEU A 3 2.60 -7.29 -0.09
C LEU A 3 3.55 -7.22 1.11
N SER A 4 4.83 -6.96 0.88
CA SER A 4 5.83 -6.88 1.98
C SER A 4 5.50 -5.76 2.99
N ARG A 5 4.58 -4.88 2.62
CA ARG A 5 4.15 -3.77 3.49
C ARG A 5 2.63 -3.76 3.67
N LEU A 6 1.96 -4.82 3.22
CA LEU A 6 0.49 -4.86 3.19
C LEU A 6 -0.10 -4.86 4.60
N VAL A 7 -0.88 -3.83 4.91
CA VAL A 7 -1.46 -3.63 6.24
C VAL A 7 -2.35 -4.82 6.66
N PRO A 8 -2.10 -5.39 7.87
CA PRO A 8 -2.93 -6.49 8.41
C PRO A 8 -4.44 -6.19 8.36
N GLY A 9 -5.18 -7.04 7.64
CA GLY A 9 -6.62 -6.86 7.51
C GLY A 9 -7.04 -6.36 6.13
N VAL A 10 -6.07 -5.93 5.32
CA VAL A 10 -6.36 -5.47 3.95
C VAL A 10 -6.35 -6.64 2.94
N PRO A 11 -7.47 -6.87 2.24
CA PRO A 11 -7.57 -7.95 1.24
C PRO A 11 -6.94 -7.57 -0.12
N ALA A 12 -5.95 -8.36 -0.55
CA ALA A 12 -5.28 -8.12 -1.83
C ALA A 12 -5.39 -9.33 -2.77
N ARG A 13 -4.93 -9.17 -4.00
CA ARG A 13 -4.93 -10.26 -4.99
C ARG A 13 -3.53 -10.44 -5.60
N ILE A 14 -3.07 -11.69 -5.66
CA ILE A 14 -1.76 -12.01 -6.28
C ILE A 14 -1.79 -11.75 -7.79
N LYS A 15 -0.94 -10.83 -8.26
CA LYS A 15 -0.93 -10.42 -9.67
C LYS A 15 0.22 -11.08 -10.46
N ARG A 16 1.46 -10.79 -10.07
CA ARG A 16 2.62 -11.30 -10.80
C ARG A 16 3.83 -11.53 -9.89
N LEU A 17 4.66 -12.51 -10.26
CA LEU A 17 5.89 -12.83 -9.55
C LEU A 17 7.12 -12.52 -10.42
N GLU A 18 7.91 -11.53 -10.02
CA GLU A 18 9.09 -11.11 -10.80
C GLU A 18 10.31 -12.01 -10.54
N VAL A 19 10.06 -13.26 -10.13
CA VAL A 19 11.13 -14.22 -9.82
C VAL A 19 10.79 -15.63 -10.31
N SER A 20 11.77 -16.30 -10.92
CA SER A 20 11.61 -17.68 -11.38
C SER A 20 12.67 -18.59 -10.75
N GLY A 21 12.38 -19.89 -10.67
CA GLY A 21 13.32 -20.83 -10.08
C GLY A 21 12.82 -21.42 -8.76
N GLU A 22 13.76 -21.79 -7.88
CA GLU A 22 13.43 -22.45 -6.61
C GLU A 22 12.37 -21.68 -5.81
N LEU A 23 12.50 -20.37 -5.73
CA LEU A 23 11.54 -19.53 -5.00
C LEU A 23 10.15 -19.56 -5.67
N HIS A 24 10.12 -19.52 -7.00
CA HIS A 24 8.86 -19.52 -7.75
C HIS A 24 8.06 -20.82 -7.52
N GLU A 25 8.74 -21.95 -7.68
CA GLU A 25 8.11 -23.27 -7.48
C GLU A 25 7.71 -23.48 -6.01
N LYS A 26 8.38 -22.77 -5.10
CA LYS A 26 7.96 -22.74 -3.69
C LYS A 26 6.61 -22.00 -3.55
N LEU A 27 6.60 -20.76 -4.07
CA LEU A 27 5.44 -19.87 -3.93
C LEU A 27 4.16 -20.43 -4.55
N VAL A 28 4.26 -21.04 -5.73
CA VAL A 28 3.08 -21.60 -6.41
C VAL A 28 2.32 -22.62 -5.52
N GLY A 29 3.06 -23.51 -4.86
CA GLY A 29 2.44 -24.46 -3.93
C GLY A 29 1.87 -23.79 -2.69
N MET A 30 2.48 -22.68 -2.30
CA MET A 30 2.01 -21.89 -1.15
C MET A 30 0.76 -21.07 -1.51
N GLY A 31 0.44 -21.01 -2.80
CA GLY A 31 -0.77 -20.32 -3.24
C GLY A 31 -0.50 -19.02 -4.01
N PHE A 32 0.77 -18.64 -4.16
CA PHE A 32 1.11 -17.41 -4.88
C PHE A 32 1.01 -17.59 -6.40
N VAL A 33 -0.22 -17.63 -6.90
CA VAL A 33 -0.48 -17.70 -8.34
C VAL A 33 -1.47 -16.60 -8.76
N PRO A 34 -1.30 -16.02 -9.97
CA PRO A 34 -2.14 -14.94 -10.46
C PRO A 34 -3.65 -15.25 -10.37
N GLY A 35 -4.34 -14.59 -9.44
CA GLY A 35 -5.79 -14.79 -9.30
C GLY A 35 -6.21 -15.15 -7.87
N GLU A 36 -5.27 -15.52 -7.01
CA GLU A 36 -5.58 -15.86 -5.61
C GLU A 36 -5.68 -14.60 -4.73
N GLU A 37 -6.71 -14.54 -3.90
CA GLU A 37 -6.86 -13.45 -2.92
C GLU A 37 -6.13 -13.78 -1.61
N ILE A 38 -5.44 -12.78 -1.07
CA ILE A 38 -4.63 -12.95 0.14
C ILE A 38 -4.85 -11.79 1.15
N GLU A 39 -5.10 -12.15 2.40
CA GLU A 39 -5.26 -11.16 3.48
C GLU A 39 -4.15 -11.31 4.54
N ILE A 40 -3.55 -10.20 4.94
CA ILE A 40 -2.49 -10.21 5.95
C ILE A 40 -3.07 -10.28 7.38
N VAL A 41 -2.67 -11.29 8.12
CA VAL A 41 -3.11 -11.46 9.51
C VAL A 41 -2.40 -10.48 10.45
N GLN A 42 -1.06 -10.48 10.40
CA GLN A 42 -0.25 -9.63 11.28
C GLN A 42 1.20 -9.51 10.79
N VAL A 43 1.88 -8.45 11.22
CA VAL A 43 3.29 -8.24 10.92
C VAL A 43 4.17 -8.50 12.16
N ALA A 44 5.26 -9.24 11.98
CA ALA A 44 6.17 -9.57 13.09
C ALA A 44 6.70 -8.30 13.80
N PRO A 45 6.92 -8.37 15.14
CA PRO A 45 7.35 -7.21 15.95
C PRO A 45 8.64 -6.54 15.44
N LEU A 46 9.41 -7.23 14.60
CA LEU A 46 10.62 -6.66 13.98
C LEU A 46 10.29 -5.91 12.68
N GLY A 47 9.31 -6.43 11.95
CA GLY A 47 8.96 -5.89 10.64
C GLY A 47 8.66 -6.99 9.62
N ASP A 48 9.35 -8.12 9.77
CA ASP A 48 9.09 -9.32 8.96
C ASP A 48 9.51 -10.59 9.75
N PRO A 49 8.97 -11.78 9.40
CA PRO A 49 8.05 -11.98 8.27
C PRO A 49 6.61 -11.48 8.53
N ILE A 50 5.77 -11.62 7.52
CA ILE A 50 4.36 -11.25 7.64
C ILE A 50 3.45 -12.50 7.53
N VAL A 51 2.53 -12.65 8.48
CA VAL A 51 1.59 -13.77 8.49
C VAL A 51 0.35 -13.42 7.65
N CYS A 52 -0.04 -14.30 6.75
CA CYS A 52 -1.15 -14.04 5.83
C CYS A 52 -2.06 -15.26 5.66
N LYS A 53 -3.12 -15.08 4.88
CA LYS A 53 -4.07 -16.14 4.56
C LYS A 53 -4.42 -16.12 3.05
N ILE A 54 -3.93 -17.12 2.31
CA ILE A 54 -4.23 -17.22 0.88
C ILE A 54 -5.49 -18.06 0.64
N GLY A 55 -6.63 -17.39 0.60
CA GLY A 55 -7.91 -18.06 0.35
C GLY A 55 -8.26 -19.14 1.38
N ASN A 56 -7.73 -20.34 1.18
CA ASN A 56 -8.11 -21.51 1.98
C ASN A 56 -7.26 -21.69 3.26
N ARG A 57 -5.98 -21.30 3.22
CA ARG A 57 -5.08 -21.60 4.34
C ARG A 57 -4.07 -20.47 4.62
N ASN A 58 -3.44 -20.54 5.79
CA ASN A 58 -2.49 -19.51 6.25
C ASN A 58 -1.09 -19.71 5.63
N ILE A 59 -0.39 -18.59 5.38
CA ILE A 59 0.94 -18.61 4.79
C ILE A 59 1.88 -17.61 5.50
N THR A 60 3.10 -18.05 5.81
CA THR A 60 4.13 -17.18 6.42
C THR A 60 5.23 -16.84 5.41
N LEU A 61 5.32 -15.57 5.02
CA LEU A 61 6.20 -15.16 3.92
C LEU A 61 7.23 -14.10 4.40
N ARG A 62 8.47 -14.17 3.90
CA ARG A 62 9.52 -13.23 4.30
C ARG A 62 9.43 -11.89 3.54
N LYS A 63 10.12 -10.87 4.05
CA LYS A 63 10.20 -9.55 3.41
C LYS A 63 10.86 -9.64 2.02
N ARG A 64 12.10 -10.14 1.97
CA ARG A 64 12.86 -10.22 0.73
C ARG A 64 12.12 -11.01 -0.37
N GLU A 65 11.29 -11.96 0.06
CA GLU A 65 10.48 -12.75 -0.89
C GLU A 65 9.24 -11.96 -1.34
N ALA A 66 8.55 -11.34 -0.37
CA ALA A 66 7.32 -10.60 -0.63
C ALA A 66 7.54 -9.41 -1.59
N ASP A 67 8.74 -8.83 -1.56
CA ASP A 67 9.09 -7.72 -2.48
C ASP A 67 9.03 -8.16 -3.96
N LEU A 68 8.98 -9.47 -4.20
CA LEU A 68 8.97 -10.00 -5.56
C LEU A 68 7.56 -10.34 -6.07
N ILE A 69 6.54 -10.19 -5.21
CA ILE A 69 5.14 -10.46 -5.60
C ILE A 69 4.31 -9.17 -5.61
N GLU A 70 3.99 -8.69 -6.81
CA GLU A 70 3.14 -7.50 -7.00
C GLU A 70 1.65 -7.86 -6.79
N VAL A 71 0.94 -7.06 -5.99
CA VAL A 71 -0.46 -7.33 -5.66
C VAL A 71 -1.36 -6.10 -5.86
N GLU A 72 -2.68 -6.31 -5.77
CA GLU A 72 -3.65 -5.21 -5.84
C GLU A 72 -4.68 -5.31 -4.70
N VAL A 73 -5.10 -4.17 -4.16
CA VAL A 73 -6.04 -4.13 -3.04
C VAL A 73 -7.49 -4.35 -3.50
N VAL A 74 -8.02 -5.54 -3.21
CA VAL A 74 -9.41 -5.88 -3.58
C VAL A 74 -10.42 -4.97 -2.89
N GLY A 75 -10.04 -4.43 -1.72
CA GLY A 75 -10.91 -3.55 -0.96
C GLY A 75 -11.35 -2.30 -1.73
N GLY A 76 -10.62 -1.94 -2.78
CA GLY A 76 -10.95 -0.75 -3.56
C GLY A 76 -9.97 0.39 -3.31
N GLU A 77 -9.96 0.90 -2.08
CA GLU A 77 -8.99 1.92 -1.68
C GLU A 77 -7.88 1.30 -0.82
N LEU A 78 -6.84 2.09 -0.54
CA LEU A 78 -5.69 1.61 0.22
C LEU A 78 -5.07 2.73 1.06
N PRO A 79 -4.57 2.41 2.28
CA PRO A 79 -3.92 3.42 3.14
C PRO A 79 -2.70 4.08 2.47
N LEU A 80 -2.38 5.29 2.92
CA LEU A 80 -1.32 6.11 2.30
C LEU A 80 0.03 5.35 2.23
N ILE A 81 0.30 4.52 3.24
CA ILE A 81 1.54 3.73 3.26
C ILE A 81 1.60 2.71 2.10
N LEU A 82 0.44 2.28 1.62
CA LEU A 82 0.36 1.34 0.49
C LEU A 82 0.33 2.08 -0.84
N ALA A 83 0.17 3.41 -0.79
CA ALA A 83 0.03 4.22 -1.99
C ALA A 83 1.25 4.13 -2.91
N ASP A 84 1.16 3.22 -3.89
CA ASP A 84 2.20 3.05 -4.91
C ASP A 84 2.42 4.37 -5.69
N ASP A 85 3.69 4.70 -5.98
CA ASP A 85 4.07 6.01 -6.57
C ASP A 85 3.05 6.54 -7.61
N GLY A 86 2.43 7.68 -7.29
CA GLY A 86 1.41 8.26 -8.17
C GLY A 86 0.49 9.26 -7.45
N THR A 87 -0.63 9.61 -8.09
CA THR A 87 -1.61 10.58 -7.53
C THR A 87 -2.85 9.88 -6.97
N TYR A 88 -3.22 10.22 -5.72
CA TYR A 88 -4.36 9.60 -5.04
C TYR A 88 -5.36 10.65 -4.48
N GLU A 89 -6.48 10.16 -3.96
CA GLU A 89 -7.47 10.99 -3.26
C GLU A 89 -7.91 10.33 -1.94
N ILE A 90 -7.95 11.11 -0.87
CA ILE A 90 -8.33 10.59 0.46
C ILE A 90 -9.85 10.36 0.58
N THR A 91 -10.24 9.19 1.12
CA THR A 91 -11.66 8.82 1.25
C THR A 91 -12.10 8.65 2.71
N LYS A 92 -11.26 8.04 3.55
CA LYS A 92 -11.62 7.77 4.95
C LYS A 92 -10.40 7.75 5.89
N LEU A 93 -10.63 8.09 7.16
CA LEU A 93 -9.55 8.16 8.17
C LEU A 93 -9.71 7.08 9.25
N ASN A 94 -8.58 6.56 9.74
CA ASN A 94 -8.57 5.63 10.88
C ASN A 94 -7.80 6.24 12.07
N GLY A 95 -8.00 5.67 13.26
CA GLY A 95 -7.29 6.14 14.44
C GLY A 95 -8.17 6.93 15.42
N GLY A 96 -7.57 7.34 16.54
CA GLY A 96 -8.29 8.12 17.55
C GLY A 96 -8.54 9.57 17.14
N ARG A 97 -9.67 10.12 17.57
CA ARG A 97 -10.11 11.49 17.17
C ARG A 97 -9.00 12.56 17.20
N ARG A 98 -8.16 12.57 18.24
CA ARG A 98 -7.11 13.61 18.36
C ARG A 98 -6.16 13.59 17.14
N PHE A 99 -6.03 12.43 16.52
CA PHE A 99 -5.25 12.29 15.29
C PHE A 99 -6.03 12.84 14.09
N LEU A 100 -7.32 12.51 14.02
CA LEU A 100 -8.20 13.00 12.96
C LEU A 100 -8.21 14.54 12.92
N PHE A 101 -8.14 15.14 14.11
CA PHE A 101 -7.99 16.59 14.24
C PHE A 101 -6.69 17.07 13.57
N ARG A 102 -5.58 16.41 13.89
CA ARG A 102 -4.27 16.72 13.28
C ARG A 102 -4.35 16.69 11.74
N MET A 103 -5.06 15.71 11.20
CA MET A 103 -5.19 15.56 9.74
C MET A 103 -5.75 16.83 9.08
N LYS A 104 -6.81 17.41 9.66
CA LYS A 104 -7.40 18.63 9.13
C LYS A 104 -6.40 19.80 9.11
N ASN A 105 -5.46 19.79 10.05
CA ASN A 105 -4.43 20.84 10.13
C ASN A 105 -3.40 20.70 8.98
N LEU A 106 -3.16 19.47 8.53
CA LEU A 106 -2.26 19.21 7.40
C LEU A 106 -2.99 19.42 6.06
N GLY A 107 -4.28 19.11 6.02
CA GLY A 107 -5.06 19.32 4.81
C GLY A 107 -5.82 18.08 4.31
N ILE A 108 -5.77 16.99 5.08
CA ILE A 108 -6.46 15.75 4.69
C ILE A 108 -7.66 15.45 5.62
N GLU A 109 -8.73 14.92 5.02
CA GLU A 109 -9.99 14.65 5.74
C GLU A 109 -10.98 13.91 4.84
N SER A 110 -11.11 14.40 3.60
CA SER A 110 -12.06 13.84 2.62
C SER A 110 -12.04 14.66 1.32
N GLY A 111 -12.11 13.98 0.18
CA GLY A 111 -12.17 14.66 -1.12
C GLY A 111 -10.97 15.56 -1.40
N LYS A 112 -9.78 15.10 -1.02
CA LYS A 112 -8.54 15.88 -1.22
C LYS A 112 -7.53 15.07 -2.06
N LYS A 113 -6.91 15.72 -3.04
CA LYS A 113 -5.89 15.06 -3.88
C LYS A 113 -4.51 15.03 -3.20
N ILE A 114 -4.02 13.83 -2.91
CA ILE A 114 -2.69 13.66 -2.30
C ILE A 114 -1.67 13.14 -3.35
N GLN A 115 -0.59 13.90 -3.55
CA GLN A 115 0.47 13.51 -4.48
C GLN A 115 1.56 12.70 -3.77
N VAL A 116 1.74 11.45 -4.18
CA VAL A 116 2.79 10.59 -3.62
C VAL A 116 4.06 10.64 -4.48
N SER A 117 5.08 11.34 -4.00
CA SER A 117 6.35 11.45 -4.71
C SER A 117 7.43 10.58 -4.05
N GLY A 118 7.55 9.33 -4.50
CA GLY A 118 8.50 8.40 -3.90
C GLY A 118 8.11 7.97 -2.49
N ARG A 119 8.46 8.80 -1.51
CA ARG A 119 8.02 8.60 -0.12
C ARG A 119 7.79 9.93 0.59
N ARG A 120 7.67 11.01 -0.18
CA ARG A 120 7.30 12.33 0.36
C ARG A 120 5.97 12.79 -0.26
N TYR A 121 5.05 13.26 0.57
CA TYR A 121 3.65 13.45 0.15
C TYR A 121 3.22 14.92 0.17
N TYR A 122 2.47 15.35 -0.85
CA TYR A 122 2.06 16.76 -1.00
C TYR A 122 0.55 16.89 -1.21
N ILE A 123 -0.07 17.86 -0.55
CA ILE A 123 -1.43 18.27 -0.88
C ILE A 123 -1.41 19.52 -1.77
N GLU A 124 -1.54 19.32 -3.08
CA GLU A 124 -1.57 20.41 -4.06
C GLU A 124 -0.32 21.30 -3.97
N GLY A 125 0.79 20.72 -3.51
CA GLY A 125 2.05 21.47 -3.38
C GLY A 125 2.53 21.61 -1.93
N ARG A 126 1.63 21.40 -0.97
CA ARG A 126 1.97 21.54 0.46
C ARG A 126 2.54 20.23 1.04
N GLU A 127 3.74 20.31 1.61
CA GLU A 127 4.40 19.15 2.24
C GLU A 127 3.62 18.64 3.47
N ILE A 128 3.19 17.37 3.42
CA ILE A 128 2.44 16.76 4.52
C ILE A 128 3.36 15.93 5.44
N ASP A 129 3.26 16.17 6.75
CA ASP A 129 4.10 15.47 7.73
C ASP A 129 3.64 14.02 7.94
N LEU A 130 4.22 13.09 7.17
CA LEU A 130 3.89 11.66 7.28
C LEU A 130 5.17 10.79 7.32
N GLY A 131 4.99 9.51 7.63
CA GLY A 131 6.11 8.57 7.64
C GLY A 131 5.65 7.11 7.51
N TYR A 132 4.86 6.65 8.48
CA TYR A 132 4.29 5.29 8.44
C TYR A 132 3.10 5.16 9.41
N GLY A 133 3.39 5.23 10.72
CA GLY A 133 2.38 4.99 11.74
C GLY A 133 1.12 5.83 11.58
N GLU A 134 1.32 7.12 11.34
CA GLU A 134 0.19 8.03 11.08
C GLU A 134 -0.33 7.87 9.62
N ALA A 135 0.59 7.73 8.68
CA ALA A 135 0.26 7.67 7.24
C ALA A 135 -0.64 6.46 6.91
N THR A 136 -0.43 5.34 7.60
CA THR A 136 -1.22 4.12 7.35
C THR A 136 -2.68 4.27 7.77
N LYS A 137 -3.01 5.38 8.44
CA LYS A 137 -4.38 5.62 8.90
C LYS A 137 -5.18 6.43 7.87
N ILE A 138 -4.50 7.00 6.88
CA ILE A 138 -5.14 7.75 5.80
C ILE A 138 -5.43 6.84 4.59
N TRP A 139 -6.70 6.52 4.35
CA TRP A 139 -7.08 5.67 3.21
C TRP A 139 -7.31 6.50 1.96
N VAL A 140 -6.54 6.20 0.91
CA VAL A 140 -6.62 6.94 -0.37
C VAL A 140 -7.00 6.03 -1.54
N ARG A 141 -7.43 6.62 -2.66
CA ARG A 141 -7.85 5.86 -3.84
C ARG A 141 -7.07 6.30 -5.10
N ARG A 142 -6.93 5.41 -6.08
CA ARG A 142 -6.28 5.74 -7.35
C ARG A 142 -7.21 6.53 -8.27
N VAL A 143 -6.74 7.71 -8.69
CA VAL A 143 -7.57 8.66 -9.46
C VAL A 143 -6.97 8.99 -10.84
N SER A 144 -5.64 8.92 -10.95
CA SER A 144 -4.94 9.30 -12.20
C SER A 144 -5.28 10.73 -12.64
N ASP A 145 -5.76 11.55 -11.70
CA ASP A 145 -6.20 12.92 -11.98
C ASP A 145 -5.05 13.79 -12.51
N ALA A 146 -3.82 13.44 -12.15
CA ALA A 146 -2.63 14.15 -12.65
C ALA A 146 -1.91 13.35 -13.76
N GLY A 147 -2.50 12.22 -14.15
CA GLY A 147 -1.92 11.36 -15.18
C GLY A 147 -0.98 10.28 -14.64
N GLU A 148 -0.49 10.48 -13.42
CA GLU A 148 0.49 9.57 -12.80
C GLU A 148 0.03 8.10 -12.80
N GLU A 149 0.80 7.25 -13.48
CA GLU A 149 0.50 5.82 -13.60
C GLU A 149 0.88 5.04 -12.33
N SER A 150 0.86 3.71 -12.41
CA SER A 150 1.30 2.86 -11.30
C SER A 150 2.59 2.10 -11.65
N HIS A 151 3.54 2.07 -10.73
CA HIS A 151 4.84 1.42 -10.94
C HIS A 151 5.52 1.10 -9.60
N PRO A 152 5.85 -0.18 -9.36
CA PRO A 152 6.28 -0.69 -8.04
C PRO A 152 7.31 0.19 -7.30
N GLN A 153 6.81 1.03 -6.40
CA GLN A 153 7.66 1.81 -5.49
C GLN A 153 7.86 1.06 -4.16
N LYS A 154 9.08 1.09 -3.61
CA LYS A 154 9.37 0.37 -2.36
C LYS A 154 9.30 1.29 -1.12
N LEU A 155 8.40 0.96 -0.20
CA LEU A 155 8.29 1.65 1.08
C LEU A 155 8.58 0.68 2.24
N GLU A 156 9.21 1.18 3.31
CA GLU A 156 9.62 0.35 4.45
C GLU A 156 8.41 -0.13 5.28
N HIS A 157 8.64 -1.15 6.12
CA HIS A 157 7.56 -1.71 6.97
C HIS A 157 7.75 -1.37 8.46
N HIS A 158 6.64 -1.13 9.16
CA HIS A 158 6.63 -0.79 10.59
C HIS A 158 5.30 -1.21 11.24
N HIS A 159 4.97 -0.63 12.39
CA HIS A 159 3.71 -0.92 13.09
C HIS A 159 2.97 0.36 13.47
N HIS A 160 1.71 0.25 13.91
CA HIS A 160 0.92 1.43 14.25
C HIS A 160 -0.16 1.12 15.32
N HIS A 161 -0.50 2.14 16.11
CA HIS A 161 -1.56 2.02 17.12
C HIS A 161 -2.67 3.04 16.87
N HIS A 162 -3.82 2.86 17.53
CA HIS A 162 -4.97 3.79 17.36
C HIS A 162 -4.60 5.25 17.68
N MET A 1 1.76 -2.92 -6.26
CA MET A 1 2.14 -2.78 -4.83
C MET A 1 2.47 -4.15 -4.22
N LYS A 2 3.43 -4.18 -3.30
CA LYS A 2 3.91 -5.44 -2.71
C LYS A 2 3.18 -5.77 -1.40
N LEU A 3 2.88 -7.05 -1.19
CA LEU A 3 2.19 -7.51 0.04
C LEU A 3 3.03 -7.23 1.30
N SER A 4 4.35 -7.09 1.12
CA SER A 4 5.25 -6.76 2.25
C SER A 4 4.86 -5.45 2.94
N ARG A 5 4.30 -4.52 2.17
CA ARG A 5 3.85 -3.23 2.73
C ARG A 5 2.37 -3.31 3.15
N LEU A 6 1.65 -4.32 2.61
CA LEU A 6 0.20 -4.45 2.81
C LEU A 6 -0.18 -4.49 4.30
N VAL A 7 -1.23 -3.77 4.66
CA VAL A 7 -1.64 -3.62 6.07
C VAL A 7 -2.45 -4.83 6.56
N PRO A 8 -2.11 -5.39 7.74
CA PRO A 8 -2.87 -6.49 8.37
C PRO A 8 -4.38 -6.19 8.47
N GLY A 9 -5.19 -6.99 7.78
CA GLY A 9 -6.63 -6.76 7.76
C GLY A 9 -7.15 -6.25 6.43
N VAL A 10 -6.23 -5.96 5.49
CA VAL A 10 -6.60 -5.51 4.15
C VAL A 10 -6.44 -6.65 3.12
N PRO A 11 -7.54 -7.05 2.44
CA PRO A 11 -7.50 -8.11 1.43
C PRO A 11 -6.87 -7.66 0.09
N ALA A 12 -6.26 -8.60 -0.62
CA ALA A 12 -5.57 -8.32 -1.89
C ALA A 12 -5.69 -9.50 -2.88
N ARG A 13 -5.10 -9.36 -4.06
CA ARG A 13 -5.12 -10.43 -5.08
C ARG A 13 -3.74 -10.57 -5.75
N ILE A 14 -3.25 -11.79 -5.89
CA ILE A 14 -1.94 -12.05 -6.51
C ILE A 14 -1.93 -11.68 -8.00
N LYS A 15 -1.05 -10.74 -8.39
CA LYS A 15 -0.88 -10.37 -9.80
C LYS A 15 0.21 -11.24 -10.46
N ARG A 16 1.46 -11.06 -10.02
CA ARG A 16 2.61 -11.67 -10.67
C ARG A 16 3.81 -11.80 -9.72
N LEU A 17 4.71 -12.74 -10.02
CA LEU A 17 5.93 -12.98 -9.22
C LEU A 17 7.20 -12.65 -10.02
N GLU A 18 8.06 -11.81 -9.45
CA GLU A 18 9.35 -11.45 -10.08
C GLU A 18 10.48 -12.40 -9.68
N VAL A 19 10.12 -13.54 -9.10
CA VAL A 19 11.11 -14.47 -8.55
C VAL A 19 11.35 -15.69 -9.47
N SER A 20 12.61 -16.13 -9.53
CA SER A 20 12.99 -17.36 -10.24
C SER A 20 14.03 -18.14 -9.44
N GLY A 21 14.08 -19.46 -9.62
CA GLY A 21 15.06 -20.28 -8.92
C GLY A 21 14.55 -20.83 -7.59
N GLU A 22 13.90 -22.00 -7.63
CA GLU A 22 13.32 -22.65 -6.44
C GLU A 22 12.15 -21.86 -5.82
N LEU A 23 12.43 -20.68 -5.27
CA LEU A 23 11.43 -19.90 -4.55
C LEU A 23 10.14 -19.69 -5.35
N HIS A 24 10.24 -19.57 -6.68
CA HIS A 24 9.05 -19.37 -7.51
C HIS A 24 8.07 -20.54 -7.39
N GLU A 25 8.54 -21.77 -7.64
CA GLU A 25 7.68 -22.96 -7.55
C GLU A 25 7.28 -23.23 -6.08
N LYS A 26 8.13 -22.81 -5.15
CA LYS A 26 7.82 -22.88 -3.72
C LYS A 26 6.62 -21.99 -3.36
N LEU A 27 6.60 -20.77 -3.89
CA LEU A 27 5.52 -19.81 -3.64
C LEU A 27 4.21 -20.24 -4.31
N VAL A 28 4.25 -20.49 -5.62
CA VAL A 28 3.05 -20.90 -6.36
C VAL A 28 2.45 -22.19 -5.79
N GLY A 29 3.32 -23.07 -5.29
CA GLY A 29 2.86 -24.30 -4.65
C GLY A 29 2.07 -24.03 -3.37
N MET A 30 2.51 -23.05 -2.58
CA MET A 30 1.81 -22.66 -1.36
C MET A 30 0.51 -21.89 -1.68
N GLY A 31 0.47 -21.19 -2.80
CA GLY A 31 -0.76 -20.49 -3.21
C GLY A 31 -0.54 -19.22 -4.03
N PHE A 32 0.70 -18.76 -4.15
CA PHE A 32 1.00 -17.52 -4.89
C PHE A 32 0.85 -17.72 -6.42
N VAL A 33 -0.40 -17.72 -6.89
CA VAL A 33 -0.68 -17.84 -8.33
C VAL A 33 -1.57 -16.69 -8.82
N PRO A 34 -1.26 -16.11 -9.99
CA PRO A 34 -2.01 -14.97 -10.56
C PRO A 34 -3.54 -15.18 -10.60
N GLY A 35 -4.27 -14.41 -9.79
CA GLY A 35 -5.73 -14.49 -9.80
C GLY A 35 -6.34 -14.71 -8.42
N GLU A 36 -5.63 -15.43 -7.55
CA GLU A 36 -6.16 -15.78 -6.22
C GLU A 36 -6.05 -14.61 -5.21
N GLU A 37 -7.02 -14.52 -4.31
CA GLU A 37 -7.03 -13.48 -3.28
C GLU A 37 -6.17 -13.86 -2.06
N ILE A 38 -5.47 -12.87 -1.50
CA ILE A 38 -4.58 -13.05 -0.35
C ILE A 38 -4.80 -11.93 0.69
N GLU A 39 -4.61 -12.23 1.97
CA GLU A 39 -4.81 -11.23 3.04
C GLU A 39 -3.72 -11.31 4.11
N ILE A 40 -3.25 -10.15 4.59
CA ILE A 40 -2.24 -10.10 5.66
C ILE A 40 -2.92 -10.16 7.03
N VAL A 41 -2.48 -11.10 7.87
CA VAL A 41 -3.07 -11.31 9.20
C VAL A 41 -2.24 -10.62 10.30
N GLN A 42 -0.96 -10.96 10.39
CA GLN A 42 -0.08 -10.42 11.44
C GLN A 42 1.35 -10.21 10.93
N VAL A 43 2.08 -9.30 11.59
CA VAL A 43 3.46 -8.95 11.20
C VAL A 43 4.43 -9.06 12.40
N ALA A 44 5.65 -9.53 12.14
CA ALA A 44 6.68 -9.64 13.19
C ALA A 44 7.36 -8.29 13.47
N PRO A 45 7.92 -8.10 14.69
CA PRO A 45 8.51 -6.81 15.11
C PRO A 45 9.70 -6.31 14.25
N LEU A 46 10.16 -7.13 13.30
CA LEU A 46 11.26 -6.73 12.40
C LEU A 46 10.75 -6.46 10.97
N GLY A 47 9.43 -6.45 10.80
CA GLY A 47 8.84 -6.30 9.48
C GLY A 47 8.53 -7.65 8.84
N ASP A 48 9.30 -8.67 9.19
CA ASP A 48 9.05 -10.04 8.74
C ASP A 48 9.46 -11.05 9.84
N PRO A 49 8.93 -12.29 9.80
CA PRO A 49 8.02 -12.77 8.73
C PRO A 49 6.58 -12.23 8.86
N ILE A 50 5.90 -12.14 7.72
CA ILE A 50 4.48 -11.76 7.68
C ILE A 50 3.59 -12.96 7.35
N VAL A 51 2.48 -13.09 8.06
CA VAL A 51 1.55 -14.22 7.84
C VAL A 51 0.37 -13.79 6.95
N CYS A 52 0.30 -14.38 5.75
CA CYS A 52 -0.75 -14.05 4.79
C CYS A 52 -1.61 -15.27 4.44
N LYS A 53 -2.93 -15.14 4.60
CA LYS A 53 -3.85 -16.23 4.27
C LYS A 53 -4.18 -16.28 2.77
N ILE A 54 -3.79 -17.38 2.14
CA ILE A 54 -4.11 -17.64 0.73
C ILE A 54 -5.01 -18.88 0.62
N GLY A 55 -6.19 -18.71 -0.01
CA GLY A 55 -7.12 -19.82 -0.11
C GLY A 55 -7.42 -20.47 1.22
N ASN A 56 -7.84 -19.65 2.20
CA ASN A 56 -8.20 -20.12 3.56
C ASN A 56 -6.96 -20.40 4.44
N ARG A 57 -5.89 -20.95 3.87
CA ARG A 57 -4.72 -21.38 4.66
C ARG A 57 -3.70 -20.24 4.89
N ASN A 58 -2.99 -20.30 6.02
CA ASN A 58 -2.02 -19.27 6.40
C ASN A 58 -0.62 -19.58 5.85
N ILE A 59 -0.02 -18.62 5.14
CA ILE A 59 1.33 -18.78 4.57
C ILE A 59 2.31 -17.76 5.18
N THR A 60 3.44 -18.24 5.70
CA THR A 60 4.46 -17.37 6.31
C THR A 60 5.56 -16.97 5.31
N LEU A 61 5.73 -15.67 5.08
CA LEU A 61 6.72 -15.14 4.12
C LEU A 61 7.74 -14.21 4.80
N ARG A 62 8.97 -14.15 4.25
CA ARG A 62 9.99 -13.20 4.71
C ARG A 62 9.90 -11.88 3.94
N LYS A 63 10.60 -10.85 4.40
CA LYS A 63 10.55 -9.53 3.75
C LYS A 63 11.16 -9.59 2.34
N ARG A 64 12.42 -10.04 2.24
CA ARG A 64 13.10 -10.16 0.95
C ARG A 64 12.33 -11.07 -0.03
N GLU A 65 11.71 -12.12 0.49
CA GLU A 65 10.98 -13.09 -0.33
C GLU A 65 9.67 -12.47 -0.85
N ALA A 66 8.87 -11.91 0.06
CA ALA A 66 7.60 -11.27 -0.30
C ALA A 66 7.83 -10.01 -1.15
N ASP A 67 9.02 -9.43 -1.06
CA ASP A 67 9.39 -8.24 -1.84
C ASP A 67 9.38 -8.53 -3.36
N LEU A 68 9.23 -9.80 -3.73
CA LEU A 68 9.21 -10.19 -5.15
C LEU A 68 7.80 -10.54 -5.66
N ILE A 69 6.77 -10.30 -4.84
CA ILE A 69 5.38 -10.61 -5.24
C ILE A 69 4.53 -9.33 -5.36
N GLU A 70 3.94 -9.14 -6.55
CA GLU A 70 3.06 -7.99 -6.83
C GLU A 70 1.58 -8.38 -6.60
N VAL A 71 0.89 -7.63 -5.72
CA VAL A 71 -0.51 -7.91 -5.39
C VAL A 71 -1.43 -6.72 -5.71
N GLU A 72 -2.74 -6.96 -5.69
CA GLU A 72 -3.75 -5.93 -6.00
C GLU A 72 -4.74 -5.74 -4.85
N VAL A 73 -4.96 -4.51 -4.41
CA VAL A 73 -5.83 -4.23 -3.25
C VAL A 73 -7.30 -4.55 -3.55
N VAL A 74 -7.88 -5.47 -2.76
CA VAL A 74 -9.28 -5.85 -2.90
C VAL A 74 -10.18 -5.11 -1.89
N GLY A 75 -9.56 -4.47 -0.89
CA GLY A 75 -10.32 -3.78 0.15
C GLY A 75 -11.00 -2.48 -0.31
N GLY A 76 -11.26 -2.34 -1.61
CA GLY A 76 -11.89 -1.12 -2.13
C GLY A 76 -10.89 0.01 -2.31
N GLU A 77 -10.46 0.60 -1.20
CA GLU A 77 -9.42 1.63 -1.22
C GLU A 77 -8.20 1.17 -0.41
N LEU A 78 -7.10 1.91 -0.52
CA LEU A 78 -5.86 1.53 0.19
C LEU A 78 -5.33 2.70 1.04
N PRO A 79 -4.85 2.41 2.27
CA PRO A 79 -4.26 3.44 3.14
C PRO A 79 -3.09 4.17 2.47
N LEU A 80 -2.92 5.45 2.82
CA LEU A 80 -1.94 6.33 2.19
C LEU A 80 -0.52 5.71 2.16
N ILE A 81 -0.17 4.96 3.19
CA ILE A 81 1.15 4.32 3.25
C ILE A 81 1.37 3.31 2.09
N LEU A 82 0.29 2.67 1.64
CA LEU A 82 0.39 1.67 0.56
C LEU A 82 0.47 2.33 -0.81
N ALA A 83 0.23 3.64 -0.86
CA ALA A 83 0.16 4.38 -2.11
C ALA A 83 1.48 4.34 -2.90
N ASP A 84 1.40 3.84 -4.14
CA ASP A 84 2.50 3.90 -5.10
C ASP A 84 2.64 5.32 -5.67
N ASP A 85 3.53 5.51 -6.65
CA ASP A 85 3.76 6.84 -7.22
C ASP A 85 2.53 7.34 -8.01
N GLY A 86 2.21 8.61 -7.83
CA GLY A 86 1.03 9.19 -8.48
C GLY A 86 0.12 9.88 -7.46
N THR A 87 -0.92 10.55 -7.95
CA THR A 87 -1.85 11.26 -7.06
C THR A 87 -3.08 10.41 -6.70
N TYR A 88 -3.45 10.45 -5.42
CA TYR A 88 -4.62 9.72 -4.91
C TYR A 88 -5.64 10.69 -4.29
N GLU A 89 -6.82 10.19 -3.94
CA GLU A 89 -7.84 11.00 -3.25
C GLU A 89 -8.20 10.37 -1.90
N ILE A 90 -8.08 11.15 -0.82
CA ILE A 90 -8.45 10.67 0.52
C ILE A 90 -9.97 10.47 0.65
N THR A 91 -10.39 9.33 1.21
CA THR A 91 -11.82 9.01 1.36
C THR A 91 -12.27 8.96 2.83
N LYS A 92 -11.41 8.43 3.72
CA LYS A 92 -11.79 8.27 5.14
C LYS A 92 -10.57 8.27 6.08
N LEU A 93 -10.81 8.64 7.35
CA LEU A 93 -9.75 8.72 8.37
C LEU A 93 -9.96 7.68 9.49
N ASN A 94 -8.87 7.34 10.19
CA ASN A 94 -8.93 6.45 11.35
C ASN A 94 -8.05 6.98 12.50
N GLY A 95 -8.63 7.12 13.70
CA GLY A 95 -7.87 7.57 14.85
C GLY A 95 -8.66 8.47 15.79
N GLY A 96 -7.97 9.08 16.75
CA GLY A 96 -8.61 9.98 17.69
C GLY A 96 -8.87 11.37 17.12
N ARG A 97 -9.82 12.10 17.70
CA ARG A 97 -10.21 13.43 17.21
C ARG A 97 -9.01 14.39 17.10
N ARG A 98 -8.10 14.32 18.06
CA ARG A 98 -6.88 15.13 18.04
C ARG A 98 -6.02 14.80 16.81
N PHE A 99 -5.92 13.50 16.48
CA PHE A 99 -5.22 13.05 15.28
C PHE A 99 -5.93 13.54 14.00
N LEU A 100 -7.25 13.39 13.97
CA LEU A 100 -8.06 13.83 12.83
C LEU A 100 -7.91 15.34 12.59
N PHE A 101 -7.88 16.11 13.67
CA PHE A 101 -7.67 17.57 13.60
C PHE A 101 -6.35 17.88 12.88
N ARG A 102 -5.28 17.19 13.27
CA ARG A 102 -3.98 17.32 12.60
C ARG A 102 -4.11 17.08 11.09
N MET A 103 -4.79 15.99 10.72
CA MET A 103 -4.96 15.62 9.31
C MET A 103 -5.61 16.75 8.50
N LYS A 104 -6.70 17.30 9.03
CA LYS A 104 -7.44 18.37 8.35
C LYS A 104 -6.59 19.64 8.19
N ASN A 105 -5.76 19.95 9.19
CA ASN A 105 -4.90 21.14 9.14
C ASN A 105 -3.68 20.94 8.24
N LEU A 106 -3.25 19.69 8.07
CA LEU A 106 -2.15 19.36 7.14
C LEU A 106 -2.65 19.29 5.68
N GLY A 107 -3.89 18.85 5.48
CA GLY A 107 -4.46 18.79 4.15
C GLY A 107 -5.35 17.58 3.92
N ILE A 108 -4.91 16.41 4.38
CA ILE A 108 -5.69 15.17 4.21
C ILE A 108 -6.97 15.17 5.08
N GLU A 109 -7.97 15.94 4.63
CA GLU A 109 -9.28 15.99 5.31
C GLU A 109 -10.34 15.15 4.58
N SER A 110 -10.54 15.42 3.29
CA SER A 110 -11.52 14.68 2.46
C SER A 110 -11.53 15.22 1.03
N GLY A 111 -11.66 14.31 0.06
CA GLY A 111 -11.69 14.71 -1.35
C GLY A 111 -10.43 15.45 -1.80
N LYS A 112 -9.37 15.36 -1.01
CA LYS A 112 -8.10 16.03 -1.31
C LYS A 112 -7.16 15.11 -2.09
N LYS A 113 -6.50 15.68 -3.09
CA LYS A 113 -5.56 14.94 -3.94
C LYS A 113 -4.15 14.92 -3.33
N ILE A 114 -3.68 13.73 -3.00
CA ILE A 114 -2.37 13.55 -2.36
C ILE A 114 -1.29 13.10 -3.38
N GLN A 115 -0.31 13.97 -3.62
CA GLN A 115 0.82 13.67 -4.49
C GLN A 115 1.85 12.80 -3.76
N VAL A 116 2.35 11.76 -4.41
CA VAL A 116 3.33 10.86 -3.81
C VAL A 116 4.70 10.96 -4.51
N SER A 117 5.64 11.64 -3.86
CA SER A 117 7.01 11.77 -4.39
C SER A 117 7.92 10.72 -3.76
N GLY A 118 8.11 9.60 -4.45
CA GLY A 118 8.85 8.48 -3.88
C GLY A 118 8.13 7.87 -2.69
N ARG A 119 8.48 8.31 -1.48
CA ARG A 119 7.78 7.87 -0.25
C ARG A 119 7.40 9.06 0.64
N ARG A 120 7.47 10.28 0.10
CA ARG A 120 7.03 11.48 0.84
C ARG A 120 5.74 12.04 0.21
N TYR A 121 4.88 12.63 1.05
CA TYR A 121 3.48 12.91 0.67
C TYR A 121 3.15 14.43 0.71
N TYR A 122 2.43 14.91 -0.31
CA TYR A 122 2.05 16.34 -0.42
C TYR A 122 0.57 16.52 -0.83
N ILE A 123 -0.15 17.40 -0.13
CA ILE A 123 -1.53 17.74 -0.50
C ILE A 123 -1.59 19.10 -1.22
N GLU A 124 -1.85 19.07 -2.54
CA GLU A 124 -1.96 20.27 -3.39
C GLU A 124 -0.94 21.36 -3.02
N GLY A 125 0.30 20.95 -2.73
CA GLY A 125 1.37 21.89 -2.43
C GLY A 125 1.90 21.81 -0.99
N ARG A 126 1.00 21.50 -0.05
CA ARG A 126 1.36 21.43 1.37
C ARG A 126 2.01 20.10 1.75
N GLU A 127 3.16 20.15 2.42
CA GLU A 127 3.83 18.96 2.93
C GLU A 127 3.05 18.33 4.10
N ILE A 128 2.88 17.01 4.09
CA ILE A 128 2.12 16.31 5.12
C ILE A 128 3.03 15.72 6.21
N ASP A 129 2.56 15.72 7.45
CA ASP A 129 3.37 15.30 8.61
C ASP A 129 3.38 13.76 8.82
N LEU A 130 2.76 13.03 7.90
CA LEU A 130 2.64 11.56 8.01
C LEU A 130 3.95 10.83 7.68
N GLY A 131 4.02 9.56 8.07
CA GLY A 131 5.19 8.74 7.76
C GLY A 131 4.84 7.31 7.37
N TYR A 132 4.74 6.41 8.36
CA TYR A 132 4.37 5.00 8.13
C TYR A 132 3.19 4.59 9.04
N GLY A 133 3.43 4.60 10.35
CA GLY A 133 2.39 4.23 11.32
C GLY A 133 1.17 5.14 11.26
N GLU A 134 1.40 6.44 11.05
CA GLU A 134 0.31 7.40 10.87
C GLU A 134 -0.32 7.30 9.47
N ALA A 135 0.51 7.02 8.47
CA ALA A 135 0.08 7.01 7.08
C ALA A 135 -0.89 5.84 6.76
N THR A 136 -0.88 4.81 7.60
CA THR A 136 -1.79 3.66 7.41
C THR A 136 -3.19 3.93 7.98
N LYS A 137 -3.34 5.05 8.68
CA LYS A 137 -4.62 5.43 9.29
C LYS A 137 -5.49 6.23 8.31
N ILE A 138 -4.84 6.86 7.34
CA ILE A 138 -5.53 7.59 6.27
C ILE A 138 -5.77 6.67 5.07
N TRP A 139 -6.98 6.68 4.51
CA TRP A 139 -7.30 5.83 3.35
C TRP A 139 -7.52 6.66 2.08
N VAL A 140 -6.87 6.25 0.99
CA VAL A 140 -6.93 6.99 -0.29
C VAL A 140 -7.32 6.07 -1.47
N ARG A 141 -7.69 6.69 -2.60
CA ARG A 141 -8.05 5.94 -3.81
C ARG A 141 -7.25 6.46 -5.02
N ARG A 142 -6.83 5.55 -5.91
CA ARG A 142 -6.04 5.93 -7.10
C ARG A 142 -6.83 6.82 -8.07
N VAL A 143 -6.37 8.05 -8.30
CA VAL A 143 -7.09 8.99 -9.18
C VAL A 143 -6.22 9.53 -10.33
N SER A 144 -4.90 9.63 -10.10
CA SER A 144 -3.97 10.31 -11.03
C SER A 144 -4.28 11.81 -11.07
N ASP A 145 -5.41 12.18 -11.67
CA ASP A 145 -5.96 13.56 -11.64
C ASP A 145 -4.92 14.63 -12.02
N ALA A 146 -4.02 14.97 -11.09
CA ALA A 146 -2.97 15.97 -11.34
C ALA A 146 -2.13 15.61 -12.57
N GLY A 147 -2.04 14.30 -12.86
CA GLY A 147 -1.37 13.85 -14.08
C GLY A 147 0.02 13.26 -13.84
N GLU A 148 0.53 13.33 -12.61
CA GLU A 148 1.88 12.83 -12.32
C GLU A 148 1.95 11.29 -12.31
N GLU A 149 2.72 10.75 -13.25
CA GLU A 149 3.05 9.31 -13.28
C GLU A 149 4.56 9.12 -13.25
N SER A 150 5.04 8.30 -12.32
CA SER A 150 6.49 8.14 -12.11
C SER A 150 6.96 6.72 -12.49
N HIS A 151 8.14 6.33 -12.00
CA HIS A 151 8.69 5.00 -12.28
C HIS A 151 8.64 4.10 -11.03
N PRO A 152 8.31 2.80 -11.20
CA PRO A 152 8.12 1.84 -10.08
C PRO A 152 9.42 1.57 -9.27
N GLN A 153 9.52 0.36 -8.72
CA GLN A 153 10.63 -0.05 -7.85
C GLN A 153 10.59 0.73 -6.52
N LYS A 154 11.33 1.85 -6.44
CA LYS A 154 11.39 2.69 -5.22
C LYS A 154 11.87 1.91 -3.96
N LEU A 155 12.52 2.64 -3.05
CA LEU A 155 13.01 2.05 -1.80
C LEU A 155 11.89 1.96 -0.74
N GLU A 156 11.29 0.78 -0.62
CA GLU A 156 10.21 0.54 0.35
C GLU A 156 10.77 0.18 1.73
N HIS A 157 10.64 1.11 2.69
CA HIS A 157 11.09 0.86 4.07
C HIS A 157 10.30 1.73 5.06
N HIS A 158 9.86 1.12 6.17
CA HIS A 158 9.11 1.84 7.22
C HIS A 158 9.89 3.06 7.74
N HIS A 159 9.28 4.25 7.63
CA HIS A 159 9.94 5.51 8.01
C HIS A 159 9.04 6.37 8.92
N HIS A 160 9.66 7.29 9.65
CA HIS A 160 8.92 8.24 10.50
C HIS A 160 8.60 9.54 9.72
N HIS A 161 8.65 10.68 10.41
CA HIS A 161 8.36 11.98 9.77
C HIS A 161 9.46 12.34 8.74
N HIS A 162 9.37 13.55 8.19
CA HIS A 162 10.29 13.98 7.13
C HIS A 162 11.20 15.15 7.61
N MET A 1 1.67 -3.49 -6.22
CA MET A 1 1.91 -3.11 -4.80
C MET A 1 2.36 -4.33 -3.98
N LYS A 2 3.36 -4.15 -3.10
CA LYS A 2 3.96 -5.27 -2.35
C LYS A 2 3.12 -5.68 -1.13
N LEU A 3 2.95 -6.97 -0.89
CA LEU A 3 2.29 -7.45 0.33
C LEU A 3 3.12 -7.06 1.58
N SER A 4 4.39 -6.71 1.37
CA SER A 4 5.29 -6.28 2.45
C SER A 4 4.85 -4.93 3.08
N ARG A 5 3.88 -4.26 2.46
CA ARG A 5 3.35 -2.99 2.99
C ARG A 5 1.83 -3.07 3.23
N LEU A 6 1.28 -4.29 3.13
CA LEU A 6 -0.17 -4.51 3.24
C LEU A 6 -0.63 -4.63 4.70
N VAL A 7 -1.88 -4.26 4.97
CA VAL A 7 -2.44 -4.28 6.32
C VAL A 7 -3.22 -5.58 6.62
N PRO A 8 -2.97 -6.22 7.78
CA PRO A 8 -3.70 -7.44 8.19
C PRO A 8 -5.22 -7.25 8.19
N GLY A 9 -5.94 -8.16 7.54
CA GLY A 9 -7.39 -8.07 7.47
C GLY A 9 -7.90 -7.45 6.17
N VAL A 10 -6.99 -6.86 5.39
CA VAL A 10 -7.36 -6.27 4.09
C VAL A 10 -7.26 -7.31 2.96
N PRO A 11 -8.38 -7.56 2.24
CA PRO A 11 -8.40 -8.53 1.13
C PRO A 11 -7.66 -8.03 -0.13
N ALA A 12 -6.78 -8.88 -0.67
CA ALA A 12 -6.00 -8.55 -1.88
C ALA A 12 -5.98 -9.72 -2.87
N ARG A 13 -5.32 -9.50 -4.01
CA ARG A 13 -5.18 -10.54 -5.04
C ARG A 13 -3.75 -10.53 -5.64
N ILE A 14 -3.20 -11.71 -5.89
CA ILE A 14 -1.83 -11.84 -6.43
C ILE A 14 -1.74 -11.32 -7.88
N LYS A 15 -0.72 -10.51 -8.16
CA LYS A 15 -0.54 -9.91 -9.50
C LYS A 15 0.75 -10.41 -10.19
N ARG A 16 1.90 -10.19 -9.56
CA ARG A 16 3.19 -10.52 -10.19
C ARG A 16 4.15 -11.25 -9.23
N LEU A 17 5.15 -11.90 -9.81
CA LEU A 17 6.25 -12.50 -9.04
C LEU A 17 7.59 -12.32 -9.79
N GLU A 18 8.40 -11.38 -9.30
CA GLU A 18 9.65 -10.99 -9.95
C GLU A 18 10.67 -12.14 -10.03
N VAL A 19 10.95 -12.75 -8.87
CA VAL A 19 11.99 -13.77 -8.76
C VAL A 19 11.73 -15.00 -9.65
N SER A 20 12.77 -15.47 -10.33
CA SER A 20 12.70 -16.68 -11.14
C SER A 20 13.70 -17.73 -10.64
N GLY A 21 13.28 -18.98 -10.58
CA GLY A 21 14.15 -20.04 -10.10
C GLY A 21 13.62 -20.74 -8.85
N GLU A 22 14.52 -21.10 -7.93
CA GLU A 22 14.16 -21.86 -6.72
C GLU A 22 13.02 -21.20 -5.92
N LEU A 23 13.17 -19.93 -5.59
CA LEU A 23 12.15 -19.22 -4.82
C LEU A 23 10.80 -19.21 -5.55
N HIS A 24 10.83 -19.14 -6.87
CA HIS A 24 9.58 -19.09 -7.66
C HIS A 24 8.75 -20.37 -7.53
N GLU A 25 9.39 -21.54 -7.63
CA GLU A 25 8.67 -22.82 -7.61
C GLU A 25 8.02 -23.09 -6.23
N LYS A 26 8.65 -22.61 -5.16
CA LYS A 26 8.04 -22.74 -3.82
C LYS A 26 6.92 -21.70 -3.62
N LEU A 27 7.08 -20.50 -4.19
CA LEU A 27 6.04 -19.46 -4.10
C LEU A 27 4.72 -19.94 -4.72
N VAL A 28 4.78 -20.38 -5.98
CA VAL A 28 3.59 -20.90 -6.66
C VAL A 28 3.09 -22.18 -5.98
N GLY A 29 4.02 -23.00 -5.48
CA GLY A 29 3.65 -24.21 -4.73
C GLY A 29 2.96 -23.89 -3.41
N MET A 30 3.25 -22.73 -2.84
CA MET A 30 2.58 -22.26 -1.62
C MET A 30 1.25 -21.57 -1.94
N GLY A 31 1.14 -20.98 -3.13
CA GLY A 31 -0.12 -20.35 -3.54
C GLY A 31 0.04 -19.00 -4.23
N PHE A 32 1.26 -18.48 -4.27
CA PHE A 32 1.50 -17.18 -4.92
C PHE A 32 1.39 -17.29 -6.45
N VAL A 33 0.15 -17.28 -6.94
CA VAL A 33 -0.12 -17.35 -8.37
C VAL A 33 -1.05 -16.20 -8.81
N PRO A 34 -0.68 -15.44 -9.86
CA PRO A 34 -1.49 -14.32 -10.37
C PRO A 34 -2.96 -14.72 -10.61
N GLY A 35 -3.85 -14.23 -9.75
CA GLY A 35 -5.26 -14.60 -9.84
C GLY A 35 -5.86 -14.99 -8.50
N GLU A 36 -5.07 -15.69 -7.67
CA GLU A 36 -5.52 -16.08 -6.33
C GLU A 36 -5.69 -14.85 -5.42
N GLU A 37 -6.61 -14.93 -4.46
CA GLU A 37 -6.89 -13.80 -3.56
C GLU A 37 -6.29 -14.02 -2.16
N ILE A 38 -5.40 -13.11 -1.77
CA ILE A 38 -4.59 -13.24 -0.57
C ILE A 38 -5.02 -12.23 0.53
N GLU A 39 -4.89 -12.64 1.79
CA GLU A 39 -5.16 -11.75 2.92
C GLU A 39 -4.09 -11.90 4.01
N ILE A 40 -3.61 -10.77 4.55
CA ILE A 40 -2.63 -10.81 5.65
C ILE A 40 -3.32 -11.08 6.98
N VAL A 41 -2.85 -12.11 7.70
CA VAL A 41 -3.43 -12.50 8.99
C VAL A 41 -2.77 -11.77 10.16
N GLN A 42 -1.46 -11.97 10.32
CA GLN A 42 -0.72 -11.37 11.44
C GLN A 42 0.77 -11.20 11.11
N VAL A 43 1.40 -10.22 11.76
CA VAL A 43 2.81 -9.90 11.52
C VAL A 43 3.66 -10.07 12.79
N ALA A 44 4.91 -10.50 12.62
CA ALA A 44 5.85 -10.67 13.75
C ALA A 44 6.39 -9.31 14.23
N PRO A 45 6.68 -9.18 15.55
CA PRO A 45 7.17 -7.92 16.15
C PRO A 45 8.48 -7.40 15.52
N LEU A 46 9.24 -8.29 14.87
CA LEU A 46 10.49 -7.90 14.21
C LEU A 46 10.25 -7.34 12.80
N GLY A 47 8.99 -7.30 12.38
CA GLY A 47 8.65 -6.86 11.03
C GLY A 47 8.41 -8.03 10.08
N ASP A 48 9.11 -9.14 10.32
CA ASP A 48 8.96 -10.36 9.53
C ASP A 48 9.18 -11.62 10.40
N PRO A 49 8.69 -12.79 9.97
CA PRO A 49 7.91 -12.94 8.73
C PRO A 49 6.42 -12.62 8.91
N ILE A 50 5.71 -12.62 7.78
CA ILE A 50 4.28 -12.30 7.75
C ILE A 50 3.46 -13.52 7.30
N VAL A 51 2.31 -13.73 7.94
CA VAL A 51 1.44 -14.87 7.61
C VAL A 51 0.21 -14.41 6.80
N CYS A 52 0.00 -15.04 5.65
CA CYS A 52 -1.11 -14.69 4.76
C CYS A 52 -1.90 -15.93 4.33
N LYS A 53 -3.22 -15.79 4.21
CA LYS A 53 -4.09 -16.89 3.76
C LYS A 53 -4.30 -16.86 2.24
N ILE A 54 -3.81 -17.89 1.56
CA ILE A 54 -4.03 -18.06 0.12
C ILE A 54 -4.69 -19.43 -0.15
N GLY A 55 -5.73 -19.46 -0.98
CA GLY A 55 -6.44 -20.71 -1.24
C GLY A 55 -6.89 -21.43 0.04
N ASN A 56 -7.27 -20.65 1.06
CA ASN A 56 -7.74 -21.18 2.35
C ASN A 56 -6.63 -21.86 3.17
N ARG A 57 -5.36 -21.69 2.79
CA ARG A 57 -4.24 -22.24 3.55
C ARG A 57 -3.29 -21.15 4.04
N ASN A 58 -2.65 -21.39 5.20
CA ASN A 58 -1.78 -20.40 5.85
C ASN A 58 -0.35 -20.47 5.31
N ILE A 59 0.13 -19.35 4.75
CA ILE A 59 1.49 -19.28 4.19
C ILE A 59 2.36 -18.26 4.95
N THR A 60 3.60 -18.65 5.26
CA THR A 60 4.56 -17.75 5.94
C THR A 60 5.60 -17.21 4.93
N LEU A 61 5.75 -15.89 4.86
CA LEU A 61 6.65 -15.27 3.88
C LEU A 61 7.54 -14.19 4.53
N ARG A 62 8.81 -14.13 4.12
CA ARG A 62 9.76 -13.13 4.64
C ARG A 62 9.57 -11.75 3.95
N LYS A 63 9.79 -10.68 4.72
CA LYS A 63 9.59 -9.31 4.22
C LYS A 63 10.47 -9.04 2.99
N ARG A 64 11.75 -9.44 3.08
CA ARG A 64 12.70 -9.32 1.97
C ARG A 64 12.15 -9.93 0.68
N GLU A 65 11.57 -11.12 0.79
CA GLU A 65 11.03 -11.83 -0.38
C GLU A 65 9.64 -11.28 -0.75
N ALA A 66 8.98 -10.63 0.21
CA ALA A 66 7.69 -9.99 -0.03
C ALA A 66 7.83 -8.77 -0.95
N ASP A 67 9.07 -8.30 -1.11
CA ASP A 67 9.39 -7.28 -2.13
C ASP A 67 9.41 -7.88 -3.55
N LEU A 68 9.37 -9.21 -3.64
CA LEU A 68 9.42 -9.90 -4.93
C LEU A 68 8.02 -10.33 -5.42
N ILE A 69 7.08 -10.48 -4.48
CA ILE A 69 5.69 -10.82 -4.82
C ILE A 69 4.80 -9.56 -4.78
N GLU A 70 3.84 -9.47 -5.71
CA GLU A 70 2.93 -8.32 -5.75
C GLU A 70 1.47 -8.73 -5.50
N VAL A 71 0.80 -7.94 -4.66
CA VAL A 71 -0.63 -8.12 -4.38
C VAL A 71 -1.41 -6.84 -4.72
N GLU A 72 -2.73 -6.95 -4.86
CA GLU A 72 -3.57 -5.80 -5.21
C GLU A 72 -4.89 -5.83 -4.44
N VAL A 73 -5.19 -4.73 -3.75
CA VAL A 73 -6.35 -4.66 -2.85
C VAL A 73 -7.68 -4.81 -3.60
N VAL A 74 -8.51 -5.76 -3.15
CA VAL A 74 -9.83 -5.99 -3.74
C VAL A 74 -10.94 -5.30 -2.93
N GLY A 75 -10.57 -4.72 -1.79
CA GLY A 75 -11.53 -4.02 -0.93
C GLY A 75 -12.03 -2.69 -1.51
N GLY A 76 -12.81 -1.97 -0.72
CA GLY A 76 -13.36 -0.69 -1.17
C GLY A 76 -12.30 0.40 -1.37
N GLU A 77 -11.29 0.42 -0.50
CA GLU A 77 -10.20 1.40 -0.59
C GLU A 77 -8.92 0.88 0.07
N LEU A 78 -7.85 1.66 0.02
CA LEU A 78 -6.57 1.26 0.62
C LEU A 78 -5.92 2.43 1.38
N PRO A 79 -5.26 2.14 2.52
CA PRO A 79 -4.54 3.15 3.31
C PRO A 79 -3.44 3.89 2.51
N LEU A 80 -3.08 5.08 2.99
CA LEU A 80 -2.10 5.93 2.31
C LEU A 80 -0.72 5.24 2.24
N ILE A 81 -0.42 4.38 3.21
CA ILE A 81 0.82 3.61 3.20
C ILE A 81 0.87 2.63 2.01
N LEU A 82 -0.29 2.33 1.43
CA LEU A 82 -0.39 1.45 0.25
C LEU A 82 -0.46 2.26 -1.05
N ALA A 83 -0.41 3.59 -0.94
CA ALA A 83 -0.59 4.47 -2.10
C ALA A 83 0.51 4.30 -3.16
N ASP A 84 0.08 4.29 -4.41
CA ASP A 84 0.96 4.36 -5.57
C ASP A 84 1.42 5.81 -5.83
N ASP A 85 2.53 5.98 -6.55
CA ASP A 85 3.07 7.32 -6.82
C ASP A 85 2.20 8.08 -7.84
N GLY A 86 1.13 8.68 -7.34
CA GLY A 86 0.25 9.49 -8.17
C GLY A 86 -0.82 10.22 -7.36
N THR A 87 -1.80 10.81 -8.04
CA THR A 87 -2.87 11.56 -7.37
C THR A 87 -3.97 10.64 -6.81
N TYR A 88 -3.99 10.48 -5.49
CA TYR A 88 -5.09 9.82 -4.78
C TYR A 88 -6.04 10.87 -4.16
N GLU A 89 -7.05 10.40 -3.45
CA GLU A 89 -7.93 11.28 -2.68
C GLU A 89 -8.26 10.68 -1.30
N ILE A 90 -8.16 11.50 -0.25
CA ILE A 90 -8.45 11.05 1.11
C ILE A 90 -9.96 10.87 1.34
N THR A 91 -10.37 9.64 1.66
CA THR A 91 -11.80 9.31 1.79
C THR A 91 -12.24 9.01 3.24
N LYS A 92 -11.39 8.34 4.02
CA LYS A 92 -11.73 8.04 5.43
C LYS A 92 -10.47 7.97 6.33
N LEU A 93 -10.67 8.26 7.62
CA LEU A 93 -9.54 8.36 8.57
C LEU A 93 -9.67 7.35 9.73
N ASN A 94 -8.53 6.95 10.29
CA ASN A 94 -8.49 6.15 11.52
C ASN A 94 -7.72 6.90 12.62
N GLY A 95 -8.43 7.45 13.59
CA GLY A 95 -7.79 8.18 14.67
C GLY A 95 -8.76 9.00 15.52
N GLY A 96 -8.22 9.72 16.50
CA GLY A 96 -9.06 10.49 17.41
C GLY A 96 -9.25 11.95 16.99
N ARG A 97 -9.78 12.76 17.91
CA ARG A 97 -10.09 14.17 17.64
C ARG A 97 -8.82 14.98 17.27
N ARG A 98 -7.71 14.71 17.94
CA ARG A 98 -6.46 15.43 17.69
C ARG A 98 -5.83 14.98 16.36
N PHE A 99 -6.08 13.72 15.98
CA PHE A 99 -5.62 13.21 14.69
C PHE A 99 -6.19 14.03 13.53
N LEU A 100 -7.50 14.30 13.60
CA LEU A 100 -8.18 15.14 12.62
C LEU A 100 -7.57 16.56 12.58
N PHE A 101 -7.22 17.08 13.76
CA PHE A 101 -6.51 18.36 13.87
C PHE A 101 -5.16 18.30 13.12
N ARG A 102 -4.38 17.25 13.40
CA ARG A 102 -3.10 17.03 12.70
C ARG A 102 -3.29 17.03 11.18
N MET A 103 -4.33 16.32 10.72
CA MET A 103 -4.65 16.25 9.29
C MET A 103 -4.95 17.64 8.69
N LYS A 104 -5.71 18.45 9.43
CA LYS A 104 -6.05 19.82 9.00
C LYS A 104 -4.79 20.68 8.73
N ASN A 105 -3.79 20.56 9.61
CA ASN A 105 -2.56 21.35 9.48
C ASN A 105 -1.85 21.10 8.14
N LEU A 106 -1.64 19.83 7.79
CA LEU A 106 -0.96 19.48 6.53
C LEU A 106 -1.90 19.66 5.32
N GLY A 107 -3.19 19.41 5.52
CA GLY A 107 -4.17 19.62 4.44
C GLY A 107 -4.81 18.33 3.92
N ILE A 108 -5.04 17.35 4.80
CA ILE A 108 -5.74 16.12 4.42
C ILE A 108 -6.98 15.90 5.29
N GLU A 109 -8.06 16.60 4.97
CA GLU A 109 -9.31 16.48 5.72
C GLU A 109 -10.27 15.47 5.07
N SER A 110 -10.91 15.90 3.97
CA SER A 110 -11.86 15.05 3.24
C SER A 110 -11.99 15.53 1.79
N GLY A 111 -11.81 14.61 0.84
CA GLY A 111 -11.89 14.97 -0.57
C GLY A 111 -10.62 15.62 -1.12
N LYS A 112 -9.61 15.79 -0.26
CA LYS A 112 -8.32 16.35 -0.67
C LYS A 112 -7.54 15.36 -1.55
N LYS A 113 -6.97 15.85 -2.64
CA LYS A 113 -6.15 15.02 -3.53
C LYS A 113 -4.70 14.97 -3.02
N ILE A 114 -4.21 13.75 -2.75
CA ILE A 114 -2.84 13.58 -2.28
C ILE A 114 -1.91 13.08 -3.41
N GLN A 115 -0.97 13.93 -3.81
CA GLN A 115 0.00 13.59 -4.86
C GLN A 115 1.21 12.84 -4.28
N VAL A 116 1.33 11.56 -4.58
CA VAL A 116 2.51 10.79 -4.20
C VAL A 116 3.60 10.93 -5.29
N SER A 117 4.80 11.30 -4.89
CA SER A 117 5.91 11.50 -5.85
C SER A 117 7.26 11.14 -5.22
N GLY A 118 7.82 10.02 -5.64
CA GLY A 118 9.08 9.56 -5.06
C GLY A 118 8.88 9.06 -3.63
N ARG A 119 7.79 8.33 -3.42
CA ARG A 119 7.40 7.80 -2.09
C ARG A 119 6.88 8.92 -1.16
N ARG A 120 7.46 10.12 -1.25
CA ARG A 120 7.02 11.26 -0.42
C ARG A 120 5.65 11.79 -0.88
N TYR A 121 4.93 12.45 0.02
CA TYR A 121 3.54 12.83 -0.22
C TYR A 121 3.36 14.37 -0.25
N TYR A 122 2.53 14.85 -1.16
CA TYR A 122 2.27 16.31 -1.32
C TYR A 122 0.78 16.62 -1.53
N ILE A 123 0.28 17.67 -0.88
CA ILE A 123 -1.13 18.10 -1.06
C ILE A 123 -1.21 19.41 -1.85
N GLU A 124 -1.63 19.30 -3.12
CA GLU A 124 -1.82 20.46 -4.04
C GLU A 124 -0.65 21.46 -3.99
N GLY A 125 0.53 21.01 -3.57
CA GLY A 125 1.71 21.88 -3.54
C GLY A 125 2.30 22.07 -2.14
N ARG A 126 1.54 21.74 -1.11
CA ARG A 126 2.01 21.90 0.28
C ARG A 126 2.88 20.73 0.73
N GLU A 127 3.85 21.03 1.59
CA GLU A 127 4.74 20.03 2.19
C GLU A 127 3.98 19.16 3.22
N ILE A 128 4.05 17.84 3.05
CA ILE A 128 3.34 16.92 3.95
C ILE A 128 4.32 16.08 4.79
N ASP A 129 4.10 16.05 6.11
CA ASP A 129 5.04 15.42 7.05
C ASP A 129 4.84 13.89 7.15
N LEU A 130 3.84 13.35 6.44
CA LEU A 130 3.55 11.91 6.46
C LEU A 130 4.76 11.07 6.03
N GLY A 131 4.95 9.93 6.70
CA GLY A 131 6.05 9.03 6.37
C GLY A 131 5.63 7.56 6.30
N TYR A 132 5.35 6.97 7.46
CA TYR A 132 4.97 5.54 7.54
C TYR A 132 3.86 5.31 8.59
N GLY A 133 4.19 5.54 9.86
CA GLY A 133 3.24 5.31 10.96
C GLY A 133 1.91 6.05 10.79
N GLU A 134 1.97 7.31 10.38
CA GLU A 134 0.77 8.10 10.11
C GLU A 134 0.10 7.65 8.80
N ALA A 135 0.92 7.23 7.84
CA ALA A 135 0.44 6.87 6.50
C ALA A 135 -0.57 5.71 6.50
N THR A 136 -0.44 4.80 7.47
CA THR A 136 -1.38 3.65 7.58
C THR A 136 -2.71 4.05 8.24
N LYS A 137 -2.78 5.28 8.77
CA LYS A 137 -3.98 5.77 9.45
C LYS A 137 -4.94 6.49 8.48
N ILE A 138 -4.38 7.13 7.46
CA ILE A 138 -5.18 7.75 6.39
C ILE A 138 -5.55 6.71 5.33
N TRP A 139 -6.80 6.74 4.83
CA TRP A 139 -7.24 5.83 3.77
C TRP A 139 -7.69 6.60 2.52
N VAL A 140 -7.18 6.19 1.36
CA VAL A 140 -7.36 6.94 0.11
C VAL A 140 -7.87 6.06 -1.04
N ARG A 141 -8.31 6.72 -2.12
CA ARG A 141 -8.70 6.03 -3.37
C ARG A 141 -8.07 6.70 -4.60
N ARG A 142 -7.85 5.91 -5.66
CA ARG A 142 -7.15 6.37 -6.87
C ARG A 142 -8.07 7.21 -7.77
N VAL A 143 -7.82 8.51 -7.85
CA VAL A 143 -8.62 9.41 -8.71
C VAL A 143 -7.90 9.69 -10.05
N SER A 144 -6.62 10.05 -9.99
CA SER A 144 -5.78 10.21 -11.19
C SER A 144 -6.32 11.27 -12.18
N ASP A 145 -6.98 12.30 -11.68
CA ASP A 145 -7.52 13.39 -12.52
C ASP A 145 -6.45 14.09 -13.36
N ALA A 146 -5.19 14.03 -12.93
CA ALA A 146 -4.09 14.72 -13.60
C ALA A 146 -3.67 14.08 -14.94
N GLY A 147 -4.60 13.36 -15.59
CA GLY A 147 -4.29 12.72 -16.88
C GLY A 147 -3.18 11.68 -16.77
N GLU A 148 -2.97 11.17 -15.57
CA GLU A 148 -1.91 10.20 -15.30
C GLU A 148 -2.43 8.76 -15.39
N GLU A 149 -1.51 7.84 -15.66
CA GLU A 149 -1.85 6.42 -15.88
C GLU A 149 -0.95 5.49 -15.04
N SER A 150 -0.42 6.02 -13.94
CA SER A 150 0.47 5.25 -13.04
C SER A 150 -0.26 4.07 -12.38
N HIS A 151 0.42 2.93 -12.30
CA HIS A 151 -0.14 1.72 -11.68
C HIS A 151 0.67 1.29 -10.46
N PRO A 152 0.02 0.70 -9.42
CA PRO A 152 0.66 0.39 -8.12
C PRO A 152 1.94 -0.45 -8.23
N GLN A 153 3.08 0.22 -8.40
CA GLN A 153 4.38 -0.45 -8.48
C GLN A 153 5.10 -0.46 -7.12
N LYS A 154 6.41 -0.72 -7.13
CA LYS A 154 7.23 -0.71 -5.92
C LYS A 154 7.79 0.71 -5.64
N LEU A 155 8.43 0.89 -4.48
CA LEU A 155 8.89 2.23 -4.06
C LEU A 155 9.93 2.82 -5.02
N GLU A 156 9.91 4.16 -5.15
CA GLU A 156 10.79 4.90 -6.07
C GLU A 156 10.38 4.71 -7.55
N HIS A 157 10.06 3.48 -7.94
CA HIS A 157 9.57 3.16 -9.29
C HIS A 157 10.67 3.34 -10.35
N HIS A 158 10.99 4.59 -10.66
CA HIS A 158 11.96 4.92 -11.71
C HIS A 158 12.35 6.41 -11.61
N HIS A 159 13.63 6.69 -11.35
CA HIS A 159 14.05 8.07 -11.03
C HIS A 159 13.84 9.05 -12.20
N HIS A 160 12.62 9.57 -12.30
CA HIS A 160 12.25 10.64 -13.25
C HIS A 160 12.39 10.22 -14.73
N HIS A 161 11.31 10.42 -15.50
CA HIS A 161 11.31 10.16 -16.95
C HIS A 161 11.99 11.31 -17.71
N HIS A 162 12.69 10.99 -18.79
CA HIS A 162 13.33 12.01 -19.64
C HIS A 162 13.29 11.62 -21.14
N MET A 1 1.98 -2.86 -6.40
CA MET A 1 2.38 -2.92 -4.98
C MET A 1 2.69 -4.36 -4.55
N LYS A 2 3.67 -4.52 -3.66
CA LYS A 2 4.02 -5.85 -3.12
C LYS A 2 3.41 -6.04 -1.72
N LEU A 3 3.20 -7.30 -1.34
CA LEU A 3 2.58 -7.62 -0.04
C LEU A 3 3.56 -7.43 1.14
N SER A 4 4.82 -7.11 0.81
CA SER A 4 5.86 -6.88 1.83
C SER A 4 5.53 -5.70 2.75
N ARG A 5 4.51 -4.94 2.38
CA ARG A 5 4.09 -3.76 3.14
C ARG A 5 2.56 -3.72 3.31
N LEU A 6 1.90 -4.84 2.97
CA LEU A 6 0.43 -4.91 2.96
C LEU A 6 -0.14 -4.89 4.38
N VAL A 7 -1.22 -4.12 4.57
CA VAL A 7 -1.83 -3.94 5.89
C VAL A 7 -2.71 -5.14 6.30
N PRO A 8 -2.49 -5.69 7.52
CA PRO A 8 -3.30 -6.81 8.04
C PRO A 8 -4.82 -6.55 8.01
N GLY A 9 -5.55 -7.42 7.32
CA GLY A 9 -7.01 -7.27 7.20
C GLY A 9 -7.46 -6.78 5.82
N VAL A 10 -6.53 -6.23 5.04
CA VAL A 10 -6.84 -5.73 3.69
C VAL A 10 -6.88 -6.86 2.65
N PRO A 11 -8.04 -7.08 1.99
CA PRO A 11 -8.19 -8.13 0.98
C PRO A 11 -7.48 -7.79 -0.35
N ALA A 12 -6.48 -8.59 -0.71
CA ALA A 12 -5.76 -8.42 -1.98
C ALA A 12 -5.92 -9.65 -2.89
N ARG A 13 -5.32 -9.59 -4.07
CA ARG A 13 -5.35 -10.73 -5.01
C ARG A 13 -4.00 -10.84 -5.76
N ILE A 14 -3.53 -12.07 -5.97
CA ILE A 14 -2.21 -12.30 -6.60
C ILE A 14 -2.20 -11.87 -8.08
N LYS A 15 -1.46 -10.81 -8.39
CA LYS A 15 -1.31 -10.33 -9.78
C LYS A 15 -0.31 -11.20 -10.56
N ARG A 16 0.96 -11.11 -10.17
CA ARG A 16 2.05 -11.81 -10.86
C ARG A 16 3.28 -11.98 -9.95
N LEU A 17 4.02 -13.06 -10.15
CA LEU A 17 5.28 -13.29 -9.45
C LEU A 17 6.46 -12.98 -10.38
N GLU A 18 7.35 -12.10 -9.95
CA GLU A 18 8.48 -11.66 -10.81
C GLU A 18 9.83 -12.23 -10.36
N VAL A 19 9.79 -13.28 -9.55
CA VAL A 19 11.01 -13.94 -9.06
C VAL A 19 11.42 -15.13 -9.96
N SER A 20 12.71 -15.48 -9.94
CA SER A 20 13.22 -16.61 -10.75
C SER A 20 12.67 -17.96 -10.26
N GLY A 21 12.95 -19.01 -11.04
CA GLY A 21 12.40 -20.35 -10.75
C GLY A 21 12.69 -20.87 -9.34
N GLU A 22 13.87 -20.53 -8.80
CA GLU A 22 14.28 -20.99 -7.46
C GLU A 22 13.17 -20.77 -6.41
N LEU A 23 12.84 -19.51 -6.16
CA LEU A 23 11.78 -19.15 -5.21
C LEU A 23 10.39 -19.38 -5.81
N HIS A 24 10.27 -19.21 -7.14
CA HIS A 24 8.98 -19.31 -7.82
C HIS A 24 8.32 -20.69 -7.60
N GLU A 25 9.11 -21.78 -7.65
CA GLU A 25 8.56 -23.13 -7.44
C GLU A 25 8.06 -23.31 -6.00
N LYS A 26 8.74 -22.66 -5.06
CA LYS A 26 8.32 -22.67 -3.65
C LYS A 26 6.97 -21.94 -3.48
N LEU A 27 6.90 -20.71 -3.97
CA LEU A 27 5.72 -19.86 -3.83
C LEU A 27 4.46 -20.52 -4.42
N VAL A 28 4.56 -21.01 -5.65
CA VAL A 28 3.43 -21.68 -6.31
C VAL A 28 3.02 -22.97 -5.54
N GLY A 29 3.98 -23.61 -4.89
CA GLY A 29 3.67 -24.77 -4.05
C GLY A 29 3.02 -24.37 -2.72
N MET A 30 3.38 -23.19 -2.21
CA MET A 30 2.81 -22.68 -0.97
C MET A 30 1.39 -22.09 -1.18
N GLY A 31 1.11 -21.62 -2.40
CA GLY A 31 -0.22 -21.11 -2.71
C GLY A 31 -0.22 -19.86 -3.58
N PHE A 32 0.94 -19.23 -3.76
CA PHE A 32 1.06 -18.00 -4.55
C PHE A 32 0.87 -18.25 -6.05
N VAL A 33 -0.38 -18.25 -6.50
CA VAL A 33 -0.70 -18.36 -7.93
C VAL A 33 -1.62 -17.20 -8.38
N PRO A 34 -1.33 -16.58 -9.55
CA PRO A 34 -2.12 -15.44 -10.07
C PRO A 34 -3.63 -15.73 -10.17
N GLY A 35 -4.42 -15.11 -9.30
CA GLY A 35 -5.86 -15.31 -9.29
C GLY A 35 -6.45 -15.53 -7.89
N GLU A 36 -5.64 -16.06 -6.99
CA GLU A 36 -6.10 -16.32 -5.61
C GLU A 36 -6.12 -15.05 -4.75
N GLU A 37 -7.17 -14.91 -3.94
CA GLU A 37 -7.26 -13.85 -2.94
C GLU A 37 -6.21 -14.06 -1.82
N ILE A 38 -5.65 -12.96 -1.35
CA ILE A 38 -4.64 -12.99 -0.28
C ILE A 38 -4.78 -11.79 0.66
N GLU A 39 -4.87 -12.07 1.96
CA GLU A 39 -4.91 -11.00 2.98
C GLU A 39 -3.94 -11.30 4.13
N ILE A 40 -3.34 -10.26 4.68
CA ILE A 40 -2.38 -10.42 5.79
C ILE A 40 -3.10 -10.55 7.15
N VAL A 41 -2.77 -11.62 7.88
CA VAL A 41 -3.33 -11.84 9.22
C VAL A 41 -2.64 -10.90 10.24
N GLN A 42 -1.31 -10.94 10.29
CA GLN A 42 -0.53 -10.14 11.24
C GLN A 42 0.95 -10.02 10.82
N VAL A 43 1.65 -9.06 11.42
CA VAL A 43 3.07 -8.82 11.12
C VAL A 43 3.95 -8.98 12.37
N ALA A 44 5.15 -9.51 12.19
CA ALA A 44 6.11 -9.65 13.29
C ALA A 44 6.65 -8.27 13.75
N PRO A 45 7.07 -8.16 15.03
CA PRO A 45 7.56 -6.88 15.61
C PRO A 45 8.76 -6.27 14.84
N LEU A 46 9.51 -7.11 14.13
CA LEU A 46 10.67 -6.64 13.35
C LEU A 46 10.25 -6.10 11.98
N GLY A 47 8.95 -6.13 11.69
CA GLY A 47 8.44 -5.72 10.38
C GLY A 47 8.25 -6.92 9.44
N ASP A 48 8.86 -8.04 9.79
CA ASP A 48 8.72 -9.29 9.07
C ASP A 48 9.21 -10.46 9.95
N PRO A 49 8.77 -11.72 9.68
CA PRO A 49 7.92 -12.09 8.52
C PRO A 49 6.47 -11.60 8.63
N ILE A 50 5.72 -11.78 7.55
CA ILE A 50 4.29 -11.44 7.51
C ILE A 50 3.45 -12.67 7.21
N VAL A 51 2.40 -12.89 8.01
CA VAL A 51 1.52 -14.05 7.84
C VAL A 51 0.29 -13.68 7.00
N CYS A 52 0.09 -14.40 5.90
CA CYS A 52 -1.03 -14.13 4.98
C CYS A 52 -2.04 -15.28 4.94
N LYS A 53 -3.13 -15.08 4.20
CA LYS A 53 -4.18 -16.10 4.05
C LYS A 53 -4.39 -16.48 2.57
N ILE A 54 -3.97 -17.68 2.20
CA ILE A 54 -4.15 -18.18 0.83
C ILE A 54 -4.72 -19.62 0.87
N GLY A 55 -5.67 -19.92 -0.02
CA GLY A 55 -6.25 -21.26 -0.08
C GLY A 55 -6.84 -21.73 1.26
N ASN A 56 -7.51 -20.81 1.97
CA ASN A 56 -8.12 -21.10 3.28
C ASN A 56 -7.07 -21.49 4.36
N ARG A 57 -5.79 -21.28 4.07
CA ARG A 57 -4.73 -21.59 5.05
C ARG A 57 -3.81 -20.37 5.26
N ASN A 58 -3.12 -20.35 6.41
CA ASN A 58 -2.21 -19.26 6.73
C ASN A 58 -0.79 -19.55 6.20
N ILE A 59 -0.21 -18.58 5.50
CA ILE A 59 1.12 -18.71 4.92
C ILE A 59 2.10 -17.67 5.49
N THR A 60 3.08 -18.12 6.27
CA THR A 60 4.11 -17.22 6.82
C THR A 60 5.22 -16.96 5.78
N LEU A 61 5.28 -15.73 5.29
CA LEU A 61 6.18 -15.38 4.17
C LEU A 61 7.19 -14.29 4.62
N ARG A 62 8.42 -14.35 4.09
CA ARG A 62 9.47 -13.40 4.48
C ARG A 62 9.45 -12.15 3.58
N LYS A 63 9.81 -11.00 4.14
CA LYS A 63 9.72 -9.73 3.41
C LYS A 63 10.60 -9.72 2.15
N ARG A 64 11.85 -10.18 2.29
CA ARG A 64 12.78 -10.26 1.14
C ARG A 64 12.17 -11.06 -0.03
N GLU A 65 11.32 -12.03 0.29
CA GLU A 65 10.60 -12.79 -0.73
C GLU A 65 9.37 -12.01 -1.21
N ALA A 66 8.67 -11.40 -0.26
CA ALA A 66 7.42 -10.67 -0.53
C ALA A 66 7.60 -9.53 -1.54
N ASP A 67 8.78 -8.91 -1.56
CA ASP A 67 9.08 -7.83 -2.51
C ASP A 67 9.02 -8.32 -3.97
N LEU A 68 8.89 -9.63 -4.17
CA LEU A 68 8.87 -10.22 -5.51
C LEU A 68 7.46 -10.71 -5.91
N ILE A 69 6.46 -10.49 -5.05
CA ILE A 69 5.07 -10.86 -5.37
C ILE A 69 4.17 -9.61 -5.54
N GLU A 70 3.66 -9.43 -6.76
CA GLU A 70 2.80 -8.29 -7.10
C GLU A 70 1.33 -8.58 -6.71
N VAL A 71 0.70 -7.67 -5.96
CA VAL A 71 -0.66 -7.90 -5.45
C VAL A 71 -1.65 -6.80 -5.84
N GLU A 72 -2.93 -7.16 -5.87
CA GLU A 72 -4.03 -6.26 -6.27
C GLU A 72 -4.96 -5.98 -5.08
N VAL A 73 -5.14 -4.72 -4.70
CA VAL A 73 -6.04 -4.38 -3.59
C VAL A 73 -7.52 -4.54 -4.01
N VAL A 74 -8.15 -5.63 -3.55
CA VAL A 74 -9.54 -5.92 -3.89
C VAL A 74 -10.50 -4.86 -3.32
N GLY A 75 -10.16 -4.36 -2.13
CA GLY A 75 -10.98 -3.31 -1.50
C GLY A 75 -11.00 -2.00 -2.28
N GLY A 76 -10.07 -1.84 -3.23
CA GLY A 76 -9.99 -0.61 -4.02
C GLY A 76 -9.28 0.51 -3.28
N GLU A 77 -9.72 0.79 -2.06
CA GLU A 77 -9.08 1.78 -1.20
C GLU A 77 -7.81 1.21 -0.53
N LEU A 78 -6.75 2.01 -0.49
CA LEU A 78 -5.50 1.60 0.15
C LEU A 78 -4.83 2.79 0.86
N PRO A 79 -4.29 2.58 2.06
CA PRO A 79 -3.56 3.63 2.79
C PRO A 79 -2.29 4.08 2.07
N LEU A 80 -1.80 5.28 2.41
CA LEU A 80 -0.62 5.86 1.74
C LEU A 80 0.65 5.00 1.92
N ILE A 81 0.67 4.14 2.94
CA ILE A 81 1.76 3.18 3.11
C ILE A 81 1.84 2.19 1.93
N LEU A 82 0.69 2.00 1.26
CA LEU A 82 0.60 1.12 0.09
C LEU A 82 0.61 1.94 -1.22
N ALA A 83 0.69 3.27 -1.10
CA ALA A 83 0.63 4.16 -2.26
C ALA A 83 1.80 3.97 -3.22
N ASP A 84 1.50 3.44 -4.41
CA ASP A 84 2.47 3.29 -5.50
C ASP A 84 3.14 4.65 -5.83
N ASP A 85 2.46 5.49 -6.62
CA ASP A 85 2.86 6.91 -6.81
C ASP A 85 1.85 7.65 -7.70
N GLY A 86 2.17 8.89 -8.03
CA GLY A 86 1.29 9.70 -8.87
C GLY A 86 0.28 10.51 -8.07
N THR A 87 -1.02 10.30 -8.36
CA THR A 87 -2.10 11.06 -7.71
C THR A 87 -3.13 10.14 -7.06
N TYR A 88 -3.45 10.41 -5.79
CA TYR A 88 -4.49 9.67 -5.08
C TYR A 88 -5.53 10.62 -4.47
N GLU A 89 -6.64 10.06 -3.99
CA GLU A 89 -7.69 10.85 -3.33
C GLU A 89 -8.08 10.21 -1.99
N ILE A 90 -8.02 11.00 -0.92
CA ILE A 90 -8.29 10.48 0.43
C ILE A 90 -9.79 10.21 0.66
N THR A 91 -10.09 9.09 1.30
CA THR A 91 -11.49 8.68 1.56
C THR A 91 -11.85 8.74 3.05
N LYS A 92 -10.89 8.46 3.94
CA LYS A 92 -11.17 8.43 5.38
C LYS A 92 -9.89 8.45 6.25
N LEU A 93 -10.05 8.91 7.49
CA LEU A 93 -8.95 8.93 8.48
C LEU A 93 -9.21 7.91 9.60
N ASN A 94 -8.18 7.17 10.00
CA ASN A 94 -8.28 6.21 11.11
C ASN A 94 -7.48 6.67 12.33
N GLY A 95 -8.17 7.13 13.38
CA GLY A 95 -7.50 7.56 14.59
C GLY A 95 -8.41 8.30 15.58
N GLY A 96 -7.82 8.84 16.64
CA GLY A 96 -8.58 9.57 17.64
C GLY A 96 -9.02 10.96 17.17
N ARG A 97 -9.94 11.58 17.92
CA ARG A 97 -10.50 12.89 17.54
C ARG A 97 -9.41 13.95 17.36
N ARG A 98 -8.49 14.06 18.32
CA ARG A 98 -7.40 15.02 18.25
C ARG A 98 -6.46 14.70 17.07
N PHE A 99 -6.24 13.41 16.82
CA PHE A 99 -5.48 12.96 15.65
C PHE A 99 -6.12 13.47 14.34
N LEU A 100 -7.45 13.40 14.28
CA LEU A 100 -8.19 13.95 13.13
C LEU A 100 -7.98 15.46 13.02
N PHE A 101 -8.02 16.14 14.16
CA PHE A 101 -7.77 17.59 14.23
C PHE A 101 -6.34 17.93 13.76
N ARG A 102 -5.41 16.99 13.93
CA ARG A 102 -4.06 17.14 13.39
C ARG A 102 -4.11 17.21 11.85
N MET A 103 -4.70 16.18 11.24
CA MET A 103 -4.79 16.10 9.77
C MET A 103 -5.58 17.27 9.18
N LYS A 104 -6.51 17.83 9.95
CA LYS A 104 -7.18 19.09 9.57
C LYS A 104 -6.15 20.18 9.18
N ASN A 105 -5.08 20.24 9.95
CA ASN A 105 -4.01 21.23 9.72
C ASN A 105 -3.05 20.79 8.60
N LEU A 106 -2.97 19.48 8.34
CA LEU A 106 -2.15 18.97 7.23
C LEU A 106 -2.88 19.12 5.89
N GLY A 107 -4.20 19.01 5.89
CA GLY A 107 -4.98 19.22 4.67
C GLY A 107 -5.82 18.00 4.26
N ILE A 108 -5.29 16.79 4.46
CA ILE A 108 -6.01 15.57 4.06
C ILE A 108 -7.27 15.32 4.92
N GLU A 109 -8.44 15.54 4.31
CA GLU A 109 -9.73 15.25 4.96
C GLU A 109 -10.54 14.22 4.15
N SER A 110 -11.21 14.68 3.10
CA SER A 110 -12.01 13.81 2.23
C SER A 110 -12.18 14.44 0.84
N GLY A 111 -11.84 13.69 -0.21
CA GLY A 111 -11.92 14.23 -1.57
C GLY A 111 -10.68 15.06 -1.95
N LYS A 112 -9.68 15.05 -1.08
CA LYS A 112 -8.42 15.76 -1.33
C LYS A 112 -7.49 14.93 -2.24
N LYS A 113 -6.89 15.58 -3.24
CA LYS A 113 -5.94 14.92 -4.14
C LYS A 113 -4.50 15.06 -3.60
N ILE A 114 -3.88 13.92 -3.32
CA ILE A 114 -2.53 13.90 -2.75
C ILE A 114 -1.48 13.59 -3.84
N GLN A 115 -0.46 14.46 -3.91
CA GLN A 115 0.62 14.31 -4.88
C GLN A 115 1.84 13.61 -4.27
N VAL A 116 2.28 12.53 -4.92
CA VAL A 116 3.51 11.83 -4.50
C VAL A 116 4.73 12.36 -5.26
N SER A 117 5.55 13.16 -4.59
CA SER A 117 6.72 13.81 -5.21
C SER A 117 7.80 14.11 -4.18
N GLY A 118 9.06 14.16 -4.63
CA GLY A 118 10.18 14.38 -3.71
C GLY A 118 10.27 13.33 -2.61
N ARG A 119 9.80 12.11 -2.92
CA ARG A 119 9.77 11.01 -1.95
C ARG A 119 8.82 11.29 -0.77
N ARG A 120 8.04 12.37 -0.87
CA ARG A 120 7.12 12.79 0.20
C ARG A 120 5.70 13.05 -0.32
N TYR A 121 4.83 13.58 0.54
CA TYR A 121 3.42 13.81 0.21
C TYR A 121 3.07 15.30 0.18
N TYR A 122 2.38 15.75 -0.89
CA TYR A 122 1.97 17.17 -1.03
C TYR A 122 0.45 17.34 -1.16
N ILE A 123 -0.13 18.20 -0.31
CA ILE A 123 -1.55 18.60 -0.42
C ILE A 123 -1.67 20.12 -0.64
N GLU A 124 -1.90 20.52 -1.90
CA GLU A 124 -2.12 21.95 -2.23
C GLU A 124 -0.93 22.83 -1.83
N GLY A 125 0.26 22.24 -1.74
CA GLY A 125 1.44 22.98 -1.31
C GLY A 125 1.79 22.75 0.16
N ARG A 126 0.93 22.01 0.86
CA ARG A 126 1.13 21.69 2.27
C ARG A 126 1.90 20.35 2.40
N GLU A 127 3.08 20.38 3.00
CA GLU A 127 3.92 19.18 3.14
C GLU A 127 3.34 18.26 4.23
N ILE A 128 2.98 17.04 3.85
CA ILE A 128 2.27 16.12 4.74
C ILE A 128 3.22 15.20 5.51
N ASP A 129 3.44 15.50 6.79
CA ASP A 129 4.28 14.67 7.64
C ASP A 129 3.55 13.40 8.09
N LEU A 130 3.93 12.25 7.51
CA LEU A 130 3.33 10.96 7.87
C LEU A 130 4.38 9.93 8.31
N GLY A 131 4.29 9.48 9.56
CA GLY A 131 5.12 8.37 10.00
C GLY A 131 4.59 7.03 9.47
N TYR A 132 5.26 5.93 9.81
CA TYR A 132 4.83 4.59 9.34
C TYR A 132 3.36 4.32 9.74
N GLY A 133 3.04 4.60 11.00
CA GLY A 133 1.67 4.42 11.48
C GLY A 133 0.68 5.31 10.75
N GLU A 134 0.98 6.61 10.67
CA GLU A 134 0.09 7.55 9.97
C GLU A 134 -0.14 7.13 8.51
N ALA A 135 0.91 6.64 7.86
CA ALA A 135 0.81 6.18 6.47
C ALA A 135 -0.22 5.05 6.30
N THR A 136 -0.37 4.21 7.31
CA THR A 136 -1.39 3.13 7.27
C THR A 136 -2.74 3.58 7.89
N LYS A 137 -2.77 4.78 8.47
CA LYS A 137 -4.00 5.33 9.08
C LYS A 137 -4.80 6.18 8.06
N ILE A 138 -4.09 6.85 7.16
CA ILE A 138 -4.74 7.65 6.10
C ILE A 138 -4.99 6.79 4.84
N TRP A 139 -6.27 6.62 4.48
CA TRP A 139 -6.65 5.76 3.35
C TRP A 139 -7.03 6.59 2.10
N VAL A 140 -6.47 6.20 0.95
CA VAL A 140 -6.69 6.91 -0.31
C VAL A 140 -7.07 5.97 -1.46
N ARG A 141 -7.39 6.55 -2.62
CA ARG A 141 -7.70 5.76 -3.84
C ARG A 141 -6.97 6.34 -5.06
N ARG A 142 -6.55 5.48 -5.99
CA ARG A 142 -5.88 5.91 -7.22
C ARG A 142 -6.84 6.66 -8.16
N VAL A 143 -6.65 7.98 -8.29
CA VAL A 143 -7.46 8.81 -9.20
C VAL A 143 -6.65 9.26 -10.43
N SER A 144 -5.31 9.37 -10.25
CA SER A 144 -4.37 9.71 -11.34
C SER A 144 -4.46 11.19 -11.76
N ASP A 145 -5.63 11.65 -12.16
CA ASP A 145 -5.81 13.03 -12.64
C ASP A 145 -5.62 14.08 -11.53
N ALA A 146 -4.75 15.05 -11.81
CA ALA A 146 -4.51 16.20 -10.93
C ALA A 146 -3.63 17.24 -11.62
N GLY A 147 -3.65 17.24 -12.95
CA GLY A 147 -2.74 18.07 -13.73
C GLY A 147 -1.46 17.34 -14.11
N GLU A 148 -1.61 16.09 -14.56
CA GLU A 148 -0.46 15.22 -14.88
C GLU A 148 0.47 15.86 -15.94
N GLU A 149 1.75 16.00 -15.59
CA GLU A 149 2.76 16.57 -16.50
C GLU A 149 3.30 15.50 -17.46
N SER A 150 4.40 15.80 -18.16
CA SER A 150 4.97 14.85 -19.12
C SER A 150 5.78 13.75 -18.39
N HIS A 151 5.06 12.90 -17.65
CA HIS A 151 5.65 11.71 -17.01
C HIS A 151 6.64 12.07 -15.88
N PRO A 152 6.75 11.22 -14.84
CA PRO A 152 7.66 11.47 -13.70
C PRO A 152 9.13 11.13 -14.01
N GLN A 153 9.93 10.97 -12.95
CA GLN A 153 11.37 10.69 -13.10
C GLN A 153 11.70 9.19 -12.93
N LYS A 154 10.70 8.33 -13.08
CA LYS A 154 10.91 6.87 -13.04
C LYS A 154 10.82 6.25 -14.45
N LEU A 155 11.75 5.35 -14.77
CA LEU A 155 11.73 4.65 -16.06
C LEU A 155 10.66 3.56 -16.09
N GLU A 156 10.16 3.24 -17.28
CA GLU A 156 9.13 2.19 -17.48
C GLU A 156 7.80 2.54 -16.79
N HIS A 157 7.79 2.53 -15.46
CA HIS A 157 6.60 2.87 -14.68
C HIS A 157 6.33 4.39 -14.71
N HIS A 158 5.41 4.83 -15.56
CA HIS A 158 5.07 6.26 -15.67
C HIS A 158 3.61 6.51 -15.27
N HIS A 159 3.17 7.76 -15.37
CA HIS A 159 1.74 8.09 -15.31
C HIS A 159 1.36 8.93 -16.55
N HIS A 160 0.08 9.27 -16.68
CA HIS A 160 -0.41 9.94 -17.90
C HIS A 160 0.13 11.37 -18.01
N HIS A 161 -0.22 12.06 -19.09
CA HIS A 161 0.15 13.47 -19.27
C HIS A 161 -1.07 14.30 -19.71
N HIS A 162 -0.97 15.61 -19.53
CA HIS A 162 -2.02 16.54 -19.98
C HIS A 162 -2.22 16.49 -21.52
N MET A 1 0.60 -2.95 -6.63
CA MET A 1 0.94 -2.99 -5.17
C MET A 1 1.87 -4.15 -4.82
N LYS A 2 3.05 -3.87 -4.31
CA LYS A 2 3.97 -4.92 -3.84
C LYS A 2 3.56 -5.37 -2.43
N LEU A 3 3.14 -6.63 -2.26
CA LEU A 3 2.47 -7.08 -1.01
C LEU A 3 3.33 -6.87 0.25
N SER A 4 4.64 -6.64 0.08
CA SER A 4 5.53 -6.40 1.23
C SER A 4 5.21 -5.07 1.96
N ARG A 5 4.24 -4.31 1.42
CA ARG A 5 3.77 -3.08 2.08
C ARG A 5 2.34 -3.24 2.61
N LEU A 6 1.71 -4.39 2.33
CA LEU A 6 0.27 -4.58 2.58
C LEU A 6 -0.07 -4.56 4.09
N VAL A 7 -1.07 -3.75 4.45
CA VAL A 7 -1.47 -3.54 5.84
C VAL A 7 -2.15 -4.78 6.44
N PRO A 8 -1.73 -5.21 7.65
CA PRO A 8 -2.38 -6.33 8.37
C PRO A 8 -3.88 -6.05 8.65
N GLY A 9 -4.74 -6.71 7.89
CA GLY A 9 -6.18 -6.48 8.00
C GLY A 9 -6.83 -6.13 6.66
N VAL A 10 -6.01 -5.90 5.64
CA VAL A 10 -6.50 -5.55 4.29
C VAL A 10 -6.46 -6.76 3.34
N PRO A 11 -7.62 -7.12 2.73
CA PRO A 11 -7.71 -8.19 1.73
C PRO A 11 -7.18 -7.77 0.35
N ALA A 12 -6.46 -8.67 -0.31
CA ALA A 12 -5.88 -8.40 -1.63
C ALA A 12 -5.98 -9.63 -2.55
N ARG A 13 -5.49 -9.48 -3.79
CA ARG A 13 -5.49 -10.59 -4.75
C ARG A 13 -4.18 -10.65 -5.55
N ILE A 14 -3.64 -11.85 -5.74
CA ILE A 14 -2.34 -12.05 -6.43
C ILE A 14 -2.42 -11.64 -7.91
N LYS A 15 -1.63 -10.62 -8.28
CA LYS A 15 -1.57 -10.15 -9.67
C LYS A 15 -0.46 -10.88 -10.46
N ARG A 16 0.79 -10.68 -10.04
CA ARG A 16 1.95 -11.21 -10.78
C ARG A 16 3.12 -11.55 -9.85
N LEU A 17 3.81 -12.65 -10.15
CA LEU A 17 5.01 -13.06 -9.41
C LEU A 17 6.25 -12.99 -10.33
N GLU A 18 7.09 -11.97 -10.17
CA GLU A 18 8.27 -11.83 -11.02
C GLU A 18 9.54 -12.33 -10.28
N VAL A 19 9.72 -13.65 -10.32
CA VAL A 19 10.85 -14.31 -9.65
C VAL A 19 11.23 -15.61 -10.37
N SER A 20 12.50 -16.03 -10.21
CA SER A 20 13.01 -17.25 -10.85
C SER A 20 12.41 -18.53 -10.26
N GLY A 21 12.54 -19.63 -10.99
CA GLY A 21 11.97 -20.92 -10.57
C GLY A 21 12.43 -21.35 -9.17
N GLU A 22 13.68 -21.05 -8.82
CA GLU A 22 14.24 -21.43 -7.51
C GLU A 22 13.33 -21.01 -6.35
N LEU A 23 13.01 -19.73 -6.29
CA LEU A 23 12.12 -19.20 -5.25
C LEU A 23 10.64 -19.41 -5.63
N HIS A 24 10.34 -19.35 -6.92
CA HIS A 24 8.96 -19.45 -7.40
C HIS A 24 8.33 -20.82 -7.07
N GLU A 25 9.13 -21.88 -7.11
CA GLU A 25 8.62 -23.24 -6.86
C GLU A 25 8.06 -23.41 -5.43
N LYS A 26 8.78 -22.90 -4.42
CA LYS A 26 8.29 -22.97 -3.04
C LYS A 26 7.07 -22.05 -2.86
N LEU A 27 7.06 -20.92 -3.56
CA LEU A 27 5.94 -19.99 -3.53
C LEU A 27 4.64 -20.68 -3.99
N VAL A 28 4.66 -21.29 -5.17
CA VAL A 28 3.50 -22.04 -5.68
C VAL A 28 3.23 -23.27 -4.80
N GLY A 29 4.28 -23.84 -4.22
CA GLY A 29 4.13 -24.94 -3.27
C GLY A 29 3.34 -24.53 -2.03
N MET A 30 3.51 -23.28 -1.60
CA MET A 30 2.78 -22.75 -0.44
C MET A 30 1.37 -22.25 -0.85
N GLY A 31 1.26 -21.68 -2.05
CA GLY A 31 -0.03 -21.20 -2.53
C GLY A 31 0.05 -19.96 -3.41
N PHE A 32 1.23 -19.34 -3.47
CA PHE A 32 1.43 -18.13 -4.28
C PHE A 32 1.35 -18.43 -5.78
N VAL A 33 0.15 -18.38 -6.34
CA VAL A 33 -0.05 -18.51 -7.79
C VAL A 33 -0.93 -17.35 -8.32
N PRO A 34 -0.68 -16.87 -9.55
CA PRO A 34 -1.40 -15.72 -10.12
C PRO A 34 -2.92 -15.95 -10.24
N GLY A 35 -3.71 -15.16 -9.50
CA GLY A 35 -5.16 -15.27 -9.58
C GLY A 35 -5.84 -15.54 -8.24
N GLU A 36 -5.08 -16.04 -7.25
CA GLU A 36 -5.65 -16.39 -5.94
C GLU A 36 -5.85 -15.16 -5.03
N GLU A 37 -6.80 -15.25 -4.10
CA GLU A 37 -7.04 -14.20 -3.12
C GLU A 37 -6.11 -14.35 -1.90
N ILE A 38 -5.60 -13.23 -1.39
CA ILE A 38 -4.63 -13.26 -0.29
C ILE A 38 -4.81 -12.05 0.65
N GLU A 39 -4.67 -12.27 1.96
CA GLU A 39 -4.80 -11.18 2.94
C GLU A 39 -3.68 -11.24 4.01
N ILE A 40 -3.11 -10.09 4.34
CA ILE A 40 -2.13 -10.01 5.44
C ILE A 40 -2.84 -9.94 6.80
N VAL A 41 -2.71 -11.00 7.59
CA VAL A 41 -3.38 -11.06 8.89
C VAL A 41 -2.59 -10.29 9.96
N GLN A 42 -1.29 -10.54 10.02
CA GLN A 42 -0.42 -9.88 11.01
C GLN A 42 1.03 -9.76 10.50
N VAL A 43 1.72 -8.73 10.97
CA VAL A 43 3.14 -8.52 10.63
C VAL A 43 4.03 -8.78 11.85
N ALA A 44 5.11 -9.52 11.66
CA ALA A 44 6.05 -9.82 12.75
C ALA A 44 6.66 -8.53 13.35
N PRO A 45 6.85 -8.48 14.68
CA PRO A 45 7.35 -7.26 15.37
C PRO A 45 8.70 -6.76 14.85
N LEU A 46 9.42 -7.59 14.10
CA LEU A 46 10.73 -7.22 13.55
C LEU A 46 10.59 -6.47 12.20
N GLY A 47 9.37 -6.43 11.67
CA GLY A 47 9.13 -5.89 10.34
C GLY A 47 8.68 -6.96 9.36
N ASP A 48 9.29 -8.14 9.48
CA ASP A 48 8.90 -9.32 8.71
C ASP A 48 9.35 -10.60 9.47
N PRO A 49 8.88 -11.82 9.09
CA PRO A 49 8.01 -12.05 7.92
C PRO A 49 6.54 -11.63 8.13
N ILE A 50 5.79 -11.58 7.03
CA ILE A 50 4.35 -11.26 7.10
C ILE A 50 3.50 -12.53 6.98
N VAL A 51 2.45 -12.61 7.78
CA VAL A 51 1.54 -13.77 7.76
C VAL A 51 0.33 -13.49 6.87
N CYS A 52 0.23 -14.23 5.76
CA CYS A 52 -0.82 -13.98 4.76
C CYS A 52 -1.69 -15.23 4.52
N LYS A 53 -3.00 -15.06 4.55
CA LYS A 53 -3.94 -16.16 4.24
C LYS A 53 -4.24 -16.21 2.75
N ILE A 54 -3.70 -17.21 2.07
CA ILE A 54 -3.96 -17.41 0.64
C ILE A 54 -5.16 -18.33 0.42
N GLY A 55 -6.33 -17.72 0.18
CA GLY A 55 -7.56 -18.46 -0.06
C GLY A 55 -7.95 -19.41 1.08
N ASN A 56 -7.28 -20.56 1.17
CA ASN A 56 -7.64 -21.60 2.13
C ASN A 56 -6.80 -21.53 3.43
N ARG A 57 -5.48 -21.32 3.30
CA ARG A 57 -4.56 -21.53 4.44
C ARG A 57 -3.66 -20.33 4.73
N ASN A 58 -3.16 -20.27 5.98
CA ASN A 58 -2.23 -19.22 6.42
C ASN A 58 -0.78 -19.56 6.02
N ILE A 59 -0.11 -18.64 5.33
CA ILE A 59 1.28 -18.84 4.90
C ILE A 59 2.20 -17.74 5.47
N THR A 60 3.32 -18.16 6.06
CA THR A 60 4.34 -17.21 6.55
C THR A 60 5.37 -16.90 5.44
N LEU A 61 5.48 -15.63 5.06
CA LEU A 61 6.31 -15.25 3.92
C LEU A 61 7.35 -14.17 4.32
N ARG A 62 8.63 -14.43 4.00
CA ARG A 62 9.74 -13.50 4.33
C ARG A 62 9.79 -12.32 3.34
N LYS A 63 10.14 -11.14 3.83
CA LYS A 63 10.09 -9.92 3.01
C LYS A 63 10.83 -10.08 1.66
N ARG A 64 12.07 -10.54 1.69
CA ARG A 64 12.89 -10.69 0.46
C ARG A 64 12.15 -11.47 -0.63
N GLU A 65 11.22 -12.34 -0.22
CA GLU A 65 10.39 -13.09 -1.16
C GLU A 65 9.20 -12.22 -1.63
N ALA A 66 8.65 -11.44 -0.68
CA ALA A 66 7.52 -10.56 -0.95
C ALA A 66 7.86 -9.40 -1.91
N ASP A 67 9.11 -8.92 -1.87
CA ASP A 67 9.54 -7.82 -2.73
C ASP A 67 9.40 -8.12 -4.24
N LEU A 68 9.07 -9.37 -4.59
CA LEU A 68 8.97 -9.76 -6.01
C LEU A 68 7.53 -10.13 -6.44
N ILE A 69 6.58 -10.15 -5.50
CA ILE A 69 5.17 -10.48 -5.81
C ILE A 69 4.25 -9.24 -5.68
N GLU A 70 3.39 -9.03 -6.69
CA GLU A 70 2.45 -7.89 -6.66
C GLU A 70 0.98 -8.34 -6.50
N VAL A 71 0.25 -7.60 -5.69
CA VAL A 71 -1.19 -7.83 -5.46
C VAL A 71 -1.99 -6.51 -5.61
N GLU A 72 -3.30 -6.57 -5.39
CA GLU A 72 -4.13 -5.36 -5.31
C GLU A 72 -5.27 -5.53 -4.28
N VAL A 73 -5.66 -4.45 -3.63
CA VAL A 73 -6.71 -4.49 -2.59
C VAL A 73 -8.09 -4.86 -3.17
N VAL A 74 -8.81 -5.75 -2.48
CA VAL A 74 -10.16 -6.14 -2.89
C VAL A 74 -11.19 -5.13 -2.34
N GLY A 75 -11.48 -4.09 -3.12
CA GLY A 75 -12.41 -3.05 -2.69
C GLY A 75 -12.36 -1.81 -3.59
N GLY A 76 -12.11 -0.65 -2.99
CA GLY A 76 -12.04 0.60 -3.77
C GLY A 76 -10.99 1.59 -3.27
N GLU A 77 -10.54 1.42 -2.03
CA GLU A 77 -9.59 2.37 -1.41
C GLU A 77 -8.41 1.66 -0.72
N LEU A 78 -7.37 2.43 -0.43
CA LEU A 78 -6.16 1.91 0.21
C LEU A 78 -5.40 3.04 0.93
N PRO A 79 -4.78 2.75 2.10
CA PRO A 79 -4.00 3.75 2.86
C PRO A 79 -2.81 4.33 2.07
N LEU A 80 -2.36 5.52 2.48
CA LEU A 80 -1.20 6.16 1.84
C LEU A 80 0.05 5.25 1.85
N ILE A 81 0.16 4.39 2.86
CA ILE A 81 1.26 3.41 2.91
C ILE A 81 1.12 2.36 1.80
N LEU A 82 -0.12 2.02 1.42
CA LEU A 82 -0.37 1.08 0.33
C LEU A 82 -0.32 1.79 -1.03
N ALA A 83 -0.55 3.09 -1.03
CA ALA A 83 -0.65 3.89 -2.26
C ALA A 83 0.52 3.64 -3.22
N ASP A 84 0.20 3.12 -4.40
CA ASP A 84 1.14 3.01 -5.51
C ASP A 84 1.53 4.42 -6.04
N ASP A 85 2.01 4.50 -7.28
CA ASP A 85 2.44 5.77 -7.85
C ASP A 85 1.26 6.71 -8.19
N GLY A 86 1.57 7.99 -8.40
CA GLY A 86 0.60 8.92 -8.98
C GLY A 86 -0.20 9.75 -7.97
N THR A 87 -1.35 10.25 -8.43
CA THR A 87 -2.23 11.11 -7.63
C THR A 87 -3.34 10.30 -6.93
N TYR A 88 -3.60 10.63 -5.67
CA TYR A 88 -4.66 9.98 -4.90
C TYR A 88 -5.60 11.01 -4.26
N GLU A 89 -6.74 10.55 -3.74
CA GLU A 89 -7.68 11.41 -3.02
C GLU A 89 -8.10 10.77 -1.69
N ILE A 90 -8.01 11.53 -0.60
CA ILE A 90 -8.40 11.04 0.72
C ILE A 90 -9.92 10.89 0.86
N THR A 91 -10.37 9.73 1.33
CA THR A 91 -11.80 9.43 1.42
C THR A 91 -12.26 9.14 2.87
N LYS A 92 -11.39 8.52 3.68
CA LYS A 92 -11.74 8.20 5.07
C LYS A 92 -10.49 8.07 5.96
N LEU A 93 -10.64 8.38 7.25
CA LEU A 93 -9.54 8.31 8.23
C LEU A 93 -9.75 7.18 9.24
N ASN A 94 -8.64 6.70 9.81
CA ASN A 94 -8.66 5.71 10.91
C ASN A 94 -7.88 6.25 12.13
N GLY A 95 -8.60 6.68 13.16
CA GLY A 95 -7.94 7.18 14.37
C GLY A 95 -8.87 7.96 15.30
N GLY A 96 -8.27 8.72 16.23
CA GLY A 96 -9.07 9.49 17.19
C GLY A 96 -9.34 10.93 16.73
N ARG A 97 -10.34 11.56 17.35
CA ARG A 97 -10.76 12.93 16.99
C ARG A 97 -9.56 13.90 16.90
N ARG A 98 -8.72 13.91 17.93
CA ARG A 98 -7.51 14.73 17.96
C ARG A 98 -6.58 14.44 16.76
N PHE A 99 -6.49 13.16 16.38
CA PHE A 99 -5.69 12.77 15.21
C PHE A 99 -6.29 13.35 13.93
N LEU A 100 -7.61 13.27 13.81
CA LEU A 100 -8.33 13.85 12.67
C LEU A 100 -8.10 15.36 12.60
N PHE A 101 -8.12 16.01 13.76
CA PHE A 101 -7.83 17.45 13.86
C PHE A 101 -6.45 17.77 13.25
N ARG A 102 -5.44 17.00 13.63
CA ARG A 102 -4.09 17.15 13.07
C ARG A 102 -4.12 17.03 11.54
N MET A 103 -4.78 15.98 11.04
CA MET A 103 -4.89 15.76 9.60
C MET A 103 -5.53 16.98 8.90
N LYS A 104 -6.60 17.52 9.50
CA LYS A 104 -7.28 18.70 8.97
C LYS A 104 -6.38 19.95 9.02
N ASN A 105 -5.46 19.99 9.98
CA ASN A 105 -4.48 21.09 10.07
C ASN A 105 -3.40 20.95 8.99
N LEU A 106 -3.05 19.71 8.64
CA LEU A 106 -2.12 19.44 7.55
C LEU A 106 -2.77 19.67 6.18
N GLY A 107 -4.07 19.40 6.08
CA GLY A 107 -4.79 19.65 4.83
C GLY A 107 -5.61 18.47 4.33
N ILE A 108 -5.58 17.34 5.04
CA ILE A 108 -6.29 16.12 4.61
C ILE A 108 -7.45 15.76 5.56
N GLU A 109 -8.64 15.66 5.00
CA GLU A 109 -9.82 15.22 5.77
C GLU A 109 -10.87 14.57 4.86
N SER A 110 -11.10 15.18 3.69
CA SER A 110 -12.11 14.67 2.74
C SER A 110 -12.01 15.40 1.40
N GLY A 111 -11.89 14.63 0.31
CA GLY A 111 -11.85 15.20 -1.03
C GLY A 111 -10.62 16.07 -1.30
N LYS A 112 -9.43 15.52 -1.06
CA LYS A 112 -8.17 16.24 -1.31
C LYS A 112 -7.22 15.43 -2.20
N LYS A 113 -6.61 16.09 -3.18
CA LYS A 113 -5.61 15.44 -4.05
C LYS A 113 -4.24 15.36 -3.35
N ILE A 114 -3.86 14.15 -2.93
CA ILE A 114 -2.59 13.92 -2.26
C ILE A 114 -1.56 13.31 -3.22
N GLN A 115 -0.36 13.87 -3.22
CA GLN A 115 0.73 13.40 -4.09
C GLN A 115 1.69 12.45 -3.33
N VAL A 116 1.89 11.25 -3.88
CA VAL A 116 2.82 10.27 -3.28
C VAL A 116 4.18 10.30 -3.99
N SER A 117 5.23 10.73 -3.28
CA SER A 117 6.57 10.84 -3.89
C SER A 117 7.69 10.43 -2.91
N GLY A 118 8.49 9.45 -3.30
CA GLY A 118 9.57 8.97 -2.44
C GLY A 118 9.06 8.36 -1.14
N ARG A 119 9.23 9.09 -0.03
CA ARG A 119 8.70 8.64 1.27
C ARG A 119 7.98 9.79 2.01
N ARG A 120 7.48 10.78 1.25
CA ARG A 120 6.66 11.85 1.83
C ARG A 120 5.53 12.26 0.87
N TYR A 121 4.48 12.87 1.41
CA TYR A 121 3.30 13.22 0.63
C TYR A 121 3.14 14.74 0.49
N TYR A 122 2.38 15.18 -0.53
CA TYR A 122 2.18 16.63 -0.76
C TYR A 122 0.69 16.99 -0.92
N ILE A 123 0.25 17.98 -0.16
CA ILE A 123 -1.06 18.61 -0.34
C ILE A 123 -0.90 20.03 -0.91
N GLU A 124 -1.21 20.18 -2.20
CA GLU A 124 -1.18 21.48 -2.91
C GLU A 124 0.06 22.34 -2.56
N GLY A 125 1.21 21.70 -2.38
CA GLY A 125 2.46 22.42 -2.12
C GLY A 125 3.00 22.26 -0.69
N ARG A 126 2.27 21.56 0.16
CA ARG A 126 2.67 21.34 1.56
C ARG A 126 3.00 19.86 1.83
N GLU A 127 4.22 19.58 2.30
CA GLU A 127 4.59 18.20 2.69
C GLU A 127 3.78 17.73 3.90
N ILE A 128 3.28 16.51 3.83
CA ILE A 128 2.51 15.92 4.93
C ILE A 128 3.34 14.86 5.67
N ASP A 129 3.81 15.20 6.86
CA ASP A 129 4.64 14.29 7.66
C ASP A 129 3.82 13.11 8.21
N LEU A 130 3.78 12.01 7.46
CA LEU A 130 3.14 10.77 7.92
C LEU A 130 4.15 9.61 7.93
N GLY A 131 4.78 9.40 9.08
CA GLY A 131 5.84 8.41 9.19
C GLY A 131 5.35 6.97 9.31
N TYR A 132 4.97 6.36 8.19
CA TYR A 132 4.58 4.94 8.15
C TYR A 132 3.31 4.65 8.96
N GLY A 133 3.43 4.58 10.29
CA GLY A 133 2.30 4.28 11.15
C GLY A 133 1.15 5.27 11.01
N GLU A 134 1.49 6.51 10.70
CA GLU A 134 0.49 7.55 10.43
C GLU A 134 -0.12 7.36 9.02
N ALA A 135 0.74 7.07 8.04
CA ALA A 135 0.31 6.93 6.64
C ALA A 135 -0.71 5.80 6.42
N THR A 136 -0.66 4.77 7.26
CA THR A 136 -1.62 3.65 7.17
C THR A 136 -3.00 4.01 7.74
N LYS A 137 -3.10 5.17 8.38
CA LYS A 137 -4.36 5.62 9.00
C LYS A 137 -5.17 6.51 8.04
N ILE A 138 -4.52 7.01 6.99
CA ILE A 138 -5.19 7.82 5.97
C ILE A 138 -5.52 6.97 4.74
N TRP A 139 -6.81 6.70 4.52
CA TRP A 139 -7.26 5.89 3.36
C TRP A 139 -7.56 6.78 2.14
N VAL A 140 -6.86 6.51 1.05
CA VAL A 140 -7.03 7.26 -0.20
C VAL A 140 -7.45 6.35 -1.37
N ARG A 141 -7.78 6.95 -2.52
CA ARG A 141 -8.13 6.18 -3.71
C ARG A 141 -7.31 6.62 -4.93
N ARG A 142 -6.91 5.65 -5.77
CA ARG A 142 -6.23 5.95 -7.04
C ARG A 142 -7.20 6.69 -7.98
N VAL A 143 -6.96 7.98 -8.20
CA VAL A 143 -7.86 8.81 -9.01
C VAL A 143 -7.49 8.77 -10.51
N SER A 144 -6.19 8.78 -10.80
CA SER A 144 -5.68 8.67 -12.19
C SER A 144 -6.16 9.83 -13.08
N ASP A 145 -6.23 11.04 -12.52
CA ASP A 145 -6.58 12.23 -13.32
C ASP A 145 -5.54 12.51 -14.43
N ALA A 146 -4.28 12.16 -14.17
CA ALA A 146 -3.19 12.38 -15.14
C ALA A 146 -2.89 11.12 -15.96
N GLY A 147 -3.73 10.09 -15.79
CA GLY A 147 -3.53 8.84 -16.53
C GLY A 147 -2.29 8.07 -16.09
N GLU A 148 -1.84 8.31 -14.87
CA GLU A 148 -0.62 7.69 -14.33
C GLU A 148 -0.85 6.23 -13.90
N GLU A 149 0.21 5.41 -14.01
CA GLU A 149 0.17 4.00 -13.58
C GLU A 149 1.56 3.34 -13.71
N SER A 150 2.02 2.71 -12.62
CA SER A 150 3.28 1.94 -12.64
C SER A 150 3.28 0.88 -11.52
N HIS A 151 4.37 0.12 -11.43
CA HIS A 151 4.54 -0.86 -10.36
C HIS A 151 5.33 -0.24 -9.19
N PRO A 152 4.76 -0.24 -7.97
CA PRO A 152 5.30 0.51 -6.83
C PRO A 152 6.60 -0.07 -6.24
N GLN A 153 7.58 0.79 -6.06
CA GLN A 153 8.80 0.45 -5.32
C GLN A 153 8.48 0.16 -3.84
N LYS A 154 9.20 -0.79 -3.26
CA LYS A 154 9.12 -1.05 -1.82
C LYS A 154 9.58 0.19 -1.03
N LEU A 155 8.63 0.86 -0.38
CA LEU A 155 8.92 2.09 0.36
C LEU A 155 9.54 1.78 1.73
N GLU A 156 10.55 2.55 2.09
CA GLU A 156 11.28 2.37 3.36
C GLU A 156 10.36 2.60 4.58
N HIS A 157 10.17 1.56 5.39
CA HIS A 157 9.38 1.68 6.62
C HIS A 157 10.25 2.25 7.75
N HIS A 158 10.66 3.51 7.61
CA HIS A 158 11.56 4.15 8.58
C HIS A 158 10.83 4.61 9.86
N HIS A 159 10.18 3.66 10.54
CA HIS A 159 9.51 3.91 11.82
C HIS A 159 9.08 2.60 12.48
N HIS A 160 9.95 2.06 13.33
CA HIS A 160 9.65 0.83 14.09
C HIS A 160 8.67 1.15 15.23
N HIS A 161 8.66 2.41 15.66
CA HIS A 161 7.74 2.90 16.68
C HIS A 161 6.87 4.04 16.13
N HIS A 162 5.56 3.84 16.08
CA HIS A 162 4.63 4.88 15.61
C HIS A 162 3.91 5.60 16.78
N MET A 1 2.43 -2.66 -6.48
CA MET A 1 2.47 -2.69 -4.99
C MET A 1 2.68 -4.11 -4.45
N LYS A 2 3.80 -4.32 -3.77
CA LYS A 2 4.10 -5.64 -3.18
C LYS A 2 3.29 -5.86 -1.88
N LEU A 3 2.81 -7.08 -1.68
CA LEU A 3 2.07 -7.44 -0.45
C LEU A 3 2.96 -7.34 0.79
N SER A 4 4.25 -7.10 0.58
CA SER A 4 5.24 -6.97 1.66
C SER A 4 4.84 -5.90 2.69
N ARG A 5 4.07 -4.91 2.26
CA ARG A 5 3.61 -3.82 3.13
C ARG A 5 2.07 -3.76 3.18
N LEU A 6 1.42 -4.88 2.87
CA LEU A 6 -0.04 -4.92 2.78
C LEU A 6 -0.67 -4.98 4.19
N VAL A 7 -1.70 -4.17 4.40
CA VAL A 7 -2.32 -4.01 5.73
C VAL A 7 -3.21 -5.20 6.11
N PRO A 8 -3.07 -5.73 7.35
CA PRO A 8 -3.95 -6.80 7.87
C PRO A 8 -5.44 -6.47 7.71
N GLY A 9 -6.22 -7.47 7.29
CA GLY A 9 -7.66 -7.27 7.08
C GLY A 9 -8.00 -6.87 5.65
N VAL A 10 -7.01 -6.39 4.90
CA VAL A 10 -7.22 -5.96 3.51
C VAL A 10 -7.05 -7.14 2.53
N PRO A 11 -8.13 -7.53 1.83
CA PRO A 11 -8.08 -8.60 0.82
C PRO A 11 -7.40 -8.17 -0.50
N ALA A 12 -6.52 -9.02 -1.01
CA ALA A 12 -5.79 -8.74 -2.25
C ALA A 12 -5.76 -9.95 -3.17
N ARG A 13 -5.14 -9.81 -4.35
CA ARG A 13 -4.99 -10.93 -5.29
C ARG A 13 -3.58 -10.96 -5.88
N ILE A 14 -3.00 -12.16 -5.97
CA ILE A 14 -1.66 -12.34 -6.55
C ILE A 14 -1.67 -12.07 -8.07
N LYS A 15 -1.12 -10.94 -8.48
CA LYS A 15 -1.03 -10.59 -9.91
C LYS A 15 -0.04 -11.47 -10.65
N ARG A 16 1.20 -11.49 -10.17
CA ARG A 16 2.30 -12.18 -10.87
C ARG A 16 3.53 -12.37 -9.98
N LEU A 17 4.36 -13.35 -10.32
CA LEU A 17 5.66 -13.57 -9.65
C LEU A 17 6.81 -13.41 -10.66
N GLU A 18 7.91 -12.82 -10.21
CA GLU A 18 9.09 -12.60 -11.07
C GLU A 18 10.30 -13.45 -10.62
N VAL A 19 10.04 -14.45 -9.78
CA VAL A 19 11.10 -15.33 -9.25
C VAL A 19 11.05 -16.72 -9.92
N SER A 20 12.13 -17.10 -10.59
CA SER A 20 12.22 -18.42 -11.24
C SER A 20 13.34 -19.27 -10.62
N GLY A 21 13.01 -20.48 -10.22
CA GLY A 21 13.99 -21.38 -9.61
C GLY A 21 14.15 -21.20 -8.11
N GLU A 22 14.58 -22.27 -7.42
CA GLU A 22 14.90 -22.25 -5.99
C GLU A 22 13.75 -21.70 -5.12
N LEU A 23 13.67 -20.37 -5.00
CA LEU A 23 12.64 -19.73 -4.17
C LEU A 23 11.23 -19.95 -4.73
N HIS A 24 11.12 -20.01 -6.05
CA HIS A 24 9.82 -20.13 -6.73
C HIS A 24 9.02 -21.36 -6.26
N GLU A 25 9.70 -22.50 -6.07
CA GLU A 25 9.00 -23.77 -5.79
C GLU A 25 8.31 -23.80 -4.41
N LYS A 26 8.89 -23.13 -3.41
CA LYS A 26 8.25 -23.05 -2.09
C LYS A 26 7.08 -22.04 -2.10
N LEU A 27 7.25 -20.94 -2.83
CA LEU A 27 6.18 -19.93 -2.95
C LEU A 27 4.91 -20.53 -3.57
N VAL A 28 5.05 -21.15 -4.74
CA VAL A 28 3.91 -21.79 -5.41
C VAL A 28 3.32 -22.93 -4.55
N GLY A 29 4.20 -23.66 -3.85
CA GLY A 29 3.75 -24.72 -2.95
C GLY A 29 2.87 -24.20 -1.82
N MET A 30 3.18 -22.99 -1.33
CA MET A 30 2.36 -22.34 -0.31
C MET A 30 1.08 -21.73 -0.93
N GLY A 31 1.14 -21.39 -2.22
CA GLY A 31 -0.05 -20.90 -2.91
C GLY A 31 0.18 -19.64 -3.75
N PHE A 32 1.41 -19.11 -3.73
CA PHE A 32 1.71 -17.90 -4.49
C PHE A 32 1.79 -18.17 -6.01
N VAL A 33 0.63 -18.16 -6.66
CA VAL A 33 0.55 -18.27 -8.13
C VAL A 33 -0.42 -17.21 -8.68
N PRO A 34 -0.10 -16.63 -9.87
CA PRO A 34 -0.93 -15.59 -10.48
C PRO A 34 -2.41 -15.98 -10.64
N GLY A 35 -3.27 -15.40 -9.81
CA GLY A 35 -4.70 -15.71 -9.86
C GLY A 35 -5.33 -15.91 -8.47
N GLU A 36 -4.55 -16.41 -7.52
CA GLU A 36 -5.04 -16.66 -6.15
C GLU A 36 -5.34 -15.36 -5.40
N GLU A 37 -6.37 -15.35 -4.57
CA GLU A 37 -6.66 -14.20 -3.71
C GLU A 37 -6.17 -14.45 -2.27
N ILE A 38 -5.64 -13.41 -1.65
CA ILE A 38 -4.94 -13.53 -0.36
C ILE A 38 -5.33 -12.40 0.62
N GLU A 39 -5.54 -12.75 1.90
CA GLU A 39 -5.88 -11.76 2.93
C GLU A 39 -4.81 -11.75 4.05
N ILE A 40 -4.29 -10.56 4.36
CA ILE A 40 -3.25 -10.43 5.40
C ILE A 40 -3.86 -10.61 6.81
N VAL A 41 -3.23 -11.44 7.64
CA VAL A 41 -3.71 -11.69 8.99
C VAL A 41 -3.03 -10.74 9.99
N GLN A 42 -1.70 -10.75 10.01
CA GLN A 42 -0.92 -9.91 10.93
C GLN A 42 0.53 -9.72 10.44
N VAL A 43 1.15 -8.62 10.88
CA VAL A 43 2.54 -8.32 10.51
C VAL A 43 3.45 -8.41 11.75
N ALA A 44 4.63 -9.03 11.60
CA ALA A 44 5.59 -9.14 12.69
C ALA A 44 6.09 -7.75 13.13
N PRO A 45 6.33 -7.55 14.44
CA PRO A 45 6.79 -6.25 14.98
C PRO A 45 8.16 -5.81 14.41
N LEU A 46 8.88 -6.74 13.77
CA LEU A 46 10.18 -6.44 13.16
C LEU A 46 10.03 -5.99 11.70
N GLY A 47 8.80 -6.02 11.18
CA GLY A 47 8.56 -5.69 9.78
C GLY A 47 8.35 -6.93 8.92
N ASP A 48 9.05 -8.01 9.28
CA ASP A 48 8.88 -9.32 8.65
C ASP A 48 9.27 -10.45 9.63
N PRO A 49 8.74 -11.68 9.45
CA PRO A 49 7.85 -12.04 8.33
C PRO A 49 6.40 -11.57 8.50
N ILE A 50 5.60 -11.71 7.44
CA ILE A 50 4.19 -11.34 7.46
C ILE A 50 3.28 -12.58 7.31
N VAL A 51 2.24 -12.65 8.15
CA VAL A 51 1.32 -13.79 8.13
C VAL A 51 0.08 -13.48 7.28
N CYS A 52 -0.15 -14.30 6.26
CA CYS A 52 -1.24 -14.06 5.29
C CYS A 52 -1.96 -15.37 4.91
N LYS A 53 -3.27 -15.27 4.72
CA LYS A 53 -4.10 -16.41 4.31
C LYS A 53 -4.29 -16.43 2.78
N ILE A 54 -3.69 -17.39 2.10
CA ILE A 54 -3.91 -17.56 0.67
C ILE A 54 -5.14 -18.43 0.42
N GLY A 55 -6.23 -17.80 0.00
CA GLY A 55 -7.49 -18.50 -0.16
C GLY A 55 -8.12 -18.92 1.15
N ASN A 56 -7.67 -20.06 1.70
CA ASN A 56 -8.26 -20.61 2.93
C ASN A 56 -7.19 -20.97 3.99
N ARG A 57 -5.92 -21.00 3.59
CA ARG A 57 -4.85 -21.46 4.51
C ARG A 57 -3.88 -20.33 4.90
N ASN A 58 -3.39 -20.39 6.15
CA ASN A 58 -2.44 -19.41 6.68
C ASN A 58 -1.00 -19.71 6.23
N ILE A 59 -0.28 -18.66 5.81
CA ILE A 59 1.11 -18.79 5.33
C ILE A 59 2.03 -17.72 5.96
N THR A 60 3.21 -18.14 6.41
CA THR A 60 4.23 -17.20 6.93
C THR A 60 5.24 -16.83 5.83
N LEU A 61 5.22 -15.58 5.38
CA LEU A 61 6.04 -15.15 4.23
C LEU A 61 7.11 -14.12 4.67
N ARG A 62 8.30 -14.20 4.05
CA ARG A 62 9.43 -13.33 4.45
C ARG A 62 9.48 -12.01 3.66
N LYS A 63 10.31 -11.08 4.10
CA LYS A 63 10.51 -9.79 3.41
C LYS A 63 11.16 -10.00 2.02
N ARG A 64 12.29 -10.70 2.02
CA ARG A 64 13.04 -10.98 0.78
C ARG A 64 12.17 -11.64 -0.30
N GLU A 65 11.20 -12.43 0.14
CA GLU A 65 10.29 -13.13 -0.78
C GLU A 65 9.13 -12.21 -1.21
N ALA A 66 8.45 -11.62 -0.23
CA ALA A 66 7.26 -10.80 -0.47
C ALA A 66 7.48 -9.69 -1.52
N ASP A 67 8.61 -9.01 -1.44
CA ASP A 67 8.89 -7.90 -2.36
C ASP A 67 9.05 -8.36 -3.84
N LEU A 68 9.08 -9.68 -4.08
CA LEU A 68 9.14 -10.21 -5.44
C LEU A 68 7.74 -10.54 -6.00
N ILE A 69 6.71 -10.47 -5.15
CA ILE A 69 5.33 -10.75 -5.57
C ILE A 69 4.51 -9.45 -5.72
N GLU A 70 3.91 -9.27 -6.89
CA GLU A 70 3.06 -8.10 -7.18
C GLU A 70 1.56 -8.45 -7.01
N VAL A 71 0.80 -7.59 -6.33
CA VAL A 71 -0.60 -7.89 -5.99
C VAL A 71 -1.56 -6.71 -6.26
N GLU A 72 -2.86 -7.00 -6.22
CA GLU A 72 -3.90 -5.96 -6.36
C GLU A 72 -4.85 -5.95 -5.16
N VAL A 73 -5.29 -4.78 -4.74
CA VAL A 73 -6.30 -4.68 -3.67
C VAL A 73 -7.72 -4.98 -4.22
N VAL A 74 -8.45 -5.87 -3.56
CA VAL A 74 -9.81 -6.22 -4.00
C VAL A 74 -10.80 -5.08 -3.69
N GLY A 75 -10.58 -4.38 -2.59
CA GLY A 75 -11.43 -3.23 -2.24
C GLY A 75 -11.12 -1.98 -3.07
N GLY A 76 -12.12 -1.13 -3.28
CA GLY A 76 -11.95 0.06 -4.11
C GLY A 76 -11.26 1.25 -3.41
N GLU A 77 -10.50 0.95 -2.35
CA GLU A 77 -9.79 1.99 -1.59
C GLU A 77 -8.61 1.40 -0.80
N LEU A 78 -7.56 2.20 -0.63
CA LEU A 78 -6.33 1.72 0.02
C LEU A 78 -5.64 2.84 0.82
N PRO A 79 -4.88 2.48 1.87
CA PRO A 79 -4.12 3.45 2.68
C PRO A 79 -2.95 4.08 1.90
N LEU A 80 -2.53 5.26 2.34
CA LEU A 80 -1.49 6.05 1.67
C LEU A 80 -0.16 5.28 1.60
N ILE A 81 0.09 4.43 2.58
CA ILE A 81 1.32 3.60 2.61
C ILE A 81 1.41 2.64 1.40
N LEU A 82 0.26 2.38 0.76
CA LEU A 82 0.19 1.47 -0.40
C LEU A 82 0.05 2.26 -1.73
N ALA A 83 0.27 3.56 -1.68
CA ALA A 83 0.11 4.43 -2.85
C ALA A 83 1.09 4.08 -3.98
N ASP A 84 0.56 3.90 -5.19
CA ASP A 84 1.37 3.65 -6.39
C ASP A 84 2.14 4.92 -6.81
N ASP A 85 1.41 5.90 -7.37
CA ASP A 85 2.00 7.19 -7.75
C ASP A 85 0.93 8.23 -8.10
N GLY A 86 1.36 9.38 -8.60
CA GLY A 86 0.43 10.37 -9.14
C GLY A 86 -0.33 11.17 -8.08
N THR A 87 -1.67 11.09 -8.14
CA THR A 87 -2.53 11.89 -7.24
C THR A 87 -3.74 11.08 -6.76
N TYR A 88 -4.02 11.14 -5.46
CA TYR A 88 -5.17 10.43 -4.86
C TYR A 88 -6.08 11.40 -4.10
N GLU A 89 -7.25 10.93 -3.68
CA GLU A 89 -8.12 11.72 -2.80
C GLU A 89 -8.40 10.96 -1.50
N ILE A 90 -8.21 11.62 -0.36
CA ILE A 90 -8.44 11.01 0.94
C ILE A 90 -9.94 10.85 1.25
N THR A 91 -10.35 9.62 1.57
CA THR A 91 -11.76 9.32 1.85
C THR A 91 -12.05 9.19 3.35
N LYS A 92 -11.07 8.75 4.14
CA LYS A 92 -11.28 8.52 5.57
C LYS A 92 -9.96 8.42 6.35
N LEU A 93 -10.04 8.65 7.67
CA LEU A 93 -8.90 8.49 8.58
C LEU A 93 -9.13 7.30 9.53
N ASN A 94 -8.06 6.88 10.19
CA ASN A 94 -8.15 5.87 11.24
C ASN A 94 -7.32 6.27 12.47
N GLY A 95 -8.00 6.72 13.52
CA GLY A 95 -7.31 7.16 14.73
C GLY A 95 -8.20 8.00 15.64
N GLY A 96 -7.68 8.34 16.82
CA GLY A 96 -8.45 9.11 17.80
C GLY A 96 -8.45 10.61 17.55
N ARG A 97 -8.99 11.38 18.49
CA ARG A 97 -9.12 12.83 18.33
C ARG A 97 -7.76 13.54 18.19
N ARG A 98 -6.73 13.01 18.85
CA ARG A 98 -5.36 13.55 18.69
C ARG A 98 -4.91 13.44 17.23
N PHE A 99 -5.16 12.27 16.63
CA PHE A 99 -4.80 12.00 15.24
C PHE A 99 -5.58 12.91 14.27
N LEU A 100 -6.92 12.89 14.41
CA LEU A 100 -7.79 13.71 13.57
C LEU A 100 -7.45 15.21 13.68
N PHE A 101 -7.22 15.68 14.90
CA PHE A 101 -6.86 17.08 15.14
C PHE A 101 -5.66 17.50 14.29
N ARG A 102 -4.59 16.71 14.33
CA ARG A 102 -3.39 17.00 13.56
C ARG A 102 -3.67 16.98 12.04
N MET A 103 -4.24 15.89 11.54
CA MET A 103 -4.50 15.74 10.11
C MET A 103 -5.43 16.84 9.55
N LYS A 104 -6.36 17.33 10.38
CA LYS A 104 -7.19 18.49 10.01
C LYS A 104 -6.30 19.71 9.69
N ASN A 105 -5.28 19.94 10.50
CA ASN A 105 -4.37 21.08 10.30
C ASN A 105 -3.38 20.82 9.14
N LEU A 106 -3.01 19.55 8.93
CA LEU A 106 -2.23 19.17 7.75
C LEU A 106 -3.05 19.37 6.47
N GLY A 107 -4.37 19.19 6.57
CA GLY A 107 -5.27 19.45 5.46
C GLY A 107 -6.09 18.23 5.04
N ILE A 108 -5.54 17.03 5.21
CA ILE A 108 -6.20 15.80 4.75
C ILE A 108 -7.12 15.21 5.81
N GLU A 109 -8.40 15.60 5.77
CA GLU A 109 -9.42 14.98 6.64
C GLU A 109 -10.59 14.41 5.82
N SER A 110 -10.85 15.00 4.64
CA SER A 110 -11.93 14.51 3.76
C SER A 110 -11.96 15.32 2.45
N GLY A 111 -11.99 14.63 1.31
CA GLY A 111 -12.07 15.30 0.02
C GLY A 111 -10.85 16.17 -0.31
N LYS A 112 -9.66 15.59 -0.20
CA LYS A 112 -8.41 16.31 -0.46
C LYS A 112 -7.52 15.53 -1.43
N LYS A 113 -6.95 16.23 -2.42
CA LYS A 113 -6.01 15.61 -3.37
C LYS A 113 -4.57 15.59 -2.82
N ILE A 114 -4.03 14.39 -2.67
CA ILE A 114 -2.64 14.21 -2.23
C ILE A 114 -1.74 13.83 -3.44
N GLN A 115 -0.72 14.65 -3.71
CA GLN A 115 0.21 14.38 -4.82
C GLN A 115 1.46 13.64 -4.34
N VAL A 116 1.99 12.76 -5.20
CA VAL A 116 3.22 12.03 -4.89
C VAL A 116 4.37 12.49 -5.81
N SER A 117 5.35 13.20 -5.23
CA SER A 117 6.52 13.68 -5.99
C SER A 117 7.81 13.27 -5.28
N GLY A 118 8.63 12.45 -5.92
CA GLY A 118 9.86 11.95 -5.31
C GLY A 118 9.60 11.18 -4.01
N ARG A 119 8.52 10.38 -4.02
CA ARG A 119 8.07 9.64 -2.84
C ARG A 119 7.69 10.56 -1.67
N ARG A 120 7.64 11.88 -1.93
CA ARG A 120 7.19 12.86 -0.94
C ARG A 120 5.74 13.28 -1.23
N TYR A 121 4.95 13.47 -0.17
CA TYR A 121 3.51 13.70 -0.32
C TYR A 121 3.13 15.17 -0.12
N TYR A 122 2.49 15.76 -1.13
CA TYR A 122 2.12 17.19 -1.10
C TYR A 122 0.59 17.38 -1.12
N ILE A 123 0.09 18.27 -0.26
CA ILE A 123 -1.33 18.64 -0.29
C ILE A 123 -1.49 20.16 -0.46
N GLU A 124 -2.13 20.57 -1.56
CA GLU A 124 -2.37 21.99 -1.87
C GLU A 124 -1.07 22.84 -1.81
N GLY A 125 0.09 22.19 -1.87
CA GLY A 125 1.36 22.91 -1.88
C GLY A 125 2.34 22.50 -0.77
N ARG A 126 1.82 22.04 0.38
CA ARG A 126 2.66 21.73 1.55
C ARG A 126 2.98 20.22 1.65
N GLU A 127 4.22 19.90 2.01
CA GLU A 127 4.64 18.50 2.22
C GLU A 127 4.08 17.95 3.55
N ILE A 128 3.23 16.93 3.45
CA ILE A 128 2.58 16.35 4.63
C ILE A 128 3.51 15.37 5.37
N ASP A 129 3.42 15.38 6.70
CA ASP A 129 4.24 14.51 7.55
C ASP A 129 3.69 13.07 7.55
N LEU A 130 4.07 12.30 6.52
CA LEU A 130 3.62 10.89 6.40
C LEU A 130 4.81 9.96 6.10
N GLY A 131 4.93 8.89 6.88
CA GLY A 131 5.97 7.89 6.65
C GLY A 131 5.41 6.47 6.60
N TYR A 132 5.23 5.84 7.76
CA TYR A 132 4.73 4.46 7.82
C TYR A 132 3.44 4.36 8.64
N GLY A 133 3.56 4.41 9.97
CA GLY A 133 2.40 4.27 10.85
C GLY A 133 1.35 5.35 10.61
N GLU A 134 1.80 6.48 10.07
CA GLU A 134 0.90 7.58 9.70
C GLU A 134 0.19 7.25 8.39
N ALA A 135 0.97 6.89 7.37
CA ALA A 135 0.46 6.65 6.02
C ALA A 135 -0.50 5.44 5.94
N THR A 136 -0.42 4.54 6.92
CA THR A 136 -1.32 3.37 6.97
C THR A 136 -2.71 3.74 7.51
N LYS A 137 -2.81 4.89 8.17
CA LYS A 137 -4.06 5.33 8.79
C LYS A 137 -4.86 6.27 7.86
N ILE A 138 -4.15 6.94 6.95
CA ILE A 138 -4.80 7.75 5.90
C ILE A 138 -5.21 6.86 4.72
N TRP A 139 -6.51 6.81 4.42
CA TRP A 139 -7.01 6.00 3.29
C TRP A 139 -7.41 6.89 2.11
N VAL A 140 -6.83 6.59 0.95
CA VAL A 140 -7.05 7.39 -0.26
C VAL A 140 -7.53 6.53 -1.44
N ARG A 141 -8.03 7.18 -2.49
CA ARG A 141 -8.45 6.48 -3.71
C ARG A 141 -7.83 7.10 -4.96
N ARG A 142 -7.50 6.26 -5.92
CA ARG A 142 -6.81 6.68 -7.15
C ARG A 142 -7.71 7.59 -8.01
N VAL A 143 -7.37 8.88 -8.08
CA VAL A 143 -8.13 9.83 -8.90
C VAL A 143 -7.35 10.27 -10.15
N SER A 144 -6.04 10.47 -10.01
CA SER A 144 -5.18 10.90 -11.13
C SER A 144 -5.68 12.20 -11.79
N ASP A 145 -6.54 12.93 -11.07
CA ASP A 145 -7.19 14.15 -11.59
C ASP A 145 -6.16 15.19 -12.10
N ALA A 146 -5.07 15.36 -11.36
CA ALA A 146 -4.05 16.36 -11.69
C ALA A 146 -3.12 15.93 -12.85
N GLY A 147 -3.57 14.96 -13.65
CA GLY A 147 -2.78 14.50 -14.79
C GLY A 147 -1.51 13.76 -14.40
N GLU A 148 -1.46 13.28 -13.16
CA GLU A 148 -0.30 12.53 -12.66
C GLU A 148 -0.57 11.01 -12.64
N GLU A 149 0.07 10.29 -13.54
CA GLU A 149 -0.11 8.83 -13.68
C GLU A 149 0.98 8.21 -14.57
N SER A 150 1.88 7.44 -13.97
CA SER A 150 3.03 6.88 -14.72
C SER A 150 3.46 5.48 -14.23
N HIS A 151 3.13 5.14 -12.98
CA HIS A 151 3.60 3.91 -12.31
C HIS A 151 5.11 3.99 -12.00
N PRO A 152 5.49 3.87 -10.72
CA PRO A 152 6.90 3.93 -10.30
C PRO A 152 7.60 2.56 -10.35
N GLN A 153 8.84 2.51 -9.86
CA GLN A 153 9.58 1.25 -9.80
C GLN A 153 9.33 0.50 -8.47
N LYS A 154 9.94 -0.68 -8.36
CA LYS A 154 9.72 -1.57 -7.21
C LYS A 154 10.32 -0.99 -5.91
N LEU A 155 9.54 -0.14 -5.22
CA LEU A 155 9.99 0.50 -3.97
C LEU A 155 10.28 -0.51 -2.85
N GLU A 156 10.96 -0.04 -1.80
CA GLU A 156 11.44 -0.92 -0.71
C GLU A 156 10.38 -1.24 0.35
N HIS A 157 10.81 -2.03 1.34
CA HIS A 157 9.95 -2.54 2.41
C HIS A 157 10.23 -1.82 3.76
N HIS A 158 11.47 -1.38 3.96
CA HIS A 158 11.92 -0.82 5.25
C HIS A 158 11.18 0.48 5.64
N HIS A 159 11.65 1.10 6.73
CA HIS A 159 10.99 2.24 7.37
C HIS A 159 9.72 1.77 8.11
N HIS A 160 9.93 1.12 9.25
CA HIS A 160 8.85 0.42 9.96
C HIS A 160 8.77 0.82 11.44
N HIS A 161 7.59 1.28 11.86
CA HIS A 161 7.32 1.53 13.28
C HIS A 161 6.44 0.42 13.87
N HIS A 162 6.43 0.29 15.20
CA HIS A 162 5.58 -0.70 15.88
C HIS A 162 5.11 -0.21 17.27
N MET A 1 1.71 -4.34 -6.56
CA MET A 1 2.18 -3.97 -5.20
C MET A 1 2.89 -5.15 -4.52
N LYS A 2 3.94 -4.88 -3.77
CA LYS A 2 4.64 -5.92 -3.01
C LYS A 2 4.00 -6.11 -1.63
N LEU A 3 3.39 -7.27 -1.39
CA LEU A 3 2.62 -7.52 -0.16
C LEU A 3 3.48 -7.47 1.11
N SER A 4 4.80 -7.35 0.94
CA SER A 4 5.74 -7.21 2.06
C SER A 4 5.42 -5.98 2.93
N ARG A 5 4.70 -5.02 2.35
CA ARG A 5 4.30 -3.80 3.06
C ARG A 5 2.77 -3.61 3.05
N LEU A 6 2.03 -4.70 2.80
CA LEU A 6 0.57 -4.64 2.73
C LEU A 6 -0.06 -4.67 4.14
N VAL A 7 -1.20 -3.99 4.30
CA VAL A 7 -1.84 -3.83 5.61
C VAL A 7 -2.66 -5.07 6.01
N PRO A 8 -2.48 -5.59 7.25
CA PRO A 8 -3.29 -6.70 7.78
C PRO A 8 -4.80 -6.39 7.76
N GLY A 9 -5.59 -7.29 7.17
CA GLY A 9 -7.03 -7.09 7.06
C GLY A 9 -7.47 -6.59 5.68
N VAL A 10 -6.50 -6.35 4.80
CA VAL A 10 -6.78 -5.93 3.42
C VAL A 10 -6.67 -7.10 2.43
N PRO A 11 -7.77 -7.46 1.75
CA PRO A 11 -7.77 -8.54 0.75
C PRO A 11 -7.05 -8.14 -0.57
N ALA A 12 -6.09 -8.96 -0.99
CA ALA A 12 -5.34 -8.70 -2.23
C ALA A 12 -5.52 -9.84 -3.25
N ARG A 13 -5.05 -9.59 -4.48
CA ARG A 13 -5.16 -10.57 -5.58
C ARG A 13 -3.78 -10.83 -6.21
N ILE A 14 -3.40 -12.10 -6.31
CA ILE A 14 -2.12 -12.49 -6.92
C ILE A 14 -2.09 -12.17 -8.43
N LYS A 15 -1.32 -11.15 -8.81
CA LYS A 15 -1.19 -10.76 -10.21
C LYS A 15 -0.15 -11.61 -10.94
N ARG A 16 1.04 -11.73 -10.35
CA ARG A 16 2.15 -12.47 -10.97
C ARG A 16 3.37 -12.60 -10.04
N LEU A 17 4.24 -13.55 -10.35
CA LEU A 17 5.50 -13.75 -9.62
C LEU A 17 6.69 -13.30 -10.47
N GLU A 18 7.51 -12.38 -9.96
CA GLU A 18 8.65 -11.86 -10.72
C GLU A 18 9.91 -12.73 -10.51
N VAL A 19 9.96 -13.49 -9.42
CA VAL A 19 11.12 -14.33 -9.11
C VAL A 19 11.16 -15.60 -9.97
N SER A 20 12.34 -15.92 -10.50
CA SER A 20 12.55 -17.15 -11.29
C SER A 20 13.67 -18.00 -10.69
N GLY A 21 13.34 -19.24 -10.32
CA GLY A 21 14.30 -20.12 -9.67
C GLY A 21 13.67 -20.98 -8.59
N GLU A 22 14.48 -21.47 -7.65
CA GLU A 22 13.99 -22.35 -6.57
C GLU A 22 12.95 -21.66 -5.67
N LEU A 23 13.01 -20.34 -5.60
CA LEU A 23 12.01 -19.59 -4.83
C LEU A 23 10.63 -19.62 -5.50
N HIS A 24 10.60 -19.67 -6.83
CA HIS A 24 9.33 -19.73 -7.56
C HIS A 24 8.55 -21.01 -7.23
N GLU A 25 9.21 -22.17 -7.29
CA GLU A 25 8.57 -23.45 -6.96
C GLU A 25 8.24 -23.53 -5.46
N LYS A 26 9.05 -22.86 -4.65
CA LYS A 26 8.79 -22.71 -3.21
C LYS A 26 7.48 -21.94 -2.97
N LEU A 27 7.28 -20.86 -3.73
CA LEU A 27 6.06 -20.04 -3.62
C LEU A 27 4.81 -20.79 -4.10
N VAL A 28 4.86 -21.35 -5.32
CA VAL A 28 3.71 -22.08 -5.87
C VAL A 28 3.35 -23.29 -5.00
N GLY A 29 4.37 -23.93 -4.41
CA GLY A 29 4.14 -25.04 -3.49
C GLY A 29 3.32 -24.62 -2.28
N MET A 30 3.55 -23.40 -1.78
CA MET A 30 2.74 -22.83 -0.70
C MET A 30 1.36 -22.37 -1.21
N GLY A 31 1.32 -21.94 -2.48
CA GLY A 31 0.03 -21.54 -3.08
C GLY A 31 0.13 -20.35 -4.01
N PHE A 32 1.27 -19.67 -4.04
CA PHE A 32 1.43 -18.45 -4.87
C PHE A 32 1.41 -18.75 -6.37
N VAL A 33 0.22 -18.77 -6.94
CA VAL A 33 0.03 -18.92 -8.39
C VAL A 33 -0.87 -17.79 -8.94
N PRO A 34 -0.55 -17.26 -10.14
CA PRO A 34 -1.33 -16.15 -10.73
C PRO A 34 -2.81 -16.48 -10.91
N GLY A 35 -3.67 -15.89 -10.06
CA GLY A 35 -5.10 -16.14 -10.13
C GLY A 35 -5.76 -16.31 -8.77
N GLU A 36 -4.96 -16.57 -7.74
CA GLU A 36 -5.49 -16.75 -6.36
C GLU A 36 -5.68 -15.41 -5.63
N GLU A 37 -6.61 -15.38 -4.68
CA GLU A 37 -6.76 -14.23 -3.77
C GLU A 37 -5.99 -14.48 -2.46
N ILE A 38 -5.39 -13.43 -1.91
CA ILE A 38 -4.57 -13.53 -0.71
C ILE A 38 -4.75 -12.30 0.21
N GLU A 39 -4.95 -12.53 1.50
CA GLU A 39 -5.08 -11.44 2.48
C GLU A 39 -3.98 -11.51 3.55
N ILE A 40 -3.52 -10.36 4.02
CA ILE A 40 -2.55 -10.31 5.11
C ILE A 40 -3.24 -10.43 6.48
N VAL A 41 -2.94 -11.50 7.21
CA VAL A 41 -3.55 -11.74 8.52
C VAL A 41 -2.99 -10.79 9.59
N GLN A 42 -1.67 -10.81 9.75
CA GLN A 42 -1.01 -10.01 10.78
C GLN A 42 0.48 -9.82 10.46
N VAL A 43 1.08 -8.82 11.07
CA VAL A 43 2.52 -8.57 10.94
C VAL A 43 3.20 -8.66 12.32
N ALA A 44 4.38 -9.27 12.37
CA ALA A 44 5.15 -9.35 13.61
C ALA A 44 5.47 -7.95 14.15
N PRO A 45 5.39 -7.75 15.48
CA PRO A 45 5.63 -6.42 16.10
C PRO A 45 7.02 -5.85 15.78
N LEU A 46 7.93 -6.70 15.31
CA LEU A 46 9.30 -6.28 14.95
C LEU A 46 9.39 -5.89 13.46
N GLY A 47 8.25 -5.89 12.77
CA GLY A 47 8.23 -5.55 11.35
C GLY A 47 8.28 -6.77 10.43
N ASP A 48 9.10 -7.75 10.81
CA ASP A 48 9.26 -8.99 10.04
C ASP A 48 9.15 -10.22 10.98
N PRO A 49 8.52 -11.33 10.55
CA PRO A 49 7.93 -11.49 9.21
C PRO A 49 6.44 -11.10 9.12
N ILE A 50 5.81 -11.45 8.00
CA ILE A 50 4.38 -11.18 7.77
C ILE A 50 3.61 -12.47 7.49
N VAL A 51 2.36 -12.55 7.97
CA VAL A 51 1.52 -13.75 7.78
C VAL A 51 0.30 -13.44 6.89
N CYS A 52 -0.01 -14.34 5.96
CA CYS A 52 -1.12 -14.14 5.02
C CYS A 52 -1.94 -15.41 4.83
N LYS A 53 -3.04 -15.31 4.09
CA LYS A 53 -3.90 -16.46 3.77
C LYS A 53 -4.16 -16.57 2.26
N ILE A 54 -3.72 -17.66 1.66
CA ILE A 54 -3.98 -17.92 0.24
C ILE A 54 -5.21 -18.83 0.09
N GLY A 55 -6.30 -18.25 -0.41
CA GLY A 55 -7.56 -19.00 -0.55
C GLY A 55 -8.15 -19.39 0.80
N ASN A 56 -7.59 -20.44 1.41
CA ASN A 56 -8.06 -20.94 2.70
C ASN A 56 -6.93 -21.00 3.75
N ARG A 57 -5.73 -21.43 3.32
CA ARG A 57 -4.65 -21.73 4.26
C ARG A 57 -3.73 -20.53 4.52
N ASN A 58 -3.05 -20.55 5.67
CA ASN A 58 -2.15 -19.46 6.09
C ASN A 58 -0.71 -19.72 5.64
N ILE A 59 -0.10 -18.71 5.02
CA ILE A 59 1.31 -18.79 4.59
C ILE A 59 2.14 -17.66 5.22
N THR A 60 3.27 -18.01 5.83
CA THR A 60 4.16 -17.02 6.46
C THR A 60 5.34 -16.68 5.54
N LEU A 61 5.63 -15.39 5.37
CA LEU A 61 6.71 -14.95 4.48
C LEU A 61 7.69 -14.00 5.18
N ARG A 62 8.95 -14.07 4.76
CA ARG A 62 9.93 -13.02 5.08
C ARG A 62 9.82 -11.90 4.05
N LYS A 63 10.15 -10.66 4.44
CA LYS A 63 10.05 -9.53 3.52
C LYS A 63 10.84 -9.78 2.21
N ARG A 64 12.07 -10.29 2.33
CA ARG A 64 12.89 -10.63 1.15
C ARG A 64 12.12 -11.54 0.16
N GLU A 65 11.27 -12.40 0.70
CA GLU A 65 10.46 -13.32 -0.13
C GLU A 65 9.22 -12.59 -0.67
N ALA A 66 8.52 -11.90 0.21
CA ALA A 66 7.24 -11.22 -0.11
C ALA A 66 7.42 -10.10 -1.15
N ASP A 67 8.58 -9.45 -1.16
CA ASP A 67 8.88 -8.39 -2.11
C ASP A 67 8.90 -8.89 -3.58
N LEU A 68 8.85 -10.20 -3.77
CA LEU A 68 8.90 -10.79 -5.12
C LEU A 68 7.53 -11.28 -5.62
N ILE A 69 6.48 -11.01 -4.84
CA ILE A 69 5.11 -11.34 -5.24
C ILE A 69 4.32 -10.05 -5.58
N GLU A 70 3.81 -9.98 -6.81
CA GLU A 70 3.05 -8.82 -7.28
C GLU A 70 1.53 -9.00 -7.04
N VAL A 71 0.98 -8.21 -6.11
CA VAL A 71 -0.45 -8.26 -5.78
C VAL A 71 -1.13 -6.89 -5.92
N GLU A 72 -2.46 -6.89 -5.94
CA GLU A 72 -3.26 -5.65 -5.99
C GLU A 72 -4.42 -5.69 -4.99
N VAL A 73 -4.89 -4.52 -4.57
CA VAL A 73 -5.98 -4.41 -3.58
C VAL A 73 -7.34 -4.76 -4.20
N VAL A 74 -8.08 -5.67 -3.54
CA VAL A 74 -9.40 -6.08 -4.02
C VAL A 74 -10.53 -5.26 -3.36
N GLY A 75 -10.19 -4.53 -2.29
CA GLY A 75 -11.17 -3.73 -1.58
C GLY A 75 -11.62 -2.47 -2.34
N GLY A 76 -12.17 -1.50 -1.62
CA GLY A 76 -12.66 -0.27 -2.25
C GLY A 76 -11.59 0.81 -2.37
N GLU A 77 -10.83 1.03 -1.28
CA GLU A 77 -9.76 2.01 -1.27
C GLU A 77 -8.44 1.43 -0.74
N LEU A 78 -7.38 2.24 -0.73
CA LEU A 78 -6.07 1.81 -0.24
C LEU A 78 -5.46 2.87 0.70
N PRO A 79 -4.64 2.47 1.67
CA PRO A 79 -4.01 3.40 2.61
C PRO A 79 -2.96 4.31 1.95
N LEU A 80 -2.85 5.54 2.45
CA LEU A 80 -1.95 6.56 1.87
C LEU A 80 -0.50 6.04 1.79
N ILE A 81 -0.09 5.25 2.78
CA ILE A 81 1.26 4.66 2.81
C ILE A 81 1.55 3.79 1.56
N LEU A 82 0.49 3.22 0.98
CA LEU A 82 0.62 2.33 -0.18
C LEU A 82 0.26 3.04 -1.49
N ALA A 83 -0.04 4.33 -1.40
CA ALA A 83 -0.44 5.12 -2.57
C ALA A 83 0.70 5.25 -3.59
N ASP A 84 0.49 4.72 -4.79
CA ASP A 84 1.44 4.89 -5.90
C ASP A 84 1.58 6.38 -6.27
N ASP A 85 2.70 6.75 -6.88
CA ASP A 85 3.00 8.16 -7.19
C ASP A 85 1.92 8.80 -8.10
N GLY A 86 1.02 9.57 -7.49
CA GLY A 86 -0.04 10.25 -8.22
C GLY A 86 -0.98 11.05 -7.33
N THR A 87 -2.03 11.63 -7.90
CA THR A 87 -3.02 12.40 -7.13
C THR A 87 -4.14 11.49 -6.58
N TYR A 88 -4.36 11.53 -5.27
CA TYR A 88 -5.39 10.69 -4.63
C TYR A 88 -6.41 11.50 -3.84
N GLU A 89 -7.59 10.89 -3.62
CA GLU A 89 -8.65 11.49 -2.80
C GLU A 89 -8.74 10.79 -1.44
N ILE A 90 -8.69 11.56 -0.35
CA ILE A 90 -8.76 10.98 1.00
C ILE A 90 -10.21 10.72 1.42
N THR A 91 -10.56 9.43 1.49
CA THR A 91 -11.96 9.01 1.72
C THR A 91 -12.30 8.88 3.22
N LYS A 92 -11.34 8.46 4.05
CA LYS A 92 -11.62 8.25 5.48
C LYS A 92 -10.33 8.23 6.33
N LEU A 93 -10.48 8.46 7.64
CA LEU A 93 -9.36 8.48 8.59
C LEU A 93 -9.53 7.41 9.68
N ASN A 94 -8.41 6.86 10.17
CA ASN A 94 -8.43 5.91 11.29
C ASN A 94 -7.52 6.38 12.43
N GLY A 95 -8.11 6.91 13.50
CA GLY A 95 -7.32 7.38 14.63
C GLY A 95 -8.18 8.01 15.72
N GLY A 96 -7.54 8.74 16.63
CA GLY A 96 -8.25 9.39 17.73
C GLY A 96 -8.31 10.91 17.62
N ARG A 97 -8.55 11.56 18.75
CA ARG A 97 -8.73 13.02 18.80
C ARG A 97 -7.49 13.79 18.31
N ARG A 98 -6.32 13.45 18.87
CA ARG A 98 -5.07 14.11 18.48
C ARG A 98 -4.74 13.84 17.01
N PHE A 99 -5.04 12.63 16.54
CA PHE A 99 -4.81 12.24 15.14
C PHE A 99 -5.64 13.12 14.19
N LEU A 100 -6.95 13.15 14.39
CA LEU A 100 -7.85 13.94 13.55
C LEU A 100 -7.50 15.43 13.57
N PHE A 101 -7.23 15.95 14.77
CA PHE A 101 -6.90 17.37 14.94
C PHE A 101 -5.68 17.78 14.09
N ARG A 102 -4.58 17.04 14.21
CA ARG A 102 -3.37 17.36 13.44
C ARG A 102 -3.58 17.20 11.93
N MET A 103 -4.20 16.10 11.51
CA MET A 103 -4.41 15.84 10.08
C MET A 103 -5.19 16.99 9.39
N LYS A 104 -6.15 17.58 10.12
CA LYS A 104 -6.90 18.72 9.59
C LYS A 104 -6.01 19.96 9.42
N ASN A 105 -5.02 20.12 10.30
CA ASN A 105 -4.07 21.23 10.21
C ASN A 105 -2.99 20.99 9.14
N LEU A 106 -2.66 19.73 8.88
CA LEU A 106 -1.72 19.38 7.81
C LEU A 106 -2.39 19.47 6.42
N GLY A 107 -3.69 19.17 6.37
CA GLY A 107 -4.43 19.28 5.11
C GLY A 107 -5.35 18.08 4.84
N ILE A 108 -4.85 16.88 5.08
CA ILE A 108 -5.62 15.65 4.84
C ILE A 108 -6.77 15.48 5.88
N GLU A 109 -7.82 16.30 5.71
CA GLU A 109 -8.96 16.32 6.64
C GLU A 109 -10.21 15.63 6.05
N SER A 110 -9.99 14.69 5.12
CA SER A 110 -11.07 13.99 4.40
C SER A 110 -11.74 14.93 3.38
N GLY A 111 -11.76 14.52 2.11
CA GLY A 111 -12.23 15.40 1.04
C GLY A 111 -11.15 16.34 0.55
N LYS A 112 -9.99 15.78 0.23
CA LYS A 112 -8.80 16.55 -0.14
C LYS A 112 -7.92 15.78 -1.15
N LYS A 113 -7.45 16.48 -2.19
CA LYS A 113 -6.53 15.87 -3.15
C LYS A 113 -5.08 15.89 -2.63
N ILE A 114 -4.52 14.71 -2.39
CA ILE A 114 -3.13 14.57 -1.96
C ILE A 114 -2.22 14.15 -3.14
N GLN A 115 -1.14 14.90 -3.34
CA GLN A 115 -0.19 14.60 -4.44
C GLN A 115 0.99 13.76 -3.94
N VAL A 116 1.04 12.50 -4.34
CA VAL A 116 2.17 11.62 -4.03
C VAL A 116 3.22 11.69 -5.15
N SER A 117 4.34 12.38 -4.89
CA SER A 117 5.41 12.53 -5.89
C SER A 117 6.74 12.02 -5.34
N GLY A 118 7.27 10.94 -5.91
CA GLY A 118 8.50 10.34 -5.40
C GLY A 118 8.32 9.79 -3.99
N ARG A 119 7.11 9.29 -3.70
CA ARG A 119 6.74 8.82 -2.36
C ARG A 119 6.75 9.95 -1.33
N ARG A 120 6.85 11.19 -1.83
CA ARG A 120 6.74 12.39 -0.99
C ARG A 120 5.32 12.96 -1.09
N TYR A 121 4.70 13.22 0.05
CA TYR A 121 3.28 13.61 0.09
C TYR A 121 3.10 15.13 0.17
N TYR A 122 2.39 15.70 -0.82
CA TYR A 122 2.17 17.16 -0.88
C TYR A 122 0.69 17.52 -1.04
N ILE A 123 0.18 18.39 -0.18
CA ILE A 123 -1.16 18.96 -0.35
C ILE A 123 -1.08 20.27 -1.18
N GLU A 124 -1.51 20.21 -2.44
CA GLU A 124 -1.44 21.36 -3.34
C GLU A 124 -0.01 21.90 -3.47
N GLY A 125 0.97 21.00 -3.39
CA GLY A 125 2.38 21.37 -3.50
C GLY A 125 3.07 21.52 -2.14
N ARG A 126 2.30 21.62 -1.07
CA ARG A 126 2.87 21.83 0.28
C ARG A 126 3.20 20.49 0.97
N GLU A 127 4.41 20.39 1.49
CA GLU A 127 4.93 19.14 2.07
C GLU A 127 4.20 18.72 3.36
N ILE A 128 3.75 17.46 3.41
CA ILE A 128 3.04 16.91 4.57
C ILE A 128 3.87 15.86 5.32
N ASP A 129 3.96 16.00 6.63
CA ASP A 129 4.72 15.06 7.47
C ASP A 129 3.90 13.80 7.78
N LEU A 130 4.08 12.75 6.97
CA LEU A 130 3.40 11.46 7.19
C LEU A 130 4.40 10.29 7.18
N GLY A 131 4.55 9.64 8.34
CA GLY A 131 5.46 8.49 8.44
C GLY A 131 4.80 7.17 8.06
N TYR A 132 5.52 6.07 8.27
CA TYR A 132 5.03 4.72 7.95
C TYR A 132 3.76 4.37 8.73
N GLY A 133 3.88 4.36 10.06
CA GLY A 133 2.73 4.04 10.92
C GLY A 133 1.63 5.10 10.86
N GLU A 134 1.99 6.33 10.51
CA GLU A 134 1.01 7.41 10.36
C GLU A 134 0.20 7.28 9.06
N ALA A 135 0.90 7.23 7.93
CA ALA A 135 0.27 7.21 6.60
C ALA A 135 -0.64 5.99 6.39
N THR A 136 -0.37 4.89 7.11
CA THR A 136 -1.19 3.68 6.99
C THR A 136 -2.57 3.86 7.65
N LYS A 137 -2.73 4.93 8.43
CA LYS A 137 -4.00 5.23 9.11
C LYS A 137 -4.92 6.08 8.22
N ILE A 138 -4.36 6.66 7.16
CA ILE A 138 -5.13 7.45 6.18
C ILE A 138 -5.50 6.56 4.97
N TRP A 139 -6.74 6.67 4.49
CA TRP A 139 -7.19 5.87 3.34
C TRP A 139 -7.57 6.77 2.16
N VAL A 140 -7.00 6.49 0.98
CA VAL A 140 -7.21 7.30 -0.22
C VAL A 140 -7.59 6.44 -1.44
N ARG A 141 -8.10 7.09 -2.50
CA ARG A 141 -8.45 6.40 -3.75
C ARG A 141 -7.82 7.11 -4.97
N ARG A 142 -7.62 6.38 -6.05
CA ARG A 142 -6.97 6.93 -7.26
C ARG A 142 -7.92 7.84 -8.05
N VAL A 143 -7.66 9.15 -8.03
CA VAL A 143 -8.40 10.11 -8.86
C VAL A 143 -7.54 10.62 -10.03
N SER A 144 -6.23 10.77 -9.78
CA SER A 144 -5.24 11.12 -10.81
C SER A 144 -5.60 12.39 -11.60
N ASP A 145 -5.74 13.51 -10.89
CA ASP A 145 -5.95 14.82 -11.53
C ASP A 145 -4.77 15.20 -12.46
N ALA A 146 -3.57 14.82 -12.05
CA ALA A 146 -2.35 15.12 -12.82
C ALA A 146 -2.35 14.37 -14.17
N GLY A 147 -2.23 15.12 -15.27
CA GLY A 147 -2.31 14.54 -16.61
C GLY A 147 -0.98 13.97 -17.11
N GLU A 148 -0.37 13.08 -16.32
CA GLU A 148 0.88 12.42 -16.72
C GLU A 148 0.69 10.91 -16.91
N GLU A 149 1.76 10.21 -17.27
CA GLU A 149 1.69 8.77 -17.55
C GLU A 149 1.46 7.94 -16.27
N SER A 150 0.91 6.74 -16.44
CA SER A 150 0.69 5.81 -15.33
C SER A 150 1.93 4.94 -15.08
N HIS A 151 1.86 4.08 -14.07
CA HIS A 151 3.00 3.23 -13.71
C HIS A 151 2.66 1.74 -13.88
N PRO A 152 3.31 1.05 -14.85
CA PRO A 152 3.12 -0.40 -15.05
C PRO A 152 3.88 -1.24 -14.01
N GLN A 153 3.32 -2.40 -13.67
CA GLN A 153 3.96 -3.29 -12.68
C GLN A 153 5.00 -4.20 -13.35
N LYS A 154 5.56 -5.12 -12.58
CA LYS A 154 6.57 -6.06 -13.07
C LYS A 154 6.01 -6.95 -14.19
N LEU A 155 6.87 -7.28 -15.16
CA LEU A 155 6.47 -8.12 -16.30
C LEU A 155 6.29 -9.60 -15.89
N GLU A 156 5.47 -10.33 -16.64
CA GLU A 156 5.17 -11.74 -16.34
C GLU A 156 6.26 -12.70 -16.85
N HIS A 157 6.69 -13.62 -15.99
CA HIS A 157 7.63 -14.68 -16.38
C HIS A 157 6.87 -15.95 -16.81
N HIS A 158 7.27 -16.54 -17.93
CA HIS A 158 6.59 -17.72 -18.48
C HIS A 158 7.40 -19.00 -18.24
N HIS A 159 6.82 -20.14 -18.59
CA HIS A 159 7.52 -21.42 -18.51
C HIS A 159 8.57 -21.53 -19.63
N HIS A 160 9.84 -21.65 -19.25
CA HIS A 160 10.94 -21.68 -20.23
C HIS A 160 10.86 -22.91 -21.15
N HIS A 161 10.15 -23.94 -20.71
CA HIS A 161 9.91 -25.14 -21.54
C HIS A 161 8.44 -25.57 -21.46
N HIS A 162 7.64 -25.11 -22.42
CA HIS A 162 6.20 -25.42 -22.49
C HIS A 162 5.41 -24.71 -21.36
N MET A 1 2.40 -3.05 -6.24
CA MET A 1 2.36 -3.10 -4.75
C MET A 1 2.59 -4.52 -4.24
N LYS A 2 3.04 -4.65 -2.98
CA LYS A 2 3.49 -5.94 -2.46
C LYS A 2 2.89 -6.24 -1.07
N LEU A 3 2.55 -7.52 -0.83
CA LEU A 3 1.86 -7.94 0.41
C LEU A 3 2.72 -7.69 1.67
N SER A 4 4.04 -7.60 1.51
CA SER A 4 4.97 -7.36 2.64
C SER A 4 4.60 -6.09 3.42
N ARG A 5 3.95 -5.17 2.74
CA ARG A 5 3.60 -3.87 3.31
C ARG A 5 2.07 -3.62 3.25
N LEU A 6 1.32 -4.70 3.08
CA LEU A 6 -0.15 -4.62 2.94
C LEU A 6 -0.86 -4.65 4.31
N VAL A 7 -1.98 -3.94 4.42
CA VAL A 7 -2.73 -3.84 5.67
C VAL A 7 -3.51 -5.14 5.97
N PRO A 8 -3.34 -5.72 7.18
CA PRO A 8 -4.09 -6.91 7.60
C PRO A 8 -5.60 -6.77 7.45
N GLY A 9 -6.24 -7.74 6.80
CA GLY A 9 -7.69 -7.69 6.59
C GLY A 9 -8.09 -7.22 5.20
N VAL A 10 -7.16 -6.60 4.47
CA VAL A 10 -7.45 -6.09 3.12
C VAL A 10 -7.29 -7.20 2.06
N PRO A 11 -8.38 -7.53 1.33
CA PRO A 11 -8.34 -8.56 0.27
C PRO A 11 -7.58 -8.08 -0.99
N ALA A 12 -6.48 -8.76 -1.29
CA ALA A 12 -5.67 -8.46 -2.47
C ALA A 12 -5.66 -9.63 -3.47
N ARG A 13 -4.97 -9.43 -4.60
CA ARG A 13 -4.86 -10.48 -5.63
C ARG A 13 -3.44 -10.57 -6.19
N ILE A 14 -2.89 -11.78 -6.24
CA ILE A 14 -1.56 -12.01 -6.81
C ILE A 14 -1.56 -11.73 -8.32
N LYS A 15 -0.90 -10.65 -8.75
CA LYS A 15 -0.79 -10.34 -10.18
C LYS A 15 0.32 -11.15 -10.85
N ARG A 16 1.49 -11.21 -10.21
CA ARG A 16 2.65 -11.91 -10.77
C ARG A 16 3.77 -12.11 -9.74
N LEU A 17 4.72 -13.00 -10.06
CA LEU A 17 5.91 -13.23 -9.23
C LEU A 17 7.19 -12.77 -9.97
N GLU A 18 8.11 -12.13 -9.25
CA GLU A 18 9.34 -11.60 -9.86
C GLU A 18 10.59 -12.34 -9.38
N VAL A 19 10.40 -13.50 -8.74
CA VAL A 19 11.53 -14.25 -8.16
C VAL A 19 11.61 -15.71 -8.65
N SER A 20 12.84 -16.19 -8.81
CA SER A 20 13.10 -17.61 -9.11
C SER A 20 13.97 -18.23 -8.01
N GLY A 21 14.31 -19.51 -8.15
CA GLY A 21 15.22 -20.15 -7.20
C GLY A 21 14.52 -20.69 -5.95
N GLU A 22 15.18 -20.54 -4.80
CA GLU A 22 14.71 -21.12 -3.52
C GLU A 22 13.29 -20.66 -3.17
N LEU A 23 13.06 -19.35 -3.16
CA LEU A 23 11.75 -18.79 -2.79
C LEU A 23 10.64 -19.21 -3.76
N HIS A 24 11.00 -19.40 -5.03
CA HIS A 24 10.00 -19.70 -6.07
C HIS A 24 9.25 -21.02 -5.80
N GLU A 25 9.97 -22.06 -5.40
CA GLU A 25 9.36 -23.39 -5.19
C GLU A 25 8.36 -23.39 -4.03
N LYS A 26 8.66 -22.65 -2.96
CA LYS A 26 7.75 -22.56 -1.81
C LYS A 26 6.55 -21.65 -2.13
N LEU A 27 6.77 -20.57 -2.88
CA LEU A 27 5.68 -19.66 -3.27
C LEU A 27 4.58 -20.41 -4.05
N VAL A 28 4.97 -21.05 -5.15
CA VAL A 28 4.02 -21.79 -5.99
C VAL A 28 3.39 -22.97 -5.23
N GLY A 29 4.16 -23.55 -4.31
CA GLY A 29 3.65 -24.64 -3.49
C GLY A 29 2.59 -24.20 -2.48
N MET A 30 2.83 -23.04 -1.84
CA MET A 30 1.89 -22.51 -0.85
C MET A 30 0.64 -21.89 -1.50
N GLY A 31 0.81 -21.26 -2.66
CA GLY A 31 -0.34 -20.72 -3.40
C GLY A 31 -0.12 -19.33 -3.98
N PHE A 32 1.11 -19.00 -4.35
CA PHE A 32 1.40 -17.71 -5.00
C PHE A 32 1.46 -17.88 -6.53
N VAL A 33 0.30 -17.79 -7.17
CA VAL A 33 0.22 -17.84 -8.64
C VAL A 33 -0.73 -16.73 -9.15
N PRO A 34 -0.41 -16.14 -10.33
CA PRO A 34 -1.24 -15.07 -10.91
C PRO A 34 -2.74 -15.41 -10.96
N GLY A 35 -3.52 -14.81 -10.05
CA GLY A 35 -4.94 -15.07 -9.99
C GLY A 35 -5.46 -15.27 -8.56
N GLU A 36 -4.65 -15.90 -7.71
CA GLU A 36 -5.01 -16.14 -6.30
C GLU A 36 -5.34 -14.83 -5.56
N GLU A 37 -6.48 -14.79 -4.90
CA GLU A 37 -6.85 -13.65 -4.06
C GLU A 37 -6.43 -13.87 -2.60
N ILE A 38 -5.55 -13.02 -2.12
CA ILE A 38 -4.87 -13.20 -0.84
C ILE A 38 -5.12 -12.04 0.15
N GLU A 39 -5.37 -12.37 1.41
CA GLU A 39 -5.54 -11.36 2.45
C GLU A 39 -4.49 -11.52 3.57
N ILE A 40 -4.01 -10.41 4.12
CA ILE A 40 -3.03 -10.46 5.22
C ILE A 40 -3.74 -10.66 6.57
N VAL A 41 -3.15 -11.48 7.43
CA VAL A 41 -3.70 -11.75 8.77
C VAL A 41 -3.08 -10.84 9.83
N GLN A 42 -1.75 -10.90 9.96
CA GLN A 42 -1.03 -10.17 11.00
C GLN A 42 0.43 -9.88 10.59
N VAL A 43 0.98 -8.79 11.13
CA VAL A 43 2.38 -8.42 10.89
C VAL A 43 3.17 -8.40 12.20
N ALA A 44 4.41 -8.90 12.17
CA ALA A 44 5.29 -8.89 13.35
C ALA A 44 5.60 -7.45 13.81
N PRO A 45 5.89 -7.25 15.12
CA PRO A 45 6.18 -5.91 15.68
C PRO A 45 7.29 -5.16 14.91
N LEU A 46 8.25 -5.92 14.38
CA LEU A 46 9.34 -5.34 13.57
C LEU A 46 8.94 -5.31 12.08
N GLY A 47 8.34 -6.40 11.61
CA GLY A 47 8.01 -6.55 10.21
C GLY A 47 8.19 -7.99 9.73
N ASP A 48 9.34 -8.56 10.04
CA ASP A 48 9.62 -9.98 9.73
C ASP A 48 9.14 -10.91 10.85
N PRO A 49 8.25 -11.88 10.54
CA PRO A 49 7.63 -12.07 9.23
C PRO A 49 6.16 -11.56 9.17
N ILE A 50 5.51 -11.78 8.03
CA ILE A 50 4.08 -11.48 7.88
C ILE A 50 3.28 -12.75 7.55
N VAL A 51 2.11 -12.89 8.16
CA VAL A 51 1.25 -14.05 7.94
C VAL A 51 0.02 -13.67 7.09
N CYS A 52 -0.21 -14.41 6.01
CA CYS A 52 -1.34 -14.15 5.11
C CYS A 52 -2.25 -15.39 4.96
N LYS A 53 -3.30 -15.26 4.15
CA LYS A 53 -4.24 -16.37 3.90
C LYS A 53 -4.37 -16.67 2.40
N ILE A 54 -3.99 -17.87 2.00
CA ILE A 54 -4.17 -18.35 0.62
C ILE A 54 -4.84 -19.72 0.62
N GLY A 55 -5.99 -19.83 -0.03
CA GLY A 55 -6.72 -21.09 -0.07
C GLY A 55 -7.16 -21.57 1.31
N ASN A 56 -7.73 -20.63 2.08
CA ASN A 56 -8.29 -20.93 3.43
C ASN A 56 -7.21 -21.34 4.45
N ARG A 57 -5.93 -21.28 4.07
CA ARG A 57 -4.83 -21.64 4.99
C ARG A 57 -3.86 -20.46 5.18
N ASN A 58 -3.09 -20.50 6.27
CA ASN A 58 -2.18 -19.40 6.62
C ASN A 58 -0.77 -19.62 6.07
N ILE A 59 -0.25 -18.60 5.39
CA ILE A 59 1.08 -18.66 4.76
C ILE A 59 2.04 -17.63 5.38
N THR A 60 3.21 -18.07 5.82
CA THR A 60 4.19 -17.19 6.46
C THR A 60 5.33 -16.80 5.50
N LEU A 61 5.50 -15.49 5.29
CA LEU A 61 6.56 -14.95 4.43
C LEU A 61 7.43 -13.93 5.20
N ARG A 62 8.70 -13.82 4.84
CA ARG A 62 9.53 -12.70 5.32
C ARG A 62 9.19 -11.43 4.53
N LYS A 63 9.52 -10.27 5.08
CA LYS A 63 9.20 -9.00 4.40
C LYS A 63 9.86 -8.93 3.01
N ARG A 64 11.19 -9.02 2.95
CA ARG A 64 11.92 -8.93 1.67
C ARG A 64 11.54 -10.10 0.73
N GLU A 65 11.15 -11.24 1.30
CA GLU A 65 10.66 -12.37 0.51
C GLU A 65 9.32 -12.01 -0.16
N ALA A 66 8.42 -11.45 0.63
CA ALA A 66 7.09 -11.05 0.15
C ALA A 66 7.18 -9.87 -0.83
N ASP A 67 8.23 -9.05 -0.71
CA ASP A 67 8.49 -7.98 -1.68
C ASP A 67 8.74 -8.54 -3.10
N LEU A 68 9.00 -9.83 -3.19
CA LEU A 68 9.23 -10.46 -4.49
C LEU A 68 7.92 -11.00 -5.11
N ILE A 69 6.80 -10.69 -4.46
CA ILE A 69 5.47 -11.02 -4.98
C ILE A 69 4.65 -9.74 -5.23
N GLU A 70 4.06 -9.63 -6.42
CA GLU A 70 3.29 -8.43 -6.81
C GLU A 70 1.78 -8.67 -6.66
N VAL A 71 1.14 -7.94 -5.75
CA VAL A 71 -0.29 -8.10 -5.48
C VAL A 71 -1.10 -6.88 -5.97
N GLU A 72 -2.42 -6.92 -5.80
CA GLU A 72 -3.30 -5.81 -6.17
C GLU A 72 -4.51 -5.74 -5.24
N VAL A 73 -4.92 -4.53 -4.85
CA VAL A 73 -6.03 -4.35 -3.92
C VAL A 73 -7.40 -4.62 -4.58
N VAL A 74 -8.09 -5.67 -4.13
CA VAL A 74 -9.43 -6.00 -4.62
C VAL A 74 -10.50 -5.15 -3.91
N GLY A 75 -10.17 -4.67 -2.70
CA GLY A 75 -11.10 -3.84 -1.94
C GLY A 75 -11.31 -2.45 -2.55
N GLY A 76 -12.12 -1.63 -1.87
CA GLY A 76 -12.43 -0.29 -2.37
C GLY A 76 -11.22 0.61 -2.56
N GLU A 77 -10.52 0.94 -1.48
CA GLU A 77 -9.37 1.86 -1.54
C GLU A 77 -8.10 1.25 -0.94
N LEU A 78 -7.01 2.01 -0.99
CA LEU A 78 -5.71 1.56 -0.47
C LEU A 78 -5.03 2.67 0.34
N PRO A 79 -4.16 2.30 1.31
CA PRO A 79 -3.45 3.30 2.14
C PRO A 79 -2.38 4.08 1.36
N LEU A 80 -2.06 5.27 1.85
CA LEU A 80 -1.15 6.21 1.19
C LEU A 80 0.23 5.58 0.91
N ILE A 81 0.72 4.74 1.83
CA ILE A 81 2.02 4.07 1.67
C ILE A 81 2.04 3.15 0.42
N LEU A 82 0.87 2.63 0.05
CA LEU A 82 0.75 1.71 -1.08
C LEU A 82 0.33 2.43 -2.37
N ALA A 83 0.02 3.71 -2.25
CA ALA A 83 -0.46 4.50 -3.39
C ALA A 83 0.62 4.71 -4.46
N ASP A 84 0.28 4.38 -5.70
CA ASP A 84 1.12 4.67 -6.87
C ASP A 84 1.26 6.19 -7.06
N ASP A 85 2.27 6.64 -7.83
CA ASP A 85 2.49 8.08 -8.02
C ASP A 85 1.35 8.74 -8.82
N GLY A 86 0.90 9.91 -8.36
CA GLY A 86 -0.21 10.61 -9.01
C GLY A 86 -1.10 11.37 -8.03
N THR A 87 -2.19 11.94 -8.53
CA THR A 87 -3.13 12.70 -7.69
C THR A 87 -4.20 11.79 -7.07
N TYR A 88 -4.27 11.77 -5.75
CA TYR A 88 -5.28 10.98 -5.02
C TYR A 88 -6.17 11.87 -4.16
N GLU A 89 -7.19 11.28 -3.57
CA GLU A 89 -8.05 11.96 -2.59
C GLU A 89 -8.23 11.08 -1.35
N ILE A 90 -8.14 11.68 -0.16
CA ILE A 90 -8.29 10.94 1.09
C ILE A 90 -9.76 10.70 1.45
N THR A 91 -10.09 9.48 1.87
CA THR A 91 -11.49 9.11 2.19
C THR A 91 -11.72 8.83 3.69
N LYS A 92 -10.75 8.21 4.36
CA LYS A 92 -10.91 7.85 5.78
C LYS A 92 -9.57 7.72 6.53
N LEU A 93 -9.61 8.00 7.84
CA LEU A 93 -8.42 7.94 8.71
C LEU A 93 -8.50 6.77 9.70
N ASN A 94 -7.35 6.17 10.02
CA ASN A 94 -7.25 5.18 11.10
C ASN A 94 -6.46 5.75 12.29
N GLY A 95 -7.16 6.13 13.37
CA GLY A 95 -6.47 6.68 14.54
C GLY A 95 -7.39 7.43 15.50
N GLY A 96 -6.85 7.76 16.68
CA GLY A 96 -7.64 8.43 17.71
C GLY A 96 -7.74 9.94 17.52
N ARG A 97 -8.35 10.62 18.51
CA ARG A 97 -8.61 12.07 18.44
C ARG A 97 -7.31 12.88 18.25
N ARG A 98 -6.19 12.44 18.83
CA ARG A 98 -4.91 13.15 18.70
C ARG A 98 -4.32 12.94 17.28
N PHE A 99 -4.54 11.75 16.74
CA PHE A 99 -4.14 11.44 15.36
C PHE A 99 -4.86 12.38 14.37
N LEU A 100 -6.18 12.47 14.51
CA LEU A 100 -7.00 13.36 13.68
C LEU A 100 -6.59 14.84 13.84
N PHE A 101 -6.29 15.22 15.08
CA PHE A 101 -5.86 16.60 15.39
C PHE A 101 -4.67 17.04 14.53
N ARG A 102 -3.61 16.24 14.51
CA ARG A 102 -2.43 16.55 13.70
C ARG A 102 -2.78 16.62 12.20
N MET A 103 -3.43 15.57 11.70
CA MET A 103 -3.80 15.48 10.28
C MET A 103 -4.61 16.68 9.80
N LYS A 104 -5.49 17.21 10.65
CA LYS A 104 -6.30 18.39 10.31
C LYS A 104 -5.43 19.64 10.11
N ASN A 105 -4.26 19.68 10.78
CA ASN A 105 -3.32 20.80 10.64
C ASN A 105 -2.45 20.65 9.37
N LEU A 106 -2.28 19.42 8.90
CA LEU A 106 -1.48 19.16 7.70
C LEU A 106 -2.33 19.21 6.41
N GLY A 107 -3.60 18.78 6.50
CA GLY A 107 -4.48 18.83 5.35
C GLY A 107 -5.27 17.53 5.11
N ILE A 108 -4.63 16.39 5.29
CA ILE A 108 -5.29 15.08 5.07
C ILE A 108 -6.49 14.86 6.01
N GLU A 109 -7.64 15.42 5.64
CA GLU A 109 -8.89 15.25 6.41
C GLU A 109 -9.90 14.35 5.67
N SER A 110 -10.55 14.93 4.66
CA SER A 110 -11.56 14.22 3.86
C SER A 110 -12.02 15.10 2.69
N GLY A 111 -11.92 14.55 1.47
CA GLY A 111 -12.21 15.34 0.27
C GLY A 111 -11.00 16.11 -0.25
N LYS A 112 -9.88 16.00 0.48
CA LYS A 112 -8.63 16.66 0.12
C LYS A 112 -7.83 15.84 -0.90
N LYS A 113 -7.30 16.52 -1.92
CA LYS A 113 -6.46 15.88 -2.93
C LYS A 113 -5.01 15.73 -2.44
N ILE A 114 -4.56 14.49 -2.28
CA ILE A 114 -3.18 14.19 -1.89
C ILE A 114 -2.36 13.69 -3.10
N GLN A 115 -1.41 14.50 -3.53
CA GLN A 115 -0.52 14.14 -4.65
C GLN A 115 0.71 13.36 -4.14
N VAL A 116 1.02 12.25 -4.82
CA VAL A 116 2.25 11.50 -4.53
C VAL A 116 3.26 11.69 -5.66
N SER A 117 4.28 12.53 -5.42
CA SER A 117 5.33 12.78 -6.42
C SER A 117 6.62 12.05 -6.03
N GLY A 118 6.75 10.80 -6.49
CA GLY A 118 7.88 9.98 -6.08
C GLY A 118 8.04 9.88 -4.56
N ARG A 119 6.94 9.51 -3.88
CA ARG A 119 6.90 9.42 -2.41
C ARG A 119 6.96 10.78 -1.70
N ARG A 120 6.95 11.87 -2.47
CA ARG A 120 6.77 13.22 -1.92
C ARG A 120 5.27 13.55 -1.86
N TYR A 121 4.74 13.64 -0.64
CA TYR A 121 3.28 13.76 -0.44
C TYR A 121 2.85 15.23 -0.29
N TYR A 122 1.92 15.68 -1.14
CA TYR A 122 1.45 17.08 -1.11
C TYR A 122 -0.09 17.17 -1.12
N ILE A 123 -0.67 17.77 -0.08
CA ILE A 123 -2.11 18.09 -0.08
C ILE A 123 -2.35 19.40 -0.83
N GLU A 124 -3.06 19.31 -1.97
CA GLU A 124 -3.32 20.46 -2.85
C GLU A 124 -2.08 21.34 -3.06
N GLY A 125 -0.88 20.74 -2.95
CA GLY A 125 0.37 21.46 -3.10
C GLY A 125 1.03 21.85 -1.77
N ARG A 126 0.74 21.10 -0.71
CA ARG A 126 1.32 21.35 0.62
C ARG A 126 2.03 20.10 1.18
N GLU A 127 3.28 20.26 1.65
CA GLU A 127 4.06 19.12 2.18
C GLU A 127 3.42 18.54 3.45
N ILE A 128 3.32 17.21 3.51
CA ILE A 128 2.69 16.52 4.65
C ILE A 128 3.68 15.61 5.39
N ASP A 129 3.66 15.67 6.73
CA ASP A 129 4.55 14.84 7.57
C ASP A 129 4.01 13.40 7.72
N LEU A 130 3.87 12.69 6.61
CA LEU A 130 3.39 11.29 6.64
C LEU A 130 4.56 10.30 6.73
N GLY A 131 4.75 9.71 7.90
CA GLY A 131 5.75 8.65 8.07
C GLY A 131 5.19 7.29 7.70
N TYR A 132 5.97 6.23 7.92
CA TYR A 132 5.54 4.86 7.61
C TYR A 132 4.23 4.51 8.33
N GLY A 133 4.21 4.74 9.64
CA GLY A 133 3.03 4.43 10.46
C GLY A 133 1.77 5.18 10.01
N GLU A 134 1.92 6.46 9.69
CA GLU A 134 0.79 7.28 9.25
C GLU A 134 0.34 6.90 7.83
N ALA A 135 1.31 6.74 6.93
CA ALA A 135 1.02 6.47 5.52
C ALA A 135 0.17 5.20 5.32
N THR A 136 0.31 4.22 6.21
CA THR A 136 -0.48 2.98 6.13
C THR A 136 -1.85 3.12 6.81
N LYS A 137 -2.12 4.29 7.39
CA LYS A 137 -3.40 4.55 8.09
C LYS A 137 -4.28 5.56 7.34
N ILE A 138 -3.67 6.34 6.45
CA ILE A 138 -4.42 7.26 5.56
C ILE A 138 -4.87 6.51 4.29
N TRP A 139 -6.18 6.40 4.10
CA TRP A 139 -6.73 5.69 2.92
C TRP A 139 -7.08 6.67 1.79
N VAL A 140 -6.59 6.39 0.58
CA VAL A 140 -6.73 7.31 -0.56
C VAL A 140 -7.35 6.62 -1.80
N ARG A 141 -7.86 7.43 -2.73
CA ARG A 141 -8.41 6.94 -4.00
C ARG A 141 -7.81 7.74 -5.19
N ARG A 142 -7.50 7.05 -6.29
CA ARG A 142 -6.94 7.71 -7.48
C ARG A 142 -7.96 8.66 -8.15
N VAL A 143 -7.58 9.91 -8.35
CA VAL A 143 -8.43 10.90 -9.02
C VAL A 143 -7.72 11.53 -10.23
N SER A 144 -8.39 12.47 -10.89
CA SER A 144 -7.85 13.12 -12.11
C SER A 144 -7.71 14.64 -11.93
N ASP A 145 -7.90 15.13 -10.71
CA ASP A 145 -7.83 16.56 -10.43
C ASP A 145 -6.38 17.09 -10.51
N ALA A 146 -5.90 17.30 -11.73
CA ALA A 146 -4.60 17.93 -11.96
C ALA A 146 -4.78 19.41 -12.30
N GLY A 147 -4.57 20.28 -11.31
CA GLY A 147 -4.89 21.69 -11.48
C GLY A 147 -6.38 21.96 -11.33
N GLU A 148 -6.83 22.17 -10.08
CA GLU A 148 -8.25 22.37 -9.77
C GLU A 148 -8.88 23.49 -10.63
N GLU A 149 -10.15 23.30 -10.99
CA GLU A 149 -10.86 24.25 -11.86
C GLU A 149 -11.40 25.46 -11.06
N SER A 150 -11.85 26.49 -11.79
CA SER A 150 -12.39 27.71 -11.17
C SER A 150 -13.83 27.50 -10.67
N HIS A 151 -14.17 28.15 -9.55
CA HIS A 151 -15.47 27.98 -8.91
C HIS A 151 -16.48 29.07 -9.36
N PRO A 152 -17.69 28.67 -9.79
CA PRO A 152 -18.73 29.62 -10.27
C PRO A 152 -19.28 30.52 -9.15
N GLN A 153 -19.85 31.66 -9.54
CA GLN A 153 -20.37 32.64 -8.57
C GLN A 153 -21.62 32.12 -7.84
N LYS A 154 -21.65 32.31 -6.51
CA LYS A 154 -22.78 31.88 -5.66
C LYS A 154 -24.03 32.76 -5.88
N LEU A 155 -25.16 32.27 -5.38
CA LEU A 155 -26.44 32.99 -5.52
C LEU A 155 -26.75 33.83 -4.28
N GLU A 156 -26.87 35.14 -4.46
CA GLU A 156 -27.13 36.08 -3.36
C GLU A 156 -28.64 36.19 -3.05
N HIS A 157 -29.03 35.77 -1.85
CA HIS A 157 -30.44 35.79 -1.45
C HIS A 157 -30.82 37.09 -0.71
N HIS A 158 -32.01 37.60 -0.99
CA HIS A 158 -32.50 38.85 -0.37
C HIS A 158 -33.25 38.56 0.94
N HIS A 159 -33.75 39.63 1.59
CA HIS A 159 -34.45 39.51 2.87
C HIS A 159 -35.65 40.47 2.96
N HIS A 160 -36.66 40.09 3.74
CA HIS A 160 -37.88 40.90 3.88
C HIS A 160 -38.37 40.91 5.35
N HIS A 161 -38.73 42.09 5.83
CA HIS A 161 -39.16 42.28 7.22
C HIS A 161 -40.29 43.33 7.32
N HIS A 162 -41.32 43.02 8.12
CA HIS A 162 -42.46 43.93 8.31
C HIS A 162 -42.06 45.22 9.08
N MET A 1 1.54 -2.45 -6.46
CA MET A 1 1.74 -2.38 -4.99
C MET A 1 2.26 -3.72 -4.43
N LYS A 2 3.31 -3.65 -3.62
CA LYS A 2 3.86 -4.84 -2.95
C LYS A 2 3.05 -5.19 -1.69
N LEU A 3 3.01 -6.48 -1.33
CA LEU A 3 2.30 -6.91 -0.12
C LEU A 3 3.19 -6.87 1.13
N SER A 4 4.44 -6.42 0.96
CA SER A 4 5.38 -6.24 2.09
C SER A 4 5.02 -5.01 2.93
N ARG A 5 3.92 -4.36 2.57
CA ARG A 5 3.48 -3.13 3.22
C ARG A 5 1.94 -3.14 3.40
N LEU A 6 1.35 -4.33 3.29
CA LEU A 6 -0.12 -4.47 3.33
C LEU A 6 -0.66 -4.48 4.78
N VAL A 7 -1.85 -3.93 4.97
CA VAL A 7 -2.46 -3.81 6.30
C VAL A 7 -3.25 -5.07 6.69
N PRO A 8 -3.02 -5.62 7.90
CA PRO A 8 -3.75 -6.80 8.40
C PRO A 8 -5.28 -6.65 8.30
N GLY A 9 -5.93 -7.65 7.69
CA GLY A 9 -7.38 -7.61 7.53
C GLY A 9 -7.83 -7.22 6.13
N VAL A 10 -6.98 -6.48 5.41
CA VAL A 10 -7.30 -6.02 4.05
C VAL A 10 -7.13 -7.16 3.03
N PRO A 11 -8.23 -7.54 2.33
CA PRO A 11 -8.21 -8.59 1.30
C PRO A 11 -7.47 -8.15 0.02
N ALA A 12 -6.37 -8.83 -0.31
CA ALA A 12 -5.59 -8.53 -1.51
C ALA A 12 -5.74 -9.63 -2.58
N ARG A 13 -5.08 -9.43 -3.72
CA ARG A 13 -5.17 -10.35 -4.86
C ARG A 13 -3.85 -10.41 -5.64
N ILE A 14 -3.26 -11.60 -5.74
CA ILE A 14 -1.95 -11.78 -6.40
C ILE A 14 -2.00 -11.42 -7.90
N LYS A 15 -1.36 -10.31 -8.27
CA LYS A 15 -1.25 -9.90 -9.68
C LYS A 15 -0.11 -10.66 -10.39
N ARG A 16 1.13 -10.39 -9.98
CA ARG A 16 2.30 -10.98 -10.65
C ARG A 16 3.38 -11.37 -9.64
N LEU A 17 4.19 -12.36 -9.99
CA LEU A 17 5.43 -12.66 -9.26
C LEU A 17 6.62 -12.25 -10.13
N GLU A 18 7.23 -11.11 -9.79
CA GLU A 18 8.29 -10.51 -10.62
C GLU A 18 9.69 -11.01 -10.24
N VAL A 19 9.73 -12.20 -9.63
CA VAL A 19 10.98 -12.89 -9.32
C VAL A 19 11.07 -14.22 -10.09
N SER A 20 12.29 -14.62 -10.45
CA SER A 20 12.51 -15.88 -11.19
C SER A 20 13.41 -16.85 -10.42
N GLY A 21 13.41 -18.10 -10.82
CA GLY A 21 14.28 -19.11 -10.21
C GLY A 21 13.71 -19.73 -8.94
N GLU A 22 14.62 -20.13 -8.04
CA GLU A 22 14.26 -20.85 -6.81
C GLU A 22 13.11 -20.20 -6.03
N LEU A 23 13.16 -18.88 -5.87
CA LEU A 23 12.14 -18.17 -5.10
C LEU A 23 10.78 -18.19 -5.81
N HIS A 24 10.79 -18.11 -7.14
CA HIS A 24 9.54 -18.10 -7.93
C HIS A 24 8.77 -19.41 -7.76
N GLU A 25 9.45 -20.54 -7.97
CA GLU A 25 8.85 -21.86 -7.78
C GLU A 25 8.48 -22.10 -6.31
N LYS A 26 9.27 -21.54 -5.39
CA LYS A 26 8.98 -21.60 -3.96
C LYS A 26 7.63 -20.93 -3.63
N LEU A 27 7.48 -19.69 -4.08
CA LEU A 27 6.25 -18.92 -3.83
C LEU A 27 5.00 -19.62 -4.38
N VAL A 28 5.03 -19.99 -5.65
CA VAL A 28 3.89 -20.68 -6.28
C VAL A 28 3.62 -22.03 -5.59
N GLY A 29 4.69 -22.70 -5.14
CA GLY A 29 4.54 -23.96 -4.42
C GLY A 29 3.89 -23.81 -3.05
N MET A 30 4.03 -22.62 -2.44
CA MET A 30 3.39 -22.33 -1.15
C MET A 30 1.94 -21.83 -1.33
N GLY A 31 1.63 -21.30 -2.51
CA GLY A 31 0.28 -20.83 -2.80
C GLY A 31 0.22 -19.56 -3.64
N PHE A 32 1.33 -18.83 -3.73
CA PHE A 32 1.36 -17.55 -4.47
C PHE A 32 1.34 -17.76 -5.99
N VAL A 33 0.14 -17.87 -6.56
CA VAL A 33 -0.02 -17.93 -8.02
C VAL A 33 -0.96 -16.80 -8.52
N PRO A 34 -0.69 -16.24 -9.71
CA PRO A 34 -1.50 -15.13 -10.26
C PRO A 34 -3.01 -15.42 -10.30
N GLY A 35 -3.77 -14.69 -9.47
CA GLY A 35 -5.22 -14.89 -9.41
C GLY A 35 -5.74 -15.24 -8.01
N GLU A 36 -4.83 -15.61 -7.10
CA GLU A 36 -5.23 -15.96 -5.72
C GLU A 36 -5.56 -14.72 -4.89
N GLU A 37 -6.56 -14.85 -4.02
CA GLU A 37 -6.93 -13.78 -3.10
C GLU A 37 -6.37 -14.06 -1.69
N ILE A 38 -5.70 -13.06 -1.12
CA ILE A 38 -4.89 -13.24 0.09
C ILE A 38 -5.10 -12.12 1.13
N GLU A 39 -5.42 -12.48 2.37
CA GLU A 39 -5.59 -11.50 3.45
C GLU A 39 -4.48 -11.64 4.52
N ILE A 40 -4.01 -10.51 5.04
CA ILE A 40 -2.97 -10.52 6.09
C ILE A 40 -3.59 -10.76 7.48
N VAL A 41 -3.02 -11.72 8.22
CA VAL A 41 -3.53 -12.08 9.55
C VAL A 41 -2.76 -11.34 10.66
N GLN A 42 -1.49 -11.72 10.86
CA GLN A 42 -0.65 -11.12 11.91
C GLN A 42 0.70 -10.66 11.36
N VAL A 43 1.27 -9.63 11.98
CA VAL A 43 2.58 -9.09 11.59
C VAL A 43 3.56 -9.15 12.77
N ALA A 44 4.79 -9.59 12.51
CA ALA A 44 5.84 -9.58 13.53
C ALA A 44 6.20 -8.13 13.92
N PRO A 45 6.35 -7.85 15.23
CA PRO A 45 6.59 -6.48 15.73
C PRO A 45 7.77 -5.76 15.05
N LEU A 46 8.76 -6.52 14.60
CA LEU A 46 9.98 -5.95 13.99
C LEU A 46 9.80 -5.68 12.48
N GLY A 47 8.70 -6.17 11.90
CA GLY A 47 8.45 -5.99 10.47
C GLY A 47 8.04 -7.29 9.78
N ASP A 48 8.92 -8.28 9.81
CA ASP A 48 8.63 -9.60 9.24
C ASP A 48 9.03 -10.72 10.24
N PRO A 49 8.49 -11.94 10.10
CA PRO A 49 7.55 -12.33 9.02
C PRO A 49 6.10 -11.84 9.21
N ILE A 50 5.37 -11.80 8.09
CA ILE A 50 3.94 -11.52 8.10
C ILE A 50 3.14 -12.78 7.71
N VAL A 51 2.22 -13.19 8.56
CA VAL A 51 1.42 -14.39 8.31
C VAL A 51 0.11 -14.04 7.59
N CYS A 52 -0.14 -14.71 6.47
CA CYS A 52 -1.29 -14.39 5.61
C CYS A 52 -2.16 -15.63 5.32
N LYS A 53 -3.30 -15.40 4.67
CA LYS A 53 -4.20 -16.48 4.26
C LYS A 53 -4.41 -16.47 2.74
N ILE A 54 -3.81 -17.44 2.04
CA ILE A 54 -4.02 -17.57 0.60
C ILE A 54 -5.20 -18.51 0.33
N GLY A 55 -6.35 -17.93 0.00
CA GLY A 55 -7.57 -18.71 -0.16
C GLY A 55 -8.08 -19.30 1.15
N ASN A 56 -7.39 -20.33 1.65
CA ASN A 56 -7.76 -20.98 2.92
C ASN A 56 -6.55 -21.18 3.84
N ARG A 57 -5.38 -21.43 3.23
CA ARG A 57 -4.17 -21.82 3.98
C ARG A 57 -3.38 -20.62 4.52
N ASN A 58 -2.84 -20.78 5.75
CA ASN A 58 -1.97 -19.77 6.36
C ASN A 58 -0.52 -19.91 5.86
N ILE A 59 0.03 -18.83 5.30
CA ILE A 59 1.42 -18.83 4.82
C ILE A 59 2.28 -17.79 5.55
N THR A 60 3.40 -18.25 6.12
CA THR A 60 4.38 -17.35 6.75
C THR A 60 5.35 -16.78 5.70
N LEU A 61 5.25 -15.48 5.44
CA LEU A 61 6.02 -14.84 4.36
C LEU A 61 6.78 -13.61 4.92
N ARG A 62 7.93 -13.27 4.34
CA ARG A 62 8.73 -12.13 4.81
C ARG A 62 8.87 -11.03 3.75
N LYS A 63 9.10 -9.79 4.20
CA LYS A 63 9.25 -8.64 3.28
C LYS A 63 10.29 -8.91 2.18
N ARG A 64 11.43 -9.51 2.56
CA ARG A 64 12.48 -9.88 1.59
C ARG A 64 11.91 -10.65 0.38
N GLU A 65 10.92 -11.49 0.64
CA GLU A 65 10.22 -12.24 -0.42
C GLU A 65 9.11 -11.39 -1.04
N ALA A 66 8.32 -10.75 -0.16
CA ALA A 66 7.07 -10.07 -0.53
C ALA A 66 7.25 -8.94 -1.56
N ASP A 67 8.36 -8.20 -1.48
CA ASP A 67 8.60 -7.09 -2.42
C ASP A 67 8.66 -7.56 -3.88
N LEU A 68 8.88 -8.86 -4.09
CA LEU A 68 8.97 -9.43 -5.43
C LEU A 68 7.61 -9.94 -5.94
N ILE A 69 6.55 -9.62 -5.21
CA ILE A 69 5.16 -9.93 -5.65
C ILE A 69 4.30 -8.66 -5.63
N GLU A 70 3.42 -8.49 -6.61
CA GLU A 70 2.46 -7.37 -6.60
C GLU A 70 1.03 -7.88 -6.40
N VAL A 71 0.27 -7.20 -5.54
CA VAL A 71 -1.10 -7.59 -5.23
C VAL A 71 -2.12 -6.50 -5.62
N GLU A 72 -3.40 -6.82 -5.47
CA GLU A 72 -4.50 -5.89 -5.74
C GLU A 72 -5.46 -5.81 -4.55
N VAL A 73 -5.75 -4.59 -4.09
CA VAL A 73 -6.70 -4.40 -2.99
C VAL A 73 -8.15 -4.64 -3.46
N VAL A 74 -8.73 -5.74 -3.00
CA VAL A 74 -10.10 -6.11 -3.40
C VAL A 74 -11.13 -5.03 -3.01
N GLY A 75 -10.83 -4.28 -1.96
CA GLY A 75 -11.73 -3.23 -1.48
C GLY A 75 -11.70 -1.95 -2.32
N GLY A 76 -10.85 -1.90 -3.34
CA GLY A 76 -10.77 -0.73 -4.21
C GLY A 76 -9.94 0.41 -3.61
N GLU A 77 -10.36 0.91 -2.46
CA GLU A 77 -9.62 1.96 -1.74
C GLU A 77 -8.48 1.35 -0.89
N LEU A 78 -7.39 2.08 -0.75
CA LEU A 78 -6.20 1.57 -0.05
C LEU A 78 -5.50 2.69 0.74
N PRO A 79 -4.96 2.36 1.94
CA PRO A 79 -4.24 3.34 2.76
C PRO A 79 -3.01 3.96 2.07
N LEU A 80 -2.59 5.13 2.54
CA LEU A 80 -1.50 5.89 1.93
C LEU A 80 -0.20 5.07 1.93
N ILE A 81 -0.03 4.20 2.93
CA ILE A 81 1.15 3.33 3.00
C ILE A 81 1.27 2.41 1.77
N LEU A 82 0.16 2.18 1.07
CA LEU A 82 0.12 1.31 -0.12
C LEU A 82 0.12 2.12 -1.43
N ALA A 83 0.23 3.44 -1.32
CA ALA A 83 0.11 4.33 -2.48
C ALA A 83 1.19 4.08 -3.56
N ASP A 84 0.78 3.44 -4.65
CA ASP A 84 1.62 3.31 -5.86
C ASP A 84 1.96 4.71 -6.42
N ASP A 85 3.02 4.82 -7.21
CA ASP A 85 3.44 6.10 -7.78
C ASP A 85 2.29 6.75 -8.61
N GLY A 86 1.75 7.86 -8.10
CA GLY A 86 0.69 8.55 -8.83
C GLY A 86 -0.15 9.51 -7.98
N THR A 87 -1.27 9.97 -8.54
CA THR A 87 -2.14 10.95 -7.87
C THR A 87 -3.37 10.27 -7.24
N TYR A 88 -3.53 10.44 -5.93
CA TYR A 88 -4.64 9.83 -5.17
C TYR A 88 -5.54 10.88 -4.52
N GLU A 89 -6.64 10.42 -3.95
CA GLU A 89 -7.53 11.29 -3.16
C GLU A 89 -7.94 10.60 -1.85
N ILE A 90 -7.89 11.35 -0.75
CA ILE A 90 -8.21 10.79 0.57
C ILE A 90 -9.72 10.55 0.75
N THR A 91 -10.08 9.31 1.10
CA THR A 91 -11.49 8.89 1.25
C THR A 91 -11.96 8.88 2.72
N LYS A 92 -11.13 8.39 3.64
CA LYS A 92 -11.55 8.26 5.04
C LYS A 92 -10.35 8.15 6.01
N LEU A 93 -10.56 8.58 7.26
CA LEU A 93 -9.53 8.49 8.32
C LEU A 93 -9.94 7.47 9.40
N ASN A 94 -8.96 6.97 10.15
CA ASN A 94 -9.22 6.05 11.26
C ASN A 94 -8.40 6.44 12.51
N GLY A 95 -9.06 7.02 13.51
CA GLY A 95 -8.38 7.43 14.74
C GLY A 95 -9.20 8.37 15.60
N GLY A 96 -8.67 8.71 16.78
CA GLY A 96 -9.37 9.59 17.70
C GLY A 96 -9.10 11.08 17.45
N ARG A 97 -9.46 11.93 18.42
CA ARG A 97 -9.38 13.39 18.26
C ARG A 97 -7.96 13.88 17.96
N ARG A 98 -6.96 13.30 18.64
CA ARG A 98 -5.56 13.69 18.42
C ARG A 98 -5.12 13.35 16.98
N PHE A 99 -5.43 12.14 16.53
CA PHE A 99 -5.10 11.69 15.18
C PHE A 99 -5.76 12.61 14.13
N LEU A 100 -7.08 12.74 14.21
CA LEU A 100 -7.84 13.59 13.27
C LEU A 100 -7.30 15.04 13.28
N PHE A 101 -6.90 15.51 14.45
CA PHE A 101 -6.32 16.85 14.59
C PHE A 101 -4.99 16.94 13.82
N ARG A 102 -4.15 15.91 13.94
CA ARG A 102 -2.88 15.84 13.19
C ARG A 102 -3.12 15.92 11.67
N MET A 103 -4.07 15.10 11.18
CA MET A 103 -4.44 15.13 9.76
C MET A 103 -4.89 16.54 9.32
N LYS A 104 -5.59 17.25 10.20
CA LYS A 104 -6.00 18.63 9.94
C LYS A 104 -4.77 19.57 9.86
N ASN A 105 -3.76 19.33 10.69
CA ASN A 105 -2.53 20.14 10.66
C ASN A 105 -1.80 20.03 9.32
N LEU A 106 -1.78 18.83 8.75
CA LEU A 106 -1.16 18.62 7.42
C LEU A 106 -2.11 19.04 6.29
N GLY A 107 -3.42 18.87 6.50
CA GLY A 107 -4.41 19.33 5.53
C GLY A 107 -5.06 18.20 4.72
N ILE A 108 -5.21 17.01 5.33
CA ILE A 108 -5.91 15.91 4.66
C ILE A 108 -7.15 15.46 5.45
N GLU A 109 -8.33 15.86 4.98
CA GLU A 109 -9.59 15.48 5.61
C GLU A 109 -10.70 15.28 4.56
N SER A 110 -10.53 14.26 3.71
CA SER A 110 -11.48 13.94 2.62
C SER A 110 -11.49 15.01 1.52
N GLY A 111 -11.67 14.56 0.27
CA GLY A 111 -11.78 15.49 -0.85
C GLY A 111 -10.45 16.11 -1.30
N LYS A 112 -9.35 15.73 -0.65
CA LYS A 112 -8.02 16.25 -1.00
C LYS A 112 -7.25 15.28 -1.93
N LYS A 113 -6.63 15.83 -2.97
CA LYS A 113 -5.76 15.04 -3.86
C LYS A 113 -4.32 14.99 -3.32
N ILE A 114 -3.84 13.79 -3.02
CA ILE A 114 -2.47 13.61 -2.52
C ILE A 114 -1.54 13.10 -3.63
N GLN A 115 -0.55 13.92 -3.99
CA GLN A 115 0.46 13.54 -4.99
C GLN A 115 1.52 12.62 -4.38
N VAL A 116 1.59 11.38 -4.87
CA VAL A 116 2.55 10.39 -4.35
C VAL A 116 3.63 10.05 -5.40
N SER A 117 4.90 10.31 -5.06
CA SER A 117 6.02 9.99 -5.95
C SER A 117 7.16 9.33 -5.18
N GLY A 118 7.37 8.03 -5.42
CA GLY A 118 8.41 7.28 -4.71
C GLY A 118 8.07 7.07 -3.23
N ARG A 119 8.36 8.08 -2.42
CA ARG A 119 8.02 8.04 -0.99
C ARG A 119 7.68 9.45 -0.47
N ARG A 120 7.65 10.43 -1.37
CA ARG A 120 7.33 11.81 -0.99
C ARG A 120 5.87 12.16 -1.36
N TYR A 121 5.14 12.76 -0.43
CA TYR A 121 3.70 13.02 -0.60
C TYR A 121 3.39 14.52 -0.53
N TYR A 122 2.53 15.01 -1.42
CA TYR A 122 2.22 16.44 -1.53
C TYR A 122 0.72 16.73 -1.63
N ILE A 123 0.26 17.73 -0.87
CA ILE A 123 -1.12 18.24 -1.01
C ILE A 123 -1.10 19.64 -1.64
N GLU A 124 -1.52 19.72 -2.90
CA GLU A 124 -1.65 20.98 -3.65
C GLU A 124 -0.43 21.92 -3.51
N GLY A 125 0.73 21.35 -3.16
CA GLY A 125 1.96 22.14 -3.02
C GLY A 125 2.72 21.86 -1.73
N ARG A 126 2.00 21.69 -0.63
CA ARG A 126 2.62 21.49 0.69
C ARG A 126 2.84 19.98 0.96
N GLU A 127 4.09 19.59 1.22
CA GLU A 127 4.40 18.17 1.48
C GLU A 127 3.71 17.67 2.77
N ILE A 128 3.46 16.37 2.85
CA ILE A 128 2.75 15.80 4.00
C ILE A 128 3.65 14.87 4.84
N ASP A 129 3.78 15.20 6.12
CA ASP A 129 4.60 14.43 7.05
C ASP A 129 3.88 13.16 7.54
N LEU A 130 3.97 12.08 6.77
CA LEU A 130 3.39 10.78 7.16
C LEU A 130 4.44 9.65 7.10
N GLY A 131 4.59 8.93 8.21
CA GLY A 131 5.50 7.78 8.27
C GLY A 131 4.76 6.46 8.14
N TYR A 132 5.43 5.37 8.51
CA TYR A 132 4.84 4.02 8.39
C TYR A 132 3.55 3.87 9.21
N GLY A 133 3.68 3.90 10.54
CA GLY A 133 2.51 3.74 11.41
C GLY A 133 1.44 4.83 11.23
N GLU A 134 1.84 5.98 10.71
CA GLU A 134 0.90 7.07 10.44
C GLU A 134 0.11 6.85 9.13
N ALA A 135 0.82 6.68 8.02
CA ALA A 135 0.20 6.59 6.70
C ALA A 135 -0.71 5.35 6.52
N THR A 136 -0.53 4.35 7.37
CA THR A 136 -1.34 3.12 7.31
C THR A 136 -2.81 3.37 7.71
N LYS A 137 -3.09 4.52 8.31
CA LYS A 137 -4.43 4.84 8.81
C LYS A 137 -5.19 5.80 7.88
N ILE A 138 -4.48 6.45 6.96
CA ILE A 138 -5.10 7.36 5.99
C ILE A 138 -5.45 6.61 4.71
N TRP A 139 -6.74 6.48 4.41
CA TRP A 139 -7.20 5.75 3.21
C TRP A 139 -7.34 6.68 1.99
N VAL A 140 -6.80 6.24 0.85
CA VAL A 140 -6.85 7.01 -0.40
C VAL A 140 -7.29 6.14 -1.58
N ARG A 141 -7.64 6.78 -2.71
CA ARG A 141 -8.01 6.07 -3.93
C ARG A 141 -7.30 6.67 -5.16
N ARG A 142 -6.96 5.82 -6.14
CA ARG A 142 -6.26 6.29 -7.35
C ARG A 142 -7.21 7.10 -8.25
N VAL A 143 -6.98 8.41 -8.36
CA VAL A 143 -7.89 9.29 -9.10
C VAL A 143 -7.26 9.85 -10.39
N SER A 144 -5.94 10.04 -10.40
CA SER A 144 -5.24 10.69 -11.51
C SER A 144 -5.67 12.16 -11.64
N ASP A 145 -6.89 12.39 -12.11
CA ASP A 145 -7.50 13.73 -12.21
C ASP A 145 -6.78 14.63 -13.22
N ALA A 146 -5.55 15.07 -12.90
CA ALA A 146 -4.78 15.96 -13.75
C ALA A 146 -4.13 15.23 -14.94
N GLY A 147 -4.38 13.92 -15.05
CA GLY A 147 -3.80 13.13 -16.13
C GLY A 147 -2.41 12.61 -15.78
N GLU A 148 -2.20 11.30 -15.91
CA GLU A 148 -0.91 10.69 -15.56
C GLU A 148 -0.35 9.82 -16.68
N GLU A 149 0.80 9.22 -16.41
CA GLU A 149 1.50 8.36 -17.36
C GLU A 149 1.43 6.87 -16.94
N SER A 150 1.57 5.98 -17.91
CA SER A 150 1.51 4.53 -17.66
C SER A 150 2.88 3.96 -17.26
N HIS A 151 3.00 2.64 -17.27
CA HIS A 151 4.26 1.97 -16.89
C HIS A 151 5.36 2.17 -17.95
N PRO A 152 6.62 2.42 -17.52
CA PRO A 152 7.74 2.72 -18.43
C PRO A 152 8.32 1.47 -19.12
N GLN A 153 9.41 1.68 -19.86
CA GLN A 153 10.06 0.61 -20.62
C GLN A 153 10.81 -0.40 -19.71
N LYS A 154 11.11 -1.57 -20.26
CA LYS A 154 11.94 -2.57 -19.57
C LYS A 154 13.40 -2.44 -19.99
N LEU A 155 14.25 -1.97 -19.08
CA LEU A 155 15.68 -1.84 -19.35
C LEU A 155 16.43 -3.15 -19.04
N GLU A 156 17.52 -3.40 -19.75
CA GLU A 156 18.30 -4.63 -19.57
C GLU A 156 19.48 -4.43 -18.61
N HIS A 157 20.12 -5.52 -18.22
CA HIS A 157 21.33 -5.48 -17.40
C HIS A 157 22.43 -6.36 -18.03
N HIS A 158 23.57 -5.77 -18.35
CA HIS A 158 24.66 -6.50 -19.03
C HIS A 158 25.24 -7.63 -18.16
N HIS A 159 25.64 -8.71 -18.82
CA HIS A 159 26.14 -9.90 -18.14
C HIS A 159 27.64 -9.77 -17.80
N HIS A 160 28.01 -10.22 -16.61
CA HIS A 160 29.42 -10.24 -16.18
C HIS A 160 30.13 -11.50 -16.70
N HIS A 161 31.40 -11.35 -17.07
CA HIS A 161 32.16 -12.45 -17.69
C HIS A 161 33.15 -13.10 -16.70
N HIS A 162 32.91 -12.91 -15.40
CA HIS A 162 33.75 -13.52 -14.34
C HIS A 162 32.90 -14.20 -13.26
N MET A 1 2.43 -2.71 -6.88
CA MET A 1 2.56 -2.74 -5.39
C MET A 1 2.73 -4.19 -4.88
N LYS A 2 3.80 -4.42 -4.12
CA LYS A 2 4.07 -5.74 -3.54
C LYS A 2 3.24 -5.99 -2.26
N LEU A 3 3.03 -7.27 -1.93
CA LEU A 3 2.24 -7.64 -0.74
C LEU A 3 3.09 -7.56 0.54
N SER A 4 4.40 -7.38 0.38
CA SER A 4 5.37 -7.36 1.50
C SER A 4 5.25 -6.10 2.37
N ARG A 5 4.08 -5.45 2.35
CA ARG A 5 3.88 -4.21 3.10
C ARG A 5 2.39 -3.87 3.28
N LEU A 6 1.51 -4.84 3.04
CA LEU A 6 0.06 -4.62 3.17
C LEU A 6 -0.39 -4.63 4.64
N VAL A 7 -1.52 -3.97 4.89
CA VAL A 7 -2.07 -3.82 6.24
C VAL A 7 -2.91 -5.05 6.65
N PRO A 8 -2.71 -5.58 7.88
CA PRO A 8 -3.51 -6.70 8.39
C PRO A 8 -5.03 -6.44 8.34
N GLY A 9 -5.77 -7.34 7.71
CA GLY A 9 -7.20 -7.17 7.54
C GLY A 9 -7.59 -6.75 6.12
N VAL A 10 -6.61 -6.40 5.30
CA VAL A 10 -6.85 -5.99 3.92
C VAL A 10 -6.78 -7.19 2.95
N PRO A 11 -7.86 -7.48 2.21
CA PRO A 11 -7.89 -8.56 1.21
C PRO A 11 -7.24 -8.14 -0.13
N ALA A 12 -6.43 -9.03 -0.69
CA ALA A 12 -5.74 -8.77 -1.97
C ALA A 12 -5.82 -9.99 -2.91
N ARG A 13 -5.23 -9.86 -4.10
CA ARG A 13 -5.15 -10.96 -5.07
C ARG A 13 -3.81 -10.93 -5.82
N ILE A 14 -3.22 -12.12 -6.03
CA ILE A 14 -1.90 -12.23 -6.68
C ILE A 14 -1.95 -11.79 -8.16
N LYS A 15 -1.08 -10.84 -8.53
CA LYS A 15 -1.00 -10.36 -9.91
C LYS A 15 0.19 -10.97 -10.68
N ARG A 16 1.41 -10.70 -10.22
CA ARG A 16 2.61 -11.18 -10.92
C ARG A 16 3.72 -11.60 -9.92
N LEU A 17 4.51 -12.59 -10.31
CA LEU A 17 5.68 -13.02 -9.53
C LEU A 17 6.98 -12.63 -10.24
N GLU A 18 7.73 -11.71 -9.65
CA GLU A 18 8.97 -11.20 -10.25
C GLU A 18 10.17 -12.14 -10.03
N VAL A 19 9.89 -13.39 -9.65
CA VAL A 19 10.93 -14.38 -9.36
C VAL A 19 10.59 -15.76 -9.97
N SER A 20 11.62 -16.49 -10.40
CA SER A 20 11.43 -17.80 -11.03
C SER A 20 12.37 -18.87 -10.46
N GLY A 21 12.05 -20.13 -10.71
CA GLY A 21 12.90 -21.24 -10.28
C GLY A 21 12.88 -21.53 -8.78
N GLU A 22 14.04 -21.42 -8.14
CA GLU A 22 14.25 -21.81 -6.73
C GLU A 22 13.13 -21.31 -5.79
N LEU A 23 12.79 -20.03 -5.87
CA LEU A 23 11.71 -19.48 -5.05
C LEU A 23 10.33 -19.76 -5.63
N HIS A 24 10.24 -19.82 -6.96
CA HIS A 24 8.95 -20.03 -7.64
C HIS A 24 8.30 -21.36 -7.23
N GLU A 25 9.09 -22.44 -7.20
CA GLU A 25 8.58 -23.76 -6.79
C GLU A 25 8.13 -23.76 -5.31
N LYS A 26 8.82 -22.97 -4.48
CA LYS A 26 8.41 -22.78 -3.09
C LYS A 26 7.05 -22.06 -3.01
N LEU A 27 6.94 -20.98 -3.79
CA LEU A 27 5.72 -20.17 -3.82
C LEU A 27 4.50 -20.97 -4.29
N VAL A 28 4.62 -21.67 -5.42
CA VAL A 28 3.51 -22.49 -5.93
C VAL A 28 3.12 -23.59 -4.93
N GLY A 29 4.12 -24.14 -4.23
CA GLY A 29 3.85 -25.11 -3.17
C GLY A 29 2.98 -24.55 -2.04
N MET A 30 3.08 -23.23 -1.83
CA MET A 30 2.23 -22.53 -0.85
C MET A 30 0.97 -21.93 -1.51
N GLY A 31 0.99 -21.86 -2.85
CA GLY A 31 -0.20 -21.44 -3.60
C GLY A 31 -0.11 -20.04 -4.21
N PHE A 32 1.10 -19.54 -4.43
CA PHE A 32 1.28 -18.22 -5.02
C PHE A 32 1.27 -18.26 -6.56
N VAL A 33 0.08 -18.10 -7.13
CA VAL A 33 -0.10 -17.98 -8.58
C VAL A 33 -1.13 -16.88 -8.91
N PRO A 34 -0.96 -16.18 -10.06
CA PRO A 34 -1.87 -15.09 -10.46
C PRO A 34 -3.36 -15.49 -10.40
N GLY A 35 -4.17 -14.71 -9.69
CA GLY A 35 -5.61 -14.98 -9.59
C GLY A 35 -6.07 -15.47 -8.23
N GLU A 36 -5.13 -15.84 -7.36
CA GLU A 36 -5.45 -16.32 -6.01
C GLU A 36 -5.64 -15.17 -5.02
N GLU A 37 -6.67 -15.25 -4.18
CA GLU A 37 -6.89 -14.24 -3.13
C GLU A 37 -5.94 -14.46 -1.95
N ILE A 38 -5.45 -13.36 -1.39
CA ILE A 38 -4.55 -13.39 -0.23
C ILE A 38 -4.80 -12.18 0.68
N GLU A 39 -5.03 -12.43 1.97
CA GLU A 39 -5.20 -11.36 2.95
C GLU A 39 -4.15 -11.47 4.07
N ILE A 40 -3.67 -10.33 4.55
CA ILE A 40 -2.70 -10.29 5.65
C ILE A 40 -3.41 -10.46 7.01
N VAL A 41 -3.02 -11.49 7.77
CA VAL A 41 -3.63 -11.75 9.07
C VAL A 41 -2.93 -10.96 10.19
N GLN A 42 -1.62 -11.12 10.29
CA GLN A 42 -0.84 -10.42 11.31
C GLN A 42 0.58 -10.10 10.82
N VAL A 43 1.10 -8.97 11.27
CA VAL A 43 2.47 -8.55 10.94
C VAL A 43 3.36 -8.62 12.19
N ALA A 44 4.55 -9.20 12.04
CA ALA A 44 5.52 -9.26 13.15
C ALA A 44 6.01 -7.86 13.54
N PRO A 45 6.34 -7.63 14.83
CA PRO A 45 6.79 -6.31 15.31
C PRO A 45 8.06 -5.79 14.59
N LEU A 46 8.70 -6.65 13.80
CA LEU A 46 9.89 -6.27 13.02
C LEU A 46 9.51 -5.87 11.58
N GLY A 47 8.33 -6.29 11.14
CA GLY A 47 7.97 -6.17 9.73
C GLY A 47 8.42 -7.39 8.94
N ASP A 48 9.14 -8.29 9.63
CA ASP A 48 9.65 -9.52 9.04
C ASP A 48 9.68 -10.64 10.10
N PRO A 49 9.00 -11.79 9.86
CA PRO A 49 8.19 -12.03 8.66
C PRO A 49 6.72 -11.57 8.81
N ILE A 50 5.91 -11.85 7.79
CA ILE A 50 4.47 -11.53 7.83
C ILE A 50 3.61 -12.78 7.60
N VAL A 51 2.44 -12.83 8.23
CA VAL A 51 1.55 -14.00 8.13
C VAL A 51 0.27 -13.65 7.34
N CYS A 52 0.08 -14.32 6.21
CA CYS A 52 -1.08 -14.09 5.33
C CYS A 52 -1.93 -15.36 5.16
N LYS A 53 -2.97 -15.28 4.36
CA LYS A 53 -3.81 -16.44 4.03
C LYS A 53 -3.98 -16.60 2.51
N ILE A 54 -3.92 -17.84 2.05
CA ILE A 54 -4.25 -18.18 0.66
C ILE A 54 -5.18 -19.39 0.64
N GLY A 55 -6.42 -19.19 0.20
CA GLY A 55 -7.40 -20.28 0.21
C GLY A 55 -7.55 -20.93 1.58
N ASN A 56 -7.89 -20.12 2.58
CA ASN A 56 -8.16 -20.58 3.96
C ASN A 56 -6.86 -20.88 4.76
N ARG A 57 -5.78 -21.32 4.10
CA ARG A 57 -4.56 -21.72 4.83
C ARG A 57 -3.66 -20.51 5.12
N ASN A 58 -3.01 -20.52 6.28
CA ASN A 58 -2.08 -19.45 6.67
C ASN A 58 -0.66 -19.70 6.15
N ILE A 59 -0.01 -18.65 5.64
CA ILE A 59 1.35 -18.74 5.10
C ILE A 59 2.31 -17.74 5.79
N THR A 60 3.56 -18.17 6.02
CA THR A 60 4.58 -17.30 6.63
C THR A 60 5.61 -16.86 5.58
N LEU A 61 5.62 -15.57 5.24
CA LEU A 61 6.54 -15.04 4.24
C LEU A 61 7.62 -14.14 4.85
N ARG A 62 8.86 -14.32 4.43
CA ARG A 62 9.93 -13.38 4.75
C ARG A 62 9.81 -12.13 3.87
N LYS A 63 10.10 -10.96 4.43
CA LYS A 63 10.01 -9.69 3.70
C LYS A 63 10.82 -9.72 2.38
N ARG A 64 11.99 -10.37 2.41
CA ARG A 64 12.82 -10.50 1.21
C ARG A 64 12.17 -11.43 0.15
N GLU A 65 11.38 -12.39 0.61
CA GLU A 65 10.66 -13.33 -0.28
C GLU A 65 9.43 -12.63 -0.90
N ALA A 66 8.55 -12.13 -0.02
CA ALA A 66 7.29 -11.52 -0.42
C ALA A 66 7.48 -10.26 -1.28
N ASP A 67 8.65 -9.62 -1.16
CA ASP A 67 8.96 -8.40 -1.91
C ASP A 67 9.08 -8.69 -3.42
N LEU A 68 9.05 -9.97 -3.79
CA LEU A 68 9.10 -10.38 -5.21
C LEU A 68 7.71 -10.75 -5.76
N ILE A 69 6.68 -10.70 -4.92
CA ILE A 69 5.30 -11.02 -5.37
C ILE A 69 4.40 -9.76 -5.33
N GLU A 70 3.91 -9.36 -6.51
CA GLU A 70 3.08 -8.16 -6.63
C GLU A 70 1.58 -8.50 -6.69
N VAL A 71 0.78 -7.76 -5.93
CA VAL A 71 -0.66 -8.06 -5.79
C VAL A 71 -1.56 -6.85 -6.07
N GLU A 72 -2.86 -7.07 -5.96
CA GLU A 72 -3.86 -6.01 -6.15
C GLU A 72 -4.85 -5.99 -4.97
N VAL A 73 -5.23 -4.79 -4.52
CA VAL A 73 -6.12 -4.65 -3.36
C VAL A 73 -7.59 -4.88 -3.74
N VAL A 74 -8.24 -5.83 -3.07
CA VAL A 74 -9.67 -6.12 -3.29
C VAL A 74 -10.56 -5.11 -2.53
N GLY A 75 -9.96 -4.40 -1.57
CA GLY A 75 -10.67 -3.35 -0.85
C GLY A 75 -10.97 -2.14 -1.74
N GLY A 76 -11.81 -1.22 -1.23
CA GLY A 76 -12.21 -0.06 -2.01
C GLY A 76 -11.07 0.93 -2.29
N GLU A 77 -10.12 1.03 -1.36
CA GLU A 77 -9.02 1.99 -1.47
C GLU A 77 -7.72 1.45 -0.85
N LEU A 78 -6.69 2.31 -0.81
CA LEU A 78 -5.39 1.93 -0.27
C LEU A 78 -4.75 3.12 0.50
N PRO A 79 -4.02 2.85 1.61
CA PRO A 79 -3.41 3.91 2.42
C PRO A 79 -2.20 4.58 1.74
N LEU A 80 -1.85 5.79 2.22
CA LEU A 80 -0.73 6.58 1.66
C LEU A 80 0.55 5.75 1.50
N ILE A 81 0.89 4.96 2.51
CA ILE A 81 2.11 4.14 2.50
C ILE A 81 2.12 3.13 1.34
N LEU A 82 0.92 2.73 0.89
CA LEU A 82 0.79 1.76 -0.21
C LEU A 82 0.47 2.45 -1.54
N ALA A 83 0.52 3.79 -1.55
CA ALA A 83 0.25 4.56 -2.76
C ALA A 83 1.29 4.29 -3.85
N ASP A 84 0.82 3.87 -5.03
CA ASP A 84 1.66 3.57 -6.19
C ASP A 84 2.65 4.72 -6.46
N ASP A 85 2.15 5.81 -7.08
CA ASP A 85 2.88 7.09 -7.22
C ASP A 85 2.12 8.00 -8.20
N GLY A 86 1.58 9.10 -7.68
CA GLY A 86 0.75 9.99 -8.49
C GLY A 86 -0.26 10.76 -7.65
N THR A 87 -1.29 11.31 -8.28
CA THR A 87 -2.29 12.11 -7.55
C THR A 87 -3.40 11.22 -6.98
N TYR A 88 -3.59 11.28 -5.66
CA TYR A 88 -4.64 10.51 -4.97
C TYR A 88 -5.59 11.46 -4.21
N GLU A 89 -6.62 10.90 -3.58
CA GLU A 89 -7.52 11.69 -2.71
C GLU A 89 -7.88 10.91 -1.44
N ILE A 90 -7.85 11.60 -0.29
CA ILE A 90 -8.18 10.96 0.99
C ILE A 90 -9.69 10.70 1.12
N THR A 91 -10.05 9.54 1.68
CA THR A 91 -11.47 9.17 1.84
C THR A 91 -11.87 8.90 3.30
N LYS A 92 -11.06 8.10 4.03
CA LYS A 92 -11.39 7.74 5.42
C LYS A 92 -10.14 7.70 6.31
N LEU A 93 -10.34 8.00 7.60
CA LEU A 93 -9.26 8.02 8.59
C LEU A 93 -9.36 6.85 9.57
N ASN A 94 -8.25 6.56 10.26
CA ASN A 94 -8.23 5.56 11.33
C ASN A 94 -7.42 6.07 12.53
N GLY A 95 -8.12 6.45 13.60
CA GLY A 95 -7.44 6.94 14.79
C GLY A 95 -8.37 7.69 15.73
N GLY A 96 -7.78 8.34 16.74
CA GLY A 96 -8.57 9.06 17.74
C GLY A 96 -9.03 10.45 17.27
N ARG A 97 -9.80 11.13 18.11
CA ARG A 97 -10.35 12.45 17.78
C ARG A 97 -9.24 13.51 17.61
N ARG A 98 -8.27 13.52 18.52
CA ARG A 98 -7.12 14.43 18.43
C ARG A 98 -6.32 14.13 17.15
N PHE A 99 -6.23 12.86 16.78
CA PHE A 99 -5.60 12.43 15.53
C PHE A 99 -6.26 13.13 14.34
N LEU A 100 -7.60 13.18 14.35
CA LEU A 100 -8.37 13.87 13.31
C LEU A 100 -8.15 15.39 13.35
N PHE A 101 -8.13 15.95 14.57
CA PHE A 101 -7.87 17.38 14.77
C PHE A 101 -6.56 17.80 14.09
N ARG A 102 -5.53 16.97 14.25
CA ARG A 102 -4.24 17.21 13.60
C ARG A 102 -4.39 17.28 12.07
N MET A 103 -5.12 16.32 11.51
CA MET A 103 -5.34 16.25 10.05
C MET A 103 -6.01 17.53 9.50
N LYS A 104 -6.84 18.17 10.33
CA LYS A 104 -7.47 19.44 9.95
C LYS A 104 -6.42 20.54 9.70
N ASN A 105 -5.29 20.44 10.39
CA ASN A 105 -4.20 21.41 10.24
C ASN A 105 -3.31 21.08 9.05
N LEU A 106 -3.07 19.80 8.81
CA LEU A 106 -2.31 19.35 7.64
C LEU A 106 -3.08 19.59 6.33
N GLY A 107 -4.41 19.49 6.40
CA GLY A 107 -5.26 19.79 5.25
C GLY A 107 -6.02 18.59 4.69
N ILE A 108 -5.72 17.39 5.17
CA ILE A 108 -6.38 16.18 4.66
C ILE A 108 -7.45 15.63 5.63
N GLU A 109 -8.71 15.71 5.21
CA GLU A 109 -9.82 15.15 5.99
C GLU A 109 -10.64 14.16 5.14
N SER A 110 -11.32 14.68 4.11
CA SER A 110 -12.10 13.84 3.20
C SER A 110 -12.33 14.57 1.87
N GLY A 111 -12.11 13.87 0.76
CA GLY A 111 -12.31 14.48 -0.55
C GLY A 111 -11.13 15.36 -0.99
N LYS A 112 -10.11 15.46 -0.15
CA LYS A 112 -8.92 16.26 -0.47
C LYS A 112 -7.99 15.52 -1.44
N LYS A 113 -7.50 16.22 -2.46
CA LYS A 113 -6.57 15.62 -3.44
C LYS A 113 -5.11 15.78 -2.99
N ILE A 114 -4.47 14.66 -2.67
CA ILE A 114 -3.08 14.66 -2.19
C ILE A 114 -2.12 14.11 -3.26
N GLN A 115 -1.10 14.89 -3.60
CA GLN A 115 -0.12 14.50 -4.62
C GLN A 115 1.00 13.64 -4.03
N VAL A 116 1.06 12.37 -4.42
CA VAL A 116 2.15 11.48 -3.99
C VAL A 116 3.22 11.39 -5.08
N SER A 117 4.35 12.07 -4.87
CA SER A 117 5.44 12.08 -5.86
C SER A 117 6.75 11.57 -5.23
N GLY A 118 7.19 10.39 -5.65
CA GLY A 118 8.41 9.80 -5.10
C GLY A 118 8.32 9.59 -3.59
N ARG A 119 7.15 9.15 -3.12
CA ARG A 119 6.90 8.92 -1.69
C ARG A 119 6.80 10.24 -0.88
N ARG A 120 6.99 11.37 -1.55
CA ARG A 120 6.77 12.69 -0.92
C ARG A 120 5.34 13.18 -1.16
N TYR A 121 4.62 13.46 -0.07
CA TYR A 121 3.20 13.84 -0.15
C TYR A 121 3.03 15.36 -0.19
N TYR A 122 2.21 15.86 -1.11
CA TYR A 122 1.98 17.30 -1.27
C TYR A 122 0.49 17.64 -1.27
N ILE A 123 0.11 18.70 -0.57
CA ILE A 123 -1.19 19.34 -0.77
C ILE A 123 -0.99 20.70 -1.45
N GLU A 124 -1.13 20.71 -2.79
CA GLU A 124 -0.92 21.89 -3.63
C GLU A 124 0.29 22.75 -3.21
N GLY A 125 1.32 22.11 -2.64
CA GLY A 125 2.53 22.83 -2.21
C GLY A 125 2.81 22.72 -0.71
N ARG A 126 2.19 21.74 -0.05
CA ARG A 126 2.43 21.49 1.38
C ARG A 126 2.86 20.04 1.63
N GLU A 127 4.13 19.84 2.01
CA GLU A 127 4.66 18.51 2.30
C GLU A 127 4.02 17.89 3.55
N ILE A 128 3.26 16.81 3.37
CA ILE A 128 2.59 16.14 4.48
C ILE A 128 3.56 15.23 5.26
N ASP A 129 3.57 15.38 6.58
CA ASP A 129 4.53 14.71 7.46
C ASP A 129 4.30 13.18 7.55
N LEU A 130 3.09 12.74 7.24
CA LEU A 130 2.70 11.32 7.36
C LEU A 130 3.66 10.39 6.59
N GLY A 131 4.70 9.91 7.25
CA GLY A 131 5.70 9.07 6.60
C GLY A 131 5.30 7.61 6.47
N TYR A 132 5.35 6.86 7.57
CA TYR A 132 5.06 5.42 7.57
C TYR A 132 3.93 5.05 8.55
N GLY A 133 4.23 5.17 9.85
CA GLY A 133 3.28 4.75 10.89
C GLY A 133 1.90 5.39 10.77
N GLU A 134 1.86 6.70 10.57
CA GLU A 134 0.59 7.41 10.38
C GLU A 134 0.02 7.18 8.96
N ALA A 135 0.91 7.08 7.97
CA ALA A 135 0.51 6.97 6.57
C ALA A 135 -0.28 5.68 6.27
N THR A 136 -0.18 4.69 7.16
CA THR A 136 -0.94 3.43 7.00
C THR A 136 -2.35 3.53 7.63
N LYS A 137 -2.66 4.66 8.26
CA LYS A 137 -4.01 4.92 8.81
C LYS A 137 -4.85 5.77 7.85
N ILE A 138 -4.19 6.56 7.00
CA ILE A 138 -4.88 7.43 6.04
C ILE A 138 -5.09 6.71 4.70
N TRP A 139 -6.36 6.48 4.34
CA TRP A 139 -6.69 5.77 3.10
C TRP A 139 -7.03 6.75 1.96
N VAL A 140 -6.46 6.50 0.78
CA VAL A 140 -6.64 7.37 -0.38
C VAL A 140 -7.07 6.58 -1.63
N ARG A 141 -7.57 7.30 -2.64
CA ARG A 141 -8.01 6.70 -3.91
C ARG A 141 -7.33 7.37 -5.12
N ARG A 142 -7.06 6.57 -6.15
CA ARG A 142 -6.37 7.03 -7.36
C ARG A 142 -7.26 7.98 -8.20
N VAL A 143 -6.77 9.19 -8.49
CA VAL A 143 -7.51 10.14 -9.32
C VAL A 143 -6.70 10.58 -10.56
N SER A 144 -7.25 11.49 -11.35
CA SER A 144 -6.62 11.90 -12.63
C SER A 144 -6.20 13.39 -12.61
N ASP A 145 -6.09 13.98 -11.42
CA ASP A 145 -5.66 15.38 -11.28
C ASP A 145 -4.14 15.56 -11.47
N ALA A 146 -3.50 14.67 -12.22
CA ALA A 146 -2.07 14.77 -12.51
C ALA A 146 -1.83 15.62 -13.76
N GLY A 147 -1.46 16.89 -13.57
CA GLY A 147 -1.19 17.77 -14.70
C GLY A 147 0.24 17.63 -15.24
N GLU A 148 0.84 16.47 -15.01
CA GLU A 148 2.21 16.19 -15.46
C GLU A 148 2.21 15.58 -16.87
N GLU A 149 3.40 15.43 -17.46
CA GLU A 149 3.54 14.77 -18.76
C GLU A 149 3.22 13.27 -18.68
N SER A 150 1.93 12.94 -18.69
CA SER A 150 1.47 11.55 -18.75
C SER A 150 0.38 11.40 -19.82
N HIS A 151 0.81 11.08 -21.03
CA HIS A 151 -0.10 10.97 -22.18
C HIS A 151 -0.21 9.51 -22.66
N PRO A 152 -1.20 9.18 -23.53
CA PRO A 152 -1.35 7.82 -24.08
C PRO A 152 -0.02 7.24 -24.62
N GLN A 153 0.59 6.37 -23.82
CA GLN A 153 1.89 5.77 -24.17
C GLN A 153 1.71 4.37 -24.78
N LYS A 154 2.34 4.15 -25.94
CA LYS A 154 2.26 2.87 -26.65
C LYS A 154 2.79 1.71 -25.80
N LEU A 155 2.17 0.54 -25.92
CA LEU A 155 2.60 -0.65 -25.17
C LEU A 155 3.98 -1.16 -25.64
N GLU A 156 4.65 -1.92 -24.79
CA GLU A 156 5.97 -2.46 -25.11
C GLU A 156 5.88 -3.83 -25.80
N HIS A 157 6.73 -4.05 -26.80
CA HIS A 157 6.92 -5.39 -27.35
C HIS A 157 7.81 -6.22 -26.40
N HIS A 158 7.30 -6.43 -25.19
CA HIS A 158 8.08 -7.04 -24.10
C HIS A 158 7.73 -8.53 -23.93
N HIS A 159 8.74 -9.39 -23.96
CA HIS A 159 8.52 -10.85 -23.83
C HIS A 159 8.87 -11.35 -22.41
N HIS A 160 7.85 -11.53 -21.58
CA HIS A 160 8.02 -12.15 -20.25
C HIS A 160 7.87 -13.68 -20.34
N HIS A 161 8.75 -14.41 -19.66
CA HIS A 161 8.77 -15.88 -19.76
C HIS A 161 7.49 -16.52 -19.21
N HIS A 162 6.94 -15.96 -18.13
CA HIS A 162 5.70 -16.47 -17.54
C HIS A 162 4.50 -15.55 -17.89
N MET A 1 1.89 -2.21 -6.52
CA MET A 1 2.02 -2.37 -5.05
C MET A 1 2.31 -3.83 -4.66
N LYS A 2 3.47 -4.08 -4.06
CA LYS A 2 3.85 -5.43 -3.63
C LYS A 2 3.47 -5.67 -2.16
N LEU A 3 3.01 -6.90 -1.85
CA LEU A 3 2.33 -7.19 -0.57
C LEU A 3 3.24 -7.12 0.66
N SER A 4 4.52 -6.83 0.46
CA SER A 4 5.49 -6.73 1.58
C SER A 4 5.11 -5.63 2.59
N ARG A 5 4.14 -4.78 2.24
CA ARG A 5 3.69 -3.70 3.11
C ARG A 5 2.16 -3.74 3.30
N LEU A 6 1.55 -4.87 2.95
CA LEU A 6 0.07 -4.99 2.95
C LEU A 6 -0.48 -5.01 4.39
N VAL A 7 -1.58 -4.28 4.61
CA VAL A 7 -2.16 -4.11 5.95
C VAL A 7 -2.94 -5.36 6.41
N PRO A 8 -2.67 -5.88 7.63
CA PRO A 8 -3.40 -7.03 8.19
C PRO A 8 -4.92 -6.79 8.30
N GLY A 9 -5.70 -7.65 7.66
CA GLY A 9 -7.15 -7.49 7.64
C GLY A 9 -7.68 -7.01 6.29
N VAL A 10 -6.77 -6.53 5.44
CA VAL A 10 -7.14 -6.05 4.10
C VAL A 10 -7.01 -7.15 3.04
N PRO A 11 -8.08 -7.43 2.29
CA PRO A 11 -8.07 -8.45 1.22
C PRO A 11 -7.37 -7.96 -0.06
N ALA A 12 -6.50 -8.80 -0.61
CA ALA A 12 -5.79 -8.49 -1.86
C ALA A 12 -5.84 -9.68 -2.83
N ARG A 13 -5.22 -9.52 -4.00
CA ARG A 13 -5.18 -10.60 -5.00
C ARG A 13 -3.82 -10.61 -5.74
N ILE A 14 -3.21 -11.80 -5.84
CA ILE A 14 -1.89 -11.95 -6.49
C ILE A 14 -1.96 -11.57 -7.98
N LYS A 15 -1.16 -10.56 -8.37
CA LYS A 15 -1.14 -10.11 -9.78
C LYS A 15 0.09 -10.64 -10.54
N ARG A 16 1.30 -10.36 -10.03
CA ARG A 16 2.54 -10.73 -10.74
C ARG A 16 3.69 -11.05 -9.78
N LEU A 17 4.58 -11.95 -10.22
CA LEU A 17 5.76 -12.34 -9.43
C LEU A 17 7.06 -11.79 -10.05
N GLU A 18 7.72 -10.89 -9.33
CA GLU A 18 8.95 -10.25 -9.78
C GLU A 18 10.17 -11.20 -9.73
N VAL A 19 10.06 -12.28 -8.95
CA VAL A 19 11.20 -13.15 -8.65
C VAL A 19 11.33 -14.35 -9.59
N SER A 20 12.57 -14.69 -9.93
CA SER A 20 12.89 -15.91 -10.68
C SER A 20 13.95 -16.73 -9.92
N GLY A 21 14.06 -18.02 -10.23
CA GLY A 21 15.04 -18.88 -9.56
C GLY A 21 14.40 -19.86 -8.57
N GLU A 22 15.07 -20.05 -7.42
CA GLU A 22 14.62 -21.03 -6.42
C GLU A 22 13.28 -20.61 -5.79
N LEU A 23 13.19 -19.35 -5.38
CA LEU A 23 12.02 -18.84 -4.65
C LEU A 23 10.70 -19.11 -5.40
N HIS A 24 10.76 -19.12 -6.74
CA HIS A 24 9.54 -19.28 -7.55
C HIS A 24 8.82 -20.61 -7.27
N GLU A 25 9.57 -21.71 -7.20
CA GLU A 25 8.97 -23.03 -6.96
C GLU A 25 8.48 -23.18 -5.50
N LYS A 26 9.06 -22.37 -4.61
CA LYS A 26 8.60 -22.29 -3.23
C LYS A 26 7.25 -21.53 -3.14
N LEU A 27 7.19 -20.38 -3.81
CA LEU A 27 5.99 -19.55 -3.84
C LEU A 27 4.78 -20.32 -4.40
N VAL A 28 4.92 -20.86 -5.61
CA VAL A 28 3.83 -21.62 -6.25
C VAL A 28 3.41 -22.82 -5.39
N GLY A 29 4.37 -23.39 -4.66
CA GLY A 29 4.07 -24.48 -3.74
C GLY A 29 3.20 -24.04 -2.57
N MET A 30 3.48 -22.85 -2.03
CA MET A 30 2.69 -22.31 -0.91
C MET A 30 1.36 -21.69 -1.39
N GLY A 31 1.29 -21.35 -2.69
CA GLY A 31 0.03 -20.85 -3.27
C GLY A 31 0.15 -19.48 -3.93
N PHE A 32 1.35 -18.91 -3.96
CA PHE A 32 1.56 -17.59 -4.58
C PHE A 32 1.55 -17.69 -6.12
N VAL A 33 0.35 -17.74 -6.69
CA VAL A 33 0.17 -17.76 -8.14
C VAL A 33 -0.80 -16.65 -8.59
N PRO A 34 -0.57 -16.04 -9.77
CA PRO A 34 -1.38 -14.92 -10.26
C PRO A 34 -2.86 -15.28 -10.48
N GLY A 35 -3.75 -14.63 -9.72
CA GLY A 35 -5.19 -14.87 -9.86
C GLY A 35 -5.86 -15.31 -8.57
N GLU A 36 -5.08 -15.70 -7.56
CA GLU A 36 -5.64 -16.15 -6.27
C GLU A 36 -5.77 -15.01 -5.26
N GLU A 37 -6.80 -15.08 -4.40
CA GLU A 37 -7.01 -14.11 -3.32
C GLU A 37 -6.03 -14.35 -2.16
N ILE A 38 -5.56 -13.26 -1.56
CA ILE A 38 -4.63 -13.32 -0.43
C ILE A 38 -4.83 -12.13 0.52
N GLU A 39 -4.90 -12.40 1.82
CA GLU A 39 -5.08 -11.34 2.83
C GLU A 39 -4.11 -11.52 4.01
N ILE A 40 -3.46 -10.45 4.42
CA ILE A 40 -2.53 -10.50 5.57
C ILE A 40 -3.29 -10.71 6.89
N VAL A 41 -2.80 -11.62 7.72
CA VAL A 41 -3.40 -11.89 9.03
C VAL A 41 -2.74 -11.07 10.14
N GLN A 42 -1.41 -11.17 10.20
CA GLN A 42 -0.63 -10.53 11.26
C GLN A 42 0.81 -10.27 10.82
N VAL A 43 1.48 -9.35 11.50
CA VAL A 43 2.88 -9.03 11.22
C VAL A 43 3.76 -9.34 12.44
N ALA A 44 4.95 -9.88 12.20
CA ALA A 44 5.89 -10.20 13.28
C ALA A 44 6.38 -8.92 13.99
N PRO A 45 6.71 -9.01 15.30
CA PRO A 45 7.08 -7.83 16.12
C PRO A 45 8.42 -7.16 15.71
N LEU A 46 8.93 -7.49 14.52
CA LEU A 46 10.14 -6.83 13.98
C LEU A 46 9.82 -6.07 12.69
N GLY A 47 8.57 -6.14 12.24
CA GLY A 47 8.19 -5.61 10.93
C GLY A 47 8.25 -6.68 9.85
N ASP A 48 8.80 -7.84 10.22
CA ASP A 48 8.92 -8.99 9.33
C ASP A 48 9.19 -10.27 10.17
N PRO A 49 8.77 -11.46 9.71
CA PRO A 49 7.99 -11.67 8.48
C PRO A 49 6.51 -11.27 8.60
N ILE A 50 5.76 -11.47 7.52
CA ILE A 50 4.30 -11.24 7.52
C ILE A 50 3.54 -12.54 7.20
N VAL A 51 2.44 -12.79 7.92
CA VAL A 51 1.61 -13.99 7.71
C VAL A 51 0.38 -13.67 6.85
N CYS A 52 0.09 -14.51 5.87
CA CYS A 52 -1.00 -14.24 4.91
C CYS A 52 -1.87 -15.48 4.66
N LYS A 53 -3.18 -15.25 4.49
CA LYS A 53 -4.13 -16.31 4.13
C LYS A 53 -4.25 -16.43 2.60
N ILE A 54 -3.69 -17.50 2.04
CA ILE A 54 -3.90 -17.81 0.62
C ILE A 54 -5.07 -18.78 0.46
N GLY A 55 -6.17 -18.31 -0.10
CA GLY A 55 -7.39 -19.11 -0.15
C GLY A 55 -7.91 -19.44 1.25
N ASN A 56 -7.45 -20.57 1.80
CA ASN A 56 -7.80 -20.97 3.17
C ASN A 56 -6.61 -21.65 3.89
N ARG A 57 -5.44 -21.01 3.84
CA ARG A 57 -4.27 -21.45 4.61
C ARG A 57 -3.31 -20.29 4.91
N ASN A 58 -2.85 -20.20 6.17
CA ASN A 58 -1.97 -19.11 6.61
C ASN A 58 -0.48 -19.46 6.38
N ILE A 59 0.17 -18.75 5.46
CA ILE A 59 1.59 -18.97 5.16
C ILE A 59 2.48 -17.88 5.79
N THR A 60 3.58 -18.28 6.41
CA THR A 60 4.56 -17.34 6.98
C THR A 60 5.55 -16.89 5.90
N LEU A 61 5.47 -15.62 5.52
CA LEU A 61 6.23 -15.11 4.37
C LEU A 61 7.14 -13.93 4.77
N ARG A 62 8.41 -13.99 4.36
CA ARG A 62 9.41 -12.96 4.76
C ARG A 62 9.30 -11.68 3.93
N LYS A 63 9.95 -10.60 4.40
CA LYS A 63 9.91 -9.32 3.68
C LYS A 63 10.62 -9.44 2.32
N ARG A 64 11.82 -10.05 2.33
CA ARG A 64 12.62 -10.19 1.09
C ARG A 64 11.87 -10.99 0.01
N GLU A 65 11.00 -11.90 0.45
CA GLU A 65 10.16 -12.67 -0.48
C GLU A 65 8.98 -11.82 -0.97
N ALA A 66 8.18 -11.32 -0.03
CA ALA A 66 7.03 -10.45 -0.34
C ALA A 66 7.43 -9.22 -1.14
N ASP A 67 8.70 -8.84 -0.99
CA ASP A 67 9.28 -7.69 -1.71
C ASP A 67 9.31 -7.94 -3.23
N LEU A 68 8.98 -9.17 -3.65
CA LEU A 68 9.02 -9.56 -5.06
C LEU A 68 7.66 -10.11 -5.57
N ILE A 69 6.59 -9.95 -4.79
CA ILE A 69 5.24 -10.35 -5.25
C ILE A 69 4.26 -9.15 -5.18
N GLU A 70 3.64 -8.82 -6.32
CA GLU A 70 2.70 -7.69 -6.38
C GLU A 70 1.23 -8.15 -6.34
N VAL A 71 0.40 -7.35 -5.66
CA VAL A 71 -1.03 -7.61 -5.52
C VAL A 71 -1.87 -6.33 -5.75
N GLU A 72 -3.19 -6.45 -5.61
CA GLU A 72 -4.08 -5.26 -5.62
C GLU A 72 -5.12 -5.38 -4.50
N VAL A 73 -5.62 -4.23 -4.03
CA VAL A 73 -6.58 -4.21 -2.93
C VAL A 73 -8.03 -4.48 -3.40
N VAL A 74 -8.65 -5.50 -2.82
CA VAL A 74 -10.03 -5.87 -3.13
C VAL A 74 -11.04 -5.14 -2.22
N GLY A 75 -10.54 -4.56 -1.12
CA GLY A 75 -11.39 -3.87 -0.15
C GLY A 75 -12.09 -2.63 -0.68
N GLY A 76 -11.62 -2.08 -1.80
CA GLY A 76 -12.21 -0.88 -2.37
C GLY A 76 -11.19 0.24 -2.62
N GLU A 77 -10.58 0.73 -1.54
CA GLU A 77 -9.52 1.74 -1.63
C GLU A 77 -8.28 1.28 -0.85
N LEU A 78 -7.26 2.14 -0.78
CA LEU A 78 -5.98 1.76 -0.17
C LEU A 78 -5.37 2.90 0.65
N PRO A 79 -4.78 2.60 1.82
CA PRO A 79 -4.08 3.61 2.64
C PRO A 79 -2.81 4.13 1.95
N LEU A 80 -2.39 5.35 2.32
CA LEU A 80 -1.22 6.00 1.70
C LEU A 80 0.06 5.16 1.78
N ILE A 81 0.14 4.25 2.74
CA ILE A 81 1.30 3.35 2.83
C ILE A 81 1.37 2.41 1.61
N LEU A 82 0.20 2.06 1.05
CA LEU A 82 0.12 1.19 -0.13
C LEU A 82 0.05 2.02 -1.42
N ALA A 83 0.05 3.34 -1.28
CA ALA A 83 -0.16 4.26 -2.41
C ALA A 83 0.98 4.21 -3.43
N ASP A 84 0.65 3.84 -4.66
CA ASP A 84 1.58 3.90 -5.79
C ASP A 84 1.78 5.38 -6.22
N ASP A 85 2.71 5.63 -7.13
CA ASP A 85 3.01 7.01 -7.55
C ASP A 85 1.87 7.62 -8.39
N GLY A 86 1.31 8.74 -7.90
CA GLY A 86 0.23 9.41 -8.62
C GLY A 86 -0.63 10.31 -7.71
N THR A 87 -1.71 10.84 -8.27
CA THR A 87 -2.64 11.70 -7.50
C THR A 87 -3.82 10.89 -6.96
N TYR A 88 -4.05 10.99 -5.65
CA TYR A 88 -5.16 10.28 -4.99
C TYR A 88 -6.17 11.24 -4.38
N GLU A 89 -7.23 10.69 -3.80
CA GLU A 89 -8.20 11.47 -3.02
C GLU A 89 -8.50 10.78 -1.67
N ILE A 90 -8.30 11.50 -0.58
CA ILE A 90 -8.56 10.97 0.76
C ILE A 90 -10.07 10.79 1.01
N THR A 91 -10.49 9.56 1.33
CA THR A 91 -11.92 9.25 1.48
C THR A 91 -12.34 8.99 2.94
N LYS A 92 -11.45 8.41 3.75
CA LYS A 92 -11.77 8.12 5.16
C LYS A 92 -10.51 7.95 6.03
N LEU A 93 -10.64 8.29 7.32
CA LEU A 93 -9.52 8.18 8.28
C LEU A 93 -9.78 7.09 9.32
N ASN A 94 -8.71 6.59 9.93
CA ASN A 94 -8.80 5.69 11.09
C ASN A 94 -8.05 6.28 12.29
N GLY A 95 -8.80 6.80 13.25
CA GLY A 95 -8.21 7.47 14.40
C GLY A 95 -8.83 8.84 14.64
N GLY A 96 -8.97 9.24 15.91
CA GLY A 96 -9.62 10.50 16.23
C GLY A 96 -8.79 11.43 17.13
N ARG A 97 -9.44 12.50 17.60
CA ARG A 97 -8.82 13.47 18.50
C ARG A 97 -7.54 14.11 17.91
N ARG A 98 -6.37 13.74 18.43
CA ARG A 98 -5.10 14.34 17.97
C ARG A 98 -4.78 13.92 16.53
N PHE A 99 -5.19 12.70 16.16
CA PHE A 99 -5.00 12.20 14.79
C PHE A 99 -5.69 13.15 13.78
N LEU A 100 -6.98 13.41 14.00
CA LEU A 100 -7.75 14.32 13.14
C LEU A 100 -7.15 15.73 13.13
N PHE A 101 -6.77 16.22 14.30
CA PHE A 101 -6.17 17.56 14.42
C PHE A 101 -4.93 17.71 13.54
N ARG A 102 -3.99 16.78 13.67
CA ARG A 102 -2.74 16.83 12.89
C ARG A 102 -3.01 16.77 11.37
N MET A 103 -3.95 15.93 10.96
CA MET A 103 -4.29 15.79 9.53
C MET A 103 -4.85 17.10 8.96
N LYS A 104 -5.62 17.83 9.77
CA LYS A 104 -6.14 19.15 9.37
C LYS A 104 -5.02 20.19 9.26
N ASN A 105 -3.91 19.96 9.97
CA ASN A 105 -2.72 20.83 9.88
C ASN A 105 -2.00 20.66 8.54
N LEU A 106 -1.78 19.40 8.15
CA LEU A 106 -1.11 19.11 6.87
C LEU A 106 -2.02 19.38 5.67
N GLY A 107 -3.33 19.16 5.84
CA GLY A 107 -4.28 19.48 4.78
C GLY A 107 -5.04 18.27 4.21
N ILE A 108 -5.15 17.19 4.99
CA ILE A 108 -5.90 16.00 4.55
C ILE A 108 -7.08 15.72 5.49
N GLU A 109 -8.29 16.05 5.03
CA GLU A 109 -9.51 15.80 5.81
C GLU A 109 -10.43 14.80 5.08
N SER A 110 -11.21 15.29 4.12
CA SER A 110 -12.12 14.43 3.34
C SER A 110 -12.32 15.00 1.93
N GLY A 111 -12.25 14.13 0.92
CA GLY A 111 -12.44 14.57 -0.46
C GLY A 111 -11.38 15.55 -0.95
N LYS A 112 -10.13 15.27 -0.64
CA LYS A 112 -9.00 16.11 -1.04
C LYS A 112 -8.03 15.35 -1.96
N LYS A 113 -7.60 15.99 -3.05
CA LYS A 113 -6.63 15.39 -3.97
C LYS A 113 -5.19 15.54 -3.43
N ILE A 114 -4.58 14.43 -3.06
CA ILE A 114 -3.22 14.42 -2.53
C ILE A 114 -2.20 13.91 -3.58
N GLN A 115 -1.16 14.71 -3.83
CA GLN A 115 -0.12 14.34 -4.79
C GLN A 115 0.91 13.39 -4.14
N VAL A 116 0.89 12.12 -4.54
CA VAL A 116 1.80 11.12 -3.98
C VAL A 116 2.96 10.83 -4.93
N SER A 117 4.14 11.34 -4.60
CA SER A 117 5.36 11.10 -5.40
C SER A 117 6.20 9.99 -4.77
N GLY A 118 5.91 8.74 -5.15
CA GLY A 118 6.60 7.59 -4.59
C GLY A 118 6.40 7.43 -3.08
N ARG A 119 7.19 8.16 -2.30
CA ARG A 119 7.11 8.09 -0.84
C ARG A 119 6.79 9.47 -0.22
N ARG A 120 6.99 10.53 -1.00
CA ARG A 120 6.72 11.91 -0.53
C ARG A 120 5.30 12.35 -0.92
N TYR A 121 4.47 12.62 0.10
CA TYR A 121 3.08 13.04 -0.11
C TYR A 121 2.95 14.58 -0.05
N TYR A 122 2.13 15.16 -0.94
CA TYR A 122 1.96 16.62 -1.00
C TYR A 122 0.48 17.05 -1.13
N ILE A 123 0.10 18.08 -0.37
CA ILE A 123 -1.18 18.79 -0.59
C ILE A 123 -0.90 20.18 -1.19
N GLU A 124 -1.02 20.29 -2.51
CA GLU A 124 -0.81 21.56 -3.23
C GLU A 124 0.64 22.08 -3.07
N GLY A 125 1.52 21.28 -2.46
CA GLY A 125 2.90 21.70 -2.23
C GLY A 125 3.39 21.39 -0.82
N ARG A 126 2.47 21.32 0.14
CA ARG A 126 2.82 20.99 1.53
C ARG A 126 3.07 19.49 1.69
N GLU A 127 4.27 19.13 2.15
CA GLU A 127 4.62 17.72 2.39
C GLU A 127 3.89 17.19 3.64
N ILE A 128 3.45 15.94 3.58
CA ILE A 128 2.66 15.35 4.67
C ILE A 128 3.56 14.63 5.70
N ASP A 129 3.19 14.74 6.98
CA ASP A 129 3.98 14.20 8.09
C ASP A 129 3.96 12.66 8.17
N LEU A 130 3.25 12.01 7.25
CA LEU A 130 3.08 10.55 7.28
C LEU A 130 4.36 9.78 6.93
N GLY A 131 4.94 9.12 7.93
CA GLY A 131 6.12 8.30 7.72
C GLY A 131 5.80 6.85 7.37
N TYR A 132 5.17 6.13 8.30
CA TYR A 132 4.80 4.73 8.08
C TYR A 132 3.60 4.31 8.94
N GLY A 133 3.82 4.25 10.27
CA GLY A 133 2.80 3.77 11.20
C GLY A 133 1.47 4.51 11.12
N GLU A 134 1.55 5.84 11.04
CA GLU A 134 0.34 6.67 10.90
C GLU A 134 -0.20 6.64 9.45
N ALA A 135 0.71 6.50 8.49
CA ALA A 135 0.35 6.54 7.06
C ALA A 135 -0.69 5.46 6.68
N THR A 136 -0.60 4.29 7.33
CA THR A 136 -1.51 3.18 7.04
C THR A 136 -2.95 3.45 7.51
N LYS A 137 -3.17 4.54 8.23
CA LYS A 137 -4.51 4.87 8.76
C LYS A 137 -5.29 5.83 7.82
N ILE A 138 -4.58 6.44 6.87
CA ILE A 138 -5.22 7.36 5.91
C ILE A 138 -5.56 6.62 4.61
N TRP A 139 -6.85 6.40 4.37
CA TRP A 139 -7.30 5.65 3.17
C TRP A 139 -7.64 6.60 2.02
N VAL A 140 -6.98 6.38 0.88
CA VAL A 140 -7.17 7.21 -0.31
C VAL A 140 -7.62 6.37 -1.51
N ARG A 141 -8.14 7.03 -2.55
CA ARG A 141 -8.58 6.36 -3.77
C ARG A 141 -7.80 6.85 -4.98
N ARG A 142 -7.58 5.97 -5.96
CA ARG A 142 -6.84 6.32 -7.18
C ARG A 142 -7.74 7.10 -8.15
N VAL A 143 -7.49 8.40 -8.31
CA VAL A 143 -8.32 9.24 -9.17
C VAL A 143 -7.71 9.47 -10.56
N SER A 144 -6.38 9.50 -10.65
CA SER A 144 -5.67 9.81 -11.91
C SER A 144 -6.12 11.18 -12.44
N ASP A 145 -5.80 12.22 -11.69
CA ASP A 145 -6.32 13.57 -11.94
C ASP A 145 -5.90 14.12 -13.32
N ALA A 146 -4.59 14.20 -13.59
CA ALA A 146 -4.11 14.85 -14.82
C ALA A 146 -3.14 13.97 -15.63
N GLY A 147 -3.65 13.40 -16.73
CA GLY A 147 -2.81 12.67 -17.68
C GLY A 147 -1.92 11.62 -17.03
N GLU A 148 -2.46 10.97 -16.01
CA GLU A 148 -1.69 10.06 -15.17
C GLU A 148 -1.71 8.62 -15.72
N GLU A 149 -0.56 8.12 -16.14
CA GLU A 149 -0.44 6.73 -16.63
C GLU A 149 0.18 5.80 -15.58
N SER A 150 0.64 6.38 -14.47
CA SER A 150 1.14 5.62 -13.30
C SER A 150 2.46 4.89 -13.57
N HIS A 151 3.55 5.38 -12.99
CA HIS A 151 4.82 4.64 -12.99
C HIS A 151 5.05 3.98 -11.61
N PRO A 152 5.02 2.63 -11.55
CA PRO A 152 4.97 1.88 -10.27
C PRO A 152 6.00 2.29 -9.21
N GLN A 153 5.54 2.41 -7.96
CA GLN A 153 6.42 2.63 -6.81
C GLN A 153 7.18 1.34 -6.47
N LYS A 154 8.51 1.46 -6.39
CA LYS A 154 9.40 0.30 -6.27
C LYS A 154 9.59 -0.19 -4.82
N LEU A 155 10.44 -1.21 -4.68
CA LEU A 155 10.69 -1.89 -3.39
C LEU A 155 11.22 -0.94 -2.30
N GLU A 156 10.88 -1.26 -1.03
CA GLU A 156 11.31 -0.47 0.13
C GLU A 156 11.51 -1.36 1.37
N HIS A 157 12.09 -0.79 2.43
CA HIS A 157 12.37 -1.53 3.67
C HIS A 157 11.42 -1.12 4.81
N HIS A 158 11.39 -1.88 5.91
CA HIS A 158 10.53 -1.56 7.06
C HIS A 158 10.77 -2.47 8.27
N HIS A 159 11.29 -1.91 9.37
CA HIS A 159 11.30 -2.59 10.68
C HIS A 159 10.41 -1.85 11.68
N HIS A 160 9.40 -2.53 12.20
CA HIS A 160 8.41 -1.92 13.10
C HIS A 160 8.59 -2.42 14.54
N HIS A 161 8.52 -1.49 15.50
CA HIS A 161 8.65 -1.82 16.92
C HIS A 161 7.30 -2.20 17.54
N HIS A 162 7.32 -3.18 18.45
CA HIS A 162 6.09 -3.66 19.09
C HIS A 162 5.76 -2.87 20.38
N MET A 1 2.14 -2.03 -5.77
CA MET A 1 2.23 -2.31 -4.30
C MET A 1 2.42 -3.81 -4.03
N LYS A 2 3.39 -4.14 -3.18
CA LYS A 2 3.69 -5.55 -2.84
C LYS A 2 3.28 -5.89 -1.40
N LEU A 3 2.93 -7.17 -1.16
CA LEU A 3 2.39 -7.60 0.14
C LEU A 3 3.37 -7.40 1.30
N SER A 4 4.66 -7.23 0.97
CA SER A 4 5.72 -7.01 1.96
C SER A 4 5.38 -5.85 2.93
N ARG A 5 4.56 -4.91 2.45
CA ARG A 5 4.16 -3.74 3.27
C ARG A 5 2.63 -3.64 3.40
N LEU A 6 1.92 -4.73 3.15
CA LEU A 6 0.46 -4.74 3.22
C LEU A 6 -0.04 -4.73 4.68
N VAL A 7 -1.06 -3.93 4.96
CA VAL A 7 -1.59 -3.77 6.31
C VAL A 7 -2.40 -5.00 6.77
N PRO A 8 -2.05 -5.58 7.94
CA PRO A 8 -2.80 -6.72 8.52
C PRO A 8 -4.32 -6.47 8.61
N GLY A 9 -5.10 -7.42 8.10
CA GLY A 9 -6.56 -7.29 8.12
C GLY A 9 -7.12 -6.62 6.87
N VAL A 10 -6.25 -6.18 5.96
CA VAL A 10 -6.68 -5.60 4.68
C VAL A 10 -6.63 -6.65 3.55
N PRO A 11 -7.79 -6.97 2.94
CA PRO A 11 -7.87 -8.00 1.89
C PRO A 11 -7.31 -7.52 0.52
N ALA A 12 -6.47 -8.35 -0.08
CA ALA A 12 -5.83 -8.03 -1.36
C ALA A 12 -5.88 -9.22 -2.33
N ARG A 13 -5.33 -9.03 -3.53
CA ARG A 13 -5.28 -10.09 -4.55
C ARG A 13 -3.90 -10.09 -5.25
N ILE A 14 -3.42 -11.28 -5.63
CA ILE A 14 -2.08 -11.41 -6.23
C ILE A 14 -1.99 -10.78 -7.64
N LYS A 15 -1.06 -9.83 -7.78
CA LYS A 15 -0.80 -9.17 -9.08
C LYS A 15 0.14 -10.00 -9.97
N ARG A 16 1.40 -10.11 -9.55
CA ARG A 16 2.45 -10.71 -10.39
C ARG A 16 3.61 -11.25 -9.54
N LEU A 17 4.36 -12.21 -10.10
CA LEU A 17 5.56 -12.76 -9.46
C LEU A 17 6.79 -12.53 -10.36
N GLU A 18 7.68 -11.62 -9.96
CA GLU A 18 8.84 -11.26 -10.80
C GLU A 18 10.04 -12.20 -10.59
N VAL A 19 9.88 -13.17 -9.69
CA VAL A 19 10.94 -14.14 -9.37
C VAL A 19 10.80 -15.45 -10.18
N SER A 20 11.94 -15.98 -10.64
CA SER A 20 11.98 -17.25 -11.38
C SER A 20 13.18 -18.11 -10.95
N GLY A 21 13.13 -19.41 -11.25
CA GLY A 21 14.23 -20.31 -10.89
C GLY A 21 13.90 -21.21 -9.72
N GLU A 22 14.10 -20.70 -8.50
CA GLU A 22 13.91 -21.47 -7.26
C GLU A 22 12.60 -21.10 -6.54
N LEU A 23 12.51 -19.85 -6.09
CA LEU A 23 11.39 -19.39 -5.27
C LEU A 23 10.03 -19.50 -6.00
N HIS A 24 10.05 -19.35 -7.31
CA HIS A 24 8.80 -19.29 -8.10
C HIS A 24 7.94 -20.57 -7.96
N GLU A 25 8.57 -21.75 -8.05
CA GLU A 25 7.83 -23.02 -8.04
C GLU A 25 7.17 -23.31 -6.67
N LYS A 26 7.85 -22.95 -5.58
CA LYS A 26 7.27 -23.15 -4.24
C LYS A 26 6.16 -22.12 -3.96
N LEU A 27 6.30 -20.91 -4.51
CA LEU A 27 5.26 -19.88 -4.38
C LEU A 27 3.93 -20.35 -5.00
N VAL A 28 3.97 -20.75 -6.27
CA VAL A 28 2.79 -21.26 -6.96
C VAL A 28 2.28 -22.54 -6.28
N GLY A 29 3.19 -23.31 -5.68
CA GLY A 29 2.79 -24.49 -4.91
C GLY A 29 2.08 -24.15 -3.60
N MET A 30 2.49 -23.04 -2.97
CA MET A 30 1.87 -22.57 -1.72
C MET A 30 0.57 -21.78 -1.99
N GLY A 31 0.44 -21.23 -3.20
CA GLY A 31 -0.80 -20.54 -3.56
C GLY A 31 -0.58 -19.15 -4.16
N PHE A 32 0.67 -18.69 -4.17
CA PHE A 32 0.99 -17.36 -4.72
C PHE A 32 0.87 -17.35 -6.24
N VAL A 33 -0.37 -17.19 -6.73
CA VAL A 33 -0.63 -17.13 -8.18
C VAL A 33 -1.60 -15.97 -8.51
N PRO A 34 -1.31 -15.20 -9.58
CA PRO A 34 -2.20 -14.10 -10.01
C PRO A 34 -3.64 -14.56 -10.26
N GLY A 35 -4.50 -14.33 -9.29
CA GLY A 35 -5.89 -14.77 -9.37
C GLY A 35 -6.50 -15.02 -8.00
N GLU A 36 -5.72 -15.56 -7.07
CA GLU A 36 -6.18 -15.80 -5.71
C GLU A 36 -6.16 -14.53 -4.84
N GLU A 37 -7.15 -14.42 -3.96
CA GLU A 37 -7.19 -13.33 -2.98
C GLU A 37 -6.31 -13.65 -1.77
N ILE A 38 -5.46 -12.71 -1.38
CA ILE A 38 -4.54 -12.90 -0.26
C ILE A 38 -4.72 -11.82 0.82
N GLU A 39 -4.58 -12.20 2.09
CA GLU A 39 -4.70 -11.25 3.20
C GLU A 39 -3.57 -11.44 4.22
N ILE A 40 -3.02 -10.33 4.72
CA ILE A 40 -1.97 -10.39 5.75
C ILE A 40 -2.59 -10.51 7.16
N VAL A 41 -2.13 -11.50 7.91
CA VAL A 41 -2.67 -11.79 9.24
C VAL A 41 -1.93 -11.00 10.34
N GLN A 42 -0.64 -11.26 10.49
CA GLN A 42 0.16 -10.66 11.56
C GLN A 42 1.66 -10.68 11.22
N VAL A 43 2.39 -9.72 11.77
CA VAL A 43 3.84 -9.63 11.58
C VAL A 43 4.61 -10.19 12.79
N ALA A 44 5.78 -10.76 12.55
CA ALA A 44 6.64 -11.28 13.64
C ALA A 44 7.26 -10.14 14.46
N PRO A 45 7.54 -10.37 15.77
CA PRO A 45 8.09 -9.33 16.67
C PRO A 45 9.40 -8.69 16.17
N LEU A 46 10.07 -9.36 15.24
CA LEU A 46 11.31 -8.82 14.65
C LEU A 46 11.01 -7.95 13.42
N GLY A 47 9.73 -7.62 13.21
CA GLY A 47 9.32 -6.87 12.03
C GLY A 47 9.48 -7.69 10.75
N ASP A 48 9.58 -9.01 10.92
CA ASP A 48 9.86 -9.94 9.83
C ASP A 48 9.95 -11.38 10.40
N PRO A 49 9.31 -12.38 9.74
CA PRO A 49 8.55 -12.20 8.48
C PRO A 49 7.07 -11.85 8.71
N ILE A 50 6.29 -11.92 7.62
CA ILE A 50 4.84 -11.67 7.69
C ILE A 50 4.03 -12.94 7.36
N VAL A 51 2.93 -13.13 8.09
CA VAL A 51 2.06 -14.30 7.87
C VAL A 51 0.84 -13.91 7.01
N CYS A 52 0.53 -14.74 6.01
CA CYS A 52 -0.60 -14.48 5.10
C CYS A 52 -1.55 -15.68 5.01
N LYS A 53 -2.75 -15.45 4.48
CA LYS A 53 -3.74 -16.52 4.28
C LYS A 53 -4.10 -16.68 2.80
N ILE A 54 -3.65 -17.79 2.21
CA ILE A 54 -4.04 -18.15 0.83
C ILE A 54 -4.74 -19.52 0.84
N GLY A 55 -5.97 -19.58 0.33
CA GLY A 55 -6.73 -20.83 0.39
C GLY A 55 -7.05 -21.26 1.81
N ASN A 56 -7.27 -20.28 2.69
CA ASN A 56 -7.64 -20.52 4.10
C ASN A 56 -6.53 -21.22 4.91
N ARG A 57 -5.31 -21.30 4.36
CA ARG A 57 -4.17 -21.86 5.09
C ARG A 57 -3.13 -20.76 5.40
N ASN A 58 -2.57 -20.80 6.60
CA ASN A 58 -1.61 -19.79 7.06
C ASN A 58 -0.19 -20.02 6.49
N ILE A 59 0.19 -19.18 5.53
CA ILE A 59 1.51 -19.27 4.89
C ILE A 59 2.47 -18.20 5.44
N THR A 60 3.61 -18.63 5.97
CA THR A 60 4.63 -17.69 6.47
C THR A 60 5.60 -17.29 5.34
N LEU A 61 5.70 -16.00 5.06
CA LEU A 61 6.53 -15.52 3.95
C LEU A 61 7.58 -14.49 4.44
N ARG A 62 8.85 -14.74 4.10
CA ARG A 62 9.94 -13.83 4.48
C ARG A 62 9.82 -12.48 3.74
N LYS A 63 9.98 -11.37 4.46
CA LYS A 63 9.82 -10.02 3.88
C LYS A 63 10.68 -9.83 2.62
N ARG A 64 11.96 -10.23 2.71
CA ARG A 64 12.88 -10.13 1.57
C ARG A 64 12.30 -10.81 0.32
N GLU A 65 11.62 -11.94 0.51
CA GLU A 65 11.02 -12.69 -0.60
C GLU A 65 9.66 -12.10 -1.00
N ALA A 66 8.98 -11.48 -0.04
CA ALA A 66 7.69 -10.83 -0.28
C ALA A 66 7.83 -9.65 -1.26
N ASP A 67 9.01 -9.05 -1.31
CA ASP A 67 9.31 -7.99 -2.27
C ASP A 67 9.34 -8.52 -3.72
N LEU A 68 9.26 -9.84 -3.89
CA LEU A 68 9.26 -10.45 -5.23
C LEU A 68 7.82 -10.78 -5.69
N ILE A 69 6.85 -10.62 -4.79
CA ILE A 69 5.43 -10.84 -5.13
C ILE A 69 4.63 -9.54 -4.96
N GLU A 70 3.88 -9.15 -5.99
CA GLU A 70 3.08 -7.91 -5.93
C GLU A 70 1.58 -8.23 -5.74
N VAL A 71 0.85 -7.32 -5.09
CA VAL A 71 -0.59 -7.52 -4.81
C VAL A 71 -1.40 -6.24 -5.08
N GLU A 72 -2.73 -6.35 -4.98
CA GLU A 72 -3.63 -5.20 -5.14
C GLU A 72 -4.79 -5.27 -4.13
N VAL A 73 -5.10 -4.15 -3.48
CA VAL A 73 -6.23 -4.09 -2.53
C VAL A 73 -7.56 -4.25 -3.28
N VAL A 74 -8.37 -5.23 -2.85
CA VAL A 74 -9.60 -5.61 -3.57
C VAL A 74 -10.68 -4.51 -3.54
N GLY A 75 -10.77 -3.78 -2.42
CA GLY A 75 -11.81 -2.77 -2.25
C GLY A 75 -11.59 -1.46 -3.03
N GLY A 76 -10.57 -1.42 -3.89
CA GLY A 76 -10.31 -0.22 -4.68
C GLY A 76 -9.54 0.85 -3.93
N GLU A 77 -10.10 1.31 -2.81
CA GLU A 77 -9.44 2.27 -1.92
C GLU A 77 -8.33 1.58 -1.10
N LEU A 78 -7.25 2.31 -0.84
CA LEU A 78 -6.09 1.75 -0.13
C LEU A 78 -5.40 2.81 0.74
N PRO A 79 -4.76 2.41 1.87
CA PRO A 79 -4.10 3.36 2.78
C PRO A 79 -2.94 4.14 2.11
N LEU A 80 -2.65 5.32 2.65
CA LEU A 80 -1.66 6.25 2.08
C LEU A 80 -0.27 5.60 1.98
N ILE A 81 0.07 4.77 2.96
CA ILE A 81 1.36 4.06 2.96
C ILE A 81 1.48 3.11 1.75
N LEU A 82 0.34 2.68 1.21
CA LEU A 82 0.32 1.78 0.06
C LEU A 82 0.01 2.54 -1.24
N ALA A 83 -0.04 3.87 -1.16
CA ALA A 83 -0.32 4.69 -2.33
C ALA A 83 0.83 4.64 -3.35
N ASP A 84 0.74 3.67 -4.27
CA ASP A 84 1.73 3.50 -5.34
C ASP A 84 1.98 4.85 -6.05
N ASP A 85 3.23 5.33 -5.99
CA ASP A 85 3.61 6.69 -6.44
C ASP A 85 2.75 7.22 -7.61
N GLY A 86 1.95 8.25 -7.31
CA GLY A 86 1.04 8.86 -8.29
C GLY A 86 0.11 9.90 -7.67
N THR A 87 -0.97 10.23 -8.36
CA THR A 87 -1.96 11.19 -7.83
C THR A 87 -3.15 10.48 -7.17
N TYR A 88 -3.42 10.80 -5.91
CA TYR A 88 -4.51 10.15 -5.16
C TYR A 88 -5.45 11.17 -4.48
N GLU A 89 -6.62 10.69 -4.07
CA GLU A 89 -7.59 11.50 -3.31
C GLU A 89 -7.97 10.78 -2.01
N ILE A 90 -7.93 11.51 -0.89
CA ILE A 90 -8.26 10.91 0.41
C ILE A 90 -9.75 10.58 0.55
N THR A 91 -10.04 9.36 1.02
CA THR A 91 -11.42 8.87 1.18
C THR A 91 -11.85 8.83 2.66
N LYS A 92 -10.93 8.50 3.56
CA LYS A 92 -11.27 8.39 5.00
C LYS A 92 -10.01 8.26 5.90
N LEU A 93 -10.20 8.50 7.19
CA LEU A 93 -9.11 8.41 8.19
C LEU A 93 -9.41 7.33 9.25
N ASN A 94 -8.35 6.78 9.85
CA ASN A 94 -8.50 5.86 11.01
C ASN A 94 -7.92 6.51 12.29
N GLY A 95 -8.79 6.96 13.18
CA GLY A 95 -8.33 7.55 14.43
C GLY A 95 -9.40 8.33 15.19
N GLY A 96 -9.04 8.85 16.36
CA GLY A 96 -9.97 9.65 17.17
C GLY A 96 -10.10 11.09 16.70
N ARG A 97 -10.90 11.88 17.40
CA ARG A 97 -11.15 13.28 17.01
C ARG A 97 -9.85 14.10 16.94
N ARG A 98 -8.88 13.78 17.80
CA ARG A 98 -7.55 14.41 17.72
C ARG A 98 -6.92 14.20 16.34
N PHE A 99 -6.86 12.94 15.94
CA PHE A 99 -6.26 12.54 14.66
C PHE A 99 -6.97 13.22 13.47
N LEU A 100 -8.30 13.17 13.49
CA LEU A 100 -9.11 13.77 12.43
C LEU A 100 -8.86 15.28 12.31
N PHE A 101 -8.92 15.99 13.44
CA PHE A 101 -8.74 17.44 13.44
C PHE A 101 -7.31 17.83 13.03
N ARG A 102 -6.32 17.05 13.48
CA ARG A 102 -4.92 17.28 13.08
C ARG A 102 -4.76 17.25 11.56
N MET A 103 -5.21 16.17 10.94
CA MET A 103 -5.10 15.99 9.48
C MET A 103 -5.81 17.10 8.70
N LYS A 104 -6.90 17.63 9.26
CA LYS A 104 -7.59 18.79 8.67
C LYS A 104 -6.67 20.01 8.56
N ASN A 105 -5.79 20.18 9.54
CA ASN A 105 -4.86 21.32 9.56
C ASN A 105 -3.69 21.11 8.55
N LEU A 106 -3.41 19.86 8.22
CA LEU A 106 -2.36 19.56 7.23
C LEU A 106 -2.93 19.51 5.80
N GLY A 107 -4.18 19.06 5.67
CA GLY A 107 -4.81 18.97 4.36
C GLY A 107 -5.56 17.65 4.14
N ILE A 108 -4.90 16.52 4.42
CA ILE A 108 -5.52 15.20 4.24
C ILE A 108 -6.72 14.99 5.17
N GLU A 109 -7.88 15.54 4.77
CA GLU A 109 -9.10 15.45 5.58
C GLU A 109 -10.24 14.73 4.82
N SER A 110 -10.56 15.20 3.62
CA SER A 110 -11.63 14.60 2.80
C SER A 110 -11.71 15.30 1.44
N GLY A 111 -11.84 14.52 0.36
CA GLY A 111 -11.95 15.07 -0.99
C GLY A 111 -10.68 15.80 -1.46
N LYS A 112 -9.63 15.75 -0.64
CA LYS A 112 -8.35 16.40 -0.95
C LYS A 112 -7.45 15.49 -1.79
N LYS A 113 -6.76 16.06 -2.76
CA LYS A 113 -5.85 15.29 -3.63
C LYS A 113 -4.40 15.33 -3.11
N ILE A 114 -3.84 14.16 -2.84
CA ILE A 114 -2.47 14.03 -2.34
C ILE A 114 -1.50 13.62 -3.46
N GLN A 115 -0.45 14.42 -3.64
CA GLN A 115 0.61 14.13 -4.61
C GLN A 115 1.71 13.25 -4.00
N VAL A 116 1.87 12.03 -4.50
CA VAL A 116 2.95 11.15 -4.07
C VAL A 116 4.08 11.14 -5.11
N SER A 117 5.18 11.84 -4.80
CA SER A 117 6.33 11.93 -5.73
C SER A 117 7.61 11.47 -5.03
N GLY A 118 8.04 10.23 -5.32
CA GLY A 118 9.22 9.68 -4.68
C GLY A 118 8.98 9.40 -3.19
N ARG A 119 7.83 8.81 -2.87
CA ARG A 119 7.43 8.53 -1.48
C ARG A 119 7.22 9.83 -0.66
N ARG A 120 7.22 10.98 -1.34
CA ARG A 120 6.99 12.27 -0.69
C ARG A 120 5.56 12.76 -0.95
N TYR A 121 4.90 13.27 0.08
CA TYR A 121 3.46 13.58 0.01
C TYR A 121 3.18 15.10 0.01
N TYR A 122 2.40 15.57 -0.96
CA TYR A 122 2.08 17.01 -1.08
C TYR A 122 0.57 17.25 -1.25
N ILE A 123 -0.06 17.98 -0.33
CA ILE A 123 -1.45 18.42 -0.50
C ILE A 123 -1.50 19.77 -1.23
N GLU A 124 -2.15 19.79 -2.41
CA GLU A 124 -2.24 20.99 -3.27
C GLU A 124 -0.88 21.70 -3.48
N GLY A 125 0.22 21.03 -3.15
CA GLY A 125 1.56 21.63 -3.28
C GLY A 125 2.32 21.67 -1.96
N ARG A 126 1.60 21.70 -0.84
CA ARG A 126 2.22 21.76 0.50
C ARG A 126 2.70 20.37 0.95
N GLU A 127 3.97 20.26 1.34
CA GLU A 127 4.52 18.99 1.83
C GLU A 127 3.90 18.59 3.18
N ILE A 128 3.50 17.33 3.30
CA ILE A 128 2.76 16.85 4.49
C ILE A 128 3.61 15.92 5.37
N ASP A 129 3.63 16.19 6.67
CA ASP A 129 4.37 15.36 7.63
C ASP A 129 3.64 14.03 7.90
N LEU A 130 3.93 13.01 7.09
CA LEU A 130 3.33 11.67 7.27
C LEU A 130 4.39 10.56 7.23
N GLY A 131 4.46 9.77 8.31
CA GLY A 131 5.39 8.65 8.36
C GLY A 131 4.72 7.29 8.11
N TYR A 132 5.51 6.22 8.19
CA TYR A 132 5.02 4.85 7.94
C TYR A 132 3.79 4.50 8.80
N GLY A 133 3.98 4.47 10.12
CA GLY A 133 2.92 4.08 11.05
C GLY A 133 1.67 4.95 10.96
N GLU A 134 1.87 6.23 10.65
CA GLU A 134 0.75 7.16 10.48
C GLU A 134 0.05 6.98 9.13
N ALA A 135 0.83 6.80 8.06
CA ALA A 135 0.31 6.72 6.70
C ALA A 135 -0.68 5.55 6.51
N THR A 136 -0.53 4.49 7.29
CA THR A 136 -1.47 3.36 7.26
C THR A 136 -2.85 3.72 7.86
N LYS A 137 -2.92 4.85 8.56
CA LYS A 137 -4.19 5.35 9.13
C LYS A 137 -5.00 6.14 8.09
N ILE A 138 -4.31 6.77 7.15
CA ILE A 138 -4.98 7.53 6.07
C ILE A 138 -5.34 6.61 4.90
N TRP A 139 -6.53 6.78 4.32
CA TRP A 139 -6.95 5.99 3.16
C TRP A 139 -7.19 6.88 1.93
N VAL A 140 -6.68 6.45 0.78
CA VAL A 140 -6.77 7.24 -0.47
C VAL A 140 -7.24 6.39 -1.67
N ARG A 141 -7.60 7.07 -2.76
CA ARG A 141 -8.03 6.42 -4.01
C ARG A 141 -7.29 7.01 -5.23
N ARG A 142 -7.15 6.22 -6.30
CA ARG A 142 -6.40 6.66 -7.49
C ARG A 142 -7.16 7.69 -8.33
N VAL A 143 -6.55 8.87 -8.54
CA VAL A 143 -7.13 9.92 -9.40
C VAL A 143 -6.07 10.45 -10.39
N SER A 144 -6.41 11.47 -11.17
CA SER A 144 -5.47 12.03 -12.17
C SER A 144 -5.57 13.57 -12.27
N ASP A 145 -6.20 14.20 -11.28
CA ASP A 145 -6.36 15.66 -11.26
C ASP A 145 -5.04 16.37 -10.94
N ALA A 146 -4.27 16.69 -11.98
CA ALA A 146 -2.98 17.37 -11.84
C ALA A 146 -2.59 18.14 -13.11
N GLY A 147 -2.50 19.47 -13.00
CA GLY A 147 -2.09 20.30 -14.14
C GLY A 147 -0.72 20.94 -13.96
N GLU A 148 0.22 20.17 -13.39
CA GLU A 148 1.59 20.65 -13.15
C GLU A 148 2.44 20.61 -14.43
N GLU A 149 2.83 21.78 -14.93
CA GLU A 149 3.69 21.90 -16.11
C GLU A 149 5.16 22.06 -15.71
N SER A 150 6.05 22.18 -16.70
CA SER A 150 7.50 22.29 -16.44
C SER A 150 7.87 23.63 -15.77
N HIS A 151 8.12 23.58 -14.47
CA HIS A 151 8.49 24.79 -13.71
C HIS A 151 10.02 25.02 -13.75
N PRO A 152 10.47 26.27 -13.57
CA PRO A 152 11.90 26.63 -13.66
C PRO A 152 12.80 25.90 -12.64
N GLN A 153 14.06 25.68 -13.03
CA GLN A 153 15.05 25.03 -12.16
C GLN A 153 15.70 26.03 -11.18
N LYS A 154 16.80 25.64 -10.55
CA LYS A 154 17.50 26.50 -9.58
C LYS A 154 18.55 27.38 -10.28
N LEU A 155 18.48 28.69 -10.01
CA LEU A 155 19.49 29.64 -10.52
C LEU A 155 20.87 29.39 -9.88
N GLU A 156 21.86 30.20 -10.25
CA GLU A 156 23.20 30.09 -9.66
C GLU A 156 23.24 30.61 -8.21
N HIS A 157 23.87 29.84 -7.34
CA HIS A 157 23.99 30.19 -5.91
C HIS A 157 25.47 30.27 -5.51
N HIS A 158 25.87 31.35 -4.84
CA HIS A 158 27.27 31.53 -4.43
C HIS A 158 27.67 30.58 -3.28
N HIS A 159 28.95 30.60 -2.91
CA HIS A 159 29.49 29.71 -1.89
C HIS A 159 30.16 30.50 -0.76
N HIS A 160 29.88 30.12 0.48
CA HIS A 160 30.56 30.71 1.65
C HIS A 160 31.97 30.12 1.78
N HIS A 161 32.98 30.98 1.62
CA HIS A 161 34.39 30.55 1.63
C HIS A 161 34.73 29.80 2.94
N HIS A 162 34.18 30.27 4.05
CA HIS A 162 34.29 29.56 5.34
C HIS A 162 32.91 29.09 5.81
N MET A 1 2.38 -2.18 -5.44
CA MET A 1 2.55 -2.40 -3.98
C MET A 1 2.75 -3.89 -3.66
N LYS A 2 3.71 -4.21 -2.80
CA LYS A 2 4.00 -5.61 -2.44
C LYS A 2 3.43 -5.96 -1.04
N LEU A 3 3.01 -7.21 -0.87
CA LEU A 3 2.37 -7.67 0.37
C LEU A 3 3.31 -7.60 1.60
N SER A 4 4.61 -7.40 1.36
CA SER A 4 5.61 -7.31 2.45
C SER A 4 5.27 -6.22 3.47
N ARG A 5 4.48 -5.25 3.04
CA ARG A 5 4.08 -4.12 3.90
C ARG A 5 2.54 -3.99 3.97
N LEU A 6 1.83 -5.05 3.62
CA LEU A 6 0.36 -5.03 3.61
C LEU A 6 -0.20 -5.10 5.05
N VAL A 7 -1.12 -4.18 5.35
CA VAL A 7 -1.70 -4.07 6.70
C VAL A 7 -2.46 -5.35 7.11
N PRO A 8 -2.08 -5.96 8.26
CA PRO A 8 -2.75 -7.16 8.78
C PRO A 8 -4.27 -6.97 8.99
N GLY A 9 -5.06 -7.74 8.23
CA GLY A 9 -6.51 -7.61 8.27
C GLY A 9 -7.11 -7.11 6.96
N VAL A 10 -6.25 -6.67 6.05
CA VAL A 10 -6.69 -6.16 4.75
C VAL A 10 -6.62 -7.25 3.66
N PRO A 11 -7.74 -7.50 2.95
CA PRO A 11 -7.79 -8.48 1.85
C PRO A 11 -7.16 -7.96 0.54
N ALA A 12 -6.19 -8.70 0.00
CA ALA A 12 -5.52 -8.33 -1.25
C ALA A 12 -5.70 -9.40 -2.33
N ARG A 13 -5.12 -9.16 -3.51
CA ARG A 13 -5.17 -10.13 -4.61
C ARG A 13 -3.90 -10.06 -5.48
N ILE A 14 -3.40 -11.21 -5.90
CA ILE A 14 -2.12 -11.30 -6.64
C ILE A 14 -2.18 -10.60 -8.02
N LYS A 15 -1.20 -9.73 -8.28
CA LYS A 15 -1.08 -9.04 -9.58
C LYS A 15 0.09 -9.56 -10.42
N ARG A 16 1.32 -9.29 -9.97
CA ARG A 16 2.53 -9.64 -10.75
C ARG A 16 3.68 -10.12 -9.85
N LEU A 17 4.43 -11.11 -10.34
CA LEU A 17 5.59 -11.64 -9.61
C LEU A 17 6.90 -11.36 -10.37
N GLU A 18 7.81 -10.62 -9.76
CA GLU A 18 9.09 -10.27 -10.39
C GLU A 18 10.22 -11.24 -9.99
N VAL A 19 9.85 -12.47 -9.63
CA VAL A 19 10.83 -13.45 -9.16
C VAL A 19 10.71 -14.81 -9.89
N SER A 20 11.86 -15.36 -10.28
CA SER A 20 11.94 -16.71 -10.86
C SER A 20 13.10 -17.48 -10.22
N GLY A 21 12.85 -18.73 -9.81
CA GLY A 21 13.89 -19.53 -9.18
C GLY A 21 13.48 -20.06 -7.81
N GLU A 22 14.41 -20.00 -6.84
CA GLU A 22 14.22 -20.58 -5.49
C GLU A 22 12.91 -20.11 -4.83
N LEU A 23 12.61 -18.83 -4.95
CA LEU A 23 11.40 -18.27 -4.36
C LEU A 23 10.15 -18.64 -5.19
N HIS A 24 10.25 -18.56 -6.51
CA HIS A 24 9.09 -18.79 -7.37
C HIS A 24 8.54 -20.23 -7.22
N GLU A 25 9.44 -21.21 -7.05
CA GLU A 25 9.04 -22.61 -6.94
C GLU A 25 8.26 -22.90 -5.63
N LYS A 26 8.62 -22.23 -4.54
CA LYS A 26 7.85 -22.33 -3.28
C LYS A 26 6.56 -21.51 -3.35
N LEU A 27 6.58 -20.39 -4.09
CA LEU A 27 5.38 -19.57 -4.29
C LEU A 27 4.26 -20.35 -4.98
N VAL A 28 4.56 -20.94 -6.14
CA VAL A 28 3.56 -21.72 -6.89
C VAL A 28 3.02 -22.90 -6.06
N GLY A 29 3.87 -23.46 -5.20
CA GLY A 29 3.43 -24.51 -4.29
C GLY A 29 2.46 -24.00 -3.23
N MET A 30 2.71 -22.78 -2.73
CA MET A 30 1.86 -22.17 -1.71
C MET A 30 0.61 -21.52 -2.32
N GLY A 31 0.54 -21.45 -3.65
CA GLY A 31 -0.67 -20.98 -4.32
C GLY A 31 -0.56 -19.58 -4.92
N PHE A 32 0.65 -19.04 -5.00
CA PHE A 32 0.85 -17.70 -5.59
C PHE A 32 0.67 -17.71 -7.11
N VAL A 33 -0.58 -17.58 -7.55
CA VAL A 33 -0.91 -17.45 -8.97
C VAL A 33 -1.64 -16.12 -9.23
N PRO A 34 -1.37 -15.46 -10.39
CA PRO A 34 -1.99 -14.16 -10.73
C PRO A 34 -3.53 -14.25 -10.83
N GLY A 35 -4.21 -13.90 -9.74
CA GLY A 35 -5.67 -13.96 -9.71
C GLY A 35 -6.22 -14.34 -8.34
N GLU A 36 -5.49 -15.15 -7.58
CA GLU A 36 -5.93 -15.59 -6.24
C GLU A 36 -5.93 -14.44 -5.23
N GLU A 37 -6.91 -14.47 -4.32
CA GLU A 37 -7.00 -13.52 -3.22
C GLU A 37 -6.04 -13.92 -2.08
N ILE A 38 -5.43 -12.93 -1.44
CA ILE A 38 -4.52 -13.17 -0.33
C ILE A 38 -4.69 -12.11 0.78
N GLU A 39 -4.88 -12.58 2.01
CA GLU A 39 -5.11 -11.68 3.15
C GLU A 39 -4.06 -11.89 4.26
N ILE A 40 -3.60 -10.80 4.88
CA ILE A 40 -2.59 -10.88 5.95
C ILE A 40 -3.26 -11.05 7.33
N VAL A 41 -2.98 -12.17 7.99
CA VAL A 41 -3.56 -12.47 9.30
C VAL A 41 -2.81 -11.76 10.44
N GLN A 42 -1.50 -12.02 10.54
CA GLN A 42 -0.68 -11.48 11.62
C GLN A 42 0.76 -11.22 11.18
N VAL A 43 1.45 -10.32 11.88
CA VAL A 43 2.85 -9.99 11.59
C VAL A 43 3.77 -10.40 12.75
N ALA A 44 4.99 -10.81 12.43
CA ALA A 44 5.98 -11.17 13.45
C ALA A 44 6.57 -9.91 14.13
N PRO A 45 7.04 -10.04 15.40
CA PRO A 45 7.54 -8.88 16.20
C PRO A 45 8.74 -8.14 15.56
N LEU A 46 9.28 -8.66 14.46
CA LEU A 46 10.41 -8.02 13.76
C LEU A 46 9.92 -7.12 12.60
N GLY A 47 8.60 -7.10 12.39
CA GLY A 47 8.04 -6.45 11.21
C GLY A 47 7.87 -7.44 10.06
N ASP A 48 8.41 -8.64 10.27
CA ASP A 48 8.32 -9.76 9.33
C ASP A 48 8.91 -11.03 9.98
N PRO A 49 8.59 -12.24 9.47
CA PRO A 49 7.69 -12.46 8.32
C PRO A 49 6.21 -12.16 8.63
N ILE A 50 5.39 -12.12 7.58
CA ILE A 50 3.95 -11.94 7.72
C ILE A 50 3.20 -13.23 7.34
N VAL A 51 2.18 -13.58 8.11
CA VAL A 51 1.39 -14.79 7.86
C VAL A 51 0.09 -14.45 7.12
N CYS A 52 -0.03 -14.94 5.89
CA CYS A 52 -1.21 -14.66 5.05
C CYS A 52 -2.08 -15.92 4.85
N LYS A 53 -3.17 -15.77 4.09
CA LYS A 53 -4.05 -16.91 3.78
C LYS A 53 -4.32 -17.03 2.27
N ILE A 54 -3.79 -18.10 1.67
CA ILE A 54 -4.10 -18.44 0.27
C ILE A 54 -4.80 -19.79 0.22
N GLY A 55 -5.90 -19.88 -0.53
CA GLY A 55 -6.73 -21.08 -0.50
C GLY A 55 -7.18 -21.41 0.92
N ASN A 56 -7.42 -20.35 1.71
CA ASN A 56 -7.83 -20.45 3.12
C ASN A 56 -6.69 -20.89 4.06
N ARG A 57 -5.69 -21.60 3.54
CA ARG A 57 -4.58 -22.09 4.38
C ARG A 57 -3.56 -20.99 4.67
N ASN A 58 -2.77 -21.18 5.74
CA ASN A 58 -1.79 -20.17 6.18
C ASN A 58 -0.49 -20.24 5.34
N ILE A 59 0.03 -19.07 4.99
CA ILE A 59 1.29 -18.95 4.23
C ILE A 59 2.26 -17.98 4.96
N THR A 60 3.57 -18.20 4.83
CA THR A 60 4.56 -17.37 5.54
C THR A 60 5.59 -16.74 4.59
N LEU A 61 5.55 -15.42 4.45
CA LEU A 61 6.50 -14.67 3.60
C LEU A 61 7.27 -13.61 4.42
N ARG A 62 8.57 -13.48 4.15
CA ARG A 62 9.38 -12.40 4.76
C ARG A 62 9.76 -11.35 3.70
N LYS A 63 10.26 -10.19 4.14
CA LYS A 63 10.49 -9.03 3.26
C LYS A 63 11.23 -9.39 1.96
N ARG A 64 12.43 -9.98 2.11
CA ARG A 64 13.26 -10.36 0.95
C ARG A 64 12.47 -11.14 -0.11
N GLU A 65 11.51 -11.95 0.33
CA GLU A 65 10.66 -12.73 -0.57
C GLU A 65 9.43 -11.91 -1.04
N ALA A 66 8.65 -11.45 -0.07
CA ALA A 66 7.36 -10.80 -0.33
C ALA A 66 7.48 -9.55 -1.22
N ASP A 67 8.61 -8.85 -1.17
CA ASP A 67 8.82 -7.67 -2.03
C ASP A 67 8.92 -8.04 -3.52
N LEU A 68 8.98 -9.34 -3.81
CA LEU A 68 9.01 -9.81 -5.21
C LEU A 68 7.59 -10.12 -5.74
N ILE A 69 6.58 -10.07 -4.85
CA ILE A 69 5.19 -10.32 -5.24
C ILE A 69 4.33 -9.05 -5.04
N GLU A 70 3.87 -8.47 -6.15
CA GLU A 70 3.03 -7.27 -6.10
C GLU A 70 1.54 -7.63 -6.17
N VAL A 71 0.75 -7.02 -5.27
CA VAL A 71 -0.68 -7.32 -5.15
C VAL A 71 -1.54 -6.04 -5.18
N GLU A 72 -2.86 -6.22 -5.17
CA GLU A 72 -3.81 -5.10 -5.09
C GLU A 72 -4.73 -5.26 -3.87
N VAL A 73 -5.39 -4.19 -3.46
CA VAL A 73 -6.34 -4.24 -2.34
C VAL A 73 -7.78 -4.52 -2.85
N VAL A 74 -8.37 -5.61 -2.39
CA VAL A 74 -9.74 -5.99 -2.80
C VAL A 74 -10.76 -4.90 -2.43
N GLY A 75 -10.57 -4.28 -1.26
CA GLY A 75 -11.45 -3.22 -0.81
C GLY A 75 -11.32 -1.92 -1.61
N GLY A 76 -10.34 -1.88 -2.53
CA GLY A 76 -10.17 -0.71 -3.37
C GLY A 76 -9.31 0.38 -2.73
N GLU A 77 -9.70 0.79 -1.52
CA GLU A 77 -8.97 1.84 -0.79
C GLU A 77 -7.75 1.27 -0.06
N LEU A 78 -6.67 2.05 -0.01
CA LEU A 78 -5.42 1.62 0.63
C LEU A 78 -4.72 2.79 1.33
N PRO A 79 -4.05 2.55 2.47
CA PRO A 79 -3.35 3.60 3.22
C PRO A 79 -2.14 4.19 2.44
N LEU A 80 -1.80 5.45 2.74
CA LEU A 80 -0.70 6.17 2.05
C LEU A 80 0.60 5.34 1.97
N ILE A 81 0.90 4.57 3.01
CA ILE A 81 2.12 3.76 3.04
C ILE A 81 2.17 2.71 1.90
N LEU A 82 1.00 2.33 1.41
CA LEU A 82 0.88 1.35 0.33
C LEU A 82 0.64 2.03 -1.03
N ALA A 83 0.66 3.35 -1.05
CA ALA A 83 0.34 4.12 -2.26
C ALA A 83 1.43 4.01 -3.34
N ASP A 84 1.04 3.45 -4.49
CA ASP A 84 1.90 3.42 -5.69
C ASP A 84 2.11 4.85 -6.23
N ASP A 85 3.07 5.02 -7.14
CA ASP A 85 3.37 6.35 -7.69
C ASP A 85 2.18 6.95 -8.45
N GLY A 86 1.74 8.14 -8.03
CA GLY A 86 0.61 8.80 -8.69
C GLY A 86 -0.21 9.69 -7.76
N THR A 87 -1.46 9.97 -8.15
CA THR A 87 -2.36 10.81 -7.35
C THR A 87 -3.51 9.99 -6.74
N TYR A 88 -3.82 10.23 -5.47
CA TYR A 88 -4.87 9.48 -4.77
C TYR A 88 -5.93 10.40 -4.15
N GLU A 89 -7.01 9.81 -3.67
CA GLU A 89 -8.09 10.54 -3.01
C GLU A 89 -8.32 10.04 -1.57
N ILE A 90 -8.12 10.91 -0.58
CA ILE A 90 -8.34 10.54 0.83
C ILE A 90 -9.85 10.36 1.12
N THR A 91 -10.21 9.19 1.66
CA THR A 91 -11.64 8.87 1.89
C THR A 91 -11.93 8.44 3.33
N LYS A 92 -10.98 7.78 4.00
CA LYS A 92 -11.23 7.24 5.35
C LYS A 92 -10.01 7.39 6.27
N LEU A 93 -10.24 7.87 7.48
CA LEU A 93 -9.16 8.09 8.46
C LEU A 93 -9.30 7.17 9.70
N ASN A 94 -8.18 6.91 10.36
CA ASN A 94 -8.18 6.16 11.63
C ASN A 94 -7.52 6.99 12.76
N GLY A 95 -8.33 7.54 13.66
CA GLY A 95 -7.80 8.32 14.77
C GLY A 95 -8.86 9.18 15.45
N GLY A 96 -8.47 9.89 16.50
CA GLY A 96 -9.40 10.74 17.24
C GLY A 96 -9.54 12.15 16.67
N ARG A 97 -10.15 13.04 17.45
CA ARG A 97 -10.39 14.43 17.01
C ARG A 97 -9.07 15.17 16.72
N ARG A 98 -8.05 14.94 17.55
CA ARG A 98 -6.75 15.57 17.37
C ARG A 98 -6.10 15.08 16.06
N PHE A 99 -6.18 13.78 15.80
CA PHE A 99 -5.69 13.19 14.55
C PHE A 99 -6.33 13.88 13.33
N LEU A 100 -7.66 13.94 13.32
CA LEU A 100 -8.40 14.57 12.22
C LEU A 100 -8.04 16.05 12.05
N PHE A 101 -8.05 16.80 13.15
CA PHE A 101 -7.73 18.23 13.12
C PHE A 101 -6.30 18.47 12.57
N ARG A 102 -5.34 17.68 13.05
CA ARG A 102 -3.95 17.78 12.54
C ARG A 102 -3.92 17.57 11.03
N MET A 103 -4.59 16.52 10.57
CA MET A 103 -4.64 16.21 9.14
C MET A 103 -5.21 17.38 8.32
N LYS A 104 -6.23 18.04 8.87
CA LYS A 104 -6.79 19.23 8.22
C LYS A 104 -5.79 20.40 8.22
N ASN A 105 -4.98 20.49 9.28
CA ASN A 105 -3.92 21.51 9.35
C ASN A 105 -2.88 21.29 8.24
N LEU A 106 -2.56 20.04 7.96
CA LEU A 106 -1.63 19.69 6.88
C LEU A 106 -2.30 19.79 5.50
N GLY A 107 -3.60 19.46 5.43
CA GLY A 107 -4.33 19.59 4.17
C GLY A 107 -5.20 18.37 3.82
N ILE A 108 -5.01 17.26 4.51
CA ILE A 108 -5.77 16.03 4.20
C ILE A 108 -7.08 15.97 5.01
N GLU A 109 -8.16 16.47 4.41
CA GLU A 109 -9.48 16.44 5.03
C GLU A 109 -10.31 15.24 4.51
N SER A 110 -10.82 15.37 3.28
CA SER A 110 -11.59 14.30 2.62
C SER A 110 -11.87 14.70 1.16
N GLY A 111 -11.81 13.74 0.25
CA GLY A 111 -11.98 14.02 -1.17
C GLY A 111 -10.80 14.78 -1.77
N LYS A 112 -9.74 14.97 -0.98
CA LYS A 112 -8.52 15.66 -1.44
C LYS A 112 -7.70 14.76 -2.35
N LYS A 113 -7.22 15.32 -3.46
CA LYS A 113 -6.29 14.62 -4.34
C LYS A 113 -4.84 14.83 -3.89
N ILE A 114 -4.24 13.77 -3.35
CA ILE A 114 -2.89 13.83 -2.78
C ILE A 114 -1.85 13.18 -3.72
N GLN A 115 -0.77 13.91 -3.98
CA GLN A 115 0.31 13.41 -4.85
C GLN A 115 1.38 12.65 -4.05
N VAL A 116 1.90 11.56 -4.61
CA VAL A 116 2.98 10.80 -3.99
C VAL A 116 4.33 11.12 -4.67
N SER A 117 5.29 11.63 -3.90
CA SER A 117 6.60 12.02 -4.46
C SER A 117 7.76 11.68 -3.51
N GLY A 118 8.67 10.81 -3.95
CA GLY A 118 9.81 10.42 -3.13
C GLY A 118 9.40 9.67 -1.87
N ARG A 119 9.37 10.37 -0.74
CA ARG A 119 8.95 9.79 0.55
C ARG A 119 8.09 10.77 1.36
N ARG A 120 7.56 11.77 0.67
CA ARG A 120 6.58 12.70 1.29
C ARG A 120 5.42 12.96 0.32
N TYR A 121 4.25 13.22 0.86
CA TYR A 121 3.03 13.39 0.04
C TYR A 121 2.71 14.87 -0.17
N TYR A 122 1.93 15.20 -1.19
CA TYR A 122 1.61 16.59 -1.52
C TYR A 122 0.09 16.85 -1.63
N ILE A 123 -0.43 17.75 -0.80
CA ILE A 123 -1.81 18.23 -0.91
C ILE A 123 -1.85 19.59 -1.61
N GLU A 124 -2.27 19.59 -2.87
CA GLU A 124 -2.43 20.82 -3.66
C GLU A 124 -1.15 21.70 -3.65
N GLY A 125 0.01 21.05 -3.47
CA GLY A 125 1.28 21.76 -3.47
C GLY A 125 2.06 21.64 -2.17
N ARG A 126 1.34 21.47 -1.04
CA ARG A 126 1.99 21.37 0.27
C ARG A 126 2.43 19.93 0.60
N GLU A 127 3.71 19.75 0.90
CA GLU A 127 4.22 18.44 1.32
C GLU A 127 3.87 18.14 2.79
N ILE A 128 3.24 16.99 3.01
CA ILE A 128 2.69 16.63 4.31
C ILE A 128 3.74 16.00 5.24
N ASP A 129 3.74 16.43 6.50
CA ASP A 129 4.67 15.91 7.51
C ASP A 129 4.08 14.68 8.23
N LEU A 130 4.39 13.47 7.74
CA LEU A 130 3.87 12.23 8.34
C LEU A 130 4.96 11.18 8.52
N GLY A 131 4.81 10.37 9.57
CA GLY A 131 5.70 9.23 9.78
C GLY A 131 5.06 7.90 9.37
N TYR A 132 5.86 6.84 9.34
CA TYR A 132 5.39 5.49 8.96
C TYR A 132 4.11 5.10 9.74
N GLY A 133 4.19 5.17 11.06
CA GLY A 133 3.06 4.80 11.92
C GLY A 133 1.79 5.58 11.62
N GLU A 134 1.92 6.88 11.34
CA GLU A 134 0.76 7.73 11.03
C GLU A 134 0.21 7.45 9.63
N ALA A 135 1.10 7.39 8.64
CA ALA A 135 0.72 7.23 7.22
C ALA A 135 -0.20 6.02 6.98
N THR A 136 0.00 4.96 7.74
CA THR A 136 -0.81 3.73 7.58
C THR A 136 -2.28 3.91 8.04
N LYS A 137 -2.61 5.06 8.63
CA LYS A 137 -3.99 5.33 9.09
C LYS A 137 -4.76 6.28 8.14
N ILE A 138 -4.12 6.72 7.05
CA ILE A 138 -4.80 7.53 6.04
C ILE A 138 -5.16 6.69 4.80
N TRP A 139 -6.43 6.35 4.65
CA TRP A 139 -6.90 5.52 3.52
C TRP A 139 -7.23 6.38 2.30
N VAL A 140 -6.59 6.07 1.17
CA VAL A 140 -6.79 6.80 -0.08
C VAL A 140 -7.16 5.86 -1.23
N ARG A 141 -7.76 6.41 -2.30
CA ARG A 141 -8.14 5.62 -3.49
C ARG A 141 -7.36 6.08 -4.73
N ARG A 142 -7.00 5.14 -5.60
CA ARG A 142 -6.25 5.46 -6.83
C ARG A 142 -7.15 6.21 -7.84
N VAL A 143 -6.87 7.50 -8.03
CA VAL A 143 -7.63 8.34 -8.99
C VAL A 143 -6.75 8.82 -10.15
N SER A 144 -5.57 9.35 -9.80
CA SER A 144 -4.63 9.90 -10.78
C SER A 144 -5.23 11.04 -11.62
N ASP A 145 -5.26 12.24 -11.06
CA ASP A 145 -5.71 13.45 -11.80
C ASP A 145 -4.57 14.04 -12.64
N ALA A 146 -3.42 13.37 -12.66
CA ALA A 146 -2.24 13.85 -13.38
C ALA A 146 -1.93 12.99 -14.61
N GLY A 147 -1.52 13.64 -15.69
CA GLY A 147 -1.12 12.92 -16.90
C GLY A 147 0.30 12.36 -16.79
N GLU A 148 1.03 12.78 -15.75
CA GLU A 148 2.39 12.29 -15.48
C GLU A 148 2.41 10.75 -15.36
N GLU A 149 3.45 10.14 -15.93
CA GLU A 149 3.55 8.67 -16.01
C GLU A 149 4.01 8.05 -14.68
N SER A 150 3.92 6.72 -14.58
CA SER A 150 4.37 5.99 -13.38
C SER A 150 5.89 6.10 -13.22
N HIS A 151 6.32 6.80 -12.17
CA HIS A 151 7.74 7.06 -11.94
C HIS A 151 8.40 5.98 -11.08
N PRO A 152 9.50 5.34 -11.57
CA PRO A 152 10.31 4.44 -10.75
C PRO A 152 10.88 5.18 -9.51
N GLN A 153 10.42 4.81 -8.32
CA GLN A 153 10.70 5.57 -7.10
C GLN A 153 12.20 5.58 -6.77
N LYS A 154 12.70 6.74 -6.33
CA LYS A 154 14.14 6.94 -6.09
C LYS A 154 14.59 6.36 -4.74
N LEU A 155 15.71 5.64 -4.76
CA LEU A 155 16.30 5.05 -3.55
C LEU A 155 17.83 5.22 -3.56
N GLU A 156 18.47 4.81 -2.48
CA GLU A 156 19.93 4.97 -2.35
C GLU A 156 20.59 3.78 -1.63
N HIS A 157 21.92 3.80 -1.63
CA HIS A 157 22.71 2.88 -0.79
C HIS A 157 23.66 3.71 0.08
N HIS A 158 23.20 4.06 1.28
CA HIS A 158 23.88 5.03 2.14
C HIS A 158 25.36 4.69 2.39
N HIS A 159 26.24 5.60 1.98
CA HIS A 159 27.66 5.51 2.32
C HIS A 159 28.01 6.57 3.38
N HIS A 160 29.07 6.34 4.14
CA HIS A 160 29.43 7.24 5.25
C HIS A 160 30.67 8.09 4.93
N HIS A 161 30.56 9.38 5.16
CA HIS A 161 31.70 10.30 5.03
C HIS A 161 31.82 11.19 6.26
N HIS A 162 33.04 11.45 6.71
CA HIS A 162 33.28 12.31 7.89
C HIS A 162 32.87 13.77 7.62
N MET A 1 0.85 -3.72 -6.69
CA MET A 1 1.54 -3.16 -5.49
C MET A 1 2.36 -4.23 -4.73
N LYS A 2 3.54 -3.83 -4.26
CA LYS A 2 4.41 -4.71 -3.45
C LYS A 2 3.68 -5.19 -2.17
N LEU A 3 3.52 -6.50 -1.98
CA LEU A 3 2.73 -7.02 -0.84
C LEU A 3 3.45 -6.88 0.51
N SER A 4 4.77 -6.71 0.49
CA SER A 4 5.55 -6.59 1.74
C SER A 4 5.24 -5.28 2.50
N ARG A 5 4.39 -4.43 1.93
CA ARG A 5 3.94 -3.20 2.60
C ARG A 5 2.42 -3.25 2.88
N LEU A 6 1.78 -4.38 2.57
CA LEU A 6 0.32 -4.51 2.65
C LEU A 6 -0.20 -4.49 4.09
N VAL A 7 -1.38 -3.91 4.27
CA VAL A 7 -1.96 -3.70 5.61
C VAL A 7 -2.90 -4.87 6.02
N PRO A 8 -2.78 -5.37 7.26
CA PRO A 8 -3.66 -6.43 7.78
C PRO A 8 -5.16 -6.14 7.59
N GLY A 9 -5.91 -7.14 7.11
CA GLY A 9 -7.34 -6.98 6.88
C GLY A 9 -7.69 -6.57 5.46
N VAL A 10 -6.72 -6.01 4.73
CA VAL A 10 -6.95 -5.54 3.35
C VAL A 10 -6.88 -6.71 2.36
N PRO A 11 -7.96 -6.94 1.59
CA PRO A 11 -8.01 -8.01 0.57
C PRO A 11 -7.28 -7.63 -0.74
N ALA A 12 -6.52 -8.56 -1.30
CA ALA A 12 -5.76 -8.31 -2.53
C ALA A 12 -5.72 -9.53 -3.45
N ARG A 13 -5.09 -9.39 -4.62
CA ARG A 13 -4.92 -10.50 -5.56
C ARG A 13 -3.46 -10.60 -6.06
N ILE A 14 -2.94 -11.82 -6.18
CA ILE A 14 -1.57 -12.05 -6.64
C ILE A 14 -1.36 -11.56 -8.09
N LYS A 15 -0.65 -10.44 -8.23
CA LYS A 15 -0.30 -9.88 -9.55
C LYS A 15 0.70 -10.79 -10.31
N ARG A 16 1.92 -10.88 -9.78
CA ARG A 16 3.00 -11.59 -10.46
C ARG A 16 4.14 -11.91 -9.47
N LEU A 17 4.92 -12.95 -9.77
CA LEU A 17 6.06 -13.33 -8.93
C LEU A 17 7.38 -12.93 -9.60
N GLU A 18 8.01 -11.87 -9.13
CA GLU A 18 9.28 -11.40 -9.71
C GLU A 18 10.46 -12.19 -9.14
N VAL A 19 10.48 -13.49 -9.43
CA VAL A 19 11.50 -14.41 -8.91
C VAL A 19 11.65 -15.66 -9.78
N SER A 20 12.90 -16.14 -9.91
CA SER A 20 13.17 -17.37 -10.65
C SER A 20 14.29 -18.18 -9.98
N GLY A 21 14.27 -19.50 -10.14
CA GLY A 21 15.31 -20.35 -9.58
C GLY A 21 14.94 -21.01 -8.25
N GLU A 22 15.41 -20.44 -7.15
CA GLU A 22 15.21 -21.03 -5.82
C GLU A 22 13.81 -20.76 -5.24
N LEU A 23 13.56 -19.52 -4.86
CA LEU A 23 12.33 -19.15 -4.15
C LEU A 23 11.06 -19.38 -5.00
N HIS A 24 11.18 -19.22 -6.31
CA HIS A 24 10.02 -19.33 -7.21
C HIS A 24 9.26 -20.67 -7.03
N GLU A 25 10.00 -21.78 -6.98
CA GLU A 25 9.37 -23.11 -6.83
C GLU A 25 8.71 -23.27 -5.45
N LYS A 26 9.28 -22.61 -4.44
CA LYS A 26 8.72 -22.62 -3.09
C LYS A 26 7.38 -21.86 -3.04
N LEU A 27 7.37 -20.65 -3.61
CA LEU A 27 6.17 -19.82 -3.63
C LEU A 27 4.99 -20.53 -4.32
N VAL A 28 5.20 -20.98 -5.56
CA VAL A 28 4.15 -21.69 -6.30
C VAL A 28 3.74 -22.98 -5.56
N GLY A 29 4.69 -23.62 -4.88
CA GLY A 29 4.39 -24.79 -4.06
C GLY A 29 3.50 -24.47 -2.87
N MET A 30 3.66 -23.27 -2.31
CA MET A 30 2.84 -22.82 -1.17
C MET A 30 1.49 -22.26 -1.62
N GLY A 31 1.33 -22.01 -2.93
CA GLY A 31 0.05 -21.57 -3.48
C GLY A 31 0.13 -20.29 -4.32
N PHE A 32 1.26 -19.60 -4.27
CA PHE A 32 1.43 -18.30 -4.96
C PHE A 32 1.45 -18.45 -6.49
N VAL A 33 0.29 -18.23 -7.11
CA VAL A 33 0.19 -18.17 -8.58
C VAL A 33 -0.66 -16.95 -8.99
N PRO A 34 -0.30 -16.27 -10.11
CA PRO A 34 -0.98 -15.03 -10.54
C PRO A 34 -2.49 -15.20 -10.77
N GLY A 35 -3.30 -14.63 -9.87
CA GLY A 35 -4.75 -14.73 -9.99
C GLY A 35 -5.45 -15.03 -8.67
N GLU A 36 -4.73 -15.65 -7.74
CA GLU A 36 -5.30 -16.02 -6.43
C GLU A 36 -5.54 -14.79 -5.54
N GLU A 37 -6.65 -14.78 -4.79
CA GLU A 37 -6.89 -13.75 -3.79
C GLU A 37 -6.13 -14.05 -2.49
N ILE A 38 -5.58 -13.00 -1.88
CA ILE A 38 -4.76 -13.14 -0.66
C ILE A 38 -5.04 -11.99 0.32
N GLU A 39 -5.01 -12.29 1.62
CA GLU A 39 -5.27 -11.28 2.66
C GLU A 39 -4.26 -11.38 3.82
N ILE A 40 -3.76 -10.23 4.27
CA ILE A 40 -2.81 -10.19 5.40
C ILE A 40 -3.53 -10.30 6.75
N VAL A 41 -3.11 -11.25 7.58
CA VAL A 41 -3.71 -11.46 8.90
C VAL A 41 -3.04 -10.58 9.98
N GLN A 42 -1.72 -10.68 10.08
CA GLN A 42 -0.94 -9.95 11.10
C GLN A 42 0.54 -9.80 10.70
N VAL A 43 1.22 -8.85 11.33
CA VAL A 43 2.64 -8.62 11.10
C VAL A 43 3.45 -8.80 12.40
N ALA A 44 4.49 -9.65 12.35
CA ALA A 44 5.32 -9.93 13.52
C ALA A 44 6.02 -8.67 14.05
N PRO A 45 6.17 -8.54 15.39
CA PRO A 45 6.79 -7.35 16.03
C PRO A 45 8.21 -7.05 15.53
N LEU A 46 8.86 -8.01 14.88
CA LEU A 46 10.21 -7.83 14.34
C LEU A 46 10.17 -7.16 12.95
N GLY A 47 8.98 -6.78 12.51
CA GLY A 47 8.79 -6.24 11.16
C GLY A 47 8.38 -7.32 10.17
N ASP A 48 8.85 -8.54 10.42
CA ASP A 48 8.48 -9.72 9.66
C ASP A 48 8.72 -10.97 10.54
N PRO A 49 8.16 -12.16 10.19
CA PRO A 49 7.40 -12.39 8.95
C PRO A 49 5.97 -11.81 8.96
N ILE A 50 5.37 -11.72 7.77
CA ILE A 50 3.97 -11.30 7.64
C ILE A 50 3.09 -12.51 7.30
N VAL A 51 1.98 -12.64 8.02
CA VAL A 51 1.05 -13.76 7.83
C VAL A 51 -0.03 -13.41 6.80
N CYS A 52 -0.23 -14.29 5.81
CA CYS A 52 -1.16 -14.02 4.70
C CYS A 52 -1.95 -15.27 4.29
N LYS A 53 -3.27 -15.14 4.21
CA LYS A 53 -4.16 -16.25 3.81
C LYS A 53 -4.35 -16.32 2.28
N ILE A 54 -3.94 -17.43 1.69
CA ILE A 54 -4.21 -17.69 0.26
C ILE A 54 -5.46 -18.55 0.09
N GLY A 55 -6.57 -17.92 -0.29
CA GLY A 55 -7.83 -18.65 -0.47
C GLY A 55 -8.30 -19.36 0.81
N ASN A 56 -8.02 -20.66 0.91
CA ASN A 56 -8.45 -21.47 2.06
C ASN A 56 -7.24 -22.02 2.87
N ARG A 57 -6.06 -21.47 2.61
CA ARG A 57 -4.83 -21.90 3.30
C ARG A 57 -3.96 -20.71 3.71
N ASN A 58 -3.52 -20.70 4.97
CA ASN A 58 -2.71 -19.61 5.51
C ASN A 58 -1.20 -19.85 5.30
N ILE A 59 -0.49 -18.83 4.85
CA ILE A 59 0.96 -18.92 4.58
C ILE A 59 1.73 -17.81 5.30
N THR A 60 2.86 -18.17 5.92
CA THR A 60 3.71 -17.21 6.63
C THR A 60 4.92 -16.80 5.77
N LEU A 61 4.96 -15.54 5.34
CA LEU A 61 6.05 -15.05 4.47
C LEU A 61 7.10 -14.25 5.26
N ARG A 62 8.37 -14.63 5.10
CA ARG A 62 9.48 -13.80 5.58
C ARG A 62 9.66 -12.60 4.63
N LYS A 63 10.14 -11.47 5.15
CA LYS A 63 10.21 -10.24 4.34
C LYS A 63 11.11 -10.42 3.09
N ARG A 64 12.14 -11.26 3.21
CA ARG A 64 13.00 -11.60 2.05
C ARG A 64 12.21 -12.35 0.97
N GLU A 65 11.27 -13.19 1.41
CA GLU A 65 10.44 -13.99 0.48
C GLU A 65 9.34 -13.11 -0.13
N ALA A 66 8.58 -12.46 0.75
CA ALA A 66 7.44 -11.62 0.37
C ALA A 66 7.81 -10.51 -0.61
N ASP A 67 9.08 -10.11 -0.62
CA ASP A 67 9.56 -9.05 -1.51
C ASP A 67 9.32 -9.41 -3.00
N LEU A 68 9.55 -10.66 -3.35
CA LEU A 68 9.55 -11.07 -4.76
C LEU A 68 8.16 -11.42 -5.30
N ILE A 69 7.11 -10.97 -4.61
CA ILE A 69 5.73 -11.15 -5.08
C ILE A 69 4.96 -9.83 -5.06
N GLU A 70 4.15 -9.58 -6.08
CA GLU A 70 3.28 -8.39 -6.10
C GLU A 70 1.80 -8.77 -5.98
N VAL A 71 1.03 -7.95 -5.26
CA VAL A 71 -0.43 -8.12 -5.17
C VAL A 71 -1.14 -6.80 -5.52
N GLU A 72 -2.46 -6.86 -5.68
CA GLU A 72 -3.23 -5.65 -5.96
C GLU A 72 -4.52 -5.60 -5.11
N VAL A 73 -4.76 -4.45 -4.48
CA VAL A 73 -5.91 -4.29 -3.56
C VAL A 73 -7.26 -4.41 -4.28
N VAL A 74 -8.13 -5.29 -3.79
CA VAL A 74 -9.47 -5.45 -4.33
C VAL A 74 -10.54 -4.93 -3.35
N GLY A 75 -10.91 -3.66 -3.51
CA GLY A 75 -11.89 -3.06 -2.61
C GLY A 75 -12.22 -1.60 -2.95
N GLY A 76 -12.57 -0.82 -1.92
CA GLY A 76 -12.92 0.58 -2.12
C GLY A 76 -11.71 1.51 -2.21
N GLU A 77 -10.95 1.59 -1.13
CA GLU A 77 -9.78 2.49 -1.08
C GLU A 77 -8.56 1.79 -0.46
N LEU A 78 -7.42 2.49 -0.47
CA LEU A 78 -6.19 1.99 0.14
C LEU A 78 -5.43 3.12 0.84
N PRO A 79 -4.76 2.84 1.98
CA PRO A 79 -4.03 3.87 2.74
C PRO A 79 -2.82 4.45 1.98
N LEU A 80 -2.36 5.63 2.40
CA LEU A 80 -1.25 6.32 1.73
C LEU A 80 0.02 5.47 1.65
N ILE A 81 0.22 4.58 2.62
CA ILE A 81 1.38 3.67 2.61
C ILE A 81 1.33 2.75 1.37
N LEU A 82 0.11 2.50 0.86
CA LEU A 82 -0.09 1.66 -0.32
C LEU A 82 -0.28 2.50 -1.59
N ALA A 83 -0.33 3.82 -1.42
CA ALA A 83 -0.63 4.74 -2.53
C ALA A 83 0.53 4.82 -3.55
N ASP A 84 0.33 4.19 -4.70
CA ASP A 84 1.29 4.27 -5.81
C ASP A 84 1.33 5.68 -6.40
N ASP A 85 2.36 5.98 -7.20
CA ASP A 85 2.54 7.30 -7.82
C ASP A 85 1.24 7.78 -8.51
N GLY A 86 0.79 9.00 -8.17
CA GLY A 86 -0.42 9.56 -8.77
C GLY A 86 -1.26 10.37 -7.81
N THR A 87 -2.44 10.82 -8.27
CA THR A 87 -3.34 11.62 -7.43
C THR A 87 -4.43 10.75 -6.79
N TYR A 88 -4.70 10.97 -5.51
CA TYR A 88 -5.74 10.23 -4.79
C TYR A 88 -6.71 11.20 -4.07
N GLU A 89 -7.71 10.65 -3.39
CA GLU A 89 -8.65 11.45 -2.60
C GLU A 89 -8.86 10.82 -1.21
N ILE A 90 -8.61 11.58 -0.15
CA ILE A 90 -8.76 11.06 1.22
C ILE A 90 -10.24 10.91 1.61
N THR A 91 -10.62 9.72 2.07
CA THR A 91 -12.01 9.42 2.43
C THR A 91 -12.21 9.22 3.95
N LYS A 92 -11.25 8.57 4.62
CA LYS A 92 -11.41 8.26 6.06
C LYS A 92 -10.06 8.18 6.80
N LEU A 93 -10.06 8.61 8.07
CA LEU A 93 -8.85 8.59 8.91
C LEU A 93 -8.96 7.50 10.00
N ASN A 94 -7.84 6.85 10.29
CA ASN A 94 -7.75 5.90 11.41
C ASN A 94 -6.88 6.48 12.54
N GLY A 95 -7.53 6.92 13.62
CA GLY A 95 -6.79 7.51 14.74
C GLY A 95 -7.66 8.35 15.67
N GLY A 96 -7.03 9.04 16.62
CA GLY A 96 -7.76 9.85 17.60
C GLY A 96 -7.93 11.31 17.18
N ARG A 97 -8.45 12.13 18.09
CA ARG A 97 -8.72 13.54 17.80
C ARG A 97 -7.43 14.34 17.55
N ARG A 98 -6.40 14.10 18.37
CA ARG A 98 -5.10 14.76 18.20
C ARG A 98 -4.49 14.40 16.83
N PHE A 99 -4.62 13.12 16.46
CA PHE A 99 -4.21 12.64 15.14
C PHE A 99 -4.94 13.42 14.03
N LEU A 100 -6.27 13.51 14.13
CA LEU A 100 -7.08 14.25 13.16
C LEU A 100 -6.61 15.70 13.03
N PHE A 101 -6.44 16.38 14.16
CA PHE A 101 -6.05 17.80 14.15
C PHE A 101 -4.71 18.00 13.41
N ARG A 102 -3.73 17.17 13.74
CA ARG A 102 -2.42 17.19 13.05
C ARG A 102 -2.58 17.19 11.52
N MET A 103 -3.18 16.13 11.00
CA MET A 103 -3.38 15.96 9.55
C MET A 103 -4.23 17.08 8.94
N LYS A 104 -5.20 17.60 9.70
CA LYS A 104 -6.04 18.72 9.22
C LYS A 104 -5.20 19.98 8.97
N ASN A 105 -4.21 20.25 9.83
CA ASN A 105 -3.30 21.38 9.63
C ASN A 105 -2.51 21.24 8.31
N LEU A 106 -2.35 20.00 7.85
CA LEU A 106 -1.72 19.74 6.55
C LEU A 106 -2.75 19.85 5.40
N GLY A 107 -4.00 19.47 5.68
CA GLY A 107 -5.06 19.55 4.69
C GLY A 107 -5.89 18.28 4.58
N ILE A 108 -5.27 17.13 4.82
CA ILE A 108 -5.96 15.83 4.68
C ILE A 108 -6.97 15.56 5.81
N GLU A 109 -8.23 15.94 5.58
CA GLU A 109 -9.32 15.59 6.49
C GLU A 109 -10.42 14.79 5.76
N SER A 110 -10.79 15.24 4.56
CA SER A 110 -11.83 14.56 3.75
C SER A 110 -11.97 15.22 2.37
N GLY A 111 -12.20 14.40 1.34
CA GLY A 111 -12.46 14.93 0.00
C GLY A 111 -11.30 15.74 -0.59
N LYS A 112 -10.11 15.57 -0.03
CA LYS A 112 -8.92 16.29 -0.52
C LYS A 112 -8.16 15.47 -1.57
N LYS A 113 -7.76 16.13 -2.65
CA LYS A 113 -6.87 15.53 -3.65
C LYS A 113 -5.44 15.49 -3.11
N ILE A 114 -4.94 14.29 -2.84
CA ILE A 114 -3.57 14.11 -2.33
C ILE A 114 -2.61 13.69 -3.44
N GLN A 115 -1.66 14.56 -3.75
CA GLN A 115 -0.62 14.28 -4.75
C GLN A 115 0.43 13.33 -4.17
N VAL A 116 0.44 12.08 -4.61
CA VAL A 116 1.40 11.10 -4.11
C VAL A 116 2.59 10.94 -5.09
N SER A 117 3.73 11.51 -4.73
CA SER A 117 4.94 11.36 -5.53
C SER A 117 5.81 10.23 -4.95
N GLY A 118 5.46 8.99 -5.29
CA GLY A 118 6.22 7.82 -4.85
C GLY A 118 6.43 7.74 -3.33
N ARG A 119 7.40 8.48 -2.83
CA ARG A 119 7.80 8.44 -1.42
C ARG A 119 7.10 9.54 -0.58
N ARG A 120 6.76 10.66 -1.21
CA ARG A 120 6.27 11.84 -0.48
C ARG A 120 4.90 12.32 -0.96
N TYR A 121 4.18 13.03 -0.09
CA TYR A 121 2.77 13.40 -0.33
C TYR A 121 2.56 14.93 -0.29
N TYR A 122 1.65 15.44 -1.12
CA TYR A 122 1.33 16.88 -1.18
C TYR A 122 -0.18 17.16 -1.20
N ILE A 123 -0.62 18.12 -0.40
CA ILE A 123 -2.00 18.64 -0.45
C ILE A 123 -2.01 20.10 -0.91
N GLU A 124 -2.42 20.34 -2.15
CA GLU A 124 -2.53 21.71 -2.69
C GLU A 124 -1.17 22.44 -2.66
N GLY A 125 -0.08 21.68 -2.69
CA GLY A 125 1.26 22.25 -2.63
C GLY A 125 1.89 22.13 -1.25
N ARG A 126 1.10 21.72 -0.26
CA ARG A 126 1.57 21.56 1.12
C ARG A 126 2.10 20.14 1.37
N GLU A 127 3.41 20.01 1.59
CA GLU A 127 4.01 18.70 1.90
C GLU A 127 3.52 18.17 3.26
N ILE A 128 3.08 16.91 3.28
CA ILE A 128 2.38 16.37 4.45
C ILE A 128 3.32 15.77 5.51
N ASP A 129 3.07 16.10 6.77
CA ASP A 129 3.79 15.52 7.91
C ASP A 129 3.28 14.09 8.21
N LEU A 130 4.00 13.09 7.69
CA LEU A 130 3.60 11.69 7.87
C LEU A 130 4.81 10.75 8.09
N GLY A 131 4.50 9.52 8.52
CA GLY A 131 5.49 8.46 8.62
C GLY A 131 4.90 7.13 8.14
N TYR A 132 5.64 6.03 8.29
CA TYR A 132 5.16 4.71 7.84
C TYR A 132 3.87 4.32 8.58
N GLY A 133 3.93 4.30 9.90
CA GLY A 133 2.78 3.94 10.73
C GLY A 133 1.59 4.88 10.53
N GLU A 134 1.85 6.15 10.28
CA GLU A 134 0.78 7.12 10.02
C GLU A 134 0.21 6.96 8.60
N ALA A 135 1.07 6.62 7.65
CA ALA A 135 0.67 6.47 6.24
C ALA A 135 -0.38 5.36 6.05
N THR A 136 -0.35 4.35 6.92
CA THR A 136 -1.35 3.27 6.87
C THR A 136 -2.67 3.67 7.58
N LYS A 137 -2.72 4.88 8.12
CA LYS A 137 -3.90 5.37 8.84
C LYS A 137 -4.78 6.28 7.96
N ILE A 138 -4.18 6.92 6.96
CA ILE A 138 -4.93 7.77 6.01
C ILE A 138 -5.35 6.96 4.78
N TRP A 139 -6.65 6.68 4.66
CA TRP A 139 -7.17 5.88 3.54
C TRP A 139 -7.63 6.77 2.37
N VAL A 140 -7.11 6.50 1.17
CA VAL A 140 -7.38 7.33 -0.01
C VAL A 140 -7.87 6.50 -1.22
N ARG A 141 -8.68 7.15 -2.07
CA ARG A 141 -9.19 6.53 -3.30
C ARG A 141 -8.42 7.03 -4.53
N ARG A 142 -8.15 6.14 -5.49
CA ARG A 142 -7.40 6.50 -6.70
C ARG A 142 -8.24 7.37 -7.65
N VAL A 143 -7.70 8.54 -8.02
CA VAL A 143 -8.38 9.43 -8.98
C VAL A 143 -7.42 9.84 -10.11
N SER A 144 -7.97 10.50 -11.13
CA SER A 144 -7.16 11.03 -12.24
C SER A 144 -7.39 12.54 -12.39
N ASP A 145 -7.84 13.15 -11.28
CA ASP A 145 -8.21 14.57 -11.25
C ASP A 145 -7.00 15.50 -11.50
N ALA A 146 -5.78 14.95 -11.47
CA ALA A 146 -4.55 15.74 -11.64
C ALA A 146 -4.63 16.74 -12.81
N GLY A 147 -5.08 17.95 -12.53
CA GLY A 147 -5.17 19.00 -13.55
C GLY A 147 -5.39 20.38 -12.97
N GLU A 148 -4.88 20.62 -11.77
CA GLU A 148 -5.01 21.94 -11.12
C GLU A 148 -4.09 22.96 -11.82
N GLU A 149 -4.63 24.14 -12.11
CA GLU A 149 -3.88 25.16 -12.84
C GLU A 149 -3.12 26.10 -11.89
N SER A 150 -2.40 27.07 -12.46
CA SER A 150 -1.58 27.98 -11.66
C SER A 150 -2.42 28.89 -10.75
N HIS A 151 -2.77 28.37 -9.56
CA HIS A 151 -3.37 29.20 -8.51
C HIS A 151 -2.37 30.28 -8.06
N PRO A 152 -2.73 31.57 -8.23
CA PRO A 152 -1.77 32.70 -8.10
C PRO A 152 -1.44 33.11 -6.65
N GLN A 153 -0.48 34.05 -6.55
CA GLN A 153 -0.07 34.63 -5.27
C GLN A 153 -0.90 35.89 -4.95
N LYS A 154 -0.35 36.82 -4.16
CA LYS A 154 -1.09 38.04 -3.78
C LYS A 154 -0.19 39.30 -3.80
N LEU A 155 -0.82 40.47 -3.70
CA LEU A 155 -0.13 41.77 -3.93
C LEU A 155 0.81 42.18 -2.78
N GLU A 156 1.37 43.39 -2.90
CA GLU A 156 2.36 43.92 -1.94
C GLU A 156 1.83 43.97 -0.50
N HIS A 157 2.72 43.72 0.46
CA HIS A 157 2.42 43.89 1.89
C HIS A 157 3.70 43.81 2.74
N HIS A 158 4.82 44.25 2.16
CA HIS A 158 6.11 44.28 2.88
C HIS A 158 6.91 45.54 2.52
N HIS A 159 7.22 46.36 3.52
CA HIS A 159 7.94 47.63 3.29
C HIS A 159 9.47 47.44 3.22
N HIS A 160 10.16 48.48 2.79
CA HIS A 160 11.63 48.46 2.67
C HIS A 160 12.20 49.87 2.43
N HIS A 161 13.52 49.95 2.18
CA HIS A 161 14.18 51.23 1.89
C HIS A 161 14.40 51.42 0.38
N HIS A 162 14.94 52.58 -0.01
CA HIS A 162 15.35 52.82 -1.41
C HIS A 162 16.40 53.95 -1.49
N MET A 1 1.17 -3.38 -6.58
CA MET A 1 1.91 -3.20 -5.30
C MET A 1 2.41 -4.54 -4.74
N LYS A 2 3.34 -4.48 -3.80
CA LYS A 2 3.85 -5.70 -3.14
C LYS A 2 3.28 -5.85 -1.72
N LEU A 3 2.95 -7.08 -1.33
CA LEU A 3 2.37 -7.36 -0.01
C LEU A 3 3.39 -7.13 1.13
N SER A 4 4.65 -6.87 0.77
CA SER A 4 5.71 -6.63 1.76
C SER A 4 5.43 -5.42 2.65
N ARG A 5 4.56 -4.53 2.18
CA ARG A 5 4.14 -3.36 2.97
C ARG A 5 2.63 -3.37 3.25
N LEU A 6 1.97 -4.48 2.92
CA LEU A 6 0.51 -4.57 3.01
C LEU A 6 0.04 -4.54 4.47
N VAL A 7 -1.06 -3.82 4.72
CA VAL A 7 -1.59 -3.62 6.07
C VAL A 7 -2.34 -4.87 6.59
N PRO A 8 -2.01 -5.34 7.81
CA PRO A 8 -2.71 -6.48 8.43
C PRO A 8 -4.23 -6.26 8.53
N GLY A 9 -5.00 -7.11 7.87
CA GLY A 9 -6.45 -6.97 7.83
C GLY A 9 -6.98 -6.65 6.44
N VAL A 10 -6.12 -6.09 5.58
CA VAL A 10 -6.52 -5.72 4.22
C VAL A 10 -6.48 -6.94 3.26
N PRO A 11 -7.60 -7.23 2.58
CA PRO A 11 -7.67 -8.33 1.61
C PRO A 11 -7.19 -7.93 0.20
N ALA A 12 -6.04 -8.44 -0.19
CA ALA A 12 -5.48 -8.21 -1.53
C ALA A 12 -5.73 -9.42 -2.44
N ARG A 13 -5.30 -9.33 -3.70
CA ARG A 13 -5.43 -10.45 -4.63
C ARG A 13 -4.13 -10.62 -5.45
N ILE A 14 -3.72 -11.87 -5.65
CA ILE A 14 -2.50 -12.17 -6.42
C ILE A 14 -2.65 -11.81 -7.90
N LYS A 15 -1.93 -10.79 -8.33
CA LYS A 15 -1.92 -10.37 -9.74
C LYS A 15 -1.00 -11.28 -10.58
N ARG A 16 0.22 -11.47 -10.11
CA ARG A 16 1.22 -12.28 -10.82
C ARG A 16 2.52 -12.44 -10.01
N LEU A 17 3.32 -13.45 -10.39
CA LEU A 17 4.63 -13.68 -9.75
C LEU A 17 5.77 -13.32 -10.71
N GLU A 18 6.51 -12.25 -10.40
CA GLU A 18 7.59 -11.78 -11.28
C GLU A 18 8.92 -12.49 -10.97
N VAL A 19 8.98 -13.21 -9.85
CA VAL A 19 10.17 -13.96 -9.48
C VAL A 19 10.20 -15.35 -10.16
N SER A 20 11.31 -15.65 -10.82
CA SER A 20 11.52 -16.97 -11.42
C SER A 20 12.77 -17.64 -10.82
N GLY A 21 12.63 -18.89 -10.41
CA GLY A 21 13.73 -19.59 -9.75
C GLY A 21 13.64 -19.55 -8.23
N GLU A 22 13.87 -20.71 -7.61
CA GLU A 22 13.94 -20.84 -6.13
C GLU A 22 12.67 -20.33 -5.43
N LEU A 23 12.55 -19.03 -5.24
CA LEU A 23 11.35 -18.45 -4.61
C LEU A 23 10.09 -18.77 -5.42
N HIS A 24 10.24 -18.85 -6.74
CA HIS A 24 9.11 -19.13 -7.64
C HIS A 24 8.43 -20.48 -7.31
N GLU A 25 9.22 -21.54 -7.15
CA GLU A 25 8.67 -22.88 -6.91
C GLU A 25 8.02 -23.00 -5.51
N LYS A 26 8.61 -22.36 -4.50
CA LYS A 26 8.04 -22.40 -3.14
C LYS A 26 6.73 -21.60 -3.06
N LEU A 27 6.67 -20.46 -3.77
CA LEU A 27 5.46 -19.64 -3.81
C LEU A 27 4.28 -20.40 -4.43
N VAL A 28 4.47 -20.90 -5.65
CA VAL A 28 3.41 -21.65 -6.33
C VAL A 28 3.05 -22.92 -5.55
N GLY A 29 4.05 -23.50 -4.87
CA GLY A 29 3.80 -24.66 -4.02
C GLY A 29 2.90 -24.35 -2.82
N MET A 30 3.03 -23.15 -2.27
CA MET A 30 2.20 -22.73 -1.13
C MET A 30 0.84 -22.17 -1.59
N GLY A 31 0.70 -21.88 -2.89
CA GLY A 31 -0.59 -21.47 -3.43
C GLY A 31 -0.58 -20.14 -4.17
N PHE A 32 0.59 -19.47 -4.22
CA PHE A 32 0.69 -18.17 -4.92
C PHE A 32 0.44 -18.31 -6.42
N VAL A 33 -0.83 -18.18 -6.81
CA VAL A 33 -1.22 -18.18 -8.23
C VAL A 33 -2.16 -17.00 -8.55
N PRO A 34 -1.97 -16.34 -9.71
CA PRO A 34 -2.83 -15.22 -10.14
C PRO A 34 -4.34 -15.52 -10.01
N GLY A 35 -5.02 -14.76 -9.15
CA GLY A 35 -6.45 -14.98 -8.91
C GLY A 35 -6.79 -15.22 -7.44
N GLU A 36 -5.83 -15.76 -6.69
CA GLU A 36 -6.03 -16.04 -5.26
C GLU A 36 -6.25 -14.78 -4.41
N GLU A 37 -7.29 -14.80 -3.58
CA GLU A 37 -7.48 -13.77 -2.55
C GLU A 37 -6.49 -13.97 -1.39
N ILE A 38 -5.63 -12.98 -1.17
CA ILE A 38 -4.61 -13.05 -0.12
C ILE A 38 -4.71 -11.86 0.85
N GLU A 39 -4.79 -12.15 2.15
CA GLU A 39 -4.85 -11.11 3.17
C GLU A 39 -3.77 -11.31 4.24
N ILE A 40 -3.24 -10.22 4.78
CA ILE A 40 -2.27 -10.29 5.88
C ILE A 40 -3.00 -10.43 7.23
N VAL A 41 -2.63 -11.46 7.99
CA VAL A 41 -3.24 -11.71 9.29
C VAL A 41 -2.49 -10.97 10.40
N GLN A 42 -1.16 -11.09 10.41
CA GLN A 42 -0.33 -10.49 11.44
C GLN A 42 1.10 -10.24 10.94
N VAL A 43 1.77 -9.25 11.54
CA VAL A 43 3.14 -8.88 11.16
C VAL A 43 4.10 -8.97 12.36
N ALA A 44 5.21 -9.69 12.18
CA ALA A 44 6.22 -9.84 13.25
C ALA A 44 6.85 -8.49 13.61
N PRO A 45 7.09 -8.24 14.92
CA PRO A 45 7.66 -6.95 15.40
C PRO A 45 8.99 -6.58 14.72
N LEU A 46 9.68 -7.57 14.15
CA LEU A 46 10.95 -7.35 13.45
C LEU A 46 10.75 -6.94 11.98
N GLY A 47 9.51 -6.66 11.60
CA GLY A 47 9.19 -6.33 10.21
C GLY A 47 8.78 -7.56 9.41
N ASP A 48 9.54 -8.63 9.56
CA ASP A 48 9.22 -9.93 8.97
C ASP A 48 9.72 -11.07 9.87
N PRO A 49 9.19 -12.31 9.72
CA PRO A 49 8.23 -12.70 8.66
C PRO A 49 6.81 -12.15 8.87
N ILE A 50 6.01 -12.18 7.80
CA ILE A 50 4.60 -11.80 7.86
C ILE A 50 3.70 -12.98 7.50
N VAL A 51 2.58 -13.12 8.21
CA VAL A 51 1.67 -14.26 8.00
C VAL A 51 0.44 -13.85 7.16
N CYS A 52 0.31 -14.44 5.98
CA CYS A 52 -0.83 -14.18 5.09
C CYS A 52 -1.76 -15.39 5.00
N LYS A 53 -2.81 -15.29 4.18
CA LYS A 53 -3.74 -16.42 3.97
C LYS A 53 -3.94 -16.73 2.48
N ILE A 54 -3.60 -17.96 2.08
CA ILE A 54 -3.83 -18.46 0.72
C ILE A 54 -4.34 -19.90 0.76
N GLY A 55 -5.30 -20.23 -0.12
CA GLY A 55 -5.92 -21.55 -0.08
C GLY A 55 -6.50 -21.86 1.29
N ASN A 56 -7.15 -20.85 1.88
CA ASN A 56 -7.75 -20.94 3.23
C ASN A 56 -6.69 -20.94 4.36
N ARG A 57 -5.52 -21.55 4.12
CA ARG A 57 -4.50 -21.68 5.17
C ARG A 57 -3.61 -20.43 5.27
N ASN A 58 -2.72 -20.43 6.27
CA ASN A 58 -1.78 -19.33 6.47
C ASN A 58 -0.42 -19.63 5.84
N ILE A 59 0.21 -18.60 5.27
CA ILE A 59 1.53 -18.75 4.64
C ILE A 59 2.55 -17.79 5.28
N THR A 60 3.79 -18.25 5.44
CA THR A 60 4.84 -17.45 6.09
C THR A 60 5.86 -16.89 5.08
N LEU A 61 5.85 -15.57 4.89
CA LEU A 61 6.78 -14.91 3.94
C LEU A 61 7.78 -13.99 4.65
N ARG A 62 8.95 -13.80 4.04
CA ARG A 62 9.93 -12.82 4.50
C ARG A 62 9.85 -11.54 3.63
N LYS A 63 10.58 -10.49 4.00
CA LYS A 63 10.62 -9.27 3.18
C LYS A 63 11.25 -9.54 1.81
N ARG A 64 12.48 -10.08 1.81
CA ARG A 64 13.18 -10.42 0.57
C ARG A 64 12.32 -11.29 -0.36
N GLU A 65 11.41 -12.05 0.23
CA GLU A 65 10.50 -12.92 -0.52
C GLU A 65 9.28 -12.14 -1.03
N ALA A 66 8.61 -11.43 -0.13
CA ALA A 66 7.34 -10.75 -0.42
C ALA A 66 7.47 -9.64 -1.48
N ASP A 67 8.61 -8.94 -1.49
CA ASP A 67 8.84 -7.83 -2.44
C ASP A 67 8.85 -8.31 -3.92
N LEU A 68 8.82 -9.62 -4.14
CA LEU A 68 8.80 -10.17 -5.50
C LEU A 68 7.41 -10.68 -5.93
N ILE A 69 6.40 -10.48 -5.09
CA ILE A 69 5.01 -10.83 -5.46
C ILE A 69 4.20 -9.56 -5.79
N GLU A 70 3.38 -9.64 -6.84
CA GLU A 70 2.55 -8.51 -7.27
C GLU A 70 1.09 -8.70 -6.84
N VAL A 71 0.65 -7.92 -5.85
CA VAL A 71 -0.74 -8.00 -5.35
C VAL A 71 -1.51 -6.70 -5.61
N GLU A 72 -2.85 -6.77 -5.52
CA GLU A 72 -3.71 -5.59 -5.69
C GLU A 72 -4.76 -5.53 -4.58
N VAL A 73 -5.02 -4.33 -4.05
CA VAL A 73 -6.00 -4.15 -2.96
C VAL A 73 -7.44 -4.31 -3.47
N VAL A 74 -8.13 -5.35 -3.01
CA VAL A 74 -9.51 -5.61 -3.43
C VAL A 74 -10.48 -4.60 -2.78
N GLY A 75 -10.77 -3.53 -3.49
CA GLY A 75 -11.68 -2.50 -2.98
C GLY A 75 -11.53 -1.16 -3.69
N GLY A 76 -10.31 -0.85 -4.14
CA GLY A 76 -10.06 0.41 -4.85
C GLY A 76 -9.51 1.51 -3.93
N GLU A 77 -9.51 1.24 -2.63
CA GLU A 77 -8.99 2.18 -1.63
C GLU A 77 -7.81 1.59 -0.85
N LEU A 78 -6.75 2.37 -0.67
CA LEU A 78 -5.56 1.92 0.03
C LEU A 78 -4.85 3.11 0.72
N PRO A 79 -4.29 2.89 1.93
CA PRO A 79 -3.58 3.95 2.68
C PRO A 79 -2.32 4.47 1.96
N LEU A 80 -1.91 5.70 2.31
CA LEU A 80 -0.76 6.37 1.66
C LEU A 80 0.52 5.50 1.61
N ILE A 81 0.77 4.71 2.65
CA ILE A 81 1.95 3.84 2.68
C ILE A 81 1.94 2.83 1.51
N LEU A 82 0.75 2.48 1.01
CA LEU A 82 0.60 1.54 -0.09
C LEU A 82 0.50 2.26 -1.45
N ALA A 83 0.44 3.59 -1.41
CA ALA A 83 0.22 4.41 -2.61
C ALA A 83 1.37 4.31 -3.63
N ASP A 84 1.06 3.75 -4.80
CA ASP A 84 2.00 3.73 -5.93
C ASP A 84 2.32 5.17 -6.39
N ASP A 85 3.35 5.34 -7.20
CA ASP A 85 3.79 6.68 -7.64
C ASP A 85 2.68 7.41 -8.42
N GLY A 86 2.25 8.57 -7.89
CA GLY A 86 1.21 9.37 -8.55
C GLY A 86 0.41 10.21 -7.55
N THR A 87 -0.71 10.79 -8.02
CA THR A 87 -1.59 11.60 -7.16
C THR A 87 -2.85 10.82 -6.78
N TYR A 88 -3.29 10.97 -5.53
CA TYR A 88 -4.42 10.19 -5.00
C TYR A 88 -5.49 11.07 -4.33
N GLU A 89 -6.74 10.61 -4.38
CA GLU A 89 -7.86 11.27 -3.71
C GLU A 89 -8.18 10.56 -2.40
N ILE A 90 -8.09 11.28 -1.27
CA ILE A 90 -8.38 10.69 0.05
C ILE A 90 -9.89 10.36 0.20
N THR A 91 -10.18 9.24 0.85
CA THR A 91 -11.57 8.81 1.05
C THR A 91 -11.98 8.75 2.54
N LYS A 92 -11.05 8.39 3.42
CA LYS A 92 -11.35 8.27 4.86
C LYS A 92 -10.09 8.16 5.73
N LEU A 93 -10.27 8.34 7.05
CA LEU A 93 -9.17 8.25 8.02
C LEU A 93 -9.45 7.15 9.07
N ASN A 94 -8.40 6.67 9.73
CA ASN A 94 -8.55 5.76 10.88
C ASN A 94 -7.98 6.39 12.16
N GLY A 95 -8.85 6.75 13.09
CA GLY A 95 -8.42 7.37 14.33
C GLY A 95 -9.53 8.12 15.06
N GLY A 96 -9.18 8.82 16.14
CA GLY A 96 -10.17 9.56 16.92
C GLY A 96 -10.13 11.06 16.67
N ARG A 97 -10.72 11.84 17.58
CA ARG A 97 -10.84 13.30 17.44
C ARG A 97 -9.49 14.00 17.22
N ARG A 98 -8.48 13.67 18.03
CA ARG A 98 -7.17 14.33 17.93
C ARG A 98 -6.47 13.95 16.61
N PHE A 99 -6.63 12.68 16.21
CA PHE A 99 -6.10 12.21 14.92
C PHE A 99 -6.70 13.02 13.76
N LEU A 100 -8.03 13.04 13.69
CA LEU A 100 -8.76 13.79 12.66
C LEU A 100 -8.40 15.29 12.71
N PHE A 101 -8.29 15.83 13.93
CA PHE A 101 -7.94 17.23 14.14
C PHE A 101 -6.60 17.60 13.49
N ARG A 102 -5.56 16.83 13.78
CA ARG A 102 -4.23 17.08 13.22
C ARG A 102 -4.24 16.96 11.68
N MET A 103 -4.86 15.90 11.17
CA MET A 103 -5.00 15.70 9.73
C MET A 103 -5.80 16.84 9.08
N LYS A 104 -6.70 17.46 9.82
CA LYS A 104 -7.42 18.65 9.34
C LYS A 104 -6.48 19.86 9.24
N ASN A 105 -5.50 19.93 10.14
CA ASN A 105 -4.48 20.98 10.11
C ASN A 105 -3.49 20.78 8.95
N LEU A 106 -3.27 19.52 8.55
CA LEU A 106 -2.49 19.21 7.36
C LEU A 106 -3.33 19.40 6.08
N GLY A 107 -4.64 19.14 6.18
CA GLY A 107 -5.55 19.42 5.07
C GLY A 107 -6.11 18.19 4.37
N ILE A 108 -6.20 17.06 5.07
CA ILE A 108 -6.75 15.83 4.47
C ILE A 108 -7.99 15.31 5.24
N GLU A 109 -9.12 15.26 4.53
CA GLU A 109 -10.37 14.69 5.07
C GLU A 109 -11.00 13.70 4.07
N SER A 110 -11.56 14.25 2.99
CA SER A 110 -12.18 13.45 1.93
C SER A 110 -12.33 14.27 0.65
N GLY A 111 -12.06 13.65 -0.49
CA GLY A 111 -12.15 14.35 -1.78
C GLY A 111 -10.95 15.26 -2.07
N LYS A 112 -9.92 15.19 -1.22
CA LYS A 112 -8.70 15.98 -1.39
C LYS A 112 -7.68 15.23 -2.24
N LYS A 113 -7.04 15.92 -3.19
CA LYS A 113 -6.02 15.31 -4.05
C LYS A 113 -4.60 15.51 -3.48
N ILE A 114 -4.02 14.43 -2.95
CA ILE A 114 -2.69 14.46 -2.35
C ILE A 114 -1.62 13.88 -3.29
N GLN A 115 -0.51 14.62 -3.43
CA GLN A 115 0.61 14.20 -4.29
C GLN A 115 1.53 13.21 -3.55
N VAL A 116 1.82 12.07 -4.17
CA VAL A 116 2.71 11.06 -3.58
C VAL A 116 4.05 10.99 -4.34
N SER A 117 5.15 11.04 -3.60
CA SER A 117 6.50 10.96 -4.20
C SER A 117 7.51 10.33 -3.24
N GLY A 118 8.03 9.16 -3.60
CA GLY A 118 9.04 8.49 -2.79
C GLY A 118 8.54 8.08 -1.42
N ARG A 119 8.73 8.94 -0.42
CA ARG A 119 8.23 8.70 0.94
C ARG A 119 7.53 9.94 1.52
N ARG A 120 7.41 10.99 0.72
CA ARG A 120 6.82 12.25 1.17
C ARG A 120 5.53 12.60 0.40
N TYR A 121 4.61 13.26 1.08
CA TYR A 121 3.29 13.59 0.49
C TYR A 121 3.04 15.11 0.49
N TYR A 122 2.30 15.59 -0.50
CA TYR A 122 2.01 17.03 -0.63
C TYR A 122 0.52 17.32 -0.85
N ILE A 123 -0.01 18.33 -0.15
CA ILE A 123 -1.35 18.87 -0.43
C ILE A 123 -1.20 20.23 -1.12
N GLU A 124 -1.34 20.25 -2.45
CA GLU A 124 -1.26 21.48 -3.27
C GLU A 124 -0.02 22.35 -2.93
N GLY A 125 1.02 21.71 -2.38
CA GLY A 125 2.24 22.43 -2.01
C GLY A 125 2.65 22.22 -0.55
N ARG A 126 1.67 21.95 0.31
CA ARG A 126 1.93 21.70 1.73
C ARG A 126 2.52 20.30 1.95
N GLU A 127 3.64 20.23 2.65
CA GLU A 127 4.26 18.94 3.00
C GLU A 127 3.52 18.29 4.18
N ILE A 128 3.27 16.98 4.07
CA ILE A 128 2.54 16.24 5.11
C ILE A 128 3.49 15.52 6.08
N ASP A 129 3.26 15.69 7.38
CA ASP A 129 4.16 15.16 8.43
C ASP A 129 4.19 13.63 8.48
N LEU A 130 3.15 12.98 7.93
CA LEU A 130 3.01 11.51 7.99
C LEU A 130 4.32 10.76 7.67
N GLY A 131 4.76 9.92 8.61
CA GLY A 131 5.99 9.15 8.43
C GLY A 131 5.74 7.72 7.96
N TYR A 132 5.23 6.88 8.85
CA TYR A 132 4.94 5.48 8.52
C TYR A 132 3.74 4.95 9.33
N GLY A 133 3.88 4.95 10.66
CA GLY A 133 2.84 4.44 11.53
C GLY A 133 1.49 5.12 11.33
N GLU A 134 1.47 6.45 11.33
CA GLU A 134 0.25 7.21 11.08
C GLU A 134 -0.11 7.22 9.58
N ALA A 135 0.90 7.21 8.72
CA ALA A 135 0.71 7.27 7.26
C ALA A 135 -0.17 6.11 6.74
N THR A 136 -0.10 4.97 7.40
CA THR A 136 -0.87 3.78 6.99
C THR A 136 -2.35 3.86 7.44
N LYS A 137 -2.74 4.99 8.03
CA LYS A 137 -4.11 5.17 8.55
C LYS A 137 -4.90 6.19 7.71
N ILE A 138 -4.27 6.73 6.65
CA ILE A 138 -4.94 7.65 5.72
C ILE A 138 -5.23 6.94 4.38
N TRP A 139 -6.51 6.62 4.15
CA TRP A 139 -6.92 5.87 2.96
C TRP A 139 -7.18 6.77 1.75
N VAL A 140 -6.54 6.45 0.62
CA VAL A 140 -6.66 7.25 -0.61
C VAL A 140 -6.99 6.36 -1.84
N ARG A 141 -7.28 7.01 -2.97
CA ARG A 141 -7.64 6.29 -4.22
C ARG A 141 -6.94 6.90 -5.45
N ARG A 142 -6.67 6.09 -6.47
CA ARG A 142 -5.89 6.52 -7.64
C ARG A 142 -6.65 7.53 -8.52
N VAL A 143 -6.04 8.69 -8.79
CA VAL A 143 -6.60 9.70 -9.71
C VAL A 143 -5.56 10.18 -10.73
N SER A 144 -5.86 11.24 -11.49
CA SER A 144 -4.97 11.71 -12.55
C SER A 144 -4.58 13.20 -12.38
N ASP A 145 -4.80 13.74 -11.19
CA ASP A 145 -4.52 15.16 -10.91
C ASP A 145 -3.01 15.45 -10.74
N ALA A 146 -2.17 14.65 -11.39
CA ALA A 146 -0.71 14.79 -11.28
C ALA A 146 -0.12 15.66 -12.41
N GLY A 147 -0.97 16.45 -13.07
CA GLY A 147 -0.52 17.27 -14.19
C GLY A 147 -0.30 16.46 -15.46
N GLU A 148 0.74 15.63 -15.47
CA GLU A 148 1.05 14.76 -16.61
C GLU A 148 -0.12 13.78 -16.89
N GLU A 149 -0.37 12.82 -15.98
CA GLU A 149 -1.54 11.93 -16.04
C GLU A 149 -1.48 10.84 -14.96
N SER A 150 -2.48 9.95 -14.94
CA SER A 150 -2.55 8.86 -13.96
C SER A 150 -1.63 7.68 -14.32
N HIS A 151 -1.34 7.52 -15.60
CA HIS A 151 -0.56 6.38 -16.10
C HIS A 151 0.75 6.86 -16.76
N PRO A 152 1.86 6.95 -15.99
CA PRO A 152 3.13 7.49 -16.49
C PRO A 152 3.81 6.59 -17.55
N GLN A 153 3.88 7.09 -18.79
CA GLN A 153 4.57 6.40 -19.89
C GLN A 153 5.89 7.10 -20.24
N LYS A 154 6.51 6.71 -21.35
CA LYS A 154 7.71 7.39 -21.84
C LYS A 154 7.38 8.83 -22.26
N LEU A 155 7.53 9.77 -21.31
CA LEU A 155 7.21 11.19 -21.56
C LEU A 155 8.36 11.89 -22.31
N GLU A 156 8.61 11.45 -23.54
CA GLU A 156 9.64 12.04 -24.43
C GLU A 156 11.03 12.11 -23.76
N HIS A 157 11.25 13.13 -22.94
CA HIS A 157 12.56 13.39 -22.35
C HIS A 157 12.46 13.98 -20.94
N HIS A 158 13.56 13.91 -20.19
CA HIS A 158 13.58 14.39 -18.80
C HIS A 158 15.00 14.84 -18.39
N HIS A 159 15.34 16.10 -18.66
CA HIS A 159 16.65 16.65 -18.27
C HIS A 159 16.64 17.08 -16.80
N HIS A 160 16.19 16.18 -15.93
CA HIS A 160 16.02 16.47 -14.49
C HIS A 160 17.37 16.49 -13.75
N HIS A 161 18.43 16.06 -14.42
CA HIS A 161 19.77 16.02 -13.85
C HIS A 161 20.85 16.18 -14.93
N HIS A 162 21.97 16.79 -14.55
CA HIS A 162 23.12 16.94 -15.45
C HIS A 162 24.22 15.91 -15.12
N MET A 1 2.91 -1.62 -6.44
CA MET A 1 2.43 -2.31 -5.21
C MET A 1 3.33 -3.51 -4.87
N LYS A 2 3.25 -3.98 -3.62
CA LYS A 2 4.06 -5.11 -3.16
C LYS A 2 3.39 -5.81 -1.96
N LEU A 3 3.54 -7.12 -1.86
CA LEU A 3 2.89 -7.90 -0.80
C LEU A 3 3.46 -7.57 0.59
N SER A 4 4.79 -7.46 0.70
CA SER A 4 5.45 -7.22 2.00
C SER A 4 5.19 -5.82 2.57
N ARG A 5 4.44 -4.98 1.86
CA ARG A 5 4.09 -3.63 2.35
C ARG A 5 2.59 -3.48 2.61
N LEU A 6 1.85 -4.59 2.50
CA LEU A 6 0.39 -4.56 2.64
C LEU A 6 -0.04 -4.53 4.13
N VAL A 7 -1.25 -4.03 4.38
CA VAL A 7 -1.75 -3.86 5.75
C VAL A 7 -2.59 -5.08 6.22
N PRO A 8 -2.29 -5.63 7.42
CA PRO A 8 -3.06 -6.76 7.99
C PRO A 8 -4.58 -6.49 8.04
N GLY A 9 -5.34 -7.30 7.30
CA GLY A 9 -6.79 -7.12 7.23
C GLY A 9 -7.26 -6.72 5.84
N VAL A 10 -6.32 -6.39 4.95
CA VAL A 10 -6.64 -6.00 3.57
C VAL A 10 -6.39 -7.16 2.59
N PRO A 11 -7.45 -7.68 1.93
CA PRO A 11 -7.32 -8.75 0.91
C PRO A 11 -6.78 -8.22 -0.43
N ALA A 12 -5.75 -8.88 -0.95
CA ALA A 12 -5.14 -8.51 -2.23
C ALA A 12 -4.92 -9.74 -3.12
N ARG A 13 -5.05 -9.57 -4.44
CA ARG A 13 -4.85 -10.68 -5.38
C ARG A 13 -3.43 -10.68 -5.97
N ILE A 14 -2.83 -11.87 -6.08
CA ILE A 14 -1.49 -12.01 -6.64
C ILE A 14 -1.44 -11.56 -8.12
N LYS A 15 -0.52 -10.65 -8.45
CA LYS A 15 -0.38 -10.15 -9.83
C LYS A 15 0.86 -10.72 -10.54
N ARG A 16 2.03 -10.61 -9.91
CA ARG A 16 3.27 -11.09 -10.53
C ARG A 16 4.37 -11.38 -9.49
N LEU A 17 5.20 -12.37 -9.79
CA LEU A 17 6.35 -12.73 -8.96
C LEU A 17 7.66 -12.36 -9.67
N GLU A 18 8.45 -11.45 -9.07
CA GLU A 18 9.70 -10.99 -9.71
C GLU A 18 10.88 -11.95 -9.44
N VAL A 19 10.60 -13.08 -8.79
CA VAL A 19 11.64 -14.08 -8.51
C VAL A 19 11.44 -15.34 -9.39
N SER A 20 12.53 -15.87 -9.92
CA SER A 20 12.47 -17.01 -10.84
C SER A 20 13.08 -18.29 -10.23
N GLY A 21 12.53 -19.44 -10.59
CA GLY A 21 13.08 -20.72 -10.18
C GLY A 21 13.04 -20.98 -8.67
N GLU A 22 14.21 -20.79 -8.02
CA GLU A 22 14.42 -21.14 -6.60
C GLU A 22 13.21 -20.86 -5.70
N LEU A 23 12.94 -19.57 -5.44
CA LEU A 23 11.83 -19.19 -4.56
C LEU A 23 10.47 -19.31 -5.29
N HIS A 24 10.47 -19.09 -6.60
CA HIS A 24 9.23 -19.12 -7.40
C HIS A 24 8.46 -20.44 -7.22
N GLU A 25 9.19 -21.57 -7.30
CA GLU A 25 8.58 -22.89 -7.14
C GLU A 25 8.04 -23.10 -5.71
N LYS A 26 8.74 -22.52 -4.74
CA LYS A 26 8.33 -22.55 -3.34
C LYS A 26 7.02 -21.76 -3.14
N LEU A 27 6.95 -20.59 -3.78
CA LEU A 27 5.77 -19.73 -3.71
C LEU A 27 4.55 -20.38 -4.38
N VAL A 28 4.69 -20.80 -5.65
CA VAL A 28 3.60 -21.49 -6.35
C VAL A 28 3.19 -22.79 -5.64
N GLY A 29 4.16 -23.42 -4.97
CA GLY A 29 3.86 -24.59 -4.14
C GLY A 29 2.88 -24.26 -3.01
N MET A 30 2.95 -23.03 -2.49
CA MET A 30 2.00 -22.55 -1.48
C MET A 30 0.73 -21.98 -2.13
N GLY A 31 0.83 -21.57 -3.39
CA GLY A 31 -0.33 -21.06 -4.13
C GLY A 31 -0.15 -19.66 -4.71
N PHE A 32 1.06 -19.12 -4.68
CA PHE A 32 1.32 -17.78 -5.21
C PHE A 32 1.37 -17.78 -6.75
N VAL A 33 0.21 -17.70 -7.37
CA VAL A 33 0.08 -17.57 -8.83
C VAL A 33 -0.88 -16.43 -9.18
N PRO A 34 -0.62 -15.69 -10.28
CA PRO A 34 -1.45 -14.55 -10.70
C PRO A 34 -2.94 -14.92 -10.85
N GLY A 35 -3.73 -14.56 -9.85
CA GLY A 35 -5.16 -14.88 -9.88
C GLY A 35 -5.75 -15.16 -8.49
N GLU A 36 -4.95 -15.76 -7.60
CA GLU A 36 -5.41 -16.12 -6.25
C GLU A 36 -5.52 -14.89 -5.34
N GLU A 37 -6.51 -14.87 -4.45
CA GLU A 37 -6.63 -13.81 -3.44
C GLU A 37 -5.89 -14.20 -2.14
N ILE A 38 -5.25 -13.22 -1.52
CA ILE A 38 -4.48 -13.42 -0.28
C ILE A 38 -4.64 -12.22 0.67
N GLU A 39 -5.00 -12.48 1.93
CA GLU A 39 -5.12 -11.42 2.93
C GLU A 39 -4.04 -11.56 4.02
N ILE A 40 -3.49 -10.43 4.48
CA ILE A 40 -2.50 -10.43 5.56
C ILE A 40 -3.19 -10.50 6.93
N VAL A 41 -2.82 -11.49 7.73
CA VAL A 41 -3.44 -11.71 9.05
C VAL A 41 -2.75 -10.87 10.15
N GLN A 42 -1.43 -11.02 10.26
CA GLN A 42 -0.65 -10.29 11.29
C GLN A 42 0.84 -10.20 10.92
N VAL A 43 1.49 -9.15 11.42
CA VAL A 43 2.93 -8.94 11.20
C VAL A 43 3.71 -9.17 12.51
N ALA A 44 4.89 -9.81 12.41
CA ALA A 44 5.74 -10.03 13.58
C ALA A 44 6.22 -8.70 14.19
N PRO A 45 6.35 -8.63 15.53
CA PRO A 45 6.71 -7.37 16.25
C PRO A 45 8.01 -6.72 15.74
N LEU A 46 8.84 -7.49 15.02
CA LEU A 46 10.10 -6.97 14.46
C LEU A 46 9.90 -6.37 13.06
N GLY A 47 8.91 -6.88 12.33
CA GLY A 47 8.68 -6.48 10.95
C GLY A 47 8.40 -7.68 10.06
N ASP A 48 9.10 -8.78 10.30
CA ASP A 48 8.88 -10.04 9.60
C ASP A 48 9.32 -11.23 10.50
N PRO A 49 8.83 -12.46 10.24
CA PRO A 49 7.94 -12.80 9.11
C PRO A 49 6.49 -12.26 9.24
N ILE A 50 5.72 -12.39 8.16
CA ILE A 50 4.31 -11.98 8.14
C ILE A 50 3.40 -13.18 7.84
N VAL A 51 2.23 -13.21 8.49
CA VAL A 51 1.26 -14.29 8.31
C VAL A 51 0.12 -13.86 7.37
N CYS A 52 -0.29 -14.75 6.48
CA CYS A 52 -1.33 -14.43 5.48
C CYS A 52 -2.26 -15.63 5.21
N LYS A 53 -3.26 -15.41 4.36
CA LYS A 53 -4.24 -16.46 3.98
C LYS A 53 -4.47 -16.47 2.46
N ILE A 54 -4.07 -17.55 1.79
CA ILE A 54 -4.33 -17.71 0.35
C ILE A 54 -5.62 -18.53 0.12
N GLY A 55 -6.67 -17.85 -0.34
CA GLY A 55 -7.94 -18.52 -0.59
C GLY A 55 -8.57 -19.12 0.66
N ASN A 56 -8.12 -20.32 1.04
CA ASN A 56 -8.67 -21.02 2.22
C ASN A 56 -7.58 -21.38 3.24
N ARG A 57 -6.32 -21.37 2.82
CA ARG A 57 -5.21 -21.87 3.67
C ARG A 57 -4.25 -20.75 4.12
N ASN A 58 -3.66 -20.93 5.30
CA ASN A 58 -2.73 -19.94 5.87
C ASN A 58 -1.29 -20.14 5.35
N ILE A 59 -0.59 -19.03 5.13
CA ILE A 59 0.80 -19.06 4.63
C ILE A 59 1.71 -18.12 5.44
N THR A 60 2.92 -18.60 5.78
CA THR A 60 3.91 -17.78 6.50
C THR A 60 5.09 -17.40 5.60
N LEU A 61 5.37 -16.10 5.48
CA LEU A 61 6.45 -15.60 4.62
C LEU A 61 7.43 -14.70 5.37
N ARG A 62 8.72 -14.78 5.03
CA ARG A 62 9.71 -13.79 5.44
C ARG A 62 9.60 -12.55 4.53
N LYS A 63 10.13 -11.41 4.96
CA LYS A 63 10.08 -10.20 4.11
C LYS A 63 10.69 -10.47 2.73
N ARG A 64 11.93 -10.97 2.73
CA ARG A 64 12.65 -11.26 1.47
C ARG A 64 11.86 -12.21 0.54
N GLU A 65 10.90 -12.93 1.10
CA GLU A 65 10.01 -13.76 0.28
C GLU A 65 8.84 -12.93 -0.27
N ALA A 66 8.02 -12.38 0.63
CA ALA A 66 6.82 -11.60 0.26
C ALA A 66 7.17 -10.28 -0.46
N ASP A 67 8.43 -9.87 -0.38
CA ASP A 67 8.88 -8.62 -0.99
C ASP A 67 9.01 -8.76 -2.51
N LEU A 68 9.06 -10.00 -2.99
CA LEU A 68 9.26 -10.28 -4.42
C LEU A 68 7.93 -10.58 -5.15
N ILE A 69 6.81 -10.36 -4.46
CA ILE A 69 5.48 -10.56 -5.06
C ILE A 69 4.69 -9.23 -5.11
N GLU A 70 4.23 -8.85 -6.30
CA GLU A 70 3.37 -7.68 -6.45
C GLU A 70 1.89 -8.11 -6.56
N VAL A 71 1.03 -7.42 -5.84
CA VAL A 71 -0.40 -7.78 -5.76
C VAL A 71 -1.32 -6.60 -6.14
N GLU A 72 -2.63 -6.84 -6.10
CA GLU A 72 -3.63 -5.79 -6.32
C GLU A 72 -4.63 -5.74 -5.16
N VAL A 73 -4.91 -4.55 -4.65
CA VAL A 73 -5.88 -4.39 -3.56
C VAL A 73 -7.31 -4.68 -4.04
N VAL A 74 -7.91 -5.75 -3.51
CA VAL A 74 -9.27 -6.14 -3.91
C VAL A 74 -10.31 -5.16 -3.33
N GLY A 75 -9.94 -4.49 -2.25
CA GLY A 75 -10.81 -3.47 -1.64
C GLY A 75 -10.87 -2.18 -2.45
N GLY A 76 -11.98 -1.46 -2.33
CA GLY A 76 -12.17 -0.22 -3.10
C GLY A 76 -11.31 0.94 -2.62
N GLU A 77 -10.73 0.82 -1.43
CA GLU A 77 -9.86 1.86 -0.87
C GLU A 77 -8.65 1.26 -0.13
N LEU A 78 -7.59 2.07 0.00
CA LEU A 78 -6.34 1.62 0.62
C LEU A 78 -5.61 2.80 1.28
N PRO A 79 -4.86 2.55 2.39
CA PRO A 79 -4.09 3.61 3.07
C PRO A 79 -3.00 4.24 2.18
N LEU A 80 -2.62 5.48 2.48
CA LEU A 80 -1.65 6.23 1.68
C LEU A 80 -0.29 5.50 1.57
N ILE A 81 0.06 4.73 2.60
CA ILE A 81 1.31 3.95 2.58
C ILE A 81 1.32 2.90 1.44
N LEU A 82 0.15 2.63 0.87
CA LEU A 82 0.01 1.68 -0.25
C LEU A 82 -0.13 2.41 -1.61
N ALA A 83 0.12 3.72 -1.61
CA ALA A 83 0.01 4.52 -2.84
C ALA A 83 0.96 4.04 -3.95
N ASP A 84 0.39 3.71 -5.11
CA ASP A 84 1.19 3.25 -6.25
C ASP A 84 1.70 4.43 -7.10
N ASP A 85 0.77 5.16 -7.76
CA ASP A 85 1.15 6.34 -8.56
C ASP A 85 -0.04 7.29 -8.75
N GLY A 86 0.26 8.51 -9.25
CA GLY A 86 -0.79 9.44 -9.64
C GLY A 86 -1.37 10.28 -8.50
N THR A 87 -2.70 10.36 -8.45
CA THR A 87 -3.41 11.19 -7.46
C THR A 87 -4.42 10.36 -6.65
N TYR A 88 -4.58 10.71 -5.38
CA TYR A 88 -5.50 9.97 -4.50
C TYR A 88 -6.42 10.92 -3.71
N GLU A 89 -7.68 10.51 -3.51
CA GLU A 89 -8.62 11.28 -2.68
C GLU A 89 -8.90 10.54 -1.36
N ILE A 90 -8.75 11.24 -0.25
CA ILE A 90 -8.94 10.65 1.08
C ILE A 90 -10.40 10.19 1.31
N THR A 91 -10.57 9.03 1.95
CA THR A 91 -11.89 8.44 2.20
C THR A 91 -12.19 8.27 3.71
N LYS A 92 -11.17 7.98 4.53
CA LYS A 92 -11.33 7.94 5.99
C LYS A 92 -9.98 7.90 6.73
N LEU A 93 -10.02 8.19 8.04
CA LEU A 93 -8.83 8.19 8.90
C LEU A 93 -8.90 7.07 9.95
N ASN A 94 -7.74 6.67 10.47
CA ASN A 94 -7.66 5.73 11.61
C ASN A 94 -6.97 6.40 12.81
N GLY A 95 -7.75 6.78 13.82
CA GLY A 95 -7.20 7.44 15.00
C GLY A 95 -8.23 8.21 15.84
N GLY A 96 -7.74 9.00 16.79
CA GLY A 96 -8.62 9.78 17.67
C GLY A 96 -8.79 11.23 17.24
N ARG A 97 -9.44 12.04 18.08
CA ARG A 97 -9.75 13.44 17.75
C ARG A 97 -8.47 14.28 17.55
N ARG A 98 -7.55 14.21 18.51
CA ARG A 98 -6.28 14.93 18.40
C ARG A 98 -5.50 14.52 17.13
N PHE A 99 -5.67 13.26 16.72
CA PHE A 99 -5.07 12.76 15.48
C PHE A 99 -5.74 13.39 14.25
N LEU A 100 -7.07 13.42 14.25
CA LEU A 100 -7.85 14.06 13.19
C LEU A 100 -7.47 15.54 13.04
N PHE A 101 -7.29 16.22 14.18
CA PHE A 101 -6.85 17.61 14.18
C PHE A 101 -5.57 17.81 13.35
N ARG A 102 -4.57 16.97 13.61
CA ARG A 102 -3.30 17.02 12.86
C ARG A 102 -3.54 17.02 11.34
N MET A 103 -4.23 15.99 10.85
CA MET A 103 -4.43 15.82 9.40
C MET A 103 -5.23 16.99 8.79
N LYS A 104 -6.13 17.58 9.56
CA LYS A 104 -6.89 18.75 9.09
C LYS A 104 -5.99 19.98 8.89
N ASN A 105 -4.86 20.03 9.60
CA ASN A 105 -3.90 21.13 9.43
C ASN A 105 -3.06 20.95 8.16
N LEU A 106 -2.88 19.70 7.74
CA LEU A 106 -2.18 19.40 6.48
C LEU A 106 -3.13 19.51 5.28
N GLY A 107 -4.42 19.24 5.50
CA GLY A 107 -5.42 19.43 4.45
C GLY A 107 -6.07 18.12 3.97
N ILE A 108 -6.14 17.11 4.83
CA ILE A 108 -6.81 15.85 4.48
C ILE A 108 -7.73 15.35 5.60
N GLU A 109 -9.04 15.47 5.38
CA GLU A 109 -10.04 14.91 6.28
C GLU A 109 -11.18 14.25 5.48
N SER A 110 -11.56 14.88 4.37
CA SER A 110 -12.61 14.35 3.48
C SER A 110 -12.62 15.13 2.15
N GLY A 111 -12.83 14.41 1.05
CA GLY A 111 -12.91 15.04 -0.27
C GLY A 111 -11.70 15.91 -0.62
N LYS A 112 -10.50 15.31 -0.63
CA LYS A 112 -9.26 16.03 -0.92
C LYS A 112 -8.37 15.23 -1.89
N LYS A 113 -7.84 15.89 -2.92
CA LYS A 113 -6.91 15.26 -3.86
C LYS A 113 -5.44 15.55 -3.49
N ILE A 114 -4.71 14.52 -3.07
CA ILE A 114 -3.29 14.67 -2.69
C ILE A 114 -2.37 14.16 -3.82
N GLN A 115 -1.23 14.83 -3.98
CA GLN A 115 -0.24 14.48 -5.00
C GLN A 115 0.90 13.63 -4.44
N VAL A 116 1.21 12.51 -5.09
CA VAL A 116 2.32 11.64 -4.68
C VAL A 116 3.54 11.82 -5.59
N SER A 117 4.56 12.50 -5.08
CA SER A 117 5.78 12.77 -5.84
C SER A 117 6.93 11.88 -5.37
N GLY A 118 7.14 10.76 -6.06
CA GLY A 118 8.21 9.83 -5.69
C GLY A 118 8.13 9.34 -4.25
N ARG A 119 8.91 9.93 -3.35
CA ARG A 119 8.94 9.54 -1.93
C ARG A 119 8.36 10.62 -1.02
N ARG A 120 7.63 11.58 -1.60
CA ARG A 120 7.07 12.71 -0.82
C ARG A 120 5.63 13.04 -1.27
N TYR A 121 4.79 13.40 -0.29
CA TYR A 121 3.37 13.70 -0.55
C TYR A 121 3.08 15.20 -0.42
N TYR A 122 2.23 15.73 -1.29
CA TYR A 122 1.93 17.18 -1.30
C TYR A 122 0.42 17.48 -1.44
N ILE A 123 -0.08 18.36 -0.57
CA ILE A 123 -1.40 18.97 -0.75
C ILE A 123 -1.23 20.33 -1.44
N GLU A 124 -1.68 20.43 -2.69
CA GLU A 124 -1.50 21.63 -3.53
C GLU A 124 -0.02 21.95 -3.75
N GLY A 125 0.65 22.43 -2.72
CA GLY A 125 2.07 22.73 -2.78
C GLY A 125 2.73 22.70 -1.40
N ARG A 126 2.16 21.89 -0.51
CA ARG A 126 2.60 21.80 0.89
C ARG A 126 3.06 20.39 1.25
N GLU A 127 4.27 20.28 1.81
CA GLU A 127 4.81 18.99 2.23
C GLU A 127 3.99 18.38 3.37
N ILE A 128 3.58 17.13 3.23
CA ILE A 128 2.78 16.44 4.24
C ILE A 128 3.68 15.59 5.17
N ASP A 129 3.50 15.76 6.48
CA ASP A 129 4.36 15.10 7.48
C ASP A 129 4.24 13.56 7.48
N LEU A 130 3.36 13.01 6.66
CA LEU A 130 3.16 11.55 6.60
C LEU A 130 4.39 10.83 6.05
N GLY A 131 5.22 10.31 6.95
CA GLY A 131 6.43 9.60 6.54
C GLY A 131 6.23 8.09 6.43
N TYR A 132 5.59 7.49 7.44
CA TYR A 132 5.37 6.04 7.47
C TYR A 132 4.31 5.65 8.50
N GLY A 133 4.65 5.80 9.79
CA GLY A 133 3.77 5.39 10.88
C GLY A 133 2.36 5.99 10.80
N GLU A 134 2.29 7.30 10.56
CA GLU A 134 0.99 7.97 10.40
C GLU A 134 0.38 7.69 9.01
N ALA A 135 1.24 7.49 8.00
CA ALA A 135 0.80 7.29 6.61
C ALA A 135 -0.15 6.08 6.45
N THR A 136 0.02 5.06 7.28
CA THR A 136 -0.85 3.86 7.23
C THR A 136 -2.24 4.12 7.82
N LYS A 137 -2.42 5.24 8.50
CA LYS A 137 -3.70 5.56 9.15
C LYS A 137 -4.64 6.35 8.22
N ILE A 138 -4.09 6.94 7.16
CA ILE A 138 -4.89 7.72 6.20
C ILE A 138 -5.33 6.84 5.01
N TRP A 139 -6.63 6.57 4.90
CA TRP A 139 -7.17 5.78 3.79
C TRP A 139 -7.54 6.69 2.61
N VAL A 140 -7.12 6.28 1.41
CA VAL A 140 -7.36 7.06 0.19
C VAL A 140 -7.91 6.20 -0.96
N ARG A 141 -8.33 6.85 -2.05
CA ARG A 141 -8.80 6.16 -3.26
C ARG A 141 -8.16 6.76 -4.53
N ARG A 142 -7.97 5.93 -5.55
CA ARG A 142 -7.24 6.33 -6.76
C ARG A 142 -8.10 7.18 -7.71
N VAL A 143 -7.60 8.38 -8.04
CA VAL A 143 -8.26 9.29 -9.00
C VAL A 143 -7.27 9.76 -10.08
N SER A 144 -7.78 10.31 -11.18
CA SER A 144 -6.93 10.70 -12.32
C SER A 144 -7.14 12.17 -12.74
N ASP A 145 -7.49 13.03 -11.79
CA ASP A 145 -7.73 14.46 -12.07
C ASP A 145 -6.45 15.24 -12.47
N ALA A 146 -5.29 14.57 -12.42
CA ALA A 146 -4.01 15.22 -12.73
C ALA A 146 -3.85 15.54 -14.24
N GLY A 147 -4.52 16.61 -14.68
CA GLY A 147 -4.38 17.09 -16.06
C GLY A 147 -4.77 16.09 -17.15
N GLU A 148 -5.37 14.97 -16.76
CA GLU A 148 -5.71 13.91 -17.71
C GLU A 148 -7.08 14.11 -18.37
N GLU A 149 -7.06 14.28 -19.69
CA GLU A 149 -8.29 14.30 -20.50
C GLU A 149 -8.54 12.91 -21.11
N SER A 150 -7.65 12.54 -22.03
CA SER A 150 -7.67 11.22 -22.69
C SER A 150 -6.38 11.00 -23.47
N HIS A 151 -6.07 9.75 -23.78
CA HIS A 151 -4.85 9.44 -24.54
C HIS A 151 -5.14 9.38 -26.05
N PRO A 152 -4.40 10.18 -26.85
CA PRO A 152 -4.69 10.35 -28.29
C PRO A 152 -4.37 9.11 -29.15
N GLN A 153 -4.51 9.27 -30.47
CA GLN A 153 -4.29 8.19 -31.43
C GLN A 153 -2.84 7.67 -31.45
N LYS A 154 -2.68 6.36 -31.64
CA LYS A 154 -1.36 5.76 -31.81
C LYS A 154 -0.71 6.21 -33.12
N LEU A 155 0.60 6.45 -33.08
CA LEU A 155 1.35 7.03 -34.22
C LEU A 155 1.14 6.27 -35.55
N GLU A 156 1.24 7.01 -36.65
CA GLU A 156 1.06 6.45 -38.01
C GLU A 156 2.07 5.33 -38.29
N HIS A 157 3.33 5.57 -37.93
CA HIS A 157 4.42 4.61 -38.17
C HIS A 157 5.37 4.53 -36.96
N HIS A 158 5.15 3.53 -36.11
CA HIS A 158 5.98 3.32 -34.93
C HIS A 158 7.38 2.82 -35.32
N HIS A 159 8.32 3.75 -35.48
CA HIS A 159 9.69 3.40 -35.89
C HIS A 159 10.56 3.02 -34.68
N HIS A 160 10.84 1.72 -34.55
CA HIS A 160 11.65 1.22 -33.44
C HIS A 160 13.15 1.55 -33.64
N HIS A 161 13.59 1.56 -34.90
CA HIS A 161 14.96 1.92 -35.28
C HIS A 161 16.01 0.90 -34.79
N HIS A 162 16.20 0.81 -33.47
CA HIS A 162 17.21 -0.08 -32.84
C HIS A 162 17.26 -1.48 -33.47
N MET A 1 1.12 -3.66 -6.20
CA MET A 1 1.88 -3.04 -5.09
C MET A 1 2.90 -4.01 -4.46
N LYS A 2 2.63 -5.32 -4.57
CA LYS A 2 3.44 -6.36 -3.91
C LYS A 2 3.16 -6.42 -2.39
N LEU A 3 2.95 -7.62 -1.87
CA LEU A 3 2.44 -7.78 -0.50
C LEU A 3 3.51 -7.55 0.59
N SER A 4 4.72 -7.17 0.19
CA SER A 4 5.79 -6.87 1.15
C SER A 4 5.51 -5.58 1.93
N ARG A 5 4.43 -4.88 1.56
CA ARG A 5 4.04 -3.62 2.21
C ARG A 5 2.51 -3.50 2.37
N LEU A 6 1.79 -4.62 2.20
CA LEU A 6 0.33 -4.59 2.27
C LEU A 6 -0.16 -4.51 3.74
N VAL A 7 -1.29 -3.84 3.95
CA VAL A 7 -1.86 -3.65 5.29
C VAL A 7 -2.66 -4.88 5.75
N PRO A 8 -2.37 -5.40 6.97
CA PRO A 8 -3.11 -6.55 7.54
C PRO A 8 -4.63 -6.32 7.60
N GLY A 9 -5.37 -7.20 6.94
CA GLY A 9 -6.83 -7.06 6.89
C GLY A 9 -7.34 -6.66 5.52
N VAL A 10 -6.45 -6.21 4.64
CA VAL A 10 -6.82 -5.80 3.28
C VAL A 10 -6.77 -6.98 2.30
N PRO A 11 -7.91 -7.35 1.69
CA PRO A 11 -7.96 -8.43 0.68
C PRO A 11 -7.32 -8.02 -0.66
N ALA A 12 -6.32 -8.79 -1.09
CA ALA A 12 -5.63 -8.53 -2.35
C ALA A 12 -5.74 -9.71 -3.31
N ARG A 13 -5.16 -9.58 -4.50
CA ARG A 13 -5.20 -10.66 -5.51
C ARG A 13 -3.84 -10.81 -6.22
N ILE A 14 -3.43 -12.05 -6.44
CA ILE A 14 -2.12 -12.36 -7.05
C ILE A 14 -2.04 -11.92 -8.53
N LYS A 15 -1.01 -11.15 -8.87
CA LYS A 15 -0.70 -10.85 -10.28
C LYS A 15 0.41 -11.76 -10.81
N ARG A 16 1.65 -11.49 -10.39
CA ARG A 16 2.84 -12.11 -10.98
C ARG A 16 3.91 -12.45 -9.92
N LEU A 17 4.75 -13.44 -10.22
CA LEU A 17 5.89 -13.81 -9.37
C LEU A 17 7.21 -13.39 -10.04
N GLU A 18 7.85 -12.35 -9.51
CA GLU A 18 9.06 -11.78 -10.14
C GLU A 18 10.35 -12.50 -9.68
N VAL A 19 10.30 -13.82 -9.55
CA VAL A 19 11.46 -14.59 -9.07
C VAL A 19 11.73 -15.85 -9.92
N SER A 20 13.02 -16.20 -10.05
CA SER A 20 13.44 -17.42 -10.77
C SER A 20 14.39 -18.26 -9.92
N GLY A 21 14.05 -19.53 -9.68
CA GLY A 21 14.91 -20.41 -8.90
C GLY A 21 14.71 -20.29 -7.38
N GLU A 22 15.21 -21.30 -6.65
CA GLU A 22 15.16 -21.36 -5.17
C GLU A 22 13.79 -20.97 -4.58
N LEU A 23 13.52 -19.67 -4.50
CA LEU A 23 12.28 -19.16 -3.91
C LEU A 23 11.03 -19.66 -4.66
N HIS A 24 11.16 -19.84 -5.97
CA HIS A 24 10.01 -20.24 -6.81
C HIS A 24 9.34 -21.54 -6.35
N GLU A 25 10.15 -22.54 -5.96
CA GLU A 25 9.62 -23.86 -5.59
C GLU A 25 8.73 -23.81 -4.34
N LYS A 26 9.17 -23.09 -3.30
CA LYS A 26 8.39 -23.00 -2.06
C LYS A 26 7.10 -22.17 -2.28
N LEU A 27 7.16 -21.19 -3.17
CA LEU A 27 5.98 -20.37 -3.50
C LEU A 27 4.86 -21.21 -4.09
N VAL A 28 5.18 -21.96 -5.16
CA VAL A 28 4.19 -22.84 -5.79
C VAL A 28 3.79 -24.00 -4.85
N GLY A 29 4.73 -24.43 -4.00
CA GLY A 29 4.43 -25.44 -2.98
C GLY A 29 3.38 -24.96 -1.97
N MET A 30 3.43 -23.67 -1.61
CA MET A 30 2.44 -23.07 -0.72
C MET A 30 1.13 -22.75 -1.47
N GLY A 31 1.24 -22.36 -2.73
CA GLY A 31 0.05 -22.12 -3.56
C GLY A 31 -0.01 -20.74 -4.21
N PHE A 32 1.15 -20.14 -4.48
CA PHE A 32 1.19 -18.82 -5.13
C PHE A 32 1.04 -18.94 -6.66
N VAL A 33 -0.21 -18.89 -7.12
CA VAL A 33 -0.53 -18.94 -8.54
C VAL A 33 -1.34 -17.69 -8.98
N PRO A 34 -1.09 -17.17 -10.20
CA PRO A 34 -1.78 -15.97 -10.70
C PRO A 34 -3.30 -16.18 -10.87
N GLY A 35 -4.08 -15.75 -9.88
CA GLY A 35 -5.53 -15.89 -9.94
C GLY A 35 -6.21 -15.97 -8.57
N GLU A 36 -5.46 -16.44 -7.58
CA GLU A 36 -5.99 -16.55 -6.21
C GLU A 36 -5.98 -15.21 -5.45
N GLU A 37 -6.85 -15.10 -4.45
CA GLU A 37 -6.93 -13.89 -3.62
C GLU A 37 -6.29 -14.12 -2.25
N ILE A 38 -5.56 -13.12 -1.78
CA ILE A 38 -4.73 -13.26 -0.58
C ILE A 38 -4.75 -11.98 0.28
N GLU A 39 -4.95 -12.13 1.58
CA GLU A 39 -4.86 -10.99 2.51
C GLU A 39 -3.81 -11.24 3.61
N ILE A 40 -3.27 -10.16 4.16
CA ILE A 40 -2.33 -10.25 5.29
C ILE A 40 -3.09 -10.36 6.61
N VAL A 41 -2.85 -11.43 7.37
CA VAL A 41 -3.50 -11.63 8.67
C VAL A 41 -2.87 -10.74 9.75
N GLN A 42 -1.56 -10.84 9.90
CA GLN A 42 -0.83 -10.09 10.93
C GLN A 42 0.63 -9.82 10.51
N VAL A 43 1.20 -8.75 11.08
CA VAL A 43 2.60 -8.40 10.85
C VAL A 43 3.38 -8.46 12.17
N ALA A 44 4.51 -9.19 12.17
CA ALA A 44 5.33 -9.33 13.38
C ALA A 44 5.84 -7.96 13.87
N PRO A 45 5.98 -7.77 15.21
CA PRO A 45 6.44 -6.49 15.79
C PRO A 45 7.81 -6.04 15.27
N LEU A 46 8.64 -7.01 14.87
CA LEU A 46 9.97 -6.71 14.32
C LEU A 46 9.90 -6.38 12.82
N GLY A 47 8.68 -6.33 12.27
CA GLY A 47 8.51 -6.11 10.83
C GLY A 47 8.52 -7.42 10.04
N ASP A 48 9.43 -8.31 10.39
CA ASP A 48 9.51 -9.65 9.79
C ASP A 48 9.17 -10.74 10.82
N PRO A 49 8.39 -11.77 10.41
CA PRO A 49 7.80 -11.88 9.07
C PRO A 49 6.34 -11.37 9.00
N ILE A 50 5.66 -11.67 7.90
CA ILE A 50 4.23 -11.34 7.74
C ILE A 50 3.42 -12.61 7.40
N VAL A 51 2.24 -12.74 8.00
CA VAL A 51 1.38 -13.92 7.79
C VAL A 51 0.27 -13.61 6.79
N CYS A 52 0.16 -14.45 5.75
CA CYS A 52 -0.83 -14.24 4.68
C CYS A 52 -1.88 -15.36 4.67
N LYS A 53 -2.83 -15.29 3.73
CA LYS A 53 -3.86 -16.33 3.57
C LYS A 53 -4.03 -16.79 2.12
N ILE A 54 -3.83 -18.09 1.88
CA ILE A 54 -4.10 -18.71 0.58
C ILE A 54 -4.87 -20.02 0.76
N GLY A 55 -6.04 -20.13 0.15
CA GLY A 55 -6.87 -21.32 0.33
C GLY A 55 -7.35 -21.49 1.77
N ASN A 56 -7.61 -20.36 2.44
CA ASN A 56 -8.06 -20.34 3.83
C ASN A 56 -7.02 -20.89 4.82
N ARG A 57 -5.75 -20.97 4.40
CA ARG A 57 -4.66 -21.36 5.31
C ARG A 57 -3.62 -20.25 5.46
N ASN A 58 -2.90 -20.26 6.59
CA ASN A 58 -1.89 -19.24 6.89
C ASN A 58 -0.58 -19.48 6.10
N ILE A 59 -0.01 -18.41 5.56
CA ILE A 59 1.26 -18.49 4.82
C ILE A 59 2.32 -17.54 5.43
N THR A 60 3.39 -18.09 5.96
CA THR A 60 4.45 -17.29 6.61
C THR A 60 5.51 -16.83 5.59
N LEU A 61 5.56 -15.52 5.34
CA LEU A 61 6.53 -14.95 4.39
C LEU A 61 7.44 -13.92 5.07
N ARG A 62 8.69 -13.85 4.64
CA ARG A 62 9.60 -12.76 5.04
C ARG A 62 9.67 -11.72 3.91
N LYS A 63 10.41 -10.63 4.11
CA LYS A 63 10.54 -9.59 3.08
C LYS A 63 11.12 -10.17 1.78
N ARG A 64 12.16 -11.00 1.91
CA ARG A 64 12.81 -11.62 0.75
C ARG A 64 11.86 -12.56 -0.02
N GLU A 65 10.81 -13.05 0.65
CA GLU A 65 9.74 -13.79 -0.05
C GLU A 65 8.70 -12.82 -0.63
N ALA A 66 8.06 -12.08 0.26
CA ALA A 66 6.93 -11.19 -0.07
C ALA A 66 7.24 -10.22 -1.22
N ASP A 67 8.46 -9.71 -1.28
CA ASP A 67 8.83 -8.70 -2.27
C ASP A 67 8.92 -9.31 -3.70
N LEU A 68 8.79 -10.63 -3.81
CA LEU A 68 8.80 -11.27 -5.13
C LEU A 68 7.38 -11.62 -5.61
N ILE A 69 6.35 -11.32 -4.80
CA ILE A 69 4.96 -11.56 -5.17
C ILE A 69 4.17 -10.24 -5.32
N GLU A 70 3.74 -9.94 -6.54
CA GLU A 70 2.97 -8.73 -6.83
C GLU A 70 1.46 -8.98 -6.64
N VAL A 71 0.88 -8.35 -5.63
CA VAL A 71 -0.56 -8.44 -5.37
C VAL A 71 -1.24 -7.06 -5.50
N GLU A 72 -2.52 -7.05 -5.88
CA GLU A 72 -3.28 -5.81 -6.06
C GLU A 72 -4.50 -5.77 -5.13
N VAL A 73 -4.91 -4.56 -4.74
CA VAL A 73 -6.06 -4.38 -3.84
C VAL A 73 -7.40 -4.60 -4.57
N VAL A 74 -8.25 -5.45 -4.00
CA VAL A 74 -9.56 -5.77 -4.61
C VAL A 74 -10.64 -4.72 -4.26
N GLY A 75 -10.39 -3.91 -3.23
CA GLY A 75 -11.34 -2.88 -2.83
C GLY A 75 -11.34 -1.62 -3.70
N GLY A 76 -12.01 -0.57 -3.22
CA GLY A 76 -12.08 0.68 -3.97
C GLY A 76 -11.17 1.79 -3.43
N GLU A 77 -10.58 1.55 -2.26
CA GLU A 77 -9.69 2.52 -1.63
C GLU A 77 -8.36 1.86 -1.20
N LEU A 78 -7.35 2.69 -0.96
CA LEU A 78 -6.03 2.21 -0.53
C LEU A 78 -5.37 3.22 0.44
N PRO A 79 -4.59 2.75 1.42
CA PRO A 79 -3.90 3.64 2.38
C PRO A 79 -2.87 4.55 1.70
N LEU A 80 -2.69 5.74 2.26
CA LEU A 80 -1.82 6.77 1.69
C LEU A 80 -0.38 6.27 1.51
N ILE A 81 0.09 5.42 2.44
CA ILE A 81 1.45 4.86 2.36
C ILE A 81 1.62 3.94 1.13
N LEU A 82 0.52 3.34 0.67
CA LEU A 82 0.56 2.41 -0.46
C LEU A 82 0.06 3.08 -1.75
N ALA A 83 -0.03 4.40 -1.73
CA ALA A 83 -0.50 5.16 -2.89
C ALA A 83 0.52 5.16 -4.04
N ASP A 84 0.18 4.46 -5.14
CA ASP A 84 0.96 4.49 -6.37
C ASP A 84 1.23 5.96 -6.81
N ASP A 85 2.45 6.25 -7.25
CA ASP A 85 2.88 7.63 -7.54
C ASP A 85 1.88 8.36 -8.47
N GLY A 86 1.11 9.28 -7.88
CA GLY A 86 0.11 10.04 -8.65
C GLY A 86 -0.69 11.00 -7.77
N THR A 87 -1.97 11.22 -8.11
CA THR A 87 -2.83 12.11 -7.32
C THR A 87 -4.05 11.36 -6.76
N TYR A 88 -4.34 11.55 -5.48
CA TYR A 88 -5.43 10.82 -4.81
C TYR A 88 -6.38 11.77 -4.06
N GLU A 89 -7.46 11.21 -3.51
CA GLU A 89 -8.37 11.97 -2.63
C GLU A 89 -8.55 11.24 -1.30
N ILE A 90 -8.34 11.94 -0.19
CA ILE A 90 -8.54 11.35 1.14
C ILE A 90 -10.02 11.06 1.41
N THR A 91 -10.36 9.78 1.57
CA THR A 91 -11.75 9.33 1.68
C THR A 91 -12.17 9.01 3.13
N LYS A 92 -11.30 8.36 3.90
CA LYS A 92 -11.64 7.96 5.27
C LYS A 92 -10.40 7.87 6.18
N LEU A 93 -10.60 8.18 7.47
CA LEU A 93 -9.50 8.20 8.46
C LEU A 93 -9.63 7.06 9.48
N ASN A 94 -8.50 6.68 10.07
CA ASN A 94 -8.48 5.71 11.19
C ASN A 94 -7.66 6.24 12.36
N GLY A 95 -8.34 6.68 13.42
CA GLY A 95 -7.66 7.24 14.58
C GLY A 95 -8.63 7.84 15.59
N GLY A 96 -8.48 9.13 15.87
CA GLY A 96 -9.39 9.80 16.79
C GLY A 96 -8.80 11.04 17.46
N ARG A 97 -9.62 12.10 17.54
CA ARG A 97 -9.28 13.34 18.27
C ARG A 97 -7.87 13.90 17.92
N ARG A 98 -6.85 13.55 18.71
CA ARG A 98 -5.49 14.08 18.51
C ARG A 98 -4.92 13.69 17.13
N PHE A 99 -5.08 12.41 16.79
CA PHE A 99 -4.63 11.90 15.49
C PHE A 99 -5.23 12.72 14.34
N LEU A 100 -6.55 12.88 14.36
CA LEU A 100 -7.25 13.63 13.32
C LEU A 100 -6.82 15.10 13.31
N PHE A 101 -6.68 15.68 14.50
CA PHE A 101 -6.25 17.08 14.65
C PHE A 101 -4.93 17.34 13.92
N ARG A 102 -3.98 16.41 14.03
CA ARG A 102 -2.71 16.51 13.30
C ARG A 102 -2.94 16.61 11.79
N MET A 103 -3.59 15.60 11.22
CA MET A 103 -3.88 15.55 9.78
C MET A 103 -4.65 16.79 9.30
N LYS A 104 -5.52 17.32 10.16
CA LYS A 104 -6.25 18.56 9.84
C LYS A 104 -5.29 19.73 9.54
N ASN A 105 -4.27 19.90 10.37
CA ASN A 105 -3.29 20.98 10.21
C ASN A 105 -2.34 20.72 9.03
N LEU A 106 -2.10 19.44 8.72
CA LEU A 106 -1.28 19.07 7.57
C LEU A 106 -2.03 19.27 6.24
N GLY A 107 -3.36 19.14 6.28
CA GLY A 107 -4.16 19.36 5.08
C GLY A 107 -5.08 18.19 4.74
N ILE A 108 -4.63 16.97 5.06
CA ILE A 108 -5.42 15.77 4.77
C ILE A 108 -6.59 15.61 5.77
N GLU A 109 -7.65 16.38 5.55
CA GLU A 109 -8.85 16.33 6.40
C GLU A 109 -9.93 15.42 5.81
N SER A 110 -10.32 15.68 4.56
CA SER A 110 -11.37 14.92 3.85
C SER A 110 -11.66 15.56 2.50
N GLY A 111 -11.86 14.73 1.47
CA GLY A 111 -12.18 15.24 0.14
C GLY A 111 -11.06 16.05 -0.50
N LYS A 112 -9.91 16.14 0.17
CA LYS A 112 -8.76 16.88 -0.36
C LYS A 112 -7.93 15.99 -1.27
N LYS A 113 -7.44 16.56 -2.38
CA LYS A 113 -6.61 15.84 -3.33
C LYS A 113 -5.13 15.90 -2.92
N ILE A 114 -4.56 14.73 -2.66
CA ILE A 114 -3.18 14.61 -2.19
C ILE A 114 -2.23 14.22 -3.35
N GLN A 115 -1.21 15.05 -3.59
CA GLN A 115 -0.18 14.77 -4.58
C GLN A 115 0.90 13.85 -4.01
N VAL A 116 0.99 12.63 -4.51
CA VAL A 116 1.97 11.65 -4.03
C VAL A 116 3.26 11.71 -4.86
N SER A 117 4.38 12.04 -4.22
CA SER A 117 5.68 12.12 -4.90
C SER A 117 6.74 11.27 -4.20
N GLY A 118 6.78 9.99 -4.53
CA GLY A 118 7.79 9.07 -3.99
C GLY A 118 7.78 8.98 -2.45
N ARG A 119 8.63 9.77 -1.80
CA ARG A 119 8.81 9.70 -0.34
C ARG A 119 8.07 10.82 0.40
N ARG A 120 7.58 11.81 -0.35
CA ARG A 120 6.87 12.95 0.25
C ARG A 120 5.54 13.23 -0.45
N TYR A 121 4.64 13.92 0.23
CA TYR A 121 3.29 14.15 -0.29
C TYR A 121 2.93 15.65 -0.21
N TYR A 122 1.95 16.09 -1.01
CA TYR A 122 1.61 17.52 -1.07
C TYR A 122 0.08 17.77 -1.06
N ILE A 123 -0.38 18.64 -0.16
CA ILE A 123 -1.78 19.09 -0.15
C ILE A 123 -1.89 20.55 -0.61
N GLU A 124 -2.22 20.74 -1.90
CA GLU A 124 -2.48 22.07 -2.50
C GLU A 124 -1.46 23.15 -2.07
N GLY A 125 -0.24 22.74 -1.73
CA GLY A 125 0.79 23.67 -1.29
C GLY A 125 1.64 23.14 -0.14
N ARG A 126 1.00 22.55 0.87
CA ARG A 126 1.69 22.03 2.06
C ARG A 126 2.35 20.67 1.78
N GLU A 127 3.61 20.52 2.22
CA GLU A 127 4.31 19.24 2.13
C GLU A 127 4.05 18.39 3.40
N ILE A 128 3.55 17.18 3.22
CA ILE A 128 3.10 16.33 4.33
C ILE A 128 4.23 15.48 4.93
N ASP A 129 4.24 15.34 6.26
CA ASP A 129 5.34 14.65 6.97
C ASP A 129 4.96 13.23 7.43
N LEU A 130 3.91 12.63 6.86
CA LEU A 130 3.44 11.30 7.29
C LEU A 130 4.55 10.23 7.17
N GLY A 131 5.01 9.73 8.32
CA GLY A 131 6.09 8.75 8.34
C GLY A 131 5.61 7.29 8.41
N TYR A 132 5.21 6.74 7.27
CA TYR A 132 4.85 5.31 7.14
C TYR A 132 3.67 4.91 8.05
N GLY A 133 3.95 4.71 9.36
CA GLY A 133 2.93 4.25 10.30
C GLY A 133 1.69 5.15 10.37
N GLU A 134 1.88 6.44 10.14
CA GLU A 134 0.76 7.38 10.08
C GLU A 134 0.02 7.24 8.74
N ALA A 135 0.78 7.17 7.64
CA ALA A 135 0.22 7.16 6.29
C ALA A 135 -0.59 5.89 5.97
N THR A 136 -0.47 4.87 6.82
CA THR A 136 -1.25 3.62 6.62
C THR A 136 -2.65 3.72 7.27
N LYS A 137 -2.85 4.74 8.11
CA LYS A 137 -4.14 4.94 8.78
C LYS A 137 -5.04 5.89 7.97
N ILE A 138 -4.44 6.69 7.10
CA ILE A 138 -5.17 7.54 6.16
C ILE A 138 -5.46 6.78 4.86
N TRP A 139 -6.73 6.71 4.46
CA TRP A 139 -7.10 5.99 3.24
C TRP A 139 -7.53 6.95 2.13
N VAL A 140 -6.93 6.78 0.96
CA VAL A 140 -7.18 7.64 -0.20
C VAL A 140 -7.70 6.84 -1.41
N ARG A 141 -8.22 7.55 -2.41
CA ARG A 141 -8.67 6.91 -3.66
C ARG A 141 -8.06 7.61 -4.89
N ARG A 142 -7.81 6.86 -5.96
CA ARG A 142 -7.12 7.40 -7.15
C ARG A 142 -7.98 8.44 -7.89
N VAL A 143 -7.37 9.59 -8.20
CA VAL A 143 -8.04 10.65 -8.97
C VAL A 143 -7.13 11.17 -10.10
N SER A 144 -7.47 12.33 -10.68
CA SER A 144 -6.64 12.92 -11.75
C SER A 144 -6.58 14.46 -11.63
N ASP A 145 -6.85 14.99 -10.44
CA ASP A 145 -6.85 16.45 -10.24
C ASP A 145 -5.43 17.01 -10.05
N ALA A 146 -4.82 17.44 -11.16
CA ALA A 146 -3.50 18.08 -11.11
C ALA A 146 -3.63 19.57 -11.42
N GLY A 147 -3.92 20.38 -10.39
CA GLY A 147 -4.16 21.80 -10.59
C GLY A 147 -3.29 22.70 -9.71
N GLU A 148 -1.99 22.43 -9.67
CA GLU A 148 -1.04 23.27 -8.93
C GLU A 148 -0.65 24.51 -9.75
N GLU A 149 -0.75 24.38 -11.07
CA GLU A 149 -0.50 25.49 -11.99
C GLU A 149 -1.56 26.60 -11.83
N SER A 150 -1.10 27.84 -11.70
CA SER A 150 -2.01 28.98 -11.51
C SER A 150 -1.58 30.19 -12.36
N HIS A 151 -2.54 31.08 -12.66
CA HIS A 151 -2.26 32.32 -13.37
C HIS A 151 -2.33 33.53 -12.43
N PRO A 152 -1.28 34.38 -12.40
CA PRO A 152 -1.22 35.56 -11.50
C PRO A 152 -2.49 36.40 -11.49
N GLN A 153 -2.90 36.86 -10.31
CA GLN A 153 -4.11 37.66 -10.15
C GLN A 153 -3.85 39.14 -10.45
N LYS A 154 -4.90 39.95 -10.38
CA LYS A 154 -4.79 41.39 -10.62
C LYS A 154 -4.81 42.20 -9.31
N LEU A 155 -3.64 42.59 -8.83
CA LEU A 155 -3.56 43.48 -7.66
C LEU A 155 -3.62 44.96 -8.09
N GLU A 156 -4.84 45.45 -8.26
CA GLU A 156 -5.06 46.84 -8.67
C GLU A 156 -4.67 47.81 -7.54
N HIS A 157 -3.36 48.10 -7.47
CA HIS A 157 -2.80 48.87 -6.37
C HIS A 157 -2.93 50.39 -6.59
N HIS A 158 -3.64 51.05 -5.67
CA HIS A 158 -3.77 52.52 -5.69
C HIS A 158 -2.46 53.18 -5.21
N HIS A 159 -2.08 54.29 -5.85
CA HIS A 159 -0.80 54.96 -5.56
C HIS A 159 -0.99 56.29 -4.82
N HIS A 160 0.14 56.88 -4.39
CA HIS A 160 0.16 58.21 -3.78
C HIS A 160 1.34 59.04 -4.30
N HIS A 161 1.04 60.20 -4.89
CA HIS A 161 2.07 61.08 -5.45
C HIS A 161 2.05 62.45 -4.76
N HIS A 162 3.24 63.06 -4.62
CA HIS A 162 3.36 64.41 -4.06
C HIS A 162 4.56 65.16 -4.67
N MET A 1 2.24 -2.26 -5.93
CA MET A 1 2.20 -2.23 -4.45
C MET A 1 2.78 -3.51 -3.83
N LYS A 2 3.96 -3.41 -3.24
CA LYS A 2 4.64 -4.55 -2.61
C LYS A 2 3.81 -5.17 -1.47
N LEU A 3 3.65 -6.49 -1.51
CA LEU A 3 2.95 -7.23 -0.45
C LEU A 3 3.61 -6.98 0.93
N SER A 4 4.92 -6.77 0.92
CA SER A 4 5.72 -6.54 2.14
C SER A 4 5.19 -5.37 3.00
N ARG A 5 4.37 -4.50 2.42
CA ARG A 5 3.83 -3.36 3.16
C ARG A 5 2.28 -3.40 3.25
N LEU A 6 1.69 -4.52 2.85
CA LEU A 6 0.22 -4.66 2.85
C LEU A 6 -0.32 -4.68 4.30
N VAL A 7 -1.52 -4.12 4.49
CA VAL A 7 -2.08 -3.93 5.83
C VAL A 7 -2.91 -5.15 6.30
N PRO A 8 -2.62 -5.66 7.52
CA PRO A 8 -3.39 -6.76 8.13
C PRO A 8 -4.91 -6.47 8.20
N GLY A 9 -5.72 -7.37 7.65
CA GLY A 9 -7.17 -7.18 7.62
C GLY A 9 -7.70 -6.84 6.24
N VAL A 10 -6.82 -6.35 5.36
CA VAL A 10 -7.21 -5.98 3.99
C VAL A 10 -7.04 -7.18 3.03
N PRO A 11 -8.14 -7.61 2.37
CA PRO A 11 -8.07 -8.73 1.40
C PRO A 11 -7.50 -8.29 0.04
N ALA A 12 -6.41 -8.93 -0.37
CA ALA A 12 -5.78 -8.66 -1.66
C ALA A 12 -5.84 -9.88 -2.58
N ARG A 13 -5.31 -9.75 -3.79
CA ARG A 13 -5.28 -10.86 -4.75
C ARG A 13 -3.99 -10.81 -5.58
N ILE A 14 -3.36 -11.97 -5.80
CA ILE A 14 -2.06 -12.03 -6.48
C ILE A 14 -2.14 -11.55 -7.95
N LYS A 15 -1.11 -10.81 -8.38
CA LYS A 15 -1.03 -10.31 -9.77
C LYS A 15 0.18 -10.91 -10.53
N ARG A 16 1.40 -10.51 -10.16
CA ARG A 16 2.62 -11.07 -10.79
C ARG A 16 3.77 -11.20 -9.79
N LEU A 17 4.63 -12.18 -10.02
CA LEU A 17 5.80 -12.42 -9.16
C LEU A 17 7.09 -12.00 -9.87
N GLU A 18 7.74 -10.94 -9.37
CA GLU A 18 8.94 -10.38 -10.02
C GLU A 18 10.23 -11.13 -9.65
N VAL A 19 10.08 -12.28 -8.98
CA VAL A 19 11.24 -13.10 -8.57
C VAL A 19 11.35 -14.39 -9.43
N SER A 20 12.59 -14.80 -9.70
CA SER A 20 12.84 -16.02 -10.49
C SER A 20 13.50 -17.13 -9.66
N GLY A 21 13.47 -18.36 -10.19
CA GLY A 21 14.20 -19.47 -9.59
C GLY A 21 13.54 -20.08 -8.35
N GLU A 22 14.35 -20.23 -7.30
CA GLU A 22 13.96 -20.99 -6.10
C GLU A 22 12.70 -20.43 -5.41
N LEU A 23 12.68 -19.12 -5.15
CA LEU A 23 11.56 -18.50 -4.45
C LEU A 23 10.25 -18.58 -5.26
N HIS A 24 10.35 -18.39 -6.57
CA HIS A 24 9.16 -18.36 -7.44
C HIS A 24 8.34 -19.66 -7.36
N GLU A 25 9.02 -20.81 -7.47
CA GLU A 25 8.34 -22.11 -7.49
C GLU A 25 7.66 -22.44 -6.15
N LYS A 26 8.27 -22.05 -5.04
CA LYS A 26 7.69 -22.31 -3.71
C LYS A 26 6.53 -21.34 -3.43
N LEU A 27 6.62 -20.12 -3.97
CA LEU A 27 5.52 -19.14 -3.86
C LEU A 27 4.23 -19.67 -4.51
N VAL A 28 4.33 -20.08 -5.79
CA VAL A 28 3.17 -20.62 -6.52
C VAL A 28 2.59 -21.86 -5.82
N GLY A 29 3.45 -22.62 -5.15
CA GLY A 29 3.00 -23.78 -4.36
C GLY A 29 2.16 -23.37 -3.15
N MET A 30 2.64 -22.37 -2.41
CA MET A 30 1.90 -21.84 -1.26
C MET A 30 0.60 -21.14 -1.70
N GLY A 31 0.58 -20.63 -2.93
CA GLY A 31 -0.65 -20.05 -3.48
C GLY A 31 -0.45 -18.72 -4.20
N PHE A 32 0.80 -18.23 -4.25
CA PHE A 32 1.10 -16.97 -4.93
C PHE A 32 1.02 -17.12 -6.47
N VAL A 33 -0.21 -17.20 -6.98
CA VAL A 33 -0.46 -17.29 -8.43
C VAL A 33 -1.56 -16.31 -8.86
N PRO A 34 -1.45 -15.71 -10.07
CA PRO A 34 -2.46 -14.75 -10.56
C PRO A 34 -3.87 -15.35 -10.64
N GLY A 35 -4.64 -15.17 -9.57
CA GLY A 35 -5.99 -15.71 -9.51
C GLY A 35 -6.46 -16.03 -8.09
N GLU A 36 -5.51 -16.36 -7.21
CA GLU A 36 -5.83 -16.71 -5.82
C GLU A 36 -5.90 -15.48 -4.91
N GLU A 37 -6.88 -15.48 -4.01
CA GLU A 37 -7.06 -14.40 -3.03
C GLU A 37 -6.12 -14.59 -1.82
N ILE A 38 -5.60 -13.48 -1.30
CA ILE A 38 -4.67 -13.50 -0.16
C ILE A 38 -4.92 -12.32 0.81
N GLU A 39 -4.98 -12.62 2.11
CA GLU A 39 -5.20 -11.60 3.13
C GLU A 39 -4.07 -11.59 4.17
N ILE A 40 -3.68 -10.41 4.64
CA ILE A 40 -2.64 -10.30 5.67
C ILE A 40 -3.24 -10.41 7.09
N VAL A 41 -2.64 -11.25 7.93
CA VAL A 41 -3.11 -11.46 9.30
C VAL A 41 -2.40 -10.54 10.29
N GLN A 42 -1.07 -10.67 10.38
CA GLN A 42 -0.28 -9.91 11.36
C GLN A 42 1.16 -9.67 10.88
N VAL A 43 1.76 -8.59 11.37
CA VAL A 43 3.16 -8.28 11.07
C VAL A 43 4.03 -8.44 12.33
N ALA A 44 5.16 -9.14 12.19
CA ALA A 44 6.06 -9.38 13.33
C ALA A 44 6.57 -8.06 13.95
N PRO A 45 6.88 -8.06 15.26
CA PRO A 45 7.37 -6.84 15.96
C PRO A 45 8.68 -6.28 15.38
N LEU A 46 9.34 -7.05 14.51
CA LEU A 46 10.57 -6.60 13.84
C LEU A 46 10.29 -6.22 12.38
N GLY A 47 9.01 -6.28 11.98
CA GLY A 47 8.65 -6.09 10.58
C GLY A 47 8.73 -7.37 9.77
N ASP A 48 9.79 -8.14 10.01
CA ASP A 48 9.99 -9.44 9.35
C ASP A 48 9.73 -10.60 10.33
N PRO A 49 8.89 -11.59 9.96
CA PRO A 49 8.17 -11.63 8.68
C PRO A 49 6.71 -11.14 8.79
N ILE A 50 5.92 -11.41 7.74
CA ILE A 50 4.49 -11.12 7.76
C ILE A 50 3.67 -12.39 7.51
N VAL A 51 2.65 -12.61 8.32
CA VAL A 51 1.79 -13.79 8.20
C VAL A 51 0.54 -13.49 7.37
N CYS A 52 0.31 -14.24 6.30
CA CYS A 52 -0.84 -14.03 5.43
C CYS A 52 -1.71 -15.30 5.33
N LYS A 53 -2.80 -15.22 4.56
CA LYS A 53 -3.69 -16.37 4.34
C LYS A 53 -4.11 -16.44 2.87
N ILE A 54 -3.66 -17.48 2.17
CA ILE A 54 -4.03 -17.72 0.78
C ILE A 54 -5.06 -18.85 0.68
N GLY A 55 -6.25 -18.56 0.17
CA GLY A 55 -7.29 -19.56 0.10
C GLY A 55 -7.56 -20.23 1.44
N ASN A 56 -7.78 -19.39 2.46
CA ASN A 56 -8.13 -19.85 3.82
C ASN A 56 -6.91 -20.35 4.64
N ARG A 57 -5.88 -20.88 3.98
CA ARG A 57 -4.71 -21.42 4.72
C ARG A 57 -3.67 -20.33 5.02
N ASN A 58 -3.02 -20.44 6.19
CA ASN A 58 -2.08 -19.42 6.66
C ASN A 58 -0.67 -19.62 6.06
N ILE A 59 -0.22 -18.64 5.27
CA ILE A 59 1.11 -18.67 4.66
C ILE A 59 2.05 -17.62 5.31
N THR A 60 3.07 -18.09 6.03
CA THR A 60 4.04 -17.20 6.67
C THR A 60 5.15 -16.81 5.67
N LEU A 61 5.19 -15.55 5.28
CA LEU A 61 6.12 -15.08 4.23
C LEU A 61 7.13 -14.07 4.80
N ARG A 62 8.41 -14.24 4.45
CA ARG A 62 9.46 -13.33 4.92
C ARG A 62 9.35 -11.96 4.23
N LYS A 63 9.57 -10.89 4.99
CA LYS A 63 9.36 -9.52 4.50
C LYS A 63 10.20 -9.21 3.24
N ARG A 64 11.50 -9.56 3.27
CA ARG A 64 12.38 -9.29 2.12
C ARG A 64 11.89 -10.02 0.84
N GLU A 65 11.29 -11.20 1.04
CA GLU A 65 10.77 -12.00 -0.07
C GLU A 65 9.43 -11.42 -0.56
N ALA A 66 8.61 -10.97 0.38
CA ALA A 66 7.29 -10.40 0.06
C ALA A 66 7.38 -9.14 -0.81
N ASP A 67 8.53 -8.47 -0.77
CA ASP A 67 8.79 -7.32 -1.64
C ASP A 67 8.69 -7.71 -3.13
N LEU A 68 8.86 -8.99 -3.42
CA LEU A 68 8.89 -9.47 -4.81
C LEU A 68 7.53 -10.01 -5.28
N ILE A 69 6.49 -9.81 -4.47
CA ILE A 69 5.12 -10.23 -4.83
C ILE A 69 4.21 -9.02 -5.06
N GLU A 70 3.58 -8.96 -6.24
CA GLU A 70 2.63 -7.89 -6.58
C GLU A 70 1.18 -8.32 -6.29
N VAL A 71 0.41 -7.45 -5.65
CA VAL A 71 -0.98 -7.75 -5.28
C VAL A 71 -1.95 -6.62 -5.63
N GLU A 72 -3.24 -6.95 -5.72
CA GLU A 72 -4.29 -5.96 -5.97
C GLU A 72 -5.25 -5.88 -4.77
N VAL A 73 -5.71 -4.67 -4.44
CA VAL A 73 -6.67 -4.49 -3.33
C VAL A 73 -8.10 -4.79 -3.79
N VAL A 74 -8.71 -5.83 -3.21
CA VAL A 74 -10.07 -6.25 -3.60
C VAL A 74 -11.15 -5.28 -3.05
N GLY A 75 -10.80 -4.53 -2.00
CA GLY A 75 -11.75 -3.60 -1.39
C GLY A 75 -12.05 -2.37 -2.26
N GLY A 76 -12.50 -1.28 -1.63
CA GLY A 76 -12.82 -0.06 -2.36
C GLY A 76 -11.63 0.88 -2.52
N GLU A 77 -10.85 1.04 -1.45
CA GLU A 77 -9.69 1.94 -1.45
C GLU A 77 -8.49 1.31 -0.73
N LEU A 78 -7.37 2.06 -0.68
CA LEU A 78 -6.13 1.56 -0.10
C LEU A 78 -5.41 2.64 0.72
N PRO A 79 -4.84 2.27 1.88
CA PRO A 79 -4.09 3.22 2.74
C PRO A 79 -2.87 3.87 2.04
N LEU A 80 -2.46 5.03 2.55
CA LEU A 80 -1.40 5.85 1.93
C LEU A 80 -0.09 5.05 1.76
N ILE A 81 0.22 4.17 2.72
CA ILE A 81 1.44 3.35 2.66
C ILE A 81 1.48 2.49 1.37
N LEU A 82 0.31 2.15 0.84
CA LEU A 82 0.22 1.30 -0.37
C LEU A 82 0.26 2.13 -1.65
N ALA A 83 0.53 3.43 -1.52
CA ALA A 83 0.62 4.33 -2.68
C ALA A 83 1.68 3.88 -3.69
N ASP A 84 1.22 3.36 -4.83
CA ASP A 84 2.12 2.90 -5.90
C ASP A 84 2.84 4.09 -6.57
N ASP A 85 2.06 4.98 -7.21
CA ASP A 85 2.62 6.21 -7.81
C ASP A 85 1.51 7.19 -8.25
N GLY A 86 1.90 8.36 -8.72
CA GLY A 86 0.96 9.29 -9.34
C GLY A 86 0.10 10.08 -8.35
N THR A 87 -1.21 10.14 -8.62
CA THR A 87 -2.13 10.94 -7.81
C THR A 87 -3.20 10.07 -7.13
N TYR A 88 -3.50 10.36 -5.88
CA TYR A 88 -4.55 9.66 -5.13
C TYR A 88 -5.52 10.66 -4.50
N GLU A 89 -6.67 10.19 -4.06
CA GLU A 89 -7.64 11.03 -3.34
C GLU A 89 -8.01 10.39 -1.99
N ILE A 90 -7.84 11.13 -0.90
CA ILE A 90 -8.19 10.65 0.44
C ILE A 90 -9.71 10.59 0.65
N THR A 91 -10.20 9.43 1.07
CA THR A 91 -11.65 9.22 1.23
C THR A 91 -12.08 9.02 2.69
N LYS A 92 -11.21 8.41 3.50
CA LYS A 92 -11.54 8.12 4.91
C LYS A 92 -10.27 7.93 5.77
N LEU A 93 -10.44 8.06 7.10
CA LEU A 93 -9.32 7.94 8.06
C LEU A 93 -9.57 6.83 9.09
N ASN A 94 -8.51 6.32 9.69
CA ASN A 94 -8.60 5.38 10.81
C ASN A 94 -7.71 5.81 11.99
N GLY A 95 -8.34 6.33 13.03
CA GLY A 95 -7.60 6.79 14.21
C GLY A 95 -8.50 7.42 15.27
N GLY A 96 -7.89 8.17 16.19
CA GLY A 96 -8.65 8.82 17.26
C GLY A 96 -9.00 10.28 16.96
N ARG A 97 -9.61 10.93 17.94
CA ARG A 97 -10.04 12.33 17.82
C ARG A 97 -8.85 13.24 17.49
N ARG A 98 -7.75 13.10 18.25
CA ARG A 98 -6.53 13.87 18.02
C ARG A 98 -5.94 13.60 16.64
N PHE A 99 -5.96 12.33 16.23
CA PHE A 99 -5.50 11.93 14.89
C PHE A 99 -6.21 12.73 13.79
N LEU A 100 -7.55 12.73 13.83
CA LEU A 100 -8.35 13.48 12.86
C LEU A 100 -7.99 14.99 12.89
N PHE A 101 -7.90 15.54 14.10
CA PHE A 101 -7.58 16.96 14.27
C PHE A 101 -6.25 17.34 13.60
N ARG A 102 -5.19 16.58 13.87
CA ARG A 102 -3.86 16.90 13.36
C ARG A 102 -3.76 16.68 11.84
N MET A 103 -4.34 15.59 11.33
CA MET A 103 -4.27 15.28 9.89
C MET A 103 -4.94 16.38 9.06
N LYS A 104 -6.01 16.98 9.59
CA LYS A 104 -6.66 18.13 8.94
C LYS A 104 -5.71 19.33 8.83
N ASN A 105 -4.81 19.48 9.80
CA ASN A 105 -3.80 20.54 9.77
C ASN A 105 -2.75 20.29 8.68
N LEU A 106 -2.34 19.02 8.53
CA LEU A 106 -1.38 18.63 7.48
C LEU A 106 -2.03 18.72 6.08
N GLY A 107 -3.34 18.53 6.01
CA GLY A 107 -4.05 18.67 4.74
C GLY A 107 -4.90 17.44 4.39
N ILE A 108 -4.50 16.27 4.87
CA ILE A 108 -5.23 15.04 4.59
C ILE A 108 -6.49 14.91 5.47
N GLU A 109 -7.49 15.73 5.16
CA GLU A 109 -8.76 15.71 5.89
C GLU A 109 -9.81 14.83 5.18
N SER A 110 -10.09 15.15 3.91
CA SER A 110 -11.09 14.41 3.11
C SER A 110 -11.30 15.07 1.74
N GLY A 111 -11.46 14.25 0.70
CA GLY A 111 -11.67 14.76 -0.64
C GLY A 111 -10.50 15.61 -1.17
N LYS A 112 -9.29 15.18 -0.84
CA LYS A 112 -8.06 15.89 -1.25
C LYS A 112 -7.19 15.04 -2.17
N LYS A 113 -6.68 15.63 -3.25
CA LYS A 113 -5.73 14.95 -4.13
C LYS A 113 -4.31 14.99 -3.53
N ILE A 114 -3.76 13.82 -3.22
CA ILE A 114 -2.42 13.69 -2.66
C ILE A 114 -1.40 13.29 -3.75
N GLN A 115 -0.43 14.17 -4.00
CA GLN A 115 0.63 13.91 -4.99
C GLN A 115 1.70 12.97 -4.42
N VAL A 116 1.76 11.75 -4.94
CA VAL A 116 2.73 10.75 -4.47
C VAL A 116 3.86 10.54 -5.48
N SER A 117 5.04 11.04 -5.15
CA SER A 117 6.23 10.85 -5.99
C SER A 117 7.30 10.05 -5.23
N GLY A 118 7.40 8.75 -5.53
CA GLY A 118 8.37 7.90 -4.87
C GLY A 118 8.21 7.84 -3.35
N ARG A 119 8.91 8.73 -2.64
CA ARG A 119 8.91 8.73 -1.16
C ARG A 119 8.40 10.07 -0.58
N ARG A 120 7.88 10.94 -1.44
CA ARG A 120 7.39 12.27 -1.00
C ARG A 120 5.90 12.45 -1.30
N TYR A 121 5.18 13.11 -0.38
CA TYR A 121 3.73 13.26 -0.47
C TYR A 121 3.30 14.74 -0.27
N TYR A 122 2.46 15.27 -1.17
CA TYR A 122 2.07 16.70 -1.11
C TYR A 122 0.54 16.90 -1.22
N ILE A 123 0.00 17.76 -0.35
CA ILE A 123 -1.41 18.18 -0.42
C ILE A 123 -1.53 19.66 -0.79
N GLU A 124 -1.87 19.93 -2.06
CA GLU A 124 -2.04 21.30 -2.60
C GLU A 124 -1.10 22.34 -1.96
N GLY A 125 0.21 22.06 -1.95
CA GLY A 125 1.18 23.01 -1.41
C GLY A 125 1.89 22.51 -0.15
N ARG A 126 1.18 21.78 0.72
CA ARG A 126 1.75 21.30 1.98
C ARG A 126 2.53 19.99 1.80
N GLU A 127 3.72 19.92 2.39
CA GLU A 127 4.52 18.69 2.40
C GLU A 127 4.14 17.82 3.61
N ILE A 128 3.62 16.63 3.34
CA ILE A 128 3.06 15.77 4.39
C ILE A 128 4.16 15.08 5.22
N ASP A 129 3.93 14.98 6.53
CA ASP A 129 4.93 14.45 7.48
C ASP A 129 4.72 12.94 7.75
N LEU A 130 4.09 12.24 6.79
CA LEU A 130 3.82 10.79 6.93
C LEU A 130 4.94 9.95 6.28
N GLY A 131 5.19 8.77 6.85
CA GLY A 131 6.24 7.88 6.34
C GLY A 131 5.78 6.44 6.19
N TYR A 132 5.48 5.78 7.32
CA TYR A 132 5.10 4.36 7.31
C TYR A 132 3.99 4.06 8.35
N GLY A 133 4.38 4.07 9.64
CA GLY A 133 3.46 3.70 10.72
C GLY A 133 2.21 4.57 10.79
N GLU A 134 2.38 5.88 10.74
CA GLU A 134 1.24 6.81 10.77
C GLU A 134 0.53 6.86 9.40
N ALA A 135 1.32 6.67 8.33
CA ALA A 135 0.79 6.74 6.96
C ALA A 135 -0.31 5.69 6.68
N THR A 136 -0.15 4.49 7.25
CA THR A 136 -1.10 3.39 7.01
C THR A 136 -2.51 3.68 7.58
N LYS A 137 -2.63 4.75 8.36
CA LYS A 137 -3.92 5.10 8.98
C LYS A 137 -4.81 5.92 8.01
N ILE A 138 -4.19 6.51 6.99
CA ILE A 138 -4.90 7.32 5.99
C ILE A 138 -5.28 6.46 4.76
N TRP A 139 -6.54 6.52 4.35
CA TRP A 139 -7.01 5.71 3.21
C TRP A 139 -7.31 6.58 1.97
N VAL A 140 -6.64 6.26 0.85
CA VAL A 140 -6.76 7.02 -0.40
C VAL A 140 -7.21 6.12 -1.57
N ARG A 141 -7.49 6.74 -2.72
CA ARG A 141 -7.89 6.01 -3.93
C ARG A 141 -7.06 6.44 -5.15
N ARG A 142 -6.78 5.50 -6.06
CA ARG A 142 -5.98 5.79 -7.26
C ARG A 142 -6.79 6.62 -8.27
N VAL A 143 -6.35 7.84 -8.54
CA VAL A 143 -7.04 8.74 -9.48
C VAL A 143 -6.11 9.22 -10.59
N SER A 144 -6.69 9.75 -11.67
CA SER A 144 -5.91 10.25 -12.81
C SER A 144 -5.92 11.79 -12.86
N ASP A 145 -6.55 12.40 -11.88
CA ASP A 145 -6.67 13.86 -11.82
C ASP A 145 -5.32 14.51 -11.45
N ALA A 146 -4.51 14.80 -12.45
CA ALA A 146 -3.19 15.41 -12.24
C ALA A 146 -3.08 16.77 -12.95
N GLY A 147 -2.51 17.76 -12.25
CA GLY A 147 -2.36 19.09 -12.83
C GLY A 147 -1.18 19.22 -13.79
N GLU A 148 -1.20 18.40 -14.85
CA GLU A 148 -0.17 18.47 -15.90
C GLU A 148 -0.66 17.73 -17.18
N GLU A 149 -0.11 16.55 -17.46
CA GLU A 149 -0.61 15.72 -18.58
C GLU A 149 -1.36 14.50 -18.07
N SER A 150 -2.40 14.11 -18.81
CA SER A 150 -3.20 12.92 -18.48
C SER A 150 -4.24 12.67 -19.58
N HIS A 151 -4.93 11.54 -19.49
CA HIS A 151 -5.96 11.19 -20.47
C HIS A 151 -7.26 10.74 -19.77
N PRO A 152 -8.42 11.10 -20.33
CA PRO A 152 -9.71 10.62 -19.83
C PRO A 152 -9.98 9.15 -20.25
N GLN A 153 -9.57 8.22 -19.40
CA GLN A 153 -9.64 6.79 -19.71
C GLN A 153 -11.10 6.32 -19.90
N LYS A 154 -11.35 5.64 -21.01
CA LYS A 154 -12.65 5.02 -21.27
C LYS A 154 -12.63 3.56 -20.83
N LEU A 155 -13.07 3.30 -19.60
CA LEU A 155 -13.05 1.95 -19.05
C LEU A 155 -14.21 1.10 -19.56
N GLU A 156 -13.89 0.05 -20.31
CA GLU A 156 -14.91 -0.92 -20.74
C GLU A 156 -15.64 -1.49 -19.53
N HIS A 157 -16.96 -1.34 -19.52
CA HIS A 157 -17.78 -1.71 -18.36
C HIS A 157 -17.54 -3.16 -17.92
N HIS A 158 -16.79 -3.31 -16.84
CA HIS A 158 -16.43 -4.62 -16.33
C HIS A 158 -17.65 -5.32 -15.70
N HIS A 159 -18.22 -6.30 -16.42
CA HIS A 159 -19.38 -7.02 -15.92
C HIS A 159 -19.00 -7.89 -14.70
N HIS A 160 -18.99 -7.28 -13.53
CA HIS A 160 -18.63 -7.97 -12.29
C HIS A 160 -19.67 -9.03 -11.89
N HIS A 161 -19.23 -10.27 -11.75
CA HIS A 161 -20.12 -11.38 -11.35
C HIS A 161 -19.49 -12.22 -10.23
N HIS A 162 -18.40 -11.72 -9.68
CA HIS A 162 -17.67 -12.40 -8.58
C HIS A 162 -16.63 -11.46 -7.94
#